data_5EBU
#
_entry.id   5EBU
#
_cell.length_a   107.346
_cell.length_b   119.184
_cell.length_c   119.560
_cell.angle_alpha   90.00
_cell.angle_beta   107.52
_cell.angle_gamma   90.00
#
_symmetry.space_group_name_H-M   'P 1 21 1'
#
loop_
_entity.id
_entity.type
_entity.pdbx_description
1 polymer 'L-lactate oxidase'
2 non-polymer 'FLAVIN MONONUCLEOTIDE'
3 non-polymer 'PYRUVIC ACID'
4 water water
#
_entity_poly.entity_id   1
_entity_poly.type   'polypeptide(L)'
_entity_poly.pdbx_seq_one_letter_code
;MNNNDIEYNAPSEIKYIDVVNTYDLEEEASKVVPHGGFNYIAGASGDEWTKRANDRAWKHKLLYPRLAQDVEAPDTSTEI
LGHKIKAPFIMAPIAAHGLAHATKEAGTARAVSEFGTIMSISAYSGATFEEISEGLNGGPRWFQIYMAKDDQQNRDILDE
AKGDGATAIILTADSTVSGNRDRDVKNKFVYPFGMPIVQRYLRGTAEGMSLNNIFGASKQKISPRDIEEIAAHSGLPVFV
KGIQHPEDADMAIKAGASGIWVSNHGARQLYEAPGSFDTLPAIAERVNKRVPIVFDSGVRRGEHVAKALASGADVVALGR
PVLFGLALGGWQGAYSVLDYFQKDLTRVMQLTGSQNVEDLKGLDLFDNPYGYEY
;
_entity_poly.pdbx_strand_id   A,B,C,D,E,F,G,H
#
# COMPACT_ATOMS: atom_id res chain seq x y z
N TYR A 8 -29.31 -61.17 40.34
CA TYR A 8 -28.48 -59.97 40.58
C TYR A 8 -27.42 -60.31 41.59
N ASN A 9 -26.17 -60.33 41.16
CA ASN A 9 -25.16 -60.95 41.99
C ASN A 9 -24.55 -60.02 43.05
N ALA A 10 -25.33 -59.62 44.05
CA ALA A 10 -24.81 -58.73 45.09
C ALA A 10 -23.72 -59.45 45.88
N PRO A 11 -22.75 -58.70 46.39
CA PRO A 11 -21.83 -59.36 47.29
C PRO A 11 -22.53 -59.69 48.60
N SER A 12 -22.00 -60.69 49.31
CA SER A 12 -22.59 -61.16 50.57
C SER A 12 -21.59 -61.31 51.70
N GLU A 13 -20.30 -61.20 51.40
CA GLU A 13 -19.28 -61.29 52.41
C GLU A 13 -19.43 -60.18 53.48
N ILE A 14 -19.32 -60.57 54.76
CA ILE A 14 -19.44 -59.63 55.90
C ILE A 14 -18.10 -59.53 56.58
N LYS A 15 -17.61 -58.30 56.81
CA LYS A 15 -16.33 -58.06 57.51
C LYS A 15 -16.06 -56.56 57.68
N TYR A 16 -15.24 -56.23 58.68
CA TYR A 16 -14.67 -54.91 58.83
C TYR A 16 -13.63 -54.71 57.74
N ILE A 17 -13.30 -53.45 57.48
CA ILE A 17 -12.28 -53.09 56.49
C ILE A 17 -11.42 -51.93 56.99
N ASP A 18 -10.20 -51.87 56.48
CA ASP A 18 -9.33 -50.73 56.75
C ASP A 18 -9.88 -49.57 55.94
N VAL A 19 -9.82 -48.38 56.50
CA VAL A 19 -10.29 -47.22 55.80
C VAL A 19 -9.26 -46.14 56.00
N VAL A 20 -8.44 -45.95 54.98
CA VAL A 20 -7.42 -44.95 55.00
C VAL A 20 -8.06 -43.63 54.57
N ASN A 21 -8.94 -43.68 53.56
CA ASN A 21 -9.81 -42.55 53.19
C ASN A 21 -11.01 -43.12 52.49
N THR A 22 -12.06 -42.32 52.31
CA THR A 22 -13.30 -42.84 51.73
C THR A 22 -13.31 -42.86 50.23
N TYR A 23 -12.39 -42.14 49.59
CA TYR A 23 -12.31 -42.08 48.12
C TYR A 23 -11.88 -43.40 47.51
N ASP A 24 -10.97 -44.10 48.19
CA ASP A 24 -10.44 -45.39 47.71
C ASP A 24 -11.53 -46.45 47.62
N LEU A 25 -12.55 -46.31 48.47
CA LEU A 25 -13.64 -47.25 48.55
C LEU A 25 -14.38 -47.40 47.22
N GLU A 26 -14.45 -46.31 46.44
CA GLU A 26 -15.14 -46.31 45.14
C GLU A 26 -14.63 -47.42 44.24
N GLU A 27 -13.33 -47.35 43.91
CA GLU A 27 -12.67 -48.33 43.05
C GLU A 27 -12.72 -49.72 43.72
N GLU A 28 -12.61 -49.76 45.06
CA GLU A 28 -12.62 -51.05 45.73
C GLU A 28 -14.01 -51.70 45.51
N ALA A 29 -15.10 -50.94 45.67
CA ALA A 29 -16.45 -51.51 45.43
C ALA A 29 -16.72 -51.97 44.01
N SER A 30 -16.24 -51.23 43.01
CA SER A 30 -16.48 -51.63 41.62
C SER A 30 -16.01 -53.02 41.25
N LYS A 31 -15.07 -53.57 42.01
CA LYS A 31 -14.54 -54.90 41.68
C LYS A 31 -15.49 -55.99 42.09
N VAL A 32 -16.36 -55.70 43.07
CA VAL A 32 -17.26 -56.72 43.64
C VAL A 32 -18.74 -56.48 43.41
N VAL A 33 -19.13 -55.24 43.12
CA VAL A 33 -20.52 -54.87 42.81
C VAL A 33 -20.71 -54.94 41.32
N PRO A 34 -21.80 -55.56 40.85
CA PRO A 34 -22.03 -55.75 39.40
C PRO A 34 -22.34 -54.45 38.66
N HIS A 35 -22.06 -54.46 37.35
CA HIS A 35 -21.85 -53.24 36.56
C HIS A 35 -22.92 -52.16 36.72
N GLY A 36 -24.16 -52.59 36.54
CA GLY A 36 -25.30 -51.70 36.45
C GLY A 36 -25.54 -51.04 37.78
N GLY A 37 -25.55 -51.83 38.84
CA GLY A 37 -25.83 -51.31 40.16
C GLY A 37 -24.72 -50.45 40.71
N PHE A 38 -23.48 -50.87 40.48
CA PHE A 38 -22.36 -50.04 40.84
C PHE A 38 -22.41 -48.63 40.25
N ASN A 39 -22.81 -48.52 38.98
CA ASN A 39 -22.79 -47.25 38.31
C ASN A 39 -24.05 -46.43 38.58
N TYR A 40 -25.13 -47.12 38.93
CA TYR A 40 -26.30 -46.46 39.50
C TYR A 40 -25.87 -45.72 40.76
N ILE A 41 -24.99 -46.32 41.57
CA ILE A 41 -24.61 -45.71 42.86
C ILE A 41 -23.58 -44.60 42.74
N ALA A 42 -22.51 -44.85 41.96
CA ALA A 42 -21.41 -43.91 41.77
C ALA A 42 -21.81 -42.64 41.03
N GLY A 43 -22.43 -42.80 39.86
CA GLY A 43 -22.57 -41.72 38.89
C GLY A 43 -23.67 -40.69 39.14
N ALA A 44 -23.66 -39.66 38.31
CA ALA A 44 -24.40 -38.44 38.56
C ALA A 44 -24.93 -37.91 37.26
N SER A 45 -25.60 -36.77 37.32
CA SER A 45 -26.20 -36.22 36.11
C SER A 45 -25.14 -35.73 35.13
N GLY A 46 -25.48 -35.73 33.85
CA GLY A 46 -24.61 -35.29 32.78
C GLY A 46 -23.26 -35.97 32.75
N ASP A 47 -22.24 -35.16 32.52
CA ASP A 47 -20.88 -35.61 32.63
C ASP A 47 -20.37 -35.55 34.07
N GLU A 48 -21.25 -35.28 35.04
CA GLU A 48 -20.90 -35.37 36.47
C GLU A 48 -19.97 -34.22 36.91
N TRP A 49 -19.87 -33.20 36.07
CA TRP A 49 -19.22 -31.96 36.48
C TRP A 49 -19.74 -31.44 37.86
N THR A 50 -21.06 -31.47 38.09
CA THR A 50 -21.57 -31.01 39.39
C THR A 50 -21.14 -31.94 40.59
N LYS A 51 -21.04 -33.25 40.35
CA LYS A 51 -20.51 -34.17 41.38
C LYS A 51 -19.07 -33.83 41.77
N ARG A 52 -18.26 -33.46 40.80
CA ARG A 52 -16.89 -33.05 41.03
C ARG A 52 -16.91 -31.69 41.71
N ALA A 53 -17.90 -30.84 41.40
CA ALA A 53 -18.12 -29.56 42.14
C ALA A 53 -18.39 -29.75 43.64
N ASN A 54 -19.24 -30.73 43.96
CA ASN A 54 -19.49 -31.03 45.37
C ASN A 54 -18.18 -31.36 46.09
N ASP A 55 -17.26 -32.00 45.38
CA ASP A 55 -16.01 -32.41 46.02
C ASP A 55 -15.02 -31.25 46.13
N ARG A 56 -14.98 -30.41 45.12
CA ARG A 56 -14.02 -29.33 45.07
C ARG A 56 -14.43 -28.13 45.88
N ALA A 57 -15.74 -27.97 46.13
CA ALA A 57 -16.23 -26.86 46.96
C ALA A 57 -15.53 -26.81 48.32
N TRP A 58 -15.28 -27.98 48.89
CA TRP A 58 -14.49 -28.12 50.12
C TRP A 58 -13.18 -27.37 50.13
N LYS A 59 -12.55 -27.25 48.98
CA LYS A 59 -11.30 -26.48 48.90
C LYS A 59 -11.44 -24.95 48.87
N HIS A 60 -12.67 -24.45 48.79
CA HIS A 60 -12.96 -22.97 48.76
C HIS A 60 -12.91 -22.28 50.12
N LYS A 61 -13.08 -23.07 51.16
CA LYS A 61 -13.00 -22.59 52.52
C LYS A 61 -12.12 -23.59 53.23
N LEU A 62 -11.05 -23.10 53.87
CA LEU A 62 -10.05 -24.02 54.41
C LEU A 62 -9.93 -23.83 55.90
N LEU A 63 -9.57 -24.90 56.59
CA LEU A 63 -9.39 -24.85 58.03
C LEU A 63 -8.05 -24.25 58.41
N TYR A 64 -8.03 -23.59 59.57
CA TYR A 64 -6.83 -23.10 60.22
C TYR A 64 -6.44 -24.07 61.33
N PRO A 65 -5.13 -24.44 61.42
CA PRO A 65 -4.69 -25.10 62.65
C PRO A 65 -4.60 -24.07 63.74
N ARG A 66 -5.06 -24.45 64.93
CA ARG A 66 -4.93 -23.60 66.11
C ARG A 66 -4.15 -24.29 67.22
N LEU A 67 -3.38 -23.47 67.94
CA LEU A 67 -2.28 -23.88 68.84
C LEU A 67 -2.53 -23.33 70.24
N ALA A 68 -2.04 -24.06 71.25
CA ALA A 68 -2.30 -23.71 72.66
C ALA A 68 -3.80 -23.42 72.88
N GLN A 69 -4.64 -24.33 72.43
CA GLN A 69 -6.08 -24.13 72.53
C GLN A 69 -6.66 -24.79 73.78
N ASP A 70 -5.82 -25.47 74.58
CA ASP A 70 -6.26 -26.04 75.86
C ASP A 70 -7.37 -27.08 75.61
N VAL A 71 -7.07 -28.01 74.69
CA VAL A 71 -8.05 -28.97 74.19
C VAL A 71 -7.51 -30.37 74.37
N GLU A 72 -8.35 -31.27 74.87
CA GLU A 72 -7.95 -32.66 75.03
C GLU A 72 -9.17 -33.53 74.80
N ALA A 73 -8.96 -34.71 74.22
CA ALA A 73 -10.02 -35.72 73.99
C ALA A 73 -11.34 -35.06 73.57
N PRO A 74 -11.39 -34.60 72.32
CA PRO A 74 -12.60 -33.89 71.90
C PRO A 74 -13.83 -34.81 71.88
N ASP A 75 -14.98 -34.20 72.10
CA ASP A 75 -16.25 -34.89 72.23
C ASP A 75 -17.07 -34.63 70.95
N THR A 76 -17.36 -35.71 70.22
CA THR A 76 -18.08 -35.59 68.94
C THR A 76 -19.60 -35.69 69.05
N SER A 77 -20.15 -35.84 70.26
CA SER A 77 -21.60 -36.06 70.43
C SER A 77 -22.38 -34.75 70.28
N THR A 78 -23.54 -34.84 69.65
CA THR A 78 -24.39 -33.67 69.49
C THR A 78 -25.81 -34.17 69.72
N GLU A 79 -26.75 -33.24 69.61
CA GLU A 79 -28.14 -33.57 69.74
C GLU A 79 -28.96 -32.86 68.63
N ILE A 80 -29.89 -33.60 68.04
CA ILE A 80 -30.81 -33.02 67.08
C ILE A 80 -32.25 -33.56 67.33
N LEU A 81 -33.21 -32.65 67.51
CA LEU A 81 -34.64 -32.98 67.70
C LEU A 81 -34.84 -34.12 68.68
N GLY A 82 -34.20 -33.94 69.83
CA GLY A 82 -34.28 -34.90 70.92
C GLY A 82 -33.46 -36.19 70.82
N HIS A 83 -32.70 -36.39 69.73
CA HIS A 83 -31.83 -37.57 69.64
C HIS A 83 -30.40 -37.20 69.97
N LYS A 84 -29.83 -38.02 70.85
CA LYS A 84 -28.43 -37.93 71.19
C LYS A 84 -27.66 -38.87 70.27
N ILE A 85 -26.73 -38.30 69.52
CA ILE A 85 -25.96 -39.06 68.56
C ILE A 85 -24.46 -38.87 68.81
N LYS A 86 -23.71 -39.94 68.53
CA LYS A 86 -22.28 -40.02 68.87
C LYS A 86 -21.40 -39.04 68.11
N ALA A 87 -21.80 -38.68 66.89
CA ALA A 87 -21.06 -37.70 66.08
C ALA A 87 -22.09 -36.85 65.36
N PRO A 88 -21.69 -35.68 64.83
CA PRO A 88 -22.66 -34.83 64.13
C PRO A 88 -22.94 -35.27 62.69
N PHE A 89 -23.24 -36.56 62.52
CA PHE A 89 -23.68 -37.03 61.24
C PHE A 89 -24.74 -38.11 61.32
N ILE A 90 -25.60 -38.15 60.31
CA ILE A 90 -26.65 -39.15 60.23
C ILE A 90 -26.52 -39.90 58.90
N MET A 91 -27.27 -40.99 58.75
CA MET A 91 -27.30 -41.71 57.49
C MET A 91 -28.33 -41.07 56.54
N ALA A 92 -27.94 -40.88 55.28
CA ALA A 92 -28.83 -40.33 54.27
C ALA A 92 -29.82 -41.35 53.71
N PRO A 93 -30.99 -40.87 53.33
CA PRO A 93 -31.93 -41.75 52.69
C PRO A 93 -31.38 -42.15 51.31
N ILE A 94 -31.11 -43.44 51.14
CA ILE A 94 -30.61 -44.00 49.91
C ILE A 94 -31.45 -45.22 49.52
N ALA A 95 -31.83 -45.25 48.26
CA ALA A 95 -32.71 -46.28 47.80
C ALA A 95 -31.92 -47.55 47.54
N ALA A 96 -32.61 -48.68 47.66
CA ALA A 96 -32.21 -49.95 47.05
C ALA A 96 -30.80 -50.44 47.40
N HIS A 97 -30.50 -50.50 48.70
CA HIS A 97 -29.16 -50.91 49.19
C HIS A 97 -28.82 -52.33 48.79
N GLY A 98 -29.83 -53.09 48.36
CA GLY A 98 -29.63 -54.37 47.71
C GLY A 98 -28.66 -54.36 46.54
N LEU A 99 -28.56 -53.23 45.85
CA LEU A 99 -27.60 -53.12 44.77
C LEU A 99 -26.18 -53.22 45.30
N ALA A 100 -25.97 -52.76 46.52
CA ALA A 100 -24.64 -52.79 47.13
C ALA A 100 -24.32 -54.10 47.85
N HIS A 101 -25.29 -54.75 48.45
CA HIS A 101 -25.02 -55.91 49.30
C HIS A 101 -26.28 -56.74 49.57
N ALA A 102 -26.10 -58.04 49.69
CA ALA A 102 -27.22 -58.97 49.87
C ALA A 102 -28.07 -58.66 51.12
N THR A 103 -27.42 -58.26 52.21
CA THR A 103 -28.12 -57.82 53.42
C THR A 103 -28.87 -56.49 53.35
N LYS A 104 -28.60 -55.73 52.29
CA LYS A 104 -29.45 -54.59 51.89
C LYS A 104 -29.72 -53.68 53.08
N GLU A 105 -30.86 -52.98 53.10
CA GLU A 105 -31.09 -51.96 54.14
C GLU A 105 -30.89 -52.45 55.59
N ALA A 106 -31.02 -53.76 55.84
CA ALA A 106 -30.83 -54.28 57.19
C ALA A 106 -29.37 -54.09 57.61
N GLY A 107 -28.46 -54.43 56.70
CA GLY A 107 -27.01 -54.28 56.93
C GLY A 107 -26.72 -52.86 57.39
N THR A 108 -27.06 -51.92 56.53
CA THR A 108 -26.84 -50.52 56.84
C THR A 108 -27.44 -50.15 58.19
N ALA A 109 -28.69 -50.52 58.40
CA ALA A 109 -29.41 -50.25 59.66
C ALA A 109 -28.66 -50.72 60.90
N ARG A 110 -28.15 -51.96 60.87
CA ARG A 110 -27.41 -52.50 61.99
C ARG A 110 -26.19 -51.68 62.31
N ALA A 111 -25.45 -51.32 61.29
CA ALA A 111 -24.25 -50.50 61.44
C ALA A 111 -24.52 -49.12 62.07
N VAL A 112 -25.58 -48.46 61.62
CA VAL A 112 -25.89 -47.08 62.00
C VAL A 112 -26.38 -47.10 63.43
N SER A 113 -27.20 -48.10 63.71
CA SER A 113 -27.75 -48.26 65.03
C SER A 113 -26.61 -48.59 65.98
N GLU A 114 -25.80 -49.59 65.62
CA GLU A 114 -24.69 -49.99 66.49
C GLU A 114 -23.66 -48.91 66.63
N PHE A 115 -23.45 -48.08 65.62
CA PHE A 115 -22.57 -46.92 65.78
C PHE A 115 -23.15 -45.86 66.74
N GLY A 116 -24.44 -45.56 66.67
CA GLY A 116 -25.06 -44.58 67.58
C GLY A 116 -25.55 -43.30 66.92
N THR A 117 -26.17 -43.42 65.76
CA THR A 117 -26.71 -42.23 65.08
C THR A 117 -28.00 -42.57 64.31
N ILE A 118 -28.59 -41.57 63.68
CA ILE A 118 -29.98 -41.72 63.20
C ILE A 118 -30.04 -42.31 61.80
N MET A 119 -30.87 -43.33 61.59
CA MET A 119 -31.00 -43.90 60.23
C MET A 119 -32.15 -43.27 59.46
N SER A 120 -31.89 -42.91 58.20
CA SER A 120 -32.92 -42.36 57.33
C SER A 120 -33.38 -43.43 56.37
N ILE A 121 -34.68 -43.70 56.35
CA ILE A 121 -35.25 -44.72 55.51
C ILE A 121 -35.88 -44.16 54.22
N SER A 122 -35.43 -44.70 53.09
CA SER A 122 -35.86 -44.26 51.77
C SER A 122 -37.17 -44.93 51.49
N ALA A 123 -38.11 -44.19 50.91
CA ALA A 123 -39.37 -44.81 50.47
C ALA A 123 -39.16 -45.80 49.33
N TYR A 124 -38.01 -45.71 48.67
CA TYR A 124 -37.64 -46.61 47.56
C TYR A 124 -36.69 -47.71 48.07
N SER A 125 -36.69 -47.94 49.38
CA SER A 125 -35.98 -49.04 50.00
C SER A 125 -36.37 -50.37 49.36
N GLY A 126 -35.37 -51.21 49.14
CA GLY A 126 -35.59 -52.57 48.66
C GLY A 126 -36.14 -53.54 49.70
N ALA A 127 -35.97 -53.22 50.99
CA ALA A 127 -36.43 -54.00 52.15
C ALA A 127 -37.74 -53.48 52.76
N THR A 128 -38.44 -54.32 53.54
CA THR A 128 -39.67 -53.90 54.26
C THR A 128 -39.32 -53.15 55.56
N PHE A 129 -40.25 -52.35 56.05
CA PHE A 129 -40.10 -51.74 57.38
C PHE A 129 -39.74 -52.74 58.46
N GLU A 130 -40.33 -53.92 58.37
CA GLU A 130 -40.10 -54.97 59.33
C GLU A 130 -38.61 -55.41 59.30
N GLU A 131 -38.10 -55.70 58.09
CA GLU A 131 -36.70 -56.15 57.87
C GLU A 131 -35.67 -55.13 58.36
N ILE A 132 -36.04 -53.86 58.33
CA ILE A 132 -35.13 -52.80 58.73
C ILE A 132 -35.09 -52.72 60.25
N SER A 133 -36.26 -52.69 60.88
CA SER A 133 -36.39 -52.88 62.33
C SER A 133 -35.49 -53.98 62.89
N GLU A 134 -35.52 -55.19 62.31
CA GLU A 134 -34.57 -56.24 62.72
C GLU A 134 -33.19 -55.63 62.81
N GLY A 135 -32.77 -54.99 61.71
CA GLY A 135 -31.46 -54.36 61.60
C GLY A 135 -31.27 -53.22 62.60
N LEU A 136 -32.31 -52.43 62.83
CA LEU A 136 -32.13 -51.27 63.69
C LEU A 136 -32.06 -51.63 65.17
N ASN A 137 -32.58 -52.79 65.52
CA ASN A 137 -32.57 -53.23 66.91
C ASN A 137 -32.77 -52.06 67.88
N GLY A 138 -33.76 -51.23 67.58
CA GLY A 138 -34.24 -50.23 68.52
C GLY A 138 -33.77 -48.83 68.29
N GLY A 139 -32.79 -48.66 67.41
CA GLY A 139 -32.19 -47.34 67.19
C GLY A 139 -33.11 -46.41 66.42
N PRO A 140 -32.85 -45.09 66.55
CA PRO A 140 -33.77 -44.08 66.02
C PRO A 140 -33.79 -44.06 64.49
N ARG A 141 -34.97 -43.78 63.89
CA ARG A 141 -35.09 -43.63 62.44
C ARG A 141 -35.97 -42.47 62.02
N TRP A 142 -35.65 -41.92 60.86
CA TRP A 142 -36.47 -40.92 60.19
C TRP A 142 -36.98 -41.54 58.91
N PHE A 143 -38.18 -41.16 58.49
CA PHE A 143 -38.66 -41.68 57.25
C PHE A 143 -38.67 -40.66 56.13
N GLN A 144 -38.17 -41.07 54.94
CA GLN A 144 -38.04 -40.19 53.77
C GLN A 144 -38.96 -40.61 52.69
N ILE A 145 -39.89 -39.71 52.40
CA ILE A 145 -41.02 -40.00 51.54
C ILE A 145 -40.86 -39.39 50.16
N TYR A 146 -41.06 -40.24 49.16
CA TYR A 146 -41.36 -39.82 47.83
C TYR A 146 -42.87 -39.99 47.69
N MET A 147 -43.56 -38.84 47.73
CA MET A 147 -45.00 -38.72 47.68
C MET A 147 -45.63 -39.34 46.46
N ALA A 148 -46.63 -40.17 46.70
CA ALA A 148 -47.66 -40.47 45.70
C ALA A 148 -48.52 -39.27 45.34
N LYS A 149 -49.21 -39.41 44.21
CA LYS A 149 -50.21 -38.47 43.75
C LYS A 149 -51.52 -38.57 44.53
N ASP A 150 -51.89 -39.79 44.95
CA ASP A 150 -53.13 -40.02 45.72
C ASP A 150 -52.88 -39.70 47.20
N ASP A 151 -53.73 -38.83 47.76
CA ASP A 151 -53.63 -38.44 49.17
C ASP A 151 -53.68 -39.62 50.14
N GLN A 152 -54.71 -40.44 50.03
CA GLN A 152 -54.86 -41.57 50.95
C GLN A 152 -53.53 -42.35 51.06
N GLN A 153 -52.89 -42.62 49.94
CA GLN A 153 -51.64 -43.39 49.90
C GLN A 153 -50.51 -42.69 50.64
N ASN A 154 -50.47 -41.37 50.60
CA ASN A 154 -49.56 -40.65 51.47
C ASN A 154 -49.88 -40.90 52.96
N ARG A 155 -51.14 -40.79 53.30
CA ARG A 155 -51.54 -40.98 54.67
C ARG A 155 -51.14 -42.38 55.12
N ASP A 156 -51.42 -43.38 54.28
CA ASP A 156 -51.08 -44.78 54.60
C ASP A 156 -49.60 -44.94 54.94
N ILE A 157 -48.74 -44.42 54.06
CA ILE A 157 -47.28 -44.61 54.12
C ILE A 157 -46.72 -43.92 55.35
N LEU A 158 -47.15 -42.68 55.53
CA LEU A 158 -46.79 -41.91 56.69
C LEU A 158 -47.22 -42.64 57.96
N ASP A 159 -48.39 -43.26 57.95
CA ASP A 159 -48.92 -43.98 59.13
C ASP A 159 -48.17 -45.27 59.41
N GLU A 160 -47.72 -45.95 58.37
CA GLU A 160 -46.87 -47.11 58.56
C GLU A 160 -45.50 -46.71 59.07
N ALA A 161 -44.95 -45.65 58.48
CA ALA A 161 -43.64 -45.13 58.88
C ALA A 161 -43.61 -44.77 60.35
N LYS A 162 -44.66 -44.06 60.75
CA LYS A 162 -44.83 -43.64 62.12
C LYS A 162 -45.13 -44.85 63.02
N GLY A 163 -45.79 -45.86 62.47
CA GLY A 163 -46.03 -47.13 63.16
C GLY A 163 -44.74 -47.84 63.52
N ASP A 164 -43.79 -47.89 62.57
CA ASP A 164 -42.50 -48.52 62.78
C ASP A 164 -41.60 -47.75 63.76
N GLY A 165 -41.88 -46.48 64.01
CA GLY A 165 -41.08 -45.73 64.97
C GLY A 165 -40.47 -44.42 64.52
N ALA A 166 -40.74 -43.98 63.31
CA ALA A 166 -40.14 -42.78 62.80
C ALA A 166 -40.43 -41.62 63.70
N THR A 167 -39.40 -40.84 64.03
CA THR A 167 -39.52 -39.61 64.83
C THR A 167 -39.40 -38.34 64.02
N ALA A 168 -39.32 -38.51 62.68
CA ALA A 168 -39.22 -37.41 61.71
C ALA A 168 -39.50 -37.90 60.31
N ILE A 169 -40.07 -37.00 59.53
CA ILE A 169 -40.37 -37.25 58.13
C ILE A 169 -39.53 -36.31 57.29
N ILE A 170 -38.95 -36.86 56.23
CA ILE A 170 -38.14 -36.09 55.30
C ILE A 170 -38.85 -36.04 53.97
N LEU A 171 -39.22 -34.85 53.53
CA LEU A 171 -39.76 -34.66 52.19
C LEU A 171 -38.67 -34.35 51.18
N THR A 172 -38.35 -35.32 50.34
CA THR A 172 -37.42 -35.07 49.25
C THR A 172 -38.16 -34.46 48.04
N ALA A 173 -37.97 -33.16 47.84
CA ALA A 173 -38.76 -32.38 46.88
C ALA A 173 -38.02 -32.03 45.58
N ASP A 174 -36.80 -32.53 45.44
CA ASP A 174 -35.93 -32.21 44.33
C ASP A 174 -35.90 -33.30 43.27
N SER A 175 -36.85 -34.23 43.27
CA SER A 175 -36.82 -35.36 42.35
C SER A 175 -38.15 -35.50 41.66
N THR A 176 -38.80 -34.37 41.37
CA THR A 176 -40.13 -34.40 40.76
C THR A 176 -40.05 -35.11 39.37
N VAL A 177 -38.86 -35.09 38.74
CA VAL A 177 -38.48 -35.98 37.63
C VAL A 177 -36.98 -36.30 37.77
N SER A 178 -36.56 -37.39 37.15
CA SER A 178 -35.18 -37.83 37.26
C SER A 178 -34.17 -36.85 36.63
N GLY A 179 -33.01 -36.70 37.27
CA GLY A 179 -31.89 -36.14 36.55
C GLY A 179 -31.46 -36.99 35.35
N ASN A 180 -30.49 -36.47 34.60
CA ASN A 180 -30.06 -37.04 33.34
C ASN A 180 -28.83 -37.79 33.66
N ARG A 181 -29.03 -38.99 34.14
CA ARG A 181 -27.94 -39.83 34.60
C ARG A 181 -27.38 -40.65 33.46
N ASP A 182 -26.42 -40.10 32.77
CA ASP A 182 -25.91 -40.75 31.58
C ASP A 182 -25.51 -42.21 31.76
N ARG A 183 -24.82 -42.53 32.85
CA ARG A 183 -24.40 -43.93 33.04
C ARG A 183 -25.61 -44.89 33.02
N ASP A 184 -26.70 -44.49 33.65
CA ASP A 184 -27.88 -45.34 33.72
C ASP A 184 -28.59 -45.44 32.39
N VAL A 185 -28.53 -44.41 31.56
CA VAL A 185 -29.17 -44.46 30.24
C VAL A 185 -28.43 -45.44 29.35
N LYS A 186 -27.12 -45.32 29.32
CA LYS A 186 -26.24 -46.19 28.50
C LYS A 186 -26.14 -47.62 29.00
N ASN A 187 -26.26 -47.84 30.31
CA ASN A 187 -26.27 -49.20 30.85
C ASN A 187 -27.69 -49.72 30.79
N LYS A 188 -28.67 -48.82 30.66
CA LYS A 188 -30.08 -49.22 30.52
C LYS A 188 -30.49 -49.86 31.85
N PHE A 189 -30.13 -49.18 32.94
CA PHE A 189 -30.34 -49.69 34.27
C PHE A 189 -31.82 -49.69 34.66
N VAL A 190 -32.22 -50.80 35.28
CA VAL A 190 -33.53 -50.97 35.87
C VAL A 190 -33.30 -51.76 37.15
N TYR A 191 -34.13 -51.49 38.14
CA TYR A 191 -34.05 -52.12 39.46
C TYR A 191 -34.32 -53.60 39.34
N PRO A 192 -33.47 -54.44 39.95
CA PRO A 192 -33.60 -55.88 39.83
C PRO A 192 -34.40 -56.55 40.97
N PHE A 193 -35.06 -55.73 41.80
CA PHE A 193 -36.04 -56.21 42.79
C PHE A 193 -37.05 -55.08 43.04
N GLY A 194 -38.08 -55.35 43.85
CA GLY A 194 -39.15 -54.42 44.10
C GLY A 194 -38.92 -53.49 45.28
N MET A 195 -39.80 -52.52 45.41
CA MET A 195 -39.79 -51.54 46.46
C MET A 195 -41.13 -51.64 47.21
N PRO A 196 -41.18 -52.43 48.31
CA PRO A 196 -42.43 -52.70 49.01
C PRO A 196 -43.22 -51.50 49.50
N ILE A 197 -42.54 -50.48 50.03
CA ILE A 197 -43.25 -49.36 50.64
C ILE A 197 -44.03 -48.52 49.61
N VAL A 198 -43.66 -48.62 48.33
CA VAL A 198 -44.24 -47.73 47.32
C VAL A 198 -44.92 -48.43 46.14
N GLN A 199 -44.83 -49.75 46.01
CA GLN A 199 -45.41 -50.37 44.82
C GLN A 199 -46.91 -50.21 44.72
N ARG A 200 -47.55 -49.94 45.85
CA ARG A 200 -48.95 -49.50 45.89
C ARG A 200 -49.34 -48.48 44.79
N TYR A 201 -48.42 -47.58 44.43
CA TYR A 201 -48.62 -46.62 43.34
C TYR A 201 -47.81 -46.82 42.05
N LEU A 202 -47.24 -48.00 41.84
CA LEU A 202 -46.54 -48.29 40.58
C LEU A 202 -47.37 -49.20 39.64
N ARG A 203 -46.88 -49.33 38.41
CA ARG A 203 -47.51 -50.22 37.41
C ARG A 203 -46.93 -51.60 37.75
N GLY A 204 -47.59 -52.24 38.70
CA GLY A 204 -47.11 -53.49 39.27
C GLY A 204 -46.00 -53.25 40.27
N THR A 205 -44.88 -53.95 40.05
CA THR A 205 -43.71 -53.97 40.96
C THR A 205 -42.57 -53.16 40.34
N ALA A 206 -41.77 -52.57 41.24
CA ALA A 206 -40.66 -51.68 40.86
C ALA A 206 -39.55 -52.43 40.14
N GLU A 207 -39.51 -53.75 40.29
CA GLU A 207 -38.57 -54.61 39.55
C GLU A 207 -38.82 -54.47 38.06
N GLY A 208 -37.75 -54.20 37.31
CA GLY A 208 -37.83 -54.10 35.84
C GLY A 208 -38.02 -52.67 35.35
N MET A 209 -38.37 -51.74 36.26
CA MET A 209 -38.60 -50.32 35.94
C MET A 209 -37.34 -49.43 36.13
N SER A 210 -37.24 -48.45 35.25
CA SER A 210 -36.31 -47.35 35.32
C SER A 210 -36.78 -46.44 36.43
N LEU A 211 -35.81 -45.85 37.13
CA LEU A 211 -36.07 -44.77 38.09
C LEU A 211 -36.88 -43.62 37.50
N ASN A 212 -36.68 -43.35 36.22
CA ASN A 212 -37.38 -42.28 35.55
C ASN A 212 -38.90 -42.42 35.67
N ASN A 213 -39.41 -43.64 35.44
CA ASN A 213 -40.87 -43.89 35.53
C ASN A 213 -41.36 -44.01 36.94
N ILE A 214 -40.46 -44.35 37.85
CA ILE A 214 -40.81 -44.45 39.25
C ILE A 214 -41.05 -43.06 39.76
N PHE A 215 -40.05 -42.18 39.66
CA PHE A 215 -40.25 -40.74 39.93
C PHE A 215 -41.49 -40.25 39.17
N GLY A 216 -41.61 -40.69 37.92
CA GLY A 216 -42.80 -40.41 37.08
C GLY A 216 -44.10 -40.66 37.81
N ALA A 217 -44.20 -41.83 38.48
CA ALA A 217 -45.38 -42.24 39.25
C ALA A 217 -45.58 -41.38 40.51
N SER A 218 -44.49 -40.87 41.05
CA SER A 218 -44.53 -39.95 42.21
C SER A 218 -45.10 -38.58 41.85
N LYS A 219 -45.28 -37.73 42.86
CA LYS A 219 -45.91 -36.44 42.66
C LYS A 219 -44.97 -35.47 41.94
N GLN A 220 -45.43 -34.92 40.81
CA GLN A 220 -44.73 -33.80 40.18
C GLN A 220 -45.13 -32.49 40.81
N LYS A 221 -46.42 -32.26 40.97
CA LYS A 221 -46.90 -30.90 41.28
C LYS A 221 -46.78 -30.59 42.76
N ILE A 222 -45.59 -30.77 43.32
CA ILE A 222 -45.42 -30.53 44.76
C ILE A 222 -45.43 -29.03 45.05
N SER A 223 -46.30 -28.61 45.97
CA SER A 223 -46.48 -27.22 46.36
C SER A 223 -46.27 -27.18 47.87
N PRO A 224 -46.15 -25.96 48.46
CA PRO A 224 -46.03 -25.83 49.95
C PRO A 224 -47.22 -26.42 50.76
N ARG A 225 -48.37 -26.60 50.13
CA ARG A 225 -49.53 -27.12 50.83
C ARG A 225 -49.18 -28.56 51.28
N ASP A 226 -48.31 -29.24 50.52
CA ASP A 226 -47.86 -30.57 50.85
C ASP A 226 -47.04 -30.65 52.11
N ILE A 227 -46.13 -29.70 52.29
CA ILE A 227 -45.40 -29.60 53.58
C ILE A 227 -46.38 -29.44 54.76
N GLU A 228 -47.33 -28.52 54.65
CA GLU A 228 -48.32 -28.31 55.72
C GLU A 228 -49.03 -29.63 55.99
N GLU A 229 -49.41 -30.33 54.92
CA GLU A 229 -50.28 -31.48 55.02
C GLU A 229 -49.62 -32.66 55.72
N ILE A 230 -48.41 -32.97 55.25
CA ILE A 230 -47.56 -33.97 55.88
C ILE A 230 -47.38 -33.69 57.38
N ALA A 231 -47.17 -32.44 57.77
CA ALA A 231 -46.90 -32.09 59.17
C ALA A 231 -48.16 -32.19 60.04
N ALA A 232 -49.30 -31.80 59.50
CA ALA A 232 -50.55 -31.87 60.25
C ALA A 232 -50.93 -33.34 60.40
N HIS A 233 -50.89 -34.06 59.29
CA HIS A 233 -51.27 -35.44 59.31
C HIS A 233 -50.35 -36.26 60.20
N SER A 234 -49.04 -36.16 59.99
CA SER A 234 -48.08 -37.04 60.67
C SER A 234 -47.83 -36.64 62.15
N GLY A 235 -48.07 -35.37 62.47
CA GLY A 235 -47.70 -34.86 63.78
C GLY A 235 -46.25 -35.14 64.11
N LEU A 236 -45.39 -35.15 63.09
CA LEU A 236 -43.95 -35.32 63.28
C LEU A 236 -43.21 -34.11 62.73
N PRO A 237 -41.96 -33.92 63.17
CA PRO A 237 -41.10 -32.99 62.48
C PRO A 237 -40.88 -33.38 61.01
N VAL A 238 -41.06 -32.39 60.13
CA VAL A 238 -40.87 -32.55 58.70
C VAL A 238 -39.66 -31.73 58.27
N PHE A 239 -38.69 -32.41 57.64
CA PHE A 239 -37.56 -31.76 57.00
C PHE A 239 -37.89 -31.65 55.55
N VAL A 240 -37.51 -30.54 54.95
CA VAL A 240 -37.61 -30.43 53.50
C VAL A 240 -36.24 -30.59 52.87
N LYS A 241 -36.11 -31.56 51.95
CA LYS A 241 -34.80 -31.98 51.44
C LYS A 241 -34.55 -31.73 49.95
N GLY A 242 -33.35 -31.25 49.65
CA GLY A 242 -32.94 -30.89 48.28
C GLY A 242 -32.80 -29.39 48.04
N ILE A 243 -32.66 -28.63 49.12
CA ILE A 243 -32.63 -27.20 49.08
C ILE A 243 -31.23 -26.79 48.72
N GLN A 244 -31.17 -25.90 47.72
CA GLN A 244 -29.96 -25.18 47.33
C GLN A 244 -30.16 -23.65 47.31
N HIS A 245 -31.40 -23.17 47.26
CA HIS A 245 -31.68 -21.75 47.12
C HIS A 245 -32.38 -21.22 48.40
N PRO A 246 -31.92 -20.08 48.94
CA PRO A 246 -32.41 -19.60 50.25
C PRO A 246 -33.92 -19.40 50.37
N GLU A 247 -34.56 -18.83 49.36
CA GLU A 247 -36.02 -18.65 49.39
C GLU A 247 -36.80 -19.90 49.70
N ASP A 248 -36.40 -21.03 49.12
CA ASP A 248 -37.02 -22.33 49.43
C ASP A 248 -36.93 -22.65 50.91
N ALA A 249 -35.85 -22.24 51.56
CA ALA A 249 -35.74 -22.50 52.98
C ALA A 249 -36.77 -21.69 53.81
N ASP A 250 -36.99 -20.42 53.45
CA ASP A 250 -38.01 -19.59 54.11
C ASP A 250 -39.37 -20.11 53.85
N MET A 251 -39.68 -20.39 52.60
CA MET A 251 -40.95 -20.98 52.21
C MET A 251 -41.22 -22.27 53.04
N ALA A 252 -40.23 -23.17 53.07
CA ALA A 252 -40.36 -24.42 53.80
C ALA A 252 -40.70 -24.15 55.23
N ILE A 253 -40.03 -23.22 55.86
CA ILE A 253 -40.30 -22.92 57.26
C ILE A 253 -41.70 -22.34 57.48
N LYS A 254 -42.12 -21.40 56.61
CA LYS A 254 -43.47 -20.80 56.73
C LYS A 254 -44.54 -21.86 56.52
N ALA A 255 -44.26 -22.80 55.62
CA ALA A 255 -45.18 -23.92 55.41
C ALA A 255 -45.20 -24.90 56.59
N GLY A 256 -44.37 -24.68 57.61
CA GLY A 256 -44.43 -25.48 58.81
C GLY A 256 -43.30 -26.47 59.03
N ALA A 257 -42.37 -26.61 58.09
CA ALA A 257 -41.22 -27.50 58.27
C ALA A 257 -40.45 -27.26 59.58
N SER A 258 -39.92 -28.35 60.13
CA SER A 258 -39.27 -28.36 61.44
C SER A 258 -37.75 -28.47 61.35
N GLY A 259 -37.26 -28.69 60.12
CA GLY A 259 -35.83 -28.60 59.77
C GLY A 259 -35.58 -28.40 58.25
N ILE A 260 -34.42 -27.84 57.92
CA ILE A 260 -34.03 -27.65 56.53
C ILE A 260 -32.90 -28.60 56.15
N TRP A 261 -33.03 -29.28 55.03
CA TRP A 261 -32.01 -30.29 54.65
C TRP A 261 -31.38 -29.85 53.33
N VAL A 262 -30.28 -29.13 53.44
CA VAL A 262 -29.51 -28.68 52.29
C VAL A 262 -28.92 -29.85 51.51
N SER A 263 -29.24 -29.93 50.22
CA SER A 263 -28.85 -31.10 49.40
C SER A 263 -29.02 -30.81 47.92
N ASN A 264 -28.13 -31.41 47.12
CA ASN A 264 -28.34 -31.51 45.67
C ASN A 264 -28.38 -32.96 45.20
N HIS A 265 -28.72 -33.84 46.14
CA HIS A 265 -28.97 -35.25 45.83
C HIS A 265 -27.72 -35.96 45.34
N GLY A 266 -26.57 -35.53 45.85
CA GLY A 266 -25.29 -36.08 45.41
C GLY A 266 -25.01 -35.82 43.92
N ALA A 267 -25.42 -34.65 43.44
CA ALA A 267 -25.29 -34.29 42.05
C ALA A 267 -26.10 -35.15 41.07
N ARG A 268 -27.05 -35.94 41.59
CA ARG A 268 -27.74 -36.93 40.75
C ARG A 268 -29.01 -36.38 40.13
N GLN A 269 -29.32 -35.13 40.45
CA GLN A 269 -30.47 -34.44 39.88
C GLN A 269 -30.04 -33.28 38.94
N LEU A 270 -30.34 -32.03 39.29
CA LEU A 270 -30.11 -30.97 38.33
C LEU A 270 -28.65 -30.87 38.02
N TYR A 271 -28.37 -30.84 36.71
CA TYR A 271 -27.01 -30.71 36.21
C TYR A 271 -26.60 -29.24 36.03
N GLU A 272 -25.31 -28.98 36.06
CA GLU A 272 -24.78 -27.65 35.83
C GLU A 272 -25.25 -26.67 36.91
N ALA A 273 -25.26 -27.19 38.15
CA ALA A 273 -25.64 -26.41 39.36
C ALA A 273 -24.42 -26.29 40.24
N PRO A 274 -24.46 -25.44 41.30
CA PRO A 274 -23.28 -25.35 42.18
C PRO A 274 -23.02 -26.57 43.05
N GLY A 275 -21.78 -26.69 43.53
CA GLY A 275 -21.42 -27.70 44.54
C GLY A 275 -22.21 -27.36 45.78
N SER A 276 -22.74 -28.38 46.45
CA SER A 276 -23.70 -28.16 47.52
C SER A 276 -23.14 -27.21 48.58
N PHE A 277 -21.86 -27.38 48.93
CA PHE A 277 -21.25 -26.61 50.02
C PHE A 277 -21.16 -25.11 49.74
N ASP A 278 -21.06 -24.75 48.47
CA ASP A 278 -20.97 -23.34 48.11
C ASP A 278 -22.28 -22.64 48.42
N THR A 279 -23.37 -23.40 48.60
CA THR A 279 -24.73 -22.87 48.77
C THR A 279 -25.18 -22.79 50.23
N LEU A 280 -24.46 -23.45 51.12
CA LEU A 280 -24.92 -23.58 52.49
C LEU A 280 -24.93 -22.23 53.27
N PRO A 281 -23.92 -21.37 53.10
CA PRO A 281 -23.95 -20.13 53.91
C PRO A 281 -25.16 -19.24 53.72
N ALA A 282 -25.52 -18.99 52.46
CA ALA A 282 -26.67 -18.19 52.13
C ALA A 282 -27.97 -18.83 52.67
N ILE A 283 -28.07 -20.15 52.57
CA ILE A 283 -29.23 -20.84 53.11
C ILE A 283 -29.29 -20.68 54.63
N ALA A 284 -28.16 -20.92 55.28
CA ALA A 284 -28.04 -20.74 56.73
C ALA A 284 -28.36 -19.33 57.19
N GLU A 285 -27.91 -18.29 56.47
CA GLU A 285 -28.29 -16.91 56.87
C GLU A 285 -29.81 -16.69 56.82
N ARG A 286 -30.45 -17.21 55.78
CA ARG A 286 -31.91 -17.10 55.63
C ARG A 286 -32.69 -17.89 56.68
N VAL A 287 -32.18 -19.08 57.05
CA VAL A 287 -32.79 -19.89 58.10
C VAL A 287 -32.78 -19.12 59.40
N ASN A 288 -31.62 -18.52 59.72
CA ASN A 288 -31.42 -17.58 60.84
C ASN A 288 -31.74 -18.30 62.14
N LYS A 289 -31.24 -19.53 62.23
CA LYS A 289 -31.41 -20.36 63.43
C LYS A 289 -32.86 -20.58 63.85
N ARG A 290 -33.80 -20.58 62.91
CA ARG A 290 -35.20 -20.81 63.27
C ARG A 290 -35.47 -22.31 63.46
N VAL A 291 -34.78 -23.15 62.68
CA VAL A 291 -34.89 -24.61 62.75
C VAL A 291 -33.52 -25.23 62.47
N PRO A 292 -33.34 -26.51 62.87
CA PRO A 292 -32.07 -27.23 62.58
C PRO A 292 -31.83 -27.40 61.11
N ILE A 293 -30.56 -27.48 60.72
CA ILE A 293 -30.13 -27.69 59.33
C ILE A 293 -29.30 -28.96 59.26
N VAL A 294 -29.67 -29.85 58.35
CA VAL A 294 -28.85 -30.97 57.95
C VAL A 294 -28.24 -30.62 56.61
N PHE A 295 -26.95 -30.91 56.43
CA PHE A 295 -26.24 -30.72 55.17
C PHE A 295 -25.77 -32.02 54.50
N ASP A 296 -25.94 -32.13 53.19
CA ASP A 296 -25.30 -33.22 52.48
C ASP A 296 -24.86 -32.89 51.05
N SER A 297 -24.12 -33.84 50.48
CA SER A 297 -23.78 -33.94 49.05
C SER A 297 -22.30 -33.66 48.84
N GLY A 298 -21.51 -34.72 48.95
CA GLY A 298 -20.06 -34.61 48.84
C GLY A 298 -19.26 -34.86 50.09
N VAL A 299 -19.89 -35.07 51.26
CA VAL A 299 -19.08 -35.33 52.49
C VAL A 299 -18.22 -36.62 52.35
N ARG A 300 -16.92 -36.47 52.60
CA ARG A 300 -15.90 -37.51 52.45
C ARG A 300 -14.83 -37.56 53.56
N ARG A 301 -14.68 -36.48 54.31
CA ARG A 301 -13.64 -36.43 55.32
C ARG A 301 -14.16 -35.77 56.58
N GLY A 302 -13.49 -36.05 57.68
CA GLY A 302 -13.70 -35.31 58.90
C GLY A 302 -13.67 -33.81 58.67
N GLU A 303 -12.82 -33.34 57.79
CA GLU A 303 -12.70 -31.90 57.51
C GLU A 303 -13.95 -31.34 56.84
N HIS A 304 -14.70 -32.17 56.12
CA HIS A 304 -15.88 -31.68 55.44
C HIS A 304 -17.00 -31.65 56.48
N VAL A 305 -16.92 -32.51 57.47
CA VAL A 305 -17.86 -32.48 58.55
C VAL A 305 -17.69 -31.16 59.32
N ALA A 306 -16.46 -30.77 59.62
CA ALA A 306 -16.20 -29.55 60.38
C ALA A 306 -16.52 -28.26 59.59
N LYS A 307 -16.16 -28.26 58.31
CA LYS A 307 -16.43 -27.09 57.45
C LYS A 307 -17.93 -26.76 57.29
N ALA A 308 -18.77 -27.81 57.25
CA ALA A 308 -20.24 -27.68 57.18
C ALA A 308 -20.85 -27.11 58.44
N LEU A 309 -20.50 -27.67 59.60
CA LEU A 309 -20.96 -27.08 60.84
C LEU A 309 -20.51 -25.63 60.96
N ALA A 310 -19.27 -25.35 60.56
CA ALA A 310 -18.75 -24.00 60.64
C ALA A 310 -19.49 -23.00 59.76
N SER A 311 -20.13 -23.52 58.73
CA SER A 311 -20.76 -22.70 57.68
C SER A 311 -22.27 -22.64 57.92
N GLY A 312 -22.74 -23.38 58.93
CA GLY A 312 -24.09 -23.22 59.43
C GLY A 312 -24.97 -24.46 59.52
N ALA A 313 -24.41 -25.64 59.28
CA ALA A 313 -25.14 -26.86 59.56
C ALA A 313 -25.06 -27.21 61.05
N ASP A 314 -26.00 -28.05 61.46
CA ASP A 314 -25.95 -28.69 62.77
C ASP A 314 -25.45 -30.12 62.68
N VAL A 315 -25.89 -30.90 61.70
CA VAL A 315 -25.31 -32.21 61.45
C VAL A 315 -25.11 -32.39 59.96
N VAL A 316 -24.41 -33.46 59.57
CA VAL A 316 -24.36 -33.85 58.15
C VAL A 316 -24.91 -35.26 57.91
N ALA A 317 -25.23 -35.56 56.65
CA ALA A 317 -25.74 -36.85 56.24
C ALA A 317 -24.70 -37.47 55.34
N LEU A 318 -24.46 -38.77 55.52
CA LEU A 318 -23.45 -39.50 54.78
C LEU A 318 -24.17 -40.37 53.80
N GLY A 319 -23.55 -40.59 52.64
CA GLY A 319 -24.17 -41.30 51.52
C GLY A 319 -23.33 -42.39 50.87
N ARG A 320 -22.83 -42.11 49.67
CA ARG A 320 -22.05 -43.06 48.87
C ARG A 320 -20.96 -43.80 49.65
N PRO A 321 -20.17 -43.09 50.46
CA PRO A 321 -19.12 -43.79 51.22
C PRO A 321 -19.60 -44.96 52.08
N VAL A 322 -20.73 -44.78 52.75
CA VAL A 322 -21.28 -45.83 53.62
C VAL A 322 -21.77 -47.01 52.76
N LEU A 323 -22.30 -46.71 51.59
CA LEU A 323 -22.75 -47.75 50.66
C LEU A 323 -21.58 -48.48 50.10
N PHE A 324 -20.53 -47.76 49.76
CA PHE A 324 -19.35 -48.42 49.24
C PHE A 324 -18.87 -49.37 50.33
N GLY A 325 -18.83 -48.93 51.58
CA GLY A 325 -18.41 -49.82 52.66
C GLY A 325 -19.32 -51.04 52.82
N LEU A 326 -20.63 -50.82 52.72
CA LEU A 326 -21.60 -51.89 52.87
C LEU A 326 -21.37 -52.94 51.78
N ALA A 327 -20.96 -52.49 50.61
CA ALA A 327 -20.70 -53.42 49.53
C ALA A 327 -19.53 -54.29 49.86
N LEU A 328 -18.55 -53.69 50.54
CA LEU A 328 -17.27 -54.37 50.78
C LEU A 328 -17.30 -55.28 52.02
N GLY A 329 -18.22 -55.05 52.96
CA GLY A 329 -18.30 -55.88 54.16
C GLY A 329 -19.59 -55.92 54.96
N GLY A 330 -20.72 -55.72 54.27
CA GLY A 330 -22.02 -55.66 54.91
C GLY A 330 -22.01 -54.70 56.09
N TRP A 331 -22.76 -55.05 57.12
CA TRP A 331 -22.91 -54.13 58.23
C TRP A 331 -21.56 -53.74 58.83
N GLN A 332 -20.59 -54.64 58.83
CA GLN A 332 -19.31 -54.31 59.43
C GLN A 332 -18.49 -53.39 58.53
N GLY A 333 -18.63 -53.56 57.22
CA GLY A 333 -18.01 -52.67 56.25
C GLY A 333 -18.54 -51.26 56.42
N ALA A 334 -19.85 -51.14 56.59
CA ALA A 334 -20.50 -49.86 56.78
C ALA A 334 -20.13 -49.23 58.11
N TYR A 335 -19.95 -50.06 59.12
CA TYR A 335 -19.59 -49.60 60.47
C TYR A 335 -18.18 -49.02 60.44
N SER A 336 -17.27 -49.78 59.85
CA SER A 336 -15.90 -49.32 59.61
C SER A 336 -15.90 -47.86 59.08
N VAL A 337 -16.77 -47.58 58.09
CA VAL A 337 -16.82 -46.26 57.46
C VAL A 337 -17.27 -45.17 58.44
N LEU A 338 -18.30 -45.47 59.24
CA LEU A 338 -18.84 -44.54 60.22
C LEU A 338 -17.86 -44.30 61.33
N ASP A 339 -17.23 -45.38 61.78
CA ASP A 339 -16.19 -45.25 62.77
C ASP A 339 -15.06 -44.34 62.22
N TYR A 340 -14.64 -44.59 60.99
CA TYR A 340 -13.59 -43.76 60.36
C TYR A 340 -13.96 -42.28 60.36
N PHE A 341 -15.20 -41.93 60.00
CA PHE A 341 -15.64 -40.53 59.98
C PHE A 341 -15.59 -39.93 61.39
N GLN A 342 -15.77 -40.77 62.39
CA GLN A 342 -15.76 -40.32 63.78
C GLN A 342 -14.34 -40.06 64.26
N LYS A 343 -13.44 -41.02 64.03
CA LYS A 343 -12.01 -40.83 64.33
C LYS A 343 -11.38 -39.70 63.55
N ASP A 344 -11.87 -39.51 62.31
CA ASP A 344 -11.37 -38.50 61.39
C ASP A 344 -11.82 -37.14 61.87
N LEU A 345 -13.05 -37.05 62.33
CA LEU A 345 -13.51 -35.79 62.89
C LEU A 345 -12.76 -35.43 64.16
N THR A 346 -12.58 -36.42 65.01
CA THR A 346 -11.85 -36.25 66.28
C THR A 346 -10.45 -35.64 66.11
N ARG A 347 -9.71 -36.12 65.12
CA ARG A 347 -8.42 -35.55 64.81
C ARG A 347 -8.60 -34.09 64.47
N VAL A 348 -9.53 -33.82 63.55
CA VAL A 348 -9.71 -32.46 63.08
C VAL A 348 -10.08 -31.49 64.19
N MET A 349 -10.91 -31.94 65.13
CA MET A 349 -11.33 -31.08 66.25
C MET A 349 -10.11 -30.66 67.08
N GLN A 350 -9.33 -31.66 67.47
CA GLN A 350 -8.10 -31.45 68.22
C GLN A 350 -7.18 -30.44 67.54
N LEU A 351 -7.06 -30.50 66.22
CA LEU A 351 -6.06 -29.67 65.55
C LEU A 351 -6.56 -28.27 65.28
N THR A 352 -7.89 -28.12 65.17
CA THR A 352 -8.54 -26.80 65.00
C THR A 352 -8.87 -26.11 66.33
N GLY A 353 -8.75 -26.84 67.43
CA GLY A 353 -8.96 -26.30 68.75
C GLY A 353 -10.43 -26.23 69.09
N SER A 354 -11.16 -27.30 68.75
CA SER A 354 -12.59 -27.46 69.06
C SER A 354 -12.79 -28.57 70.09
N GLN A 355 -13.23 -28.21 71.30
CA GLN A 355 -13.37 -29.20 72.36
C GLN A 355 -14.60 -30.07 72.14
N ASN A 356 -15.65 -29.46 71.58
CA ASN A 356 -16.95 -30.09 71.35
C ASN A 356 -17.54 -29.65 70.01
N VAL A 357 -18.65 -30.26 69.64
CA VAL A 357 -19.35 -29.93 68.40
C VAL A 357 -19.74 -28.44 68.29
N GLU A 358 -20.17 -27.81 69.38
CA GLU A 358 -20.54 -26.38 69.35
C GLU A 358 -19.36 -25.48 68.99
N ASP A 359 -18.16 -25.85 69.41
CA ASP A 359 -16.97 -25.08 69.02
C ASP A 359 -16.81 -25.08 67.48
N LEU A 360 -17.06 -26.22 66.84
CA LEU A 360 -16.92 -26.35 65.38
C LEU A 360 -17.75 -25.35 64.61
N LYS A 361 -18.92 -25.01 65.15
CA LYS A 361 -19.79 -24.09 64.45
C LYS A 361 -19.29 -22.66 64.55
N GLY A 362 -18.36 -22.40 65.44
CA GLY A 362 -17.76 -21.08 65.55
C GLY A 362 -16.44 -20.87 64.83
N LEU A 363 -15.91 -21.88 64.13
CA LEU A 363 -14.59 -21.77 63.47
C LEU A 363 -14.52 -20.77 62.32
N ASP A 364 -13.45 -19.97 62.32
CA ASP A 364 -13.00 -19.18 61.18
C ASP A 364 -12.62 -20.10 60.02
N LEU A 365 -12.96 -19.68 58.81
CA LEU A 365 -12.48 -20.35 57.62
C LEU A 365 -11.61 -19.37 56.81
N PHE A 366 -10.66 -19.92 56.03
CA PHE A 366 -9.81 -19.17 55.13
C PHE A 366 -10.50 -19.18 53.78
N ASP A 367 -10.74 -18.02 53.18
CA ASP A 367 -11.29 -17.95 51.84
C ASP A 367 -10.14 -18.20 50.83
N ASN A 368 -10.31 -19.25 50.00
CA ASN A 368 -9.41 -19.52 48.89
C ASN A 368 -10.11 -19.14 47.61
N PRO A 369 -9.84 -17.92 47.11
CA PRO A 369 -10.43 -17.55 45.79
C PRO A 369 -9.73 -18.23 44.60
N TYR A 370 -8.69 -19.02 44.83
CA TYR A 370 -7.92 -19.65 43.73
C TYR A 370 -8.54 -20.97 43.27
N GLY A 371 -9.28 -21.61 44.16
CA GLY A 371 -9.94 -22.82 43.80
C GLY A 371 -9.00 -23.98 43.80
N TYR A 372 -9.39 -25.04 43.08
CA TYR A 372 -8.83 -26.36 43.32
C TYR A 372 -7.36 -26.42 42.94
N GLU A 373 -7.02 -25.81 41.81
CA GLU A 373 -5.66 -25.83 41.31
C GLU A 373 -4.76 -24.86 42.10
N TYR A 374 -5.34 -23.89 42.77
CA TYR A 374 -4.61 -23.06 43.72
C TYR A 374 -3.60 -22.21 42.99
N TYR B 8 -17.18 -37.25 -3.29
CA TYR B 8 -17.46 -36.90 -1.85
C TYR B 8 -18.56 -37.82 -1.32
N ASN B 9 -18.23 -38.61 -0.30
CA ASN B 9 -19.12 -39.66 0.19
C ASN B 9 -19.88 -39.30 1.49
N ALA B 10 -20.85 -38.39 1.39
CA ALA B 10 -21.69 -38.04 2.55
C ALA B 10 -22.58 -39.20 2.88
N PRO B 11 -22.97 -39.35 4.15
CA PRO B 11 -23.95 -40.32 4.61
C PRO B 11 -25.32 -40.16 3.96
N SER B 12 -26.05 -41.27 3.85
CA SER B 12 -27.36 -41.24 3.20
C SER B 12 -28.46 -41.90 4.00
N GLU B 13 -28.09 -42.76 4.94
CA GLU B 13 -29.03 -43.35 5.91
C GLU B 13 -29.95 -42.35 6.57
N ILE B 14 -31.23 -42.72 6.68
CA ILE B 14 -32.23 -41.91 7.37
C ILE B 14 -32.86 -42.71 8.49
N LYS B 15 -32.68 -42.26 9.72
CA LYS B 15 -33.25 -42.91 10.89
C LYS B 15 -33.19 -42.03 12.13
N TYR B 16 -34.09 -42.27 13.07
CA TYR B 16 -33.97 -41.67 14.38
C TYR B 16 -32.75 -42.24 15.11
N ILE B 17 -32.30 -41.50 16.11
CA ILE B 17 -31.16 -41.95 16.89
C ILE B 17 -31.41 -41.69 18.35
N ASP B 18 -30.65 -42.46 19.14
CA ASP B 18 -30.67 -42.31 20.56
C ASP B 18 -29.68 -41.20 20.91
N VAL B 19 -30.18 -40.12 21.50
CA VAL B 19 -29.32 -39.03 21.93
C VAL B 19 -29.23 -39.02 23.43
N VAL B 20 -28.03 -39.23 23.93
CA VAL B 20 -27.87 -39.31 25.36
C VAL B 20 -27.45 -37.93 25.86
N ASN B 21 -26.41 -37.39 25.23
CA ASN B 21 -26.04 -35.98 25.32
C ASN B 21 -25.58 -35.64 23.91
N THR B 22 -25.52 -34.35 23.55
CA THR B 22 -25.05 -33.90 22.21
C THR B 22 -23.53 -33.89 21.98
N TYR B 23 -22.72 -34.01 23.02
CA TYR B 23 -21.28 -34.01 22.90
C TYR B 23 -20.77 -35.27 22.25
N ASP B 24 -21.43 -36.39 22.56
CA ASP B 24 -21.09 -37.71 22.01
C ASP B 24 -21.30 -37.79 20.52
N LEU B 25 -22.20 -36.97 19.98
CA LEU B 25 -22.55 -37.07 18.56
C LEU B 25 -21.38 -36.66 17.65
N GLU B 26 -20.52 -35.78 18.17
CA GLU B 26 -19.39 -35.27 17.41
C GLU B 26 -18.48 -36.42 16.98
N GLU B 27 -17.92 -37.12 17.95
CA GLU B 27 -17.07 -38.27 17.68
C GLU B 27 -17.84 -39.31 16.81
N GLU B 28 -19.14 -39.47 17.06
CA GLU B 28 -19.92 -40.46 16.34
C GLU B 28 -20.14 -40.11 14.88
N ALA B 29 -20.29 -38.82 14.59
CA ALA B 29 -20.36 -38.36 13.21
C ALA B 29 -19.00 -38.44 12.53
N SER B 30 -17.90 -38.42 13.29
CA SER B 30 -16.59 -38.50 12.67
C SER B 30 -16.44 -39.85 11.97
N LYS B 31 -17.05 -40.90 12.50
CA LYS B 31 -16.98 -42.24 11.90
C LYS B 31 -17.55 -42.30 10.48
N VAL B 32 -18.66 -41.59 10.20
CA VAL B 32 -19.28 -41.65 8.86
C VAL B 32 -19.20 -40.39 8.00
N VAL B 33 -18.39 -39.40 8.37
CA VAL B 33 -18.28 -38.19 7.57
C VAL B 33 -16.86 -38.06 7.04
N PRO B 34 -16.73 -37.68 5.76
CA PRO B 34 -15.36 -37.63 5.20
C PRO B 34 -14.51 -36.59 5.91
N HIS B 35 -13.27 -36.97 6.19
CA HIS B 35 -12.35 -36.21 7.02
C HIS B 35 -12.44 -34.66 6.87
N GLY B 36 -12.24 -34.17 5.66
CA GLY B 36 -12.23 -32.73 5.38
C GLY B 36 -13.52 -32.01 5.73
N GLY B 37 -14.64 -32.57 5.30
CA GLY B 37 -15.93 -31.96 5.51
C GLY B 37 -16.29 -31.98 6.98
N PHE B 38 -15.88 -33.03 7.66
CA PHE B 38 -16.19 -33.19 9.08
C PHE B 38 -15.44 -32.15 9.91
N ASN B 39 -14.18 -31.96 9.55
CA ASN B 39 -13.30 -31.13 10.31
C ASN B 39 -13.59 -29.66 9.94
N TYR B 40 -14.19 -29.44 8.77
CA TYR B 40 -14.68 -28.13 8.40
C TYR B 40 -15.88 -27.81 9.28
N ILE B 41 -16.72 -28.82 9.55
CA ILE B 41 -17.83 -28.65 10.47
C ILE B 41 -17.38 -28.46 11.92
N ALA B 42 -16.49 -29.33 12.39
CA ALA B 42 -16.20 -29.42 13.82
C ALA B 42 -15.27 -28.32 14.33
N GLY B 43 -14.31 -27.92 13.50
CA GLY B 43 -13.25 -27.03 13.92
C GLY B 43 -13.61 -25.56 14.02
N ALA B 44 -12.60 -24.79 14.43
CA ALA B 44 -12.80 -23.40 14.81
C ALA B 44 -11.47 -22.70 14.77
N SER B 45 -11.42 -21.43 15.17
CA SER B 45 -10.25 -20.64 14.87
C SER B 45 -9.11 -20.97 15.85
N GLY B 46 -7.86 -20.80 15.38
CA GLY B 46 -6.65 -21.11 16.17
C GLY B 46 -6.51 -22.53 16.73
N ASP B 47 -6.12 -22.60 18.00
CA ASP B 47 -6.09 -23.89 18.76
C ASP B 47 -7.48 -24.19 19.32
N GLU B 48 -8.47 -23.37 18.97
CA GLU B 48 -9.84 -23.64 19.34
C GLU B 48 -10.14 -23.34 20.82
N TRP B 49 -9.24 -22.57 21.42
CA TRP B 49 -9.46 -22.07 22.76
C TRP B 49 -10.76 -21.30 22.89
N THR B 50 -11.14 -20.50 21.92
CA THR B 50 -12.38 -19.77 22.08
C THR B 50 -13.60 -20.70 21.86
N LYS B 51 -13.46 -21.78 21.09
CA LYS B 51 -14.55 -22.80 21.09
C LYS B 51 -14.70 -23.45 22.46
N ARG B 52 -13.59 -23.67 23.14
CA ARG B 52 -13.64 -24.22 24.50
C ARG B 52 -14.24 -23.19 25.48
N ALA B 53 -13.88 -21.90 25.32
CA ALA B 53 -14.54 -20.86 26.12
C ALA B 53 -16.05 -20.84 25.93
N ASN B 54 -16.52 -21.02 24.68
CA ASN B 54 -17.99 -21.07 24.45
C ASN B 54 -18.68 -22.14 25.29
N ASP B 55 -18.04 -23.31 25.42
CA ASP B 55 -18.58 -24.46 26.18
C ASP B 55 -18.49 -24.29 27.70
N ARG B 56 -17.30 -23.87 28.13
CA ARG B 56 -17.04 -23.67 29.53
C ARG B 56 -17.75 -22.47 30.18
N ALA B 57 -18.22 -21.52 29.40
CA ALA B 57 -18.85 -20.31 29.94
C ALA B 57 -20.18 -20.61 30.63
N TRP B 58 -20.85 -21.64 30.15
CA TRP B 58 -21.99 -22.18 30.85
C TRP B 58 -21.75 -22.49 32.36
N LYS B 59 -20.51 -22.80 32.73
CA LYS B 59 -20.17 -23.06 34.13
C LYS B 59 -19.92 -21.82 34.97
N HIS B 60 -20.05 -20.65 34.34
CA HIS B 60 -19.89 -19.37 35.04
C HIS B 60 -21.17 -18.94 35.71
N LYS B 61 -22.30 -19.50 35.27
CA LYS B 61 -23.61 -19.17 35.85
C LYS B 61 -24.31 -20.48 35.99
N LEU B 62 -24.66 -20.84 37.22
CA LEU B 62 -25.15 -22.15 37.54
C LEU B 62 -26.61 -22.07 37.99
N LEU B 63 -27.39 -23.06 37.56
CA LEU B 63 -28.81 -23.09 37.88
C LEU B 63 -29.04 -23.60 39.30
N TYR B 64 -30.11 -23.08 39.90
CA TYR B 64 -30.61 -23.52 41.20
C TYR B 64 -31.75 -24.54 41.00
N PRO B 65 -31.70 -25.68 41.72
CA PRO B 65 -32.99 -26.41 41.72
C PRO B 65 -33.93 -25.72 42.70
N ARG B 66 -35.23 -25.74 42.43
CA ARG B 66 -36.20 -25.07 43.28
C ARG B 66 -37.29 -26.07 43.60
N LEU B 67 -37.79 -26.04 44.83
CA LEU B 67 -38.69 -27.09 45.35
C LEU B 67 -40.06 -26.54 45.70
N ALA B 68 -41.04 -27.43 45.81
CA ALA B 68 -42.44 -27.03 46.06
C ALA B 68 -42.86 -25.81 45.26
N GLN B 69 -42.53 -25.84 43.97
CA GLN B 69 -42.85 -24.76 43.04
C GLN B 69 -44.24 -24.88 42.39
N ASP B 70 -44.98 -25.94 42.69
CA ASP B 70 -46.31 -26.14 42.10
C ASP B 70 -46.25 -26.16 40.56
N VAL B 71 -45.38 -26.98 40.00
CA VAL B 71 -45.17 -27.09 38.55
C VAL B 71 -45.40 -28.53 38.14
N GLU B 72 -45.98 -28.70 36.96
CA GLU B 72 -46.23 -30.01 36.37
C GLU B 72 -46.34 -29.83 34.86
N ALA B 73 -45.75 -30.74 34.07
CA ALA B 73 -45.93 -30.70 32.61
C ALA B 73 -45.62 -29.32 32.05
N PRO B 74 -44.40 -28.81 32.22
CA PRO B 74 -44.13 -27.49 31.65
C PRO B 74 -44.18 -27.41 30.11
N ASP B 75 -44.47 -26.18 29.69
CA ASP B 75 -44.81 -25.82 28.33
C ASP B 75 -43.61 -25.10 27.74
N THR B 76 -42.97 -25.72 26.76
CA THR B 76 -41.84 -25.10 26.11
C THR B 76 -42.20 -24.20 24.91
N SER B 77 -43.48 -24.05 24.62
CA SER B 77 -43.85 -23.29 23.45
C SER B 77 -43.54 -21.80 23.70
N THR B 78 -43.29 -21.04 22.62
CA THR B 78 -43.04 -19.58 22.71
C THR B 78 -43.27 -18.94 21.34
N GLU B 79 -43.08 -17.64 21.25
CA GLU B 79 -43.44 -16.90 20.05
C GLU B 79 -42.40 -15.82 19.75
N ILE B 80 -41.90 -15.78 18.51
CA ILE B 80 -40.91 -14.77 18.14
C ILE B 80 -41.28 -14.09 16.81
N LEU B 81 -41.46 -12.79 16.87
CA LEU B 81 -41.96 -12.03 15.72
C LEU B 81 -43.14 -12.71 15.08
N GLY B 82 -44.10 -13.09 15.91
CA GLY B 82 -45.34 -13.67 15.43
C GLY B 82 -45.26 -15.09 14.91
N HIS B 83 -44.16 -15.79 15.16
CA HIS B 83 -44.08 -17.21 14.81
C HIS B 83 -44.27 -18.06 16.07
N LYS B 84 -45.37 -18.80 16.15
CA LYS B 84 -45.50 -19.79 17.21
C LYS B 84 -44.61 -20.99 16.91
N ILE B 85 -43.83 -21.38 17.92
CA ILE B 85 -42.83 -22.45 17.82
C ILE B 85 -42.85 -23.31 19.10
N LYS B 86 -42.45 -24.58 18.98
CA LYS B 86 -42.66 -25.53 20.08
C LYS B 86 -41.70 -25.36 21.25
N ALA B 87 -40.57 -24.71 21.00
CA ALA B 87 -39.58 -24.51 22.04
C ALA B 87 -38.83 -23.20 21.76
N PRO B 88 -38.19 -22.61 22.78
CA PRO B 88 -37.44 -21.38 22.51
C PRO B 88 -36.11 -21.61 21.78
N PHE B 89 -36.08 -22.45 20.77
CA PHE B 89 -34.89 -22.50 19.94
C PHE B 89 -35.27 -22.55 18.47
N ILE B 90 -34.37 -22.05 17.63
CA ILE B 90 -34.52 -22.09 16.18
C ILE B 90 -33.30 -22.69 15.51
N MET B 91 -33.39 -23.00 14.22
CA MET B 91 -32.24 -23.63 13.56
C MET B 91 -31.35 -22.49 13.11
N ALA B 92 -30.04 -22.60 13.33
CA ALA B 92 -29.12 -21.54 12.94
C ALA B 92 -28.65 -21.71 11.49
N PRO B 93 -28.27 -20.61 10.86
CA PRO B 93 -27.86 -20.71 9.48
C PRO B 93 -26.50 -21.31 9.36
N ILE B 94 -26.40 -22.31 8.51
CA ILE B 94 -25.17 -23.05 8.35
C ILE B 94 -25.03 -23.46 6.90
N ALA B 95 -23.82 -23.29 6.39
CA ALA B 95 -23.57 -23.54 4.98
C ALA B 95 -23.39 -25.01 4.72
N ALA B 96 -23.63 -25.39 3.48
CA ALA B 96 -23.07 -26.63 2.97
C ALA B 96 -23.43 -27.87 3.78
N HIS B 97 -24.73 -28.02 4.05
CA HIS B 97 -25.23 -29.18 4.79
C HIS B 97 -24.90 -30.51 4.06
N GLY B 98 -24.77 -30.45 2.74
CA GLY B 98 -24.40 -31.62 1.98
C GLY B 98 -23.11 -32.27 2.44
N LEU B 99 -22.34 -31.59 3.28
CA LEU B 99 -21.09 -32.17 3.81
C LEU B 99 -21.39 -33.17 4.93
N ALA B 100 -22.54 -33.00 5.55
CA ALA B 100 -23.02 -33.86 6.62
C ALA B 100 -23.91 -34.99 6.09
N HIS B 101 -24.72 -34.70 5.07
CA HIS B 101 -25.69 -35.66 4.60
C HIS B 101 -26.21 -35.36 3.20
N ALA B 102 -26.29 -36.43 2.37
CA ALA B 102 -26.81 -36.35 1.01
C ALA B 102 -28.12 -35.52 0.86
N THR B 103 -29.13 -35.75 1.69
CA THR B 103 -30.37 -34.92 1.63
C THR B 103 -30.09 -33.43 1.88
N LYS B 104 -28.92 -33.16 2.48
CA LYS B 104 -28.37 -31.81 2.63
C LYS B 104 -29.39 -30.86 3.29
N GLU B 105 -29.52 -29.63 2.82
CA GLU B 105 -30.38 -28.64 3.48
C GLU B 105 -31.87 -28.98 3.44
N ALA B 106 -32.29 -29.85 2.53
CA ALA B 106 -33.72 -30.29 2.49
C ALA B 106 -34.11 -31.21 3.67
N GLY B 107 -33.19 -32.09 4.04
CA GLY B 107 -33.37 -32.94 5.21
C GLY B 107 -33.48 -32.13 6.49
N THR B 108 -32.59 -31.16 6.65
CA THR B 108 -32.64 -30.33 7.83
C THR B 108 -33.94 -29.55 7.91
N ALA B 109 -34.34 -28.96 6.79
CA ALA B 109 -35.63 -28.29 6.66
C ALA B 109 -36.81 -29.17 7.09
N ARG B 110 -36.82 -30.41 6.64
CA ARG B 110 -37.89 -31.33 7.00
C ARG B 110 -37.93 -31.53 8.52
N ALA B 111 -36.77 -31.76 9.12
CA ALA B 111 -36.62 -31.91 10.58
C ALA B 111 -37.21 -30.74 11.35
N VAL B 112 -36.80 -29.55 10.94
CA VAL B 112 -37.12 -28.33 11.68
C VAL B 112 -38.60 -28.03 11.56
N SER B 113 -39.10 -28.27 10.35
CA SER B 113 -40.48 -27.97 10.03
C SER B 113 -41.40 -28.92 10.76
N GLU B 114 -41.02 -30.18 10.83
CA GLU B 114 -41.82 -31.19 11.54
C GLU B 114 -41.79 -30.94 13.04
N PHE B 115 -40.59 -30.66 13.55
CA PHE B 115 -40.47 -30.30 14.96
C PHE B 115 -41.37 -29.11 15.37
N GLY B 116 -41.53 -28.12 14.47
CA GLY B 116 -42.34 -26.94 14.73
C GLY B 116 -41.50 -25.77 15.23
N THR B 117 -40.34 -25.56 14.62
CA THR B 117 -39.61 -24.32 14.83
C THR B 117 -39.23 -23.66 13.47
N ILE B 118 -38.38 -22.62 13.51
CA ILE B 118 -37.96 -21.84 12.34
C ILE B 118 -36.66 -22.33 11.72
N MET B 119 -36.62 -22.34 10.40
CA MET B 119 -35.42 -22.70 9.64
C MET B 119 -34.68 -21.43 9.19
N SER B 120 -33.38 -21.36 9.48
CA SER B 120 -32.55 -20.31 8.92
C SER B 120 -31.77 -20.79 7.70
N ILE B 121 -32.02 -20.15 6.56
CA ILE B 121 -31.34 -20.52 5.35
C ILE B 121 -30.07 -19.70 5.16
N SER B 122 -28.95 -20.41 4.99
CA SER B 122 -27.63 -19.83 4.66
C SER B 122 -27.57 -19.43 3.21
N ALA B 123 -26.85 -18.37 2.93
CA ALA B 123 -26.61 -17.94 1.55
C ALA B 123 -25.63 -18.88 0.93
N TYR B 124 -24.79 -19.51 1.76
CA TYR B 124 -23.85 -20.49 1.26
C TYR B 124 -24.47 -21.90 1.34
N SER B 125 -25.79 -21.98 1.22
CA SER B 125 -26.41 -23.27 1.11
C SER B 125 -25.95 -23.94 -0.19
N GLY B 126 -25.92 -25.27 -0.19
CA GLY B 126 -25.71 -26.07 -1.39
C GLY B 126 -27.00 -26.56 -2.05
N ALA B 127 -28.15 -26.36 -1.41
CA ALA B 127 -29.46 -26.56 -2.07
C ALA B 127 -29.97 -25.22 -2.59
N THR B 128 -30.87 -25.30 -3.57
CA THR B 128 -31.50 -24.14 -4.14
C THR B 128 -32.64 -23.79 -3.22
N PHE B 129 -33.29 -22.66 -3.49
CA PHE B 129 -34.46 -22.25 -2.72
C PHE B 129 -35.62 -23.22 -2.87
N GLU B 130 -35.71 -23.89 -4.02
CA GLU B 130 -36.88 -24.70 -4.31
C GLU B 130 -36.72 -26.08 -3.63
N GLU B 131 -35.49 -26.61 -3.61
CA GLU B 131 -35.19 -27.88 -2.95
C GLU B 131 -35.49 -27.80 -1.43
N ILE B 132 -35.01 -26.73 -0.81
CA ILE B 132 -35.25 -26.49 0.62
C ILE B 132 -36.74 -26.34 0.85
N SER B 133 -37.34 -25.42 0.13
CA SER B 133 -38.77 -25.17 0.23
C SER B 133 -39.61 -26.49 0.22
N GLU B 134 -39.10 -27.50 -0.45
CA GLU B 134 -39.81 -28.76 -0.55
C GLU B 134 -39.79 -29.53 0.78
N GLY B 135 -38.62 -29.66 1.38
CA GLY B 135 -38.50 -30.16 2.76
C GLY B 135 -39.33 -29.39 3.78
N LEU B 136 -39.36 -28.06 3.66
CA LEU B 136 -40.12 -27.22 4.61
C LEU B 136 -41.61 -27.38 4.55
N ASN B 137 -42.12 -27.87 3.41
CA ASN B 137 -43.55 -28.05 3.19
C ASN B 137 -44.42 -26.97 3.87
N GLY B 138 -44.01 -25.72 3.74
CA GLY B 138 -44.76 -24.58 4.31
C GLY B 138 -44.30 -24.03 5.64
N GLY B 139 -43.32 -24.65 6.27
CA GLY B 139 -42.83 -24.14 7.54
C GLY B 139 -42.14 -22.79 7.40
N PRO B 140 -42.15 -21.99 8.48
CA PRO B 140 -41.53 -20.67 8.39
C PRO B 140 -39.98 -20.71 8.25
N ARG B 141 -39.45 -19.75 7.51
CA ARG B 141 -38.02 -19.65 7.21
C ARG B 141 -37.55 -18.21 7.29
N TRP B 142 -36.28 -18.07 7.63
CA TRP B 142 -35.63 -16.79 7.73
C TRP B 142 -34.49 -16.94 6.74
N PHE B 143 -34.14 -15.87 6.01
CA PHE B 143 -32.99 -15.98 5.07
C PHE B 143 -31.79 -15.25 5.61
N GLN B 144 -30.65 -15.92 5.56
CA GLN B 144 -29.40 -15.33 6.05
C GLN B 144 -28.47 -14.96 4.91
N ILE B 145 -28.16 -13.67 4.85
CA ILE B 145 -27.38 -13.10 3.76
C ILE B 145 -25.93 -12.94 4.14
N TYR B 146 -25.07 -13.36 3.23
CA TYR B 146 -23.73 -12.83 3.15
C TYR B 146 -23.74 -11.92 1.93
N MET B 147 -23.54 -10.62 2.15
CA MET B 147 -23.77 -9.59 1.14
C MET B 147 -22.80 -9.72 -0.01
N ALA B 148 -23.24 -9.38 -1.19
CA ALA B 148 -22.32 -9.23 -2.32
C ALA B 148 -21.75 -7.83 -2.28
N LYS B 149 -20.63 -7.63 -2.96
CA LYS B 149 -20.14 -6.26 -3.15
C LYS B 149 -21.09 -5.40 -4.00
N ASP B 150 -21.83 -6.01 -4.91
CA ASP B 150 -22.66 -5.27 -5.84
C ASP B 150 -24.11 -5.14 -5.35
N ASP B 151 -24.58 -3.89 -5.23
CA ASP B 151 -25.93 -3.56 -4.72
C ASP B 151 -27.05 -4.27 -5.43
N GLN B 152 -26.97 -4.28 -6.75
CA GLN B 152 -27.97 -4.94 -7.57
C GLN B 152 -28.16 -6.42 -7.15
N GLN B 153 -27.05 -7.13 -6.98
CA GLN B 153 -27.08 -8.54 -6.62
C GLN B 153 -27.61 -8.80 -5.21
N ASN B 154 -27.46 -7.83 -4.31
CA ASN B 154 -28.07 -7.88 -2.98
C ASN B 154 -29.58 -7.75 -3.03
N ARG B 155 -30.06 -6.79 -3.80
CA ARG B 155 -31.49 -6.67 -4.10
C ARG B 155 -32.04 -7.94 -4.75
N ASP B 156 -31.25 -8.56 -5.61
CA ASP B 156 -31.69 -9.76 -6.31
C ASP B 156 -31.94 -10.93 -5.35
N ILE B 157 -30.92 -11.20 -4.53
CA ILE B 157 -30.95 -12.30 -3.56
C ILE B 157 -32.11 -12.13 -2.59
N LEU B 158 -32.31 -10.91 -2.12
CA LEU B 158 -33.38 -10.62 -1.20
C LEU B 158 -34.70 -10.80 -1.88
N ASP B 159 -34.83 -10.35 -3.12
CA ASP B 159 -36.09 -10.58 -3.86
C ASP B 159 -36.41 -12.08 -3.95
N GLU B 160 -35.40 -12.89 -4.24
CA GLU B 160 -35.59 -14.34 -4.36
C GLU B 160 -35.96 -14.93 -2.99
N ALA B 161 -35.33 -14.43 -1.93
CA ALA B 161 -35.62 -14.93 -0.57
C ALA B 161 -37.00 -14.54 -0.08
N LYS B 162 -37.50 -13.39 -0.46
CA LYS B 162 -38.81 -12.97 0.03
C LYS B 162 -39.88 -13.77 -0.73
N GLY B 163 -39.73 -13.86 -2.05
CA GLY B 163 -40.61 -14.65 -2.92
C GLY B 163 -40.82 -16.12 -2.54
N ASP B 164 -39.72 -16.76 -2.16
CA ASP B 164 -39.69 -18.13 -1.60
C ASP B 164 -40.36 -18.28 -0.20
N GLY B 165 -40.60 -17.16 0.50
CA GLY B 165 -41.41 -17.14 1.72
C GLY B 165 -40.78 -16.58 2.98
N ALA B 166 -39.48 -16.27 2.94
CA ALA B 166 -38.75 -15.83 4.12
C ALA B 166 -39.48 -14.72 4.82
N THR B 167 -39.66 -14.83 6.13
CA THR B 167 -40.33 -13.75 6.90
C THR B 167 -39.40 -12.83 7.72
N ALA B 168 -38.09 -13.05 7.63
CA ALA B 168 -37.08 -12.21 8.28
C ALA B 168 -35.75 -12.40 7.60
N ILE B 169 -34.92 -11.35 7.60
CA ILE B 169 -33.58 -11.42 7.01
C ILE B 169 -32.53 -11.32 8.10
N ILE B 170 -31.52 -12.20 8.02
CA ILE B 170 -30.44 -12.21 9.00
C ILE B 170 -29.14 -11.77 8.34
N LEU B 171 -28.57 -10.68 8.81
CA LEU B 171 -27.32 -10.17 8.27
C LEU B 171 -26.12 -10.66 9.09
N THR B 172 -25.42 -11.64 8.56
CA THR B 172 -24.24 -12.10 9.21
C THR B 172 -23.07 -11.19 8.84
N ALA B 173 -22.58 -10.47 9.85
CA ALA B 173 -21.66 -9.39 9.63
C ALA B 173 -20.35 -9.60 10.32
N ASP B 174 -20.13 -10.79 10.87
CA ASP B 174 -18.90 -11.04 11.63
C ASP B 174 -17.86 -11.79 10.83
N SER B 175 -18.06 -11.83 9.51
CA SER B 175 -17.22 -12.65 8.63
C SER B 175 -16.79 -11.91 7.37
N THR B 176 -16.39 -10.67 7.55
CA THR B 176 -15.95 -9.84 6.44
C THR B 176 -14.66 -10.45 5.86
N VAL B 177 -13.82 -11.04 6.71
CA VAL B 177 -12.89 -12.07 6.25
C VAL B 177 -13.02 -13.31 7.10
N SER B 178 -12.48 -14.41 6.61
CA SER B 178 -12.52 -15.67 7.32
C SER B 178 -11.79 -15.66 8.68
N GLY B 179 -12.27 -16.51 9.60
CA GLY B 179 -11.46 -16.92 10.76
C GLY B 179 -10.20 -17.65 10.27
N ASN B 180 -9.23 -17.79 11.16
CA ASN B 180 -8.02 -18.55 10.92
C ASN B 180 -8.27 -19.97 11.37
N ARG B 181 -8.97 -20.71 10.53
CA ARG B 181 -9.38 -22.06 10.87
C ARG B 181 -8.28 -23.06 10.50
N ASP B 182 -7.48 -23.42 11.49
CA ASP B 182 -6.28 -24.24 11.31
C ASP B 182 -6.58 -25.61 10.73
N ARG B 183 -7.67 -26.24 11.10
CA ARG B 183 -7.96 -27.59 10.56
C ARG B 183 -8.11 -27.56 9.07
N ASP B 184 -8.80 -26.55 8.57
CA ASP B 184 -9.15 -26.41 7.14
C ASP B 184 -7.92 -26.04 6.30
N VAL B 185 -6.97 -25.29 6.86
CA VAL B 185 -5.77 -24.99 6.10
C VAL B 185 -4.94 -26.27 5.93
N LYS B 186 -4.72 -26.98 7.04
CA LYS B 186 -3.96 -28.23 7.07
C LYS B 186 -4.54 -29.34 6.20
N ASN B 187 -5.85 -29.37 6.07
CA ASN B 187 -6.53 -30.32 5.20
C ASN B 187 -6.71 -29.79 3.78
N LYS B 188 -6.14 -28.61 3.46
CA LYS B 188 -6.46 -27.83 2.25
C LYS B 188 -7.93 -28.00 1.85
N PHE B 189 -8.83 -27.80 2.81
CA PHE B 189 -10.25 -28.05 2.57
C PHE B 189 -10.87 -27.09 1.55
N VAL B 190 -11.61 -27.66 0.59
CA VAL B 190 -12.36 -26.86 -0.38
C VAL B 190 -13.71 -27.50 -0.58
N TYR B 191 -14.68 -26.74 -1.06
CA TYR B 191 -16.04 -27.26 -1.20
C TYR B 191 -16.14 -28.24 -2.37
N PRO B 192 -16.80 -29.39 -2.15
CA PRO B 192 -16.98 -30.42 -3.18
C PRO B 192 -18.25 -30.26 -4.07
N PHE B 193 -19.02 -29.20 -3.85
CA PHE B 193 -20.18 -28.93 -4.68
C PHE B 193 -20.39 -27.43 -4.73
N GLY B 194 -21.31 -26.98 -5.59
CA GLY B 194 -21.64 -25.57 -5.75
C GLY B 194 -22.61 -25.02 -4.70
N MET B 195 -22.72 -23.69 -4.69
CA MET B 195 -23.63 -22.96 -3.82
C MET B 195 -24.48 -22.13 -4.74
N PRO B 196 -25.65 -22.63 -5.10
CA PRO B 196 -26.34 -21.96 -6.18
C PRO B 196 -26.68 -20.53 -5.90
N ILE B 197 -27.04 -20.21 -4.66
CA ILE B 197 -27.61 -18.90 -4.36
C ILE B 197 -26.59 -17.78 -4.49
N VAL B 198 -25.34 -17.98 -4.06
CA VAL B 198 -24.32 -16.91 -4.16
C VAL B 198 -23.41 -16.97 -5.40
N GLN B 199 -23.46 -18.07 -6.17
CA GLN B 199 -22.71 -18.27 -7.43
C GLN B 199 -22.47 -16.99 -8.28
N ARG B 200 -23.51 -16.18 -8.44
CA ARG B 200 -23.42 -14.97 -9.28
C ARG B 200 -22.18 -14.08 -9.04
N TYR B 201 -21.73 -13.96 -7.79
CA TYR B 201 -20.62 -13.06 -7.43
C TYR B 201 -19.31 -13.74 -7.06
N LEU B 202 -19.26 -15.06 -7.20
CA LEU B 202 -17.97 -15.78 -7.22
C LEU B 202 -17.62 -15.80 -8.70
N ARG B 203 -16.35 -15.76 -9.06
CA ARG B 203 -16.05 -15.68 -10.50
C ARG B 203 -15.94 -17.11 -11.04
N GLY B 204 -17.02 -17.85 -10.82
CA GLY B 204 -17.09 -19.27 -11.12
C GLY B 204 -18.16 -19.98 -10.28
N THR B 205 -17.79 -21.18 -9.82
CA THR B 205 -18.64 -21.98 -8.91
C THR B 205 -17.93 -22.04 -7.57
N ALA B 206 -18.67 -22.10 -6.46
CA ALA B 206 -18.08 -22.36 -5.13
C ALA B 206 -17.27 -23.69 -5.03
N GLU B 207 -17.60 -24.69 -5.87
CA GLU B 207 -16.79 -25.94 -6.00
C GLU B 207 -15.29 -25.67 -6.31
N GLY B 208 -14.41 -26.32 -5.54
CA GLY B 208 -12.97 -26.12 -5.67
C GLY B 208 -12.38 -24.87 -5.02
N MET B 209 -13.25 -24.02 -4.46
CA MET B 209 -12.83 -22.82 -3.73
C MET B 209 -12.76 -23.01 -2.21
N SER B 210 -11.76 -22.38 -1.61
CA SER B 210 -11.66 -22.24 -0.17
C SER B 210 -12.67 -21.20 0.37
N LEU B 211 -13.03 -21.35 1.64
CA LEU B 211 -13.92 -20.41 2.30
C LEU B 211 -13.31 -18.99 2.40
N ASN B 212 -11.98 -18.88 2.39
CA ASN B 212 -11.31 -17.58 2.45
C ASN B 212 -11.58 -16.71 1.23
N ASN B 213 -11.43 -17.34 0.06
CA ASN B 213 -11.76 -16.72 -1.22
C ASN B 213 -13.26 -16.48 -1.44
N ILE B 214 -14.10 -17.36 -0.85
CA ILE B 214 -15.54 -17.12 -0.92
C ILE B 214 -15.95 -15.92 -0.06
N PHE B 215 -15.57 -15.93 1.22
CA PHE B 215 -15.75 -14.74 2.07
C PHE B 215 -15.12 -13.49 1.41
N GLY B 216 -13.96 -13.68 0.76
CA GLY B 216 -13.23 -12.64 0.01
C GLY B 216 -14.02 -11.90 -1.05
N ALA B 217 -14.91 -12.61 -1.76
CA ALA B 217 -15.81 -12.04 -2.79
C ALA B 217 -16.98 -11.21 -2.19
N SER B 218 -17.46 -11.65 -1.04
CA SER B 218 -18.50 -10.97 -0.28
C SER B 218 -18.03 -9.63 0.24
N LYS B 219 -18.99 -8.85 0.70
CA LYS B 219 -18.70 -7.51 1.08
C LYS B 219 -17.89 -7.48 2.36
N GLN B 220 -16.75 -6.80 2.28
CA GLN B 220 -15.91 -6.50 3.43
C GLN B 220 -16.40 -5.23 4.13
N LYS B 221 -16.75 -4.24 3.33
CA LYS B 221 -16.90 -2.91 3.86
C LYS B 221 -18.32 -2.68 4.37
N ILE B 222 -18.82 -3.64 5.16
CA ILE B 222 -20.18 -3.50 5.72
C ILE B 222 -20.21 -2.33 6.70
N SER B 223 -21.16 -1.41 6.49
CA SER B 223 -21.39 -0.22 7.34
C SER B 223 -22.84 -0.25 7.82
N PRO B 224 -23.20 0.67 8.73
CA PRO B 224 -24.58 0.72 9.23
C PRO B 224 -25.62 0.99 8.18
N ARG B 225 -25.23 1.58 7.05
CA ARG B 225 -26.17 1.82 5.95
C ARG B 225 -26.56 0.54 5.29
N ASP B 226 -25.69 -0.47 5.34
CA ASP B 226 -26.06 -1.76 4.79
C ASP B 226 -27.28 -2.32 5.52
N ILE B 227 -27.38 -2.06 6.82
CA ILE B 227 -28.58 -2.46 7.58
C ILE B 227 -29.86 -1.71 7.14
N GLU B 228 -29.79 -0.37 7.05
CA GLU B 228 -30.93 0.48 6.65
C GLU B 228 -31.46 -0.05 5.33
N GLU B 229 -30.53 -0.35 4.43
CA GLU B 229 -30.83 -0.67 3.00
C GLU B 229 -31.55 -2.02 2.82
N ILE B 230 -31.13 -3.02 3.61
CA ILE B 230 -31.73 -4.35 3.58
C ILE B 230 -33.17 -4.23 4.15
N ALA B 231 -33.31 -3.50 5.26
CA ALA B 231 -34.64 -3.25 5.83
C ALA B 231 -35.52 -2.59 4.78
N ALA B 232 -35.03 -1.50 4.19
CA ALA B 232 -35.81 -0.73 3.22
C ALA B 232 -36.18 -1.57 1.99
N HIS B 233 -35.19 -2.20 1.35
CA HIS B 233 -35.48 -3.06 0.20
C HIS B 233 -36.43 -4.24 0.55
N SER B 234 -36.05 -5.07 1.50
CA SER B 234 -36.83 -6.29 1.86
C SER B 234 -38.26 -6.03 2.37
N GLY B 235 -38.44 -4.96 3.13
CA GLY B 235 -39.66 -4.73 3.94
C GLY B 235 -39.84 -5.74 5.10
N LEU B 236 -38.77 -6.48 5.39
CA LEU B 236 -38.82 -7.52 6.42
C LEU B 236 -37.98 -7.18 7.63
N PRO B 237 -38.37 -7.69 8.81
CA PRO B 237 -37.52 -7.46 9.99
C PRO B 237 -36.13 -8.05 9.80
N VAL B 238 -35.13 -7.25 10.17
CA VAL B 238 -33.73 -7.59 9.96
C VAL B 238 -33.07 -7.87 11.30
N PHE B 239 -32.48 -9.06 11.43
CA PHE B 239 -31.57 -9.39 12.52
C PHE B 239 -30.16 -9.06 12.10
N VAL B 240 -29.40 -8.46 13.00
CA VAL B 240 -27.94 -8.36 12.84
C VAL B 240 -27.20 -9.41 13.68
N LYS B 241 -26.37 -10.22 13.04
CA LYS B 241 -25.78 -11.43 13.62
C LYS B 241 -24.30 -11.42 13.71
N GLY B 242 -23.82 -11.84 14.89
CA GLY B 242 -22.40 -11.86 15.29
C GLY B 242 -22.03 -10.89 16.43
N ILE B 243 -23.03 -10.33 17.10
CA ILE B 243 -22.74 -9.31 18.11
C ILE B 243 -22.17 -9.91 19.42
N GLN B 244 -21.14 -9.25 19.93
CA GLN B 244 -20.49 -9.61 21.20
C GLN B 244 -20.22 -8.34 22.03
N HIS B 245 -20.35 -7.17 21.41
CA HIS B 245 -20.08 -5.90 22.04
C HIS B 245 -21.39 -5.11 22.08
N PRO B 246 -21.80 -4.65 23.27
CA PRO B 246 -23.04 -3.92 23.47
C PRO B 246 -23.24 -2.74 22.55
N GLU B 247 -22.19 -1.96 22.29
CA GLU B 247 -22.27 -0.84 21.34
C GLU B 247 -22.81 -1.22 19.97
N ASP B 248 -22.51 -2.45 19.51
CA ASP B 248 -22.98 -2.89 18.20
C ASP B 248 -24.50 -3.09 18.21
N ALA B 249 -25.03 -3.48 19.36
CA ALA B 249 -26.48 -3.53 19.56
C ALA B 249 -27.18 -2.17 19.44
N ASP B 250 -26.68 -1.16 20.14
CA ASP B 250 -27.12 0.22 19.92
C ASP B 250 -27.04 0.62 18.45
N MET B 251 -25.98 0.23 17.77
CA MET B 251 -25.70 0.68 16.41
C MET B 251 -26.68 0.04 15.45
N ALA B 252 -27.00 -1.23 15.72
CA ALA B 252 -27.85 -2.00 14.82
C ALA B 252 -29.27 -1.52 14.98
N ILE B 253 -29.65 -1.26 16.21
CA ILE B 253 -31.03 -0.84 16.44
C ILE B 253 -31.19 0.54 15.86
N LYS B 254 -30.17 1.37 16.02
CA LYS B 254 -30.21 2.73 15.48
C LYS B 254 -30.29 2.71 13.94
N ALA B 255 -29.68 1.71 13.29
CA ALA B 255 -29.80 1.46 11.84
C ALA B 255 -31.09 0.75 11.40
N GLY B 256 -32.04 0.51 12.30
CA GLY B 256 -33.30 -0.13 11.91
C GLY B 256 -33.41 -1.66 12.04
N ALA B 257 -32.43 -2.31 12.66
CA ALA B 257 -32.56 -3.74 12.97
C ALA B 257 -33.77 -3.96 13.85
N SER B 258 -34.48 -5.06 13.59
CA SER B 258 -35.59 -5.50 14.42
C SER B 258 -35.19 -6.66 15.32
N GLY B 259 -33.91 -7.00 15.35
CA GLY B 259 -33.44 -8.08 16.19
C GLY B 259 -31.96 -8.07 16.34
N ILE B 260 -31.50 -8.54 17.49
CA ILE B 260 -30.08 -8.69 17.80
C ILE B 260 -29.74 -10.17 17.99
N TRP B 261 -28.76 -10.68 17.26
CA TRP B 261 -28.44 -12.09 17.32
C TRP B 261 -27.05 -12.15 17.82
N VAL B 262 -26.91 -12.44 19.11
CA VAL B 262 -25.62 -12.49 19.80
C VAL B 262 -24.92 -13.75 19.37
N SER B 263 -23.65 -13.65 18.96
CA SER B 263 -22.96 -14.82 18.39
C SER B 263 -21.48 -14.55 18.15
N ASN B 264 -20.66 -15.60 18.23
CA ASN B 264 -19.27 -15.52 17.77
C ASN B 264 -18.93 -16.54 16.69
N HIS B 265 -19.98 -16.94 15.97
CA HIS B 265 -19.86 -17.91 14.85
C HIS B 265 -19.34 -19.22 15.37
N GLY B 266 -19.93 -19.72 16.44
CA GLY B 266 -19.44 -20.96 17.04
C GLY B 266 -17.92 -21.01 17.06
N ALA B 267 -17.31 -19.88 17.47
CA ALA B 267 -15.85 -19.71 17.61
C ALA B 267 -15.04 -19.93 16.32
N ARG B 268 -15.71 -19.82 15.17
CA ARG B 268 -15.05 -20.05 13.86
C ARG B 268 -14.50 -18.80 13.21
N GLN B 269 -14.68 -17.66 13.84
CA GLN B 269 -14.19 -16.39 13.33
C GLN B 269 -13.08 -15.82 14.24
N LEU B 270 -13.35 -14.75 14.95
CA LEU B 270 -12.28 -14.09 15.63
C LEU B 270 -11.77 -14.98 16.76
N TYR B 271 -10.47 -15.26 16.71
CA TYR B 271 -9.84 -16.03 17.75
C TYR B 271 -9.52 -15.19 18.96
N GLU B 272 -9.38 -15.88 20.09
CA GLU B 272 -8.84 -15.28 21.32
C GLU B 272 -9.79 -14.20 21.82
N ALA B 273 -11.06 -14.59 21.85
CA ALA B 273 -12.20 -13.75 22.19
C ALA B 273 -13.03 -14.45 23.27
N PRO B 274 -13.92 -13.70 23.92
CA PRO B 274 -14.66 -14.38 24.95
C PRO B 274 -15.59 -15.49 24.44
N GLY B 275 -15.89 -16.42 25.34
CA GLY B 275 -16.98 -17.37 25.18
C GLY B 275 -18.23 -16.55 25.00
N SER B 276 -19.04 -16.90 24.01
CA SER B 276 -20.17 -16.07 23.62
C SER B 276 -21.09 -15.77 24.75
N PHE B 277 -21.38 -16.78 25.57
CA PHE B 277 -22.30 -16.61 26.72
C PHE B 277 -21.87 -15.55 27.75
N ASP B 278 -20.57 -15.35 27.93
CA ASP B 278 -20.13 -14.34 28.86
C ASP B 278 -20.51 -12.97 28.36
N THR B 279 -20.66 -12.79 27.03
CA THR B 279 -20.96 -11.48 26.48
C THR B 279 -22.44 -11.10 26.53
N LEU B 280 -23.32 -12.02 26.90
CA LEU B 280 -24.76 -11.78 26.66
C LEU B 280 -25.44 -10.79 27.59
N PRO B 281 -25.16 -10.87 28.90
CA PRO B 281 -25.85 -9.96 29.83
C PRO B 281 -25.67 -8.48 29.49
N ALA B 282 -24.44 -8.08 29.24
CA ALA B 282 -24.13 -6.72 28.85
C ALA B 282 -24.96 -6.31 27.62
N ILE B 283 -25.06 -7.20 26.64
CA ILE B 283 -25.80 -6.89 25.44
C ILE B 283 -27.26 -6.75 25.77
N ALA B 284 -27.80 -7.66 26.55
CA ALA B 284 -29.22 -7.64 26.90
C ALA B 284 -29.60 -6.35 27.66
N GLU B 285 -28.72 -5.89 28.55
CA GLU B 285 -28.92 -4.60 29.27
C GLU B 285 -29.03 -3.40 28.35
N ARG B 286 -28.16 -3.38 27.34
CA ARG B 286 -28.12 -2.26 26.42
C ARG B 286 -29.33 -2.33 25.51
N VAL B 287 -29.70 -3.53 25.09
CA VAL B 287 -30.92 -3.71 24.30
C VAL B 287 -32.18 -3.31 25.08
N ASN B 288 -32.22 -3.67 26.37
CA ASN B 288 -33.31 -3.20 27.25
C ASN B 288 -34.67 -3.39 26.60
N LYS B 289 -34.83 -4.55 25.96
CA LYS B 289 -36.12 -4.99 25.46
C LYS B 289 -36.69 -4.22 24.27
N ARG B 290 -35.89 -3.38 23.64
CA ARG B 290 -36.33 -2.68 22.41
C ARG B 290 -36.63 -3.62 21.25
N VAL B 291 -35.94 -4.76 21.21
CA VAL B 291 -36.16 -5.74 20.17
C VAL B 291 -35.79 -7.10 20.74
N PRO B 292 -36.15 -8.17 20.03
CA PRO B 292 -35.83 -9.55 20.43
C PRO B 292 -34.36 -9.88 20.32
N ILE B 293 -33.91 -10.87 21.10
CA ILE B 293 -32.54 -11.33 21.12
C ILE B 293 -32.48 -12.81 20.85
N VAL B 294 -31.78 -13.19 19.78
CA VAL B 294 -31.45 -14.56 19.51
C VAL B 294 -30.05 -14.74 20.04
N PHE B 295 -29.78 -15.85 20.75
CA PHE B 295 -28.42 -16.15 21.22
C PHE B 295 -27.91 -17.41 20.58
N ASP B 296 -26.61 -17.48 20.28
CA ASP B 296 -26.02 -18.74 19.91
C ASP B 296 -24.53 -18.80 20.22
N SER B 297 -23.95 -19.94 19.89
CA SER B 297 -22.52 -20.20 19.92
C SER B 297 -22.14 -20.91 21.18
N GLY B 298 -22.43 -22.22 21.17
CA GLY B 298 -22.08 -23.13 22.28
C GLY B 298 -23.20 -23.93 22.87
N VAL B 299 -24.44 -23.74 22.39
CA VAL B 299 -25.59 -24.45 23.00
C VAL B 299 -25.55 -25.99 22.74
N ARG B 300 -25.72 -26.75 23.82
CA ARG B 300 -25.53 -28.21 23.82
C ARG B 300 -26.48 -28.96 24.75
N ARG B 301 -27.16 -28.25 25.67
CA ARG B 301 -28.03 -28.89 26.65
C ARG B 301 -29.21 -28.00 26.88
N GLY B 302 -30.18 -28.55 27.60
CA GLY B 302 -31.35 -27.78 27.98
C GLY B 302 -30.99 -26.74 29.02
N GLU B 303 -30.01 -27.04 29.87
CA GLU B 303 -29.54 -26.10 30.90
C GLU B 303 -28.97 -24.82 30.25
N HIS B 304 -28.40 -24.97 29.08
CA HIS B 304 -27.85 -23.84 28.37
C HIS B 304 -28.95 -22.97 27.80
N VAL B 305 -30.01 -23.62 27.31
CA VAL B 305 -31.13 -22.90 26.75
C VAL B 305 -31.76 -22.09 27.86
N ALA B 306 -31.83 -22.68 29.07
CA ALA B 306 -32.43 -22.02 30.22
C ALA B 306 -31.56 -20.85 30.70
N LYS B 307 -30.25 -21.07 30.73
CA LYS B 307 -29.32 -20.04 31.15
C LYS B 307 -29.32 -18.86 30.18
N ALA B 308 -29.29 -19.16 28.88
CA ALA B 308 -29.39 -18.11 27.88
C ALA B 308 -30.67 -17.31 28.06
N LEU B 309 -31.80 -17.99 28.23
CA LEU B 309 -33.06 -17.29 28.38
C LEU B 309 -33.07 -16.52 29.67
N ALA B 310 -32.57 -17.09 30.75
CA ALA B 310 -32.47 -16.34 32.00
C ALA B 310 -31.49 -15.14 31.96
N SER B 311 -30.54 -15.15 31.03
CA SER B 311 -29.52 -14.13 30.95
C SER B 311 -29.87 -13.00 29.96
N GLY B 312 -30.99 -13.12 29.27
CA GLY B 312 -31.55 -12.02 28.47
C GLY B 312 -31.90 -12.31 27.03
N ALA B 313 -31.71 -13.55 26.61
CA ALA B 313 -32.17 -14.02 25.31
C ALA B 313 -33.67 -14.35 25.34
N ASP B 314 -34.32 -14.25 24.17
CA ASP B 314 -35.68 -14.75 23.98
C ASP B 314 -35.70 -16.18 23.43
N VAL B 315 -34.73 -16.45 22.55
CA VAL B 315 -34.53 -17.77 21.97
C VAL B 315 -33.05 -17.98 21.75
N VAL B 316 -32.67 -19.26 21.58
CA VAL B 316 -31.32 -19.59 21.09
C VAL B 316 -31.41 -20.19 19.73
N ALA B 317 -30.27 -20.27 19.06
CA ALA B 317 -30.19 -20.96 17.80
C ALA B 317 -29.24 -22.14 17.96
N LEU B 318 -29.65 -23.29 17.39
CA LEU B 318 -28.84 -24.51 17.43
C LEU B 318 -27.99 -24.75 16.20
N GLY B 319 -26.88 -25.43 16.34
CA GLY B 319 -25.96 -25.51 15.22
C GLY B 319 -25.29 -26.83 15.03
N ARG B 320 -24.02 -26.89 15.38
CA ARG B 320 -23.23 -28.11 15.19
C ARG B 320 -23.94 -29.40 15.59
N PRO B 321 -24.73 -29.38 16.68
CA PRO B 321 -25.17 -30.68 17.03
C PRO B 321 -26.28 -31.15 16.13
N VAL B 322 -27.09 -30.21 15.64
CA VAL B 322 -28.14 -30.58 14.69
C VAL B 322 -27.51 -31.20 13.46
N LEU B 323 -26.33 -30.72 13.05
CA LEU B 323 -25.66 -31.25 11.88
C LEU B 323 -25.04 -32.59 12.08
N PHE B 324 -24.50 -32.87 13.27
CA PHE B 324 -24.06 -34.21 13.55
C PHE B 324 -25.29 -35.12 13.50
N GLY B 325 -26.42 -34.63 13.99
CA GLY B 325 -27.70 -35.37 13.93
C GLY B 325 -28.01 -35.82 12.52
N LEU B 326 -27.94 -34.85 11.61
CA LEU B 326 -28.19 -35.04 10.19
C LEU B 326 -27.23 -36.04 9.58
N ALA B 327 -25.98 -36.01 10.03
CA ALA B 327 -25.01 -36.98 9.51
C ALA B 327 -25.39 -38.41 9.91
N LEU B 328 -25.80 -38.57 11.16
CA LEU B 328 -26.09 -39.88 11.68
C LEU B 328 -27.46 -40.43 11.22
N GLY B 329 -28.36 -39.60 10.72
CA GLY B 329 -29.65 -40.13 10.30
C GLY B 329 -30.52 -39.22 9.46
N GLY B 330 -29.88 -38.33 8.70
CA GLY B 330 -30.60 -37.38 7.85
C GLY B 330 -31.70 -36.66 8.61
N TRP B 331 -32.84 -36.46 7.97
CA TRP B 331 -33.81 -35.56 8.55
C TRP B 331 -34.29 -36.06 9.90
N GLN B 332 -34.32 -37.39 10.04
CA GLN B 332 -34.74 -38.02 11.27
C GLN B 332 -33.71 -37.89 12.40
N GLY B 333 -32.42 -37.99 12.07
CA GLY B 333 -31.35 -37.79 13.09
C GLY B 333 -31.35 -36.36 13.62
N ALA B 334 -31.35 -35.42 12.69
CA ALA B 334 -31.63 -34.03 13.00
C ALA B 334 -32.87 -33.87 13.91
N TYR B 335 -33.98 -34.49 13.57
CA TYR B 335 -35.22 -34.34 14.39
C TYR B 335 -35.01 -34.85 15.83
N SER B 336 -34.30 -35.97 15.95
CA SER B 336 -33.97 -36.54 17.25
C SER B 336 -33.27 -35.52 18.09
N VAL B 337 -32.30 -34.80 17.51
CA VAL B 337 -31.61 -33.73 18.25
C VAL B 337 -32.58 -32.61 18.71
N LEU B 338 -33.46 -32.16 17.84
CA LEU B 338 -34.39 -31.10 18.25
C LEU B 338 -35.25 -31.60 19.39
N ASP B 339 -35.79 -32.81 19.20
CA ASP B 339 -36.61 -33.51 20.20
C ASP B 339 -35.82 -33.74 21.51
N TYR B 340 -34.55 -34.15 21.42
CA TYR B 340 -33.67 -34.14 22.62
C TYR B 340 -33.64 -32.78 23.30
N PHE B 341 -33.43 -31.70 22.56
CA PHE B 341 -33.33 -30.38 23.23
C PHE B 341 -34.67 -30.06 23.92
N GLN B 342 -35.75 -30.50 23.31
CA GLN B 342 -37.08 -30.15 23.81
C GLN B 342 -37.27 -30.85 25.14
N LYS B 343 -36.97 -32.16 25.15
CA LYS B 343 -37.08 -32.99 26.37
C LYS B 343 -36.16 -32.57 27.47
N ASP B 344 -34.95 -32.24 27.05
CA ASP B 344 -33.90 -31.82 27.93
C ASP B 344 -34.31 -30.53 28.60
N LEU B 345 -34.84 -29.57 27.86
CA LEU B 345 -35.22 -28.28 28.49
C LEU B 345 -36.45 -28.50 29.40
N THR B 346 -37.26 -29.46 29.02
CA THR B 346 -38.45 -29.77 29.78
C THR B 346 -38.08 -30.29 31.21
N ARG B 347 -37.09 -31.17 31.34
CA ARG B 347 -36.68 -31.62 32.64
C ARG B 347 -36.17 -30.45 33.46
N VAL B 348 -35.30 -29.67 32.83
CA VAL B 348 -34.72 -28.50 33.49
C VAL B 348 -35.79 -27.52 33.92
N MET B 349 -36.79 -27.26 33.10
CA MET B 349 -37.85 -26.36 33.55
C MET B 349 -38.50 -26.94 34.81
N GLN B 350 -38.79 -28.25 34.79
CA GLN B 350 -39.45 -28.92 35.92
C GLN B 350 -38.67 -28.73 37.24
N LEU B 351 -37.37 -29.00 37.19
CA LEU B 351 -36.51 -28.92 38.40
C LEU B 351 -36.14 -27.50 38.78
N THR B 352 -36.17 -26.58 37.80
CA THR B 352 -35.86 -25.16 38.11
C THR B 352 -37.10 -24.42 38.56
N GLY B 353 -38.24 -25.09 38.47
CA GLY B 353 -39.52 -24.52 38.84
C GLY B 353 -40.09 -23.59 37.78
N SER B 354 -39.90 -23.91 36.50
CA SER B 354 -40.39 -23.07 35.42
C SER B 354 -41.59 -23.71 34.74
N GLN B 355 -42.75 -23.07 34.80
CA GLN B 355 -43.95 -23.60 34.17
C GLN B 355 -43.97 -23.32 32.69
N ASN B 356 -43.63 -22.10 32.30
CA ASN B 356 -43.58 -21.75 30.88
C ASN B 356 -42.27 -21.03 30.47
N VAL B 357 -42.10 -20.76 29.20
CA VAL B 357 -40.89 -20.04 28.73
C VAL B 357 -40.63 -18.66 29.37
N GLU B 358 -41.66 -17.84 29.50
CA GLU B 358 -41.48 -16.57 30.25
C GLU B 358 -40.84 -16.77 31.63
N ASP B 359 -41.17 -17.88 32.32
CA ASP B 359 -40.61 -18.16 33.67
C ASP B 359 -39.08 -18.37 33.65
N LEU B 360 -38.55 -19.00 32.60
CA LEU B 360 -37.12 -19.17 32.42
C LEU B 360 -36.39 -17.85 32.38
N LYS B 361 -37.00 -16.84 31.77
CA LYS B 361 -36.36 -15.53 31.67
C LYS B 361 -36.13 -14.83 33.00
N GLY B 362 -36.82 -15.24 34.06
CA GLY B 362 -36.66 -14.61 35.38
C GLY B 362 -35.86 -15.40 36.40
N LEU B 363 -35.16 -16.45 35.97
CA LEU B 363 -34.40 -17.30 36.88
C LEU B 363 -33.13 -16.65 37.49
N ASP B 364 -32.96 -16.95 38.80
CA ASP B 364 -31.77 -16.62 39.55
C ASP B 364 -30.69 -17.57 39.05
N LEU B 365 -29.48 -17.04 38.95
CA LEU B 365 -28.33 -17.80 38.52
C LEU B 365 -27.29 -17.64 39.60
N PHE B 366 -26.60 -18.73 39.90
CA PHE B 366 -25.57 -18.72 40.90
C PHE B 366 -24.26 -18.39 40.21
N ASP B 367 -23.55 -17.45 40.80
CA ASP B 367 -22.30 -16.95 40.24
C ASP B 367 -21.09 -17.79 40.66
N ASN B 368 -20.39 -18.35 39.69
CA ASN B 368 -19.23 -19.16 39.99
C ASN B 368 -17.94 -18.48 39.56
N PRO B 369 -17.30 -17.73 40.47
CA PRO B 369 -16.00 -17.10 40.12
C PRO B 369 -14.83 -18.09 39.91
N TYR B 370 -15.01 -19.34 40.31
CA TYR B 370 -13.95 -20.34 40.20
C TYR B 370 -13.85 -20.94 38.81
N GLY B 371 -14.85 -20.72 38.00
CA GLY B 371 -14.81 -21.21 36.65
C GLY B 371 -14.75 -22.71 36.61
N TYR B 372 -14.11 -23.21 35.56
CA TYR B 372 -14.33 -24.57 35.12
C TYR B 372 -13.74 -25.64 36.00
N GLU B 373 -12.55 -25.40 36.54
CA GLU B 373 -11.93 -26.39 37.43
C GLU B 373 -12.48 -26.24 38.84
N TYR B 374 -13.12 -25.11 39.13
CA TYR B 374 -13.92 -24.96 40.37
C TYR B 374 -12.99 -24.94 41.59
N TYR C 8 17.73 -52.18 58.65
CA TYR C 8 17.25 -50.96 57.91
C TYR C 8 18.40 -50.34 57.13
N ASN C 9 18.38 -50.53 55.83
CA ASN C 9 19.52 -50.19 54.99
C ASN C 9 19.55 -48.72 54.58
N ALA C 10 19.93 -47.85 55.51
CA ALA C 10 20.14 -46.42 55.21
C ALA C 10 21.42 -46.20 54.37
N PRO C 11 21.43 -45.17 53.49
CA PRO C 11 22.66 -44.95 52.71
C PRO C 11 23.77 -44.33 53.57
N SER C 12 25.02 -44.53 53.15
CA SER C 12 26.20 -44.17 53.98
C SER C 12 27.26 -43.42 53.20
N GLU C 13 26.96 -43.10 51.95
CA GLU C 13 27.91 -42.48 51.02
C GLU C 13 27.96 -40.98 51.26
N ILE C 14 29.14 -40.41 51.11
CA ILE C 14 29.36 -39.00 51.39
C ILE C 14 29.98 -38.33 50.16
N LYS C 15 29.44 -37.18 49.76
CA LYS C 15 29.93 -36.45 48.61
C LYS C 15 29.08 -35.23 48.33
N TYR C 16 29.67 -34.25 47.67
CA TYR C 16 28.93 -33.12 47.10
C TYR C 16 28.10 -33.58 45.93
N ILE C 17 27.08 -32.81 45.58
CA ILE C 17 26.24 -33.13 44.46
C ILE C 17 25.90 -31.87 43.72
N ASP C 18 25.55 -32.02 42.45
CA ASP C 18 25.06 -30.92 41.64
C ASP C 18 23.58 -30.70 41.95
N VAL C 19 23.25 -29.47 42.28
CA VAL C 19 21.87 -29.09 42.52
C VAL C 19 21.40 -28.10 41.44
N VAL C 20 20.66 -28.61 40.49
CA VAL C 20 20.13 -27.79 39.44
C VAL C 20 18.86 -27.11 39.94
N ASN C 21 18.01 -27.92 40.59
CA ASN C 21 16.87 -27.42 41.34
C ASN C 21 16.61 -28.42 42.44
N THR C 22 15.93 -27.99 43.49
CA THR C 22 15.71 -28.88 44.62
C THR C 22 14.54 -29.85 44.40
N TYR C 23 13.71 -29.66 43.38
CA TYR C 23 12.54 -30.59 43.19
C TYR C 23 13.06 -31.95 42.72
N ASP C 24 14.07 -31.93 41.85
CA ASP C 24 14.73 -33.16 41.33
C ASP C 24 15.28 -34.13 42.39
N LEU C 25 15.65 -33.58 43.56
CA LEU C 25 16.29 -34.32 44.63
C LEU C 25 15.38 -35.34 45.28
N GLU C 26 14.07 -35.07 45.25
CA GLU C 26 13.08 -35.97 45.84
C GLU C 26 13.17 -37.31 45.14
N GLU C 27 13.05 -37.28 43.81
CA GLU C 27 13.08 -38.51 42.99
C GLU C 27 14.42 -39.26 43.15
N GLU C 28 15.51 -38.51 43.23
CA GLU C 28 16.83 -39.07 43.33
C GLU C 28 17.02 -39.71 44.67
N ALA C 29 16.64 -39.04 45.73
CA ALA C 29 16.64 -39.67 47.02
C ALA C 29 15.76 -40.94 47.07
N SER C 30 14.61 -40.95 46.38
CA SER C 30 13.68 -42.12 46.40
C SER C 30 14.38 -43.43 46.00
N LYS C 31 15.53 -43.32 45.35
CA LYS C 31 16.27 -44.44 44.85
C LYS C 31 17.34 -45.01 45.79
N VAL C 32 17.68 -44.28 46.82
CA VAL C 32 18.71 -44.74 47.78
C VAL C 32 18.18 -44.90 49.18
N VAL C 33 16.99 -44.40 49.44
CA VAL C 33 16.42 -44.43 50.78
C VAL C 33 15.38 -45.52 50.82
N PRO C 34 15.37 -46.34 51.90
CA PRO C 34 14.34 -47.41 52.05
C PRO C 34 12.92 -46.88 51.88
N HIS C 35 12.11 -47.70 51.21
CA HIS C 35 10.75 -47.36 50.82
C HIS C 35 9.92 -46.73 51.94
N GLY C 36 9.87 -47.36 53.10
CA GLY C 36 9.04 -46.85 54.16
C GLY C 36 9.51 -45.48 54.63
N GLY C 37 10.82 -45.36 54.82
CA GLY C 37 11.42 -44.15 55.37
C GLY C 37 11.30 -43.03 54.38
N PHE C 38 11.62 -43.33 53.13
CA PHE C 38 11.55 -42.31 52.11
C PHE C 38 10.16 -41.68 52.04
N ASN C 39 9.12 -42.49 52.15
CA ASN C 39 7.78 -41.95 52.00
C ASN C 39 7.33 -41.24 53.24
N TYR C 40 7.79 -41.72 54.39
CA TYR C 40 7.61 -40.98 55.62
C TYR C 40 8.21 -39.56 55.50
N ILE C 41 9.34 -39.44 54.82
CA ILE C 41 9.98 -38.12 54.66
C ILE C 41 9.26 -37.25 53.64
N ALA C 42 8.84 -37.86 52.54
CA ALA C 42 8.27 -37.15 51.42
C ALA C 42 6.79 -36.84 51.57
N GLY C 43 6.06 -37.74 52.21
CA GLY C 43 4.59 -37.71 52.20
C GLY C 43 3.96 -36.66 53.10
N ALA C 44 2.65 -36.52 53.01
CA ALA C 44 1.94 -35.46 53.74
C ALA C 44 0.52 -35.91 54.00
N SER C 45 -0.29 -35.11 54.66
CA SER C 45 -1.65 -35.56 54.98
C SER C 45 -2.61 -35.72 53.75
N GLY C 46 -3.48 -36.72 53.84
CA GLY C 46 -4.48 -36.95 52.83
C GLY C 46 -3.90 -37.21 51.45
N ASP C 47 -4.60 -36.72 50.43
CA ASP C 47 -4.18 -36.87 49.05
C ASP C 47 -3.13 -35.83 48.71
N GLU C 48 -2.60 -35.19 49.74
CA GLU C 48 -1.43 -34.30 49.68
C GLU C 48 -1.67 -32.96 49.04
N TRP C 49 -2.94 -32.56 48.96
CA TRP C 49 -3.38 -31.31 48.37
C TRP C 49 -2.84 -30.05 49.03
N THR C 50 -2.78 -30.06 50.36
CA THR C 50 -2.28 -28.92 51.09
C THR C 50 -0.78 -28.80 50.92
N LYS C 51 -0.09 -29.90 50.66
CA LYS C 51 1.32 -29.79 50.27
C LYS C 51 1.47 -29.17 48.88
N ARG C 52 0.63 -29.53 47.93
CA ARG C 52 0.65 -28.89 46.64
C ARG C 52 0.37 -27.36 46.78
N ALA C 53 -0.53 -26.98 47.67
CA ALA C 53 -0.79 -25.57 47.93
C ALA C 53 0.45 -24.84 48.50
N ASN C 54 1.22 -25.50 49.37
CA ASN C 54 2.44 -24.90 49.93
C ASN C 54 3.30 -24.46 48.76
N ASP C 55 3.45 -25.36 47.81
CA ASP C 55 4.26 -25.12 46.61
C ASP C 55 3.65 -24.12 45.63
N ARG C 56 2.34 -24.21 45.40
CA ARG C 56 1.69 -23.33 44.45
C ARG C 56 1.39 -21.94 44.99
N ALA C 57 1.38 -21.73 46.29
CA ALA C 57 1.23 -20.37 46.86
C ALA C 57 2.29 -19.39 46.39
N TRP C 58 3.48 -19.89 46.00
CA TRP C 58 4.59 -19.07 45.51
C TRP C 58 4.25 -18.30 44.24
N LYS C 59 3.29 -18.83 43.47
CA LYS C 59 2.79 -18.19 42.24
C LYS C 59 1.66 -17.16 42.49
N HIS C 60 1.25 -16.99 43.76
CA HIS C 60 0.22 -16.01 44.07
C HIS C 60 0.79 -14.63 44.16
N LYS C 61 2.11 -14.54 44.32
CA LYS C 61 2.85 -13.29 44.49
C LYS C 61 4.12 -13.44 43.68
N LEU C 62 4.36 -12.52 42.76
CA LEU C 62 5.43 -12.70 41.79
C LEU C 62 6.42 -11.55 41.92
N LEU C 63 7.71 -11.90 41.79
CA LEU C 63 8.79 -10.94 41.93
C LEU C 63 8.91 -10.10 40.69
N TYR C 64 9.36 -8.84 40.83
CA TYR C 64 9.64 -8.01 39.65
C TYR C 64 11.14 -7.96 39.40
N PRO C 65 11.57 -8.06 38.12
CA PRO C 65 12.94 -7.71 37.81
C PRO C 65 13.06 -6.20 37.88
N ARG C 66 14.16 -5.70 38.41
CA ARG C 66 14.36 -4.26 38.54
C ARG C 66 15.65 -3.85 37.84
N LEU C 67 15.63 -2.72 37.13
CA LEU C 67 16.73 -2.31 36.25
C LEU C 67 17.51 -1.07 36.74
N ALA C 68 18.80 -1.06 36.41
CA ALA C 68 19.65 0.04 36.78
C ALA C 68 19.51 0.32 38.27
N GLN C 69 19.63 -0.70 39.10
CA GLN C 69 19.47 -0.48 40.53
C GLN C 69 20.74 -0.09 41.31
N ASP C 70 21.90 -0.04 40.66
CA ASP C 70 23.20 0.23 41.31
C ASP C 70 23.54 -0.90 42.28
N VAL C 71 23.42 -2.13 41.82
CA VAL C 71 23.59 -3.29 42.68
C VAL C 71 24.60 -4.23 42.10
N GLU C 72 25.41 -4.83 42.99
CA GLU C 72 26.55 -5.68 42.62
C GLU C 72 26.86 -6.55 43.80
N ALA C 73 27.29 -7.79 43.57
CA ALA C 73 27.66 -8.69 44.67
C ALA C 73 26.76 -8.53 45.91
N PRO C 74 25.48 -8.96 45.79
CA PRO C 74 24.56 -8.88 46.92
C PRO C 74 25.11 -9.67 48.08
N ASP C 75 24.77 -9.21 49.29
CA ASP C 75 25.25 -9.73 50.53
C ASP C 75 24.07 -10.43 51.17
N THR C 76 24.19 -11.73 51.38
CA THR C 76 23.09 -12.47 51.92
C THR C 76 23.07 -12.59 53.43
N SER C 77 23.99 -11.95 54.12
CA SER C 77 24.12 -12.17 55.58
C SER C 77 22.98 -11.50 56.32
N THR C 78 22.65 -12.05 57.48
CA THR C 78 21.74 -11.36 58.37
C THR C 78 22.04 -11.79 59.80
N GLU C 79 21.16 -11.41 60.73
CA GLU C 79 21.35 -11.62 62.14
C GLU C 79 19.99 -11.82 62.81
N ILE C 80 19.93 -12.74 63.77
CA ILE C 80 18.69 -13.06 64.44
C ILE C 80 18.99 -13.53 65.86
N LEU C 81 18.35 -12.87 66.83
CA LEU C 81 18.67 -13.08 68.24
C LEU C 81 20.20 -13.18 68.45
N GLY C 82 20.89 -12.16 67.96
CA GLY C 82 22.34 -12.08 67.98
C GLY C 82 23.16 -13.21 67.37
N HIS C 83 22.62 -13.99 66.42
CA HIS C 83 23.42 -14.96 65.70
C HIS C 83 23.65 -14.41 64.29
N LYS C 84 24.91 -14.14 63.95
CA LYS C 84 25.29 -13.85 62.56
C LYS C 84 25.15 -15.14 61.79
N ILE C 85 24.48 -15.08 60.64
CA ILE C 85 24.35 -16.26 59.79
C ILE C 85 24.60 -15.83 58.34
N LYS C 86 25.06 -16.77 57.52
CA LYS C 86 25.53 -16.46 56.16
C LYS C 86 24.38 -16.19 55.20
N ALA C 87 23.18 -16.65 55.52
CA ALA C 87 21.99 -16.39 54.69
C ALA C 87 20.77 -16.23 55.60
N PRO C 88 19.68 -15.67 55.07
CA PRO C 88 18.45 -15.63 55.88
C PRO C 88 17.63 -16.96 55.85
N PHE C 89 18.33 -18.08 56.02
CA PHE C 89 17.66 -19.33 56.31
C PHE C 89 18.34 -20.11 57.41
N ILE C 90 17.54 -20.94 58.08
CA ILE C 90 18.02 -21.89 59.08
C ILE C 90 17.47 -23.30 58.85
N MET C 91 17.94 -24.24 59.64
CA MET C 91 17.55 -25.63 59.48
C MET C 91 16.38 -25.88 60.40
N ALA C 92 15.33 -26.47 59.82
CA ALA C 92 14.09 -26.77 60.55
C ALA C 92 14.28 -28.01 61.40
N PRO C 93 13.56 -28.08 62.52
CA PRO C 93 13.61 -29.31 63.29
C PRO C 93 12.99 -30.43 62.47
N ILE C 94 13.75 -31.51 62.24
CA ILE C 94 13.26 -32.69 61.56
C ILE C 94 13.72 -33.94 62.34
N ALA C 95 12.77 -34.84 62.59
CA ALA C 95 13.00 -36.01 63.40
C ALA C 95 13.71 -37.02 62.59
N ALA C 96 14.54 -37.82 63.25
CA ALA C 96 14.97 -39.09 62.68
C ALA C 96 15.73 -38.94 61.39
N HIS C 97 16.83 -38.21 61.39
CA HIS C 97 17.61 -38.09 60.14
C HIS C 97 18.14 -39.48 59.72
N GLY C 98 18.42 -40.34 60.71
CA GLY C 98 18.76 -41.75 60.48
C GLY C 98 17.98 -42.39 59.35
N LEU C 99 16.73 -41.99 59.19
CA LEU C 99 15.88 -42.49 58.09
C LEU C 99 16.46 -42.22 56.73
N ALA C 100 17.18 -41.11 56.62
CA ALA C 100 17.79 -40.67 55.34
C ALA C 100 19.27 -41.07 55.18
N HIS C 101 20.04 -41.16 56.27
CA HIS C 101 21.45 -41.42 56.14
C HIS C 101 22.04 -41.87 57.47
N ALA C 102 23.05 -42.74 57.40
CA ALA C 102 23.60 -43.40 58.59
C ALA C 102 24.20 -42.41 59.55
N THR C 103 24.94 -41.43 59.04
CA THR C 103 25.48 -40.30 59.84
C THR C 103 24.41 -39.42 60.50
N LYS C 104 23.18 -39.52 59.99
CA LYS C 104 22.00 -39.04 60.66
C LYS C 104 22.11 -37.57 61.08
N GLU C 105 21.66 -37.20 62.27
CA GLU C 105 21.61 -35.78 62.66
C GLU C 105 22.99 -35.09 62.68
N ALA C 106 24.04 -35.84 63.02
CA ALA C 106 25.43 -35.36 62.97
C ALA C 106 25.82 -34.95 61.55
N GLY C 107 25.37 -35.71 60.58
CA GLY C 107 25.64 -35.35 59.20
C GLY C 107 25.10 -33.96 58.89
N THR C 108 23.80 -33.80 59.14
CA THR C 108 23.12 -32.53 58.90
C THR C 108 23.78 -31.41 59.66
N ALA C 109 23.95 -31.60 60.97
CA ALA C 109 24.59 -30.62 61.88
C ALA C 109 25.92 -30.08 61.33
N ARG C 110 26.80 -30.99 60.95
CA ARG C 110 28.09 -30.61 60.36
C ARG C 110 27.94 -29.74 59.11
N ALA C 111 27.02 -30.09 58.23
CA ALA C 111 26.72 -29.27 57.04
C ALA C 111 26.25 -27.88 57.42
N VAL C 112 25.33 -27.80 58.37
CA VAL C 112 24.72 -26.54 58.79
C VAL C 112 25.75 -25.65 59.46
N SER C 113 26.61 -26.31 60.23
CA SER C 113 27.65 -25.65 61.00
C SER C 113 28.69 -24.98 60.11
N GLU C 114 29.15 -25.74 59.13
CA GLU C 114 30.12 -25.25 58.16
C GLU C 114 29.53 -24.27 57.13
N PHE C 115 28.24 -24.40 56.83
CA PHE C 115 27.65 -23.41 55.97
C PHE C 115 27.70 -22.11 56.70
N GLY C 116 27.28 -22.12 57.97
CA GLY C 116 27.23 -20.91 58.82
C GLY C 116 25.84 -20.39 59.17
N THR C 117 24.99 -21.29 59.62
CA THR C 117 23.67 -20.90 60.08
C THR C 117 23.28 -21.79 61.26
N ILE C 118 22.00 -21.79 61.64
CA ILE C 118 21.59 -22.39 62.90
C ILE C 118 21.01 -23.75 62.68
N MET C 119 21.28 -24.65 63.62
CA MET C 119 20.72 -25.98 63.56
C MET C 119 19.62 -26.08 64.57
N SER C 120 18.43 -26.49 64.11
CA SER C 120 17.33 -26.72 65.05
C SER C 120 17.28 -28.19 65.33
N ILE C 121 17.39 -28.56 66.61
CA ILE C 121 17.42 -29.94 67.00
C ILE C 121 16.00 -30.37 67.38
N SER C 122 15.60 -31.56 66.95
CA SER C 122 14.24 -32.05 67.17
C SER C 122 14.16 -33.02 68.33
N ALA C 123 13.17 -32.84 69.21
CA ALA C 123 12.95 -33.78 70.33
C ALA C 123 12.94 -35.23 69.90
N TYR C 124 12.47 -35.49 68.69
CA TYR C 124 12.36 -36.84 68.17
C TYR C 124 13.58 -37.16 67.34
N SER C 125 14.72 -36.59 67.71
CA SER C 125 15.98 -36.94 67.06
C SER C 125 16.43 -38.41 67.27
N GLY C 126 16.92 -39.04 66.21
CA GLY C 126 17.51 -40.38 66.30
C GLY C 126 18.85 -40.46 67.03
N ALA C 127 19.56 -39.35 67.08
CA ALA C 127 20.87 -39.22 67.71
C ALA C 127 20.77 -38.47 69.03
N THR C 128 21.75 -38.68 69.90
CA THR C 128 21.92 -37.93 71.17
C THR C 128 22.44 -36.51 70.95
N PHE C 129 22.28 -35.68 71.97
CA PHE C 129 22.96 -34.39 72.05
C PHE C 129 24.46 -34.50 71.82
N GLU C 130 25.07 -35.51 72.44
CA GLU C 130 26.49 -35.70 72.35
C GLU C 130 26.88 -35.94 70.89
N GLU C 131 26.15 -36.80 70.18
CA GLU C 131 26.50 -37.19 68.81
C GLU C 131 26.35 -35.99 67.86
N ILE C 132 25.34 -35.15 68.12
CA ILE C 132 25.09 -33.93 67.35
C ILE C 132 26.10 -32.84 67.70
N SER C 133 26.41 -32.71 68.99
CA SER C 133 27.40 -31.68 69.38
C SER C 133 28.72 -31.90 68.68
N GLU C 134 29.14 -33.14 68.47
CA GLU C 134 30.41 -33.37 67.83
C GLU C 134 30.31 -33.01 66.36
N GLY C 135 29.17 -33.29 65.73
CA GLY C 135 28.90 -32.77 64.39
C GLY C 135 28.86 -31.25 64.28
N LEU C 136 28.24 -30.57 65.26
CA LEU C 136 28.13 -29.10 65.26
C LEU C 136 29.45 -28.36 65.50
N ASN C 137 30.26 -28.84 66.43
CA ASN C 137 31.59 -28.29 66.64
C ASN C 137 31.57 -26.82 67.06
N GLY C 138 30.68 -26.50 68.01
CA GLY C 138 30.52 -25.14 68.54
C GLY C 138 29.57 -24.21 67.79
N GLY C 139 28.87 -24.76 66.79
CA GLY C 139 27.95 -23.97 65.97
C GLY C 139 26.66 -23.71 66.73
N PRO C 140 26.00 -22.58 66.45
CA PRO C 140 24.80 -22.26 67.20
C PRO C 140 23.69 -23.26 66.92
N ARG C 141 22.95 -23.61 67.95
CA ARG C 141 21.84 -24.54 67.80
C ARG C 141 20.65 -24.02 68.62
N TRP C 142 19.43 -24.23 68.11
CA TRP C 142 18.18 -24.13 68.90
C TRP C 142 17.58 -25.52 69.03
N PHE C 143 16.78 -25.70 70.09
CA PHE C 143 16.15 -26.99 70.37
C PHE C 143 14.62 -26.94 70.25
N GLN C 144 14.04 -28.00 69.70
CA GLN C 144 12.61 -28.05 69.48
C GLN C 144 12.06 -29.13 70.33
N ILE C 145 11.06 -28.75 71.11
CA ILE C 145 10.44 -29.62 72.07
C ILE C 145 9.03 -30.04 71.65
N TYR C 146 8.80 -31.33 71.69
CA TYR C 146 7.46 -31.87 71.81
C TYR C 146 7.40 -32.18 73.28
N MET C 147 6.39 -31.64 73.96
CA MET C 147 6.28 -31.74 75.41
C MET C 147 5.83 -33.11 75.89
N ALA C 148 6.27 -33.42 77.11
CA ALA C 148 5.70 -34.50 77.90
C ALA C 148 4.49 -33.99 78.64
N LYS C 149 3.62 -34.92 79.04
CA LYS C 149 2.51 -34.64 79.97
C LYS C 149 3.00 -34.21 81.36
N ASP C 150 3.94 -34.99 81.87
CA ASP C 150 4.56 -34.75 83.16
C ASP C 150 5.50 -33.55 83.13
N ASP C 151 5.18 -32.52 83.93
CA ASP C 151 5.99 -31.28 84.02
C ASP C 151 7.48 -31.48 84.31
N GLN C 152 7.82 -32.48 85.13
CA GLN C 152 9.20 -32.67 85.58
C GLN C 152 10.10 -33.09 84.43
N GLN C 153 9.57 -33.97 83.57
CA GLN C 153 10.29 -34.43 82.40
C GLN C 153 10.58 -33.27 81.42
N ASN C 154 9.71 -32.26 81.40
CA ASN C 154 9.91 -31.10 80.55
C ASN C 154 11.06 -30.25 81.05
N ARG C 155 11.15 -30.09 82.36
CA ARG C 155 12.24 -29.33 82.95
C ARG C 155 13.60 -30.00 82.66
N ASP C 156 13.60 -31.33 82.70
CA ASP C 156 14.80 -32.12 82.42
C ASP C 156 15.29 -31.95 80.98
N ILE C 157 14.37 -32.09 80.00
CA ILE C 157 14.70 -31.97 78.56
C ILE C 157 15.22 -30.58 78.25
N LEU C 158 14.53 -29.58 78.78
CA LEU C 158 14.96 -28.22 78.60
C LEU C 158 16.30 -27.99 79.26
N ASP C 159 16.52 -28.59 80.44
CA ASP C 159 17.81 -28.45 81.15
C ASP C 159 18.94 -29.09 80.33
N GLU C 160 18.70 -30.30 79.88
CA GLU C 160 19.69 -31.01 79.11
C GLU C 160 20.01 -30.29 77.80
N ALA C 161 18.97 -29.74 77.17
CA ALA C 161 19.10 -28.98 75.91
C ALA C 161 19.95 -27.71 76.08
N LYS C 162 19.73 -27.02 77.19
CA LYS C 162 20.50 -25.84 77.58
C LYS C 162 21.98 -26.17 77.85
N GLY C 163 22.23 -27.21 78.63
CA GLY C 163 23.59 -27.71 78.85
C GLY C 163 24.35 -28.01 77.57
N ASP C 164 23.66 -28.56 76.58
CA ASP C 164 24.18 -28.76 75.23
C ASP C 164 24.53 -27.45 74.53
N GLY C 165 24.03 -26.31 75.00
CA GLY C 165 24.35 -24.99 74.40
C GLY C 165 23.21 -24.28 73.59
N ALA C 166 22.01 -24.85 73.60
CA ALA C 166 20.93 -24.27 72.83
C ALA C 166 20.64 -22.83 73.26
N THR C 167 20.68 -21.88 72.32
CA THR C 167 20.41 -20.47 72.61
C THR C 167 18.96 -20.05 72.33
N ALA C 168 18.08 -21.04 72.09
CA ALA C 168 16.63 -20.79 71.87
C ALA C 168 15.80 -22.09 71.96
N ILE C 169 14.53 -21.95 72.35
CA ILE C 169 13.61 -23.11 72.40
C ILE C 169 12.44 -22.98 71.42
N ILE C 170 12.12 -24.08 70.75
CA ILE C 170 11.05 -24.06 69.75
C ILE C 170 9.91 -24.94 70.23
N LEU C 171 8.78 -24.33 70.54
CA LEU C 171 7.59 -25.09 70.86
C LEU C 171 6.84 -25.36 69.57
N THR C 172 6.74 -26.61 69.21
CA THR C 172 5.88 -27.06 68.16
C THR C 172 4.56 -27.52 68.78
N ALA C 173 3.47 -26.83 68.42
CA ALA C 173 2.16 -27.04 69.03
C ALA C 173 1.08 -27.47 68.05
N ASP C 174 1.45 -27.68 66.79
CA ASP C 174 0.50 -28.06 65.71
C ASP C 174 0.33 -29.56 65.60
N SER C 175 0.94 -30.31 66.53
CA SER C 175 1.02 -31.78 66.44
C SER C 175 0.57 -32.50 67.70
N THR C 176 -0.49 -31.99 68.33
CA THR C 176 -1.00 -32.63 69.54
C THR C 176 -1.56 -34.05 69.24
N VAL C 177 -1.98 -34.27 68.00
CA VAL C 177 -2.23 -35.63 67.49
C VAL C 177 -1.61 -35.63 66.10
N SER C 178 -1.37 -36.79 65.51
CA SER C 178 -0.80 -36.84 64.18
C SER C 178 -1.82 -36.42 63.13
N GLY C 179 -1.28 -35.97 61.99
CA GLY C 179 -2.06 -35.75 60.76
C GLY C 179 -2.37 -37.08 60.08
N ASN C 180 -3.34 -37.04 59.14
CA ASN C 180 -3.80 -38.21 58.38
C ASN C 180 -2.87 -38.57 57.24
N ARG C 181 -1.74 -39.15 57.57
CA ARG C 181 -0.70 -39.36 56.57
C ARG C 181 -0.92 -40.67 55.89
N ASP C 182 -1.67 -40.65 54.82
CA ASP C 182 -1.97 -41.88 54.12
C ASP C 182 -0.73 -42.71 53.74
N ARG C 183 0.39 -42.09 53.36
CA ARG C 183 1.53 -42.89 52.92
C ARG C 183 2.07 -43.79 54.03
N ASP C 184 2.13 -43.24 55.24
CA ASP C 184 2.67 -43.97 56.39
C ASP C 184 1.68 -45.06 56.79
N VAL C 185 0.39 -44.76 56.75
CA VAL C 185 -0.61 -45.77 57.13
C VAL C 185 -0.61 -46.96 56.14
N LYS C 186 -0.58 -46.68 54.84
CA LYS C 186 -0.54 -47.78 53.87
C LYS C 186 0.76 -48.60 53.94
N ASN C 187 1.87 -47.99 54.36
CA ASN C 187 3.14 -48.71 54.50
C ASN C 187 3.35 -49.26 55.92
N LYS C 188 2.34 -49.12 56.79
CA LYS C 188 2.45 -49.29 58.25
C LYS C 188 3.86 -49.00 58.68
N PHE C 189 4.21 -47.74 58.61
CA PHE C 189 5.54 -47.32 59.01
C PHE C 189 5.63 -47.31 60.54
N VAL C 190 6.81 -47.69 61.01
CA VAL C 190 7.15 -47.61 62.43
C VAL C 190 8.63 -47.21 62.45
N TYR C 191 9.06 -46.51 63.48
CA TYR C 191 10.44 -46.05 63.52
C TYR C 191 11.39 -47.24 63.70
N PRO C 192 12.44 -47.34 62.84
CA PRO C 192 13.40 -48.45 62.89
C PRO C 192 14.56 -48.28 63.91
N PHE C 193 14.54 -47.22 64.71
CA PHE C 193 15.50 -47.05 65.82
C PHE C 193 14.81 -46.23 66.93
N GLY C 194 15.56 -45.92 68.00
CA GLY C 194 15.03 -45.16 69.12
C GLY C 194 15.18 -43.67 68.99
N MET C 195 14.55 -42.97 69.91
CA MET C 195 14.60 -41.53 70.04
C MET C 195 15.14 -41.24 71.43
N PRO C 196 16.48 -41.27 71.61
CA PRO C 196 17.13 -41.15 72.93
C PRO C 196 16.57 -40.08 73.88
N ILE C 197 16.35 -38.88 73.36
CA ILE C 197 15.99 -37.73 74.20
C ILE C 197 14.59 -37.80 74.83
N VAL C 198 13.65 -38.46 74.16
CA VAL C 198 12.26 -38.41 74.59
C VAL C 198 11.79 -39.72 75.17
N GLN C 199 12.62 -40.75 75.16
CA GLN C 199 12.08 -42.06 75.49
C GLN C 199 11.87 -42.25 77.00
N ARG C 200 12.36 -41.30 77.79
CA ARG C 200 11.96 -41.20 79.21
C ARG C 200 10.46 -41.13 79.40
N TYR C 201 9.73 -40.63 78.39
CA TYR C 201 8.23 -40.56 78.46
C TYR C 201 7.43 -41.42 77.47
N LEU C 202 8.10 -42.11 76.55
CA LEU C 202 7.50 -43.27 75.88
C LEU C 202 7.72 -44.45 76.83
N ARG C 203 8.72 -44.26 77.71
CA ARG C 203 9.32 -45.26 78.65
C ARG C 203 9.57 -46.64 78.03
N GLY C 204 10.77 -46.80 77.48
CA GLY C 204 11.05 -47.92 76.62
C GLY C 204 11.01 -47.37 75.21
N THR C 205 11.66 -48.11 74.32
CA THR C 205 12.11 -47.60 73.03
C THR C 205 10.99 -47.02 72.13
N ALA C 206 11.35 -45.96 71.39
CA ALA C 206 10.55 -45.51 70.24
C ALA C 206 10.55 -46.52 69.06
N GLU C 207 11.51 -47.44 69.08
CA GLU C 207 11.65 -48.47 68.06
C GLU C 207 10.39 -49.34 67.96
N GLY C 208 9.88 -49.49 66.75
CA GLY C 208 8.67 -50.26 66.53
C GLY C 208 7.35 -49.53 66.69
N MET C 209 7.35 -48.36 67.34
CA MET C 209 6.12 -47.54 67.54
C MET C 209 5.81 -46.73 66.28
N SER C 210 4.55 -46.32 66.16
CA SER C 210 4.11 -45.45 65.05
C SER C 210 4.10 -44.02 65.55
N LEU C 211 4.18 -43.06 64.62
CA LEU C 211 4.12 -41.63 64.96
C LEU C 211 2.84 -41.22 65.72
N ASN C 212 1.79 -42.04 65.62
CA ASN C 212 0.52 -41.78 66.32
C ASN C 212 0.59 -41.96 67.84
N ASN C 213 1.22 -43.03 68.29
CA ASN C 213 1.40 -43.27 69.71
C ASN C 213 2.49 -42.38 70.31
N ILE C 214 3.52 -42.09 69.54
CA ILE C 214 4.52 -41.14 69.99
C ILE C 214 3.85 -39.80 70.23
N PHE C 215 3.19 -39.21 69.22
CA PHE C 215 2.40 -37.95 69.44
C PHE C 215 1.35 -38.14 70.54
N GLY C 216 0.75 -39.34 70.59
CA GLY C 216 -0.25 -39.74 71.60
C GLY C 216 0.24 -39.72 73.05
N ALA C 217 1.50 -40.10 73.26
CA ALA C 217 2.16 -39.94 74.59
C ALA C 217 2.72 -38.53 74.88
N SER C 218 2.99 -37.71 73.86
CA SER C 218 3.32 -36.28 74.11
C SER C 218 2.11 -35.49 74.65
N LYS C 219 2.31 -34.20 74.95
CA LYS C 219 1.24 -33.40 75.51
C LYS C 219 0.15 -32.98 74.50
N GLN C 220 -1.08 -33.46 74.72
CA GLN C 220 -2.26 -33.02 73.98
C GLN C 220 -2.84 -31.66 74.41
N LYS C 221 -2.83 -31.36 75.70
CA LYS C 221 -3.63 -30.23 76.22
C LYS C 221 -2.80 -28.94 76.43
N ILE C 222 -2.02 -28.60 75.42
CA ILE C 222 -1.19 -27.41 75.44
C ILE C 222 -2.10 -26.18 75.57
N SER C 223 -1.74 -25.29 76.50
CA SER C 223 -2.46 -24.01 76.75
C SER C 223 -1.44 -22.89 76.64
N PRO C 224 -1.88 -21.62 76.70
CA PRO C 224 -0.87 -20.56 76.71
C PRO C 224 0.08 -20.67 77.92
N ARG C 225 -0.43 -21.10 79.08
CA ARG C 225 0.38 -21.30 80.30
C ARG C 225 1.69 -22.06 80.01
N ASP C 226 1.66 -23.05 79.12
CA ASP C 226 2.85 -23.81 78.73
C ASP C 226 3.95 -22.94 78.09
N ILE C 227 3.54 -21.91 77.36
CA ILE C 227 4.50 -21.01 76.75
C ILE C 227 5.16 -20.15 77.82
N GLU C 228 4.34 -19.72 78.80
CA GLU C 228 4.82 -18.91 79.91
C GLU C 228 5.82 -19.74 80.70
N GLU C 229 5.38 -20.96 81.05
CA GLU C 229 6.16 -21.89 81.86
C GLU C 229 7.54 -22.13 81.21
N ILE C 230 7.57 -22.66 80.00
CA ILE C 230 8.85 -22.90 79.32
C ILE C 230 9.75 -21.66 79.31
N ALA C 231 9.21 -20.47 79.11
CA ALA C 231 10.07 -19.30 79.06
C ALA C 231 10.69 -19.02 80.45
N ALA C 232 9.91 -19.19 81.50
CA ALA C 232 10.40 -19.01 82.88
C ALA C 232 11.54 -19.96 83.17
N HIS C 233 11.35 -21.24 82.90
CA HIS C 233 12.29 -22.26 83.35
C HIS C 233 13.56 -22.30 82.55
N SER C 234 13.40 -22.22 81.23
CA SER C 234 14.53 -22.30 80.32
C SER C 234 15.36 -21.04 80.40
N GLY C 235 14.73 -19.91 80.71
CA GLY C 235 15.41 -18.62 80.65
C GLY C 235 15.88 -18.27 79.25
N LEU C 236 15.45 -19.06 78.25
CA LEU C 236 15.87 -18.83 76.87
C LEU C 236 14.69 -18.24 76.12
N PRO C 237 14.96 -17.49 75.02
CA PRO C 237 13.90 -17.06 74.09
C PRO C 237 13.11 -18.23 73.44
N VAL C 238 11.77 -18.07 73.37
CA VAL C 238 10.88 -19.14 72.92
C VAL C 238 10.13 -18.78 71.65
N PHE C 239 10.25 -19.67 70.69
CA PHE C 239 9.46 -19.63 69.47
C PHE C 239 8.24 -20.57 69.63
N VAL C 240 7.09 -20.06 69.24
CA VAL C 240 5.89 -20.89 69.07
C VAL C 240 5.77 -21.22 67.57
N LYS C 241 5.84 -22.51 67.25
CA LYS C 241 6.00 -22.96 65.86
C LYS C 241 4.75 -23.70 65.43
N GLY C 242 4.34 -23.45 64.18
CA GLY C 242 3.18 -24.09 63.57
C GLY C 242 1.99 -23.15 63.35
N ILE C 243 2.23 -21.83 63.41
CA ILE C 243 1.16 -20.86 63.46
C ILE C 243 0.69 -20.56 62.06
N GLN C 244 -0.63 -20.42 61.91
CA GLN C 244 -1.28 -20.11 60.62
C GLN C 244 -2.38 -19.05 60.73
N HIS C 245 -2.87 -18.84 61.95
CA HIS C 245 -3.89 -17.85 62.21
C HIS C 245 -3.29 -16.71 63.06
N PRO C 246 -3.50 -15.44 62.68
CA PRO C 246 -2.84 -14.31 63.38
C PRO C 246 -3.17 -14.23 64.86
N GLU C 247 -4.39 -14.58 65.21
CA GLU C 247 -4.81 -14.66 66.61
C GLU C 247 -3.85 -15.44 67.47
N ASP C 248 -3.24 -16.49 66.93
CA ASP C 248 -2.25 -17.27 67.68
C ASP C 248 -0.92 -16.52 67.81
N ALA C 249 -0.71 -15.50 66.97
CA ALA C 249 0.47 -14.65 67.12
C ALA C 249 0.34 -13.75 68.32
N ASP C 250 -0.83 -13.11 68.50
CA ASP C 250 -1.10 -12.30 69.70
C ASP C 250 -0.97 -13.16 70.93
N MET C 251 -1.67 -14.27 70.95
CA MET C 251 -1.70 -15.19 72.08
C MET C 251 -0.30 -15.61 72.51
N ALA C 252 0.50 -16.03 71.54
CA ALA C 252 1.87 -16.45 71.79
C ALA C 252 2.73 -15.33 72.41
N ILE C 253 2.57 -14.10 71.91
CA ILE C 253 3.46 -13.02 72.31
C ILE C 253 3.08 -12.61 73.72
N LYS C 254 1.77 -12.43 73.93
CA LYS C 254 1.20 -12.18 75.25
C LYS C 254 1.62 -13.23 76.27
N ALA C 255 1.83 -14.47 75.83
CA ALA C 255 2.33 -15.55 76.70
C ALA C 255 3.86 -15.55 76.91
N GLY C 256 4.59 -14.65 76.26
CA GLY C 256 6.02 -14.49 76.53
C GLY C 256 6.96 -15.06 75.46
N ALA C 257 6.40 -15.46 74.32
CA ALA C 257 7.19 -15.89 73.16
C ALA C 257 8.08 -14.76 72.71
N SER C 258 9.31 -15.09 72.32
CA SER C 258 10.25 -14.09 71.79
C SER C 258 10.40 -14.16 70.26
N GLY C 259 9.66 -15.10 69.64
CA GLY C 259 9.60 -15.23 68.18
C GLY C 259 8.40 -16.05 67.73
N ILE C 260 7.95 -15.78 66.51
CA ILE C 260 6.76 -16.40 65.91
C ILE C 260 7.17 -17.22 64.68
N TRP C 261 6.94 -18.52 64.70
CA TRP C 261 7.37 -19.41 63.62
C TRP C 261 6.13 -19.88 62.83
N VAL C 262 5.92 -19.27 61.66
CA VAL C 262 4.77 -19.53 60.79
C VAL C 262 5.05 -20.82 60.04
N SER C 263 4.11 -21.75 60.03
CA SER C 263 4.39 -23.08 59.51
C SER C 263 3.15 -24.01 59.51
N ASN C 264 2.92 -24.80 58.45
CA ASN C 264 1.91 -25.90 58.55
C ASN C 264 2.54 -27.29 58.68
N HIS C 265 3.80 -27.30 59.11
CA HIS C 265 4.51 -28.54 59.36
C HIS C 265 4.75 -29.26 58.00
N GLY C 266 4.99 -28.46 56.95
CA GLY C 266 5.17 -28.99 55.60
C GLY C 266 3.98 -29.85 55.14
N ALA C 267 2.78 -29.44 55.54
CA ALA C 267 1.53 -30.09 55.18
C ALA C 267 1.40 -31.48 55.75
N ARG C 268 2.14 -31.76 56.81
CA ARG C 268 2.13 -33.09 57.37
C ARG C 268 1.16 -33.20 58.54
N GLN C 269 0.46 -32.12 58.84
CA GLN C 269 -0.48 -32.14 59.95
C GLN C 269 -1.90 -31.83 59.40
N LEU C 270 -2.48 -30.67 59.71
CA LEU C 270 -3.88 -30.45 59.36
C LEU C 270 -4.09 -30.38 57.85
N TYR C 271 -4.96 -31.24 57.34
CA TYR C 271 -5.27 -31.34 55.91
C TYR C 271 -6.36 -30.34 55.56
N GLU C 272 -6.41 -30.02 54.27
CA GLU C 272 -7.44 -29.15 53.68
C GLU C 272 -7.41 -27.78 54.32
N ALA C 273 -6.17 -27.33 54.49
CA ALA C 273 -5.78 -26.07 55.07
C ALA C 273 -5.11 -25.30 53.97
N PRO C 274 -4.88 -23.99 54.21
CA PRO C 274 -4.23 -23.20 53.16
C PRO C 274 -2.77 -23.49 53.07
N GLY C 275 -2.19 -23.19 51.91
CA GLY C 275 -0.73 -23.17 51.78
C GLY C 275 -0.08 -22.13 52.68
N SER C 276 0.94 -22.56 53.44
CA SER C 276 1.62 -21.72 54.45
C SER C 276 1.91 -20.29 53.98
N PHE C 277 2.55 -20.12 52.86
CA PHE C 277 2.92 -18.78 52.42
C PHE C 277 1.73 -17.79 52.29
N ASP C 278 0.54 -18.29 51.98
CA ASP C 278 -0.66 -17.45 51.90
C ASP C 278 -1.10 -16.88 53.24
N THR C 279 -0.71 -17.51 54.35
CA THR C 279 -1.08 -17.04 55.68
C THR C 279 -0.12 -15.99 56.23
N LEU C 280 1.05 -15.86 55.62
CA LEU C 280 2.13 -15.11 56.25
C LEU C 280 1.86 -13.61 56.38
N PRO C 281 1.44 -12.94 55.26
CA PRO C 281 1.18 -11.48 55.34
C PRO C 281 0.32 -11.07 56.52
N ALA C 282 -0.80 -11.77 56.70
CA ALA C 282 -1.74 -11.46 57.77
C ALA C 282 -1.04 -11.61 59.15
N ILE C 283 -0.34 -12.73 59.35
CA ILE C 283 0.40 -12.95 60.58
C ILE C 283 1.45 -11.86 60.84
N ALA C 284 2.21 -11.50 59.81
CA ALA C 284 3.23 -10.47 60.00
C ALA C 284 2.59 -9.12 60.31
N GLU C 285 1.41 -8.85 59.74
CA GLU C 285 0.69 -7.58 59.98
C GLU C 285 0.23 -7.51 61.44
N ARG C 286 -0.15 -8.65 62.00
CA ARG C 286 -0.58 -8.69 63.39
C ARG C 286 0.62 -8.56 64.34
N VAL C 287 1.76 -9.13 63.96
CA VAL C 287 2.94 -9.16 64.81
C VAL C 287 3.55 -7.76 64.80
N ASN C 288 3.40 -7.08 63.68
CA ASN C 288 3.79 -5.68 63.58
C ASN C 288 5.20 -5.49 64.20
N LYS C 289 6.09 -6.46 63.92
CA LYS C 289 7.51 -6.37 64.24
C LYS C 289 7.85 -6.46 65.74
N ARG C 290 6.89 -6.85 66.56
CA ARG C 290 7.16 -7.07 67.99
C ARG C 290 8.18 -8.17 68.26
N VAL C 291 8.16 -9.24 67.47
CA VAL C 291 9.21 -10.24 67.54
C VAL C 291 9.62 -10.69 66.15
N PRO C 292 10.78 -11.38 66.05
CA PRO C 292 11.16 -11.95 64.77
C PRO C 292 10.22 -13.06 64.33
N ILE C 293 10.18 -13.24 63.02
CA ILE C 293 9.33 -14.22 62.40
C ILE C 293 10.19 -15.13 61.56
N VAL C 294 10.13 -16.41 61.87
CA VAL C 294 10.67 -17.47 61.02
C VAL C 294 9.54 -18.11 60.23
N PHE C 295 9.68 -18.26 58.90
CA PHE C 295 8.65 -18.91 58.06
C PHE C 295 9.12 -20.21 57.46
N ASP C 296 8.21 -21.18 57.36
CA ASP C 296 8.51 -22.46 56.70
C ASP C 296 7.29 -23.09 56.04
N SER C 297 7.57 -24.18 55.34
CA SER C 297 6.59 -25.06 54.73
C SER C 297 6.44 -24.76 53.24
N GLY C 298 7.40 -25.28 52.48
CA GLY C 298 7.38 -25.25 51.02
C GLY C 298 8.47 -24.52 50.28
N VAL C 299 9.51 -24.07 51.00
CA VAL C 299 10.63 -23.36 50.38
C VAL C 299 11.54 -24.35 49.65
N ARG C 300 11.89 -23.99 48.43
CA ARG C 300 12.48 -24.87 47.41
C ARG C 300 13.40 -24.07 46.47
N ARG C 301 13.27 -22.73 46.51
CA ARG C 301 13.94 -21.80 45.63
C ARG C 301 14.42 -20.49 46.35
N GLY C 302 15.47 -19.87 45.84
CA GLY C 302 15.85 -18.56 46.31
C GLY C 302 14.71 -17.55 46.15
N GLU C 303 13.93 -17.69 45.06
CA GLU C 303 12.80 -16.81 44.81
C GLU C 303 11.77 -16.92 45.95
N HIS C 304 11.74 -18.06 46.64
CA HIS C 304 10.83 -18.29 47.78
C HIS C 304 11.33 -17.61 49.05
N VAL C 305 12.64 -17.65 49.26
CA VAL C 305 13.24 -16.98 50.42
C VAL C 305 12.96 -15.49 50.30
N ALA C 306 13.14 -14.97 49.09
CA ALA C 306 12.89 -13.54 48.82
C ALA C 306 11.46 -13.19 49.13
N LYS C 307 10.54 -13.96 48.56
CA LYS C 307 9.13 -13.71 48.72
C LYS C 307 8.74 -13.78 50.20
N ALA C 308 9.27 -14.77 50.92
CA ALA C 308 8.97 -14.87 52.35
C ALA C 308 9.44 -13.61 53.06
N LEU C 309 10.68 -13.18 52.78
CA LEU C 309 11.19 -11.98 53.39
C LEU C 309 10.33 -10.76 53.01
N ALA C 310 10.08 -10.52 51.73
CA ALA C 310 9.23 -9.39 51.27
C ALA C 310 7.84 -9.33 51.94
N SER C 311 7.37 -10.50 52.37
CA SER C 311 6.02 -10.69 52.90
C SER C 311 5.93 -10.59 54.43
N GLY C 312 7.07 -10.44 55.10
CA GLY C 312 7.11 -10.21 56.56
C GLY C 312 7.89 -11.21 57.40
N ALA C 313 8.52 -12.19 56.76
CA ALA C 313 9.39 -13.10 57.46
C ALA C 313 10.74 -12.41 57.64
N ASP C 314 11.42 -12.72 58.76
CA ASP C 314 12.83 -12.28 58.96
C ASP C 314 13.82 -13.34 58.40
N VAL C 315 13.56 -14.61 58.71
CA VAL C 315 14.24 -15.75 58.05
C VAL C 315 13.23 -16.86 57.68
N VAL C 316 13.67 -17.82 56.86
CA VAL C 316 12.88 -19.02 56.57
C VAL C 316 13.59 -20.24 57.14
N ALA C 317 12.85 -21.34 57.33
CA ALA C 317 13.48 -22.62 57.73
C ALA C 317 13.42 -23.63 56.63
N LEU C 318 14.55 -24.25 56.35
CA LEU C 318 14.61 -25.23 55.26
C LEU C 318 14.50 -26.64 55.82
N GLY C 319 13.79 -27.50 55.09
CA GLY C 319 13.54 -28.88 55.53
C GLY C 319 13.79 -29.94 54.47
N ARG C 320 12.73 -30.42 53.82
CA ARG C 320 12.83 -31.59 52.94
C ARG C 320 14.02 -31.59 51.98
N PRO C 321 14.32 -30.45 51.31
CA PRO C 321 15.45 -30.50 50.37
C PRO C 321 16.80 -30.91 51.02
N VAL C 322 17.03 -30.32 52.20
CA VAL C 322 18.24 -30.59 52.94
C VAL C 322 18.29 -32.06 53.34
N LEU C 323 17.15 -32.65 53.70
CA LEU C 323 17.10 -34.09 53.96
C LEU C 323 17.39 -34.92 52.71
N PHE C 324 16.96 -34.46 51.54
CA PHE C 324 17.19 -35.22 50.33
C PHE C 324 18.68 -35.16 49.92
N GLY C 325 19.29 -34.00 50.15
CA GLY C 325 20.74 -33.82 50.03
C GLY C 325 21.49 -34.78 50.96
N LEU C 326 21.03 -34.88 52.21
CA LEU C 326 21.70 -35.73 53.18
C LEU C 326 21.71 -37.15 52.63
N ALA C 327 20.52 -37.68 52.39
CA ALA C 327 20.36 -38.98 51.79
C ALA C 327 21.41 -39.24 50.70
N LEU C 328 21.62 -38.26 49.84
CA LEU C 328 22.37 -38.45 48.60
C LEU C 328 23.88 -38.35 48.71
N GLY C 329 24.37 -37.51 49.62
CA GLY C 329 25.80 -37.41 49.89
C GLY C 329 26.15 -37.07 51.33
N GLY C 330 25.31 -37.45 52.28
CA GLY C 330 25.60 -37.11 53.67
C GLY C 330 25.82 -35.64 53.86
N TRP C 331 26.71 -35.29 54.78
CA TRP C 331 26.82 -33.91 55.20
C TRP C 331 27.29 -33.05 54.02
N GLN C 332 28.00 -33.66 53.08
CA GLN C 332 28.43 -32.92 51.90
C GLN C 332 27.24 -32.65 50.97
N GLY C 333 26.37 -33.65 50.82
CA GLY C 333 25.14 -33.49 50.03
C GLY C 333 24.20 -32.41 50.57
N ALA C 334 24.00 -32.41 51.89
CA ALA C 334 23.27 -31.37 52.55
C ALA C 334 23.91 -30.00 52.37
N TYR C 335 25.20 -29.88 52.60
CA TYR C 335 25.88 -28.60 52.41
C TYR C 335 25.67 -28.14 50.96
N SER C 336 25.70 -29.07 50.02
CA SER C 336 25.47 -28.73 48.61
C SER C 336 24.13 -28.03 48.44
N VAL C 337 23.14 -28.45 49.23
CA VAL C 337 21.78 -27.89 49.20
C VAL C 337 21.76 -26.53 49.86
N LEU C 338 22.49 -26.38 50.95
CA LEU C 338 22.63 -25.06 51.57
C LEU C 338 23.36 -24.09 50.64
N ASP C 339 24.47 -24.53 50.09
CA ASP C 339 25.19 -23.74 49.10
C ASP C 339 24.32 -23.33 47.90
N TYR C 340 23.46 -24.24 47.43
CA TYR C 340 22.53 -23.95 46.32
C TYR C 340 21.66 -22.77 46.71
N PHE C 341 21.01 -22.89 47.88
CA PHE C 341 20.03 -21.87 48.29
C PHE C 341 20.67 -20.48 48.34
N GLN C 342 21.86 -20.39 48.94
CA GLN C 342 22.61 -19.13 48.95
C GLN C 342 22.85 -18.57 47.54
N LYS C 343 23.28 -19.42 46.63
CA LYS C 343 23.60 -18.96 45.29
C LYS C 343 22.35 -18.59 44.54
N ASP C 344 21.28 -19.37 44.75
CA ASP C 344 19.96 -19.17 44.11
C ASP C 344 19.43 -17.84 44.61
N LEU C 345 19.56 -17.61 45.91
CA LEU C 345 19.14 -16.34 46.52
C LEU C 345 19.95 -15.15 46.02
N THR C 346 21.24 -15.36 45.89
CA THR C 346 22.16 -14.34 45.44
C THR C 346 21.81 -13.87 44.01
N ARG C 347 21.42 -14.79 43.14
CA ARG C 347 20.95 -14.41 41.81
C ARG C 347 19.69 -13.51 41.89
N VAL C 348 18.71 -13.93 42.71
CA VAL C 348 17.40 -13.27 42.80
C VAL C 348 17.57 -11.85 43.30
N MET C 349 18.50 -11.67 44.24
CA MET C 349 18.80 -10.37 44.82
C MET C 349 19.34 -9.46 43.74
N GLN C 350 20.22 -9.97 42.90
CA GLN C 350 20.80 -9.13 41.85
C GLN C 350 19.75 -8.66 40.85
N LEU C 351 18.79 -9.53 40.54
CA LEU C 351 17.87 -9.23 39.44
C LEU C 351 16.69 -8.42 39.95
N THR C 352 16.53 -8.37 41.27
CA THR C 352 15.47 -7.59 41.89
C THR C 352 15.93 -6.29 42.51
N GLY C 353 17.22 -5.97 42.42
CA GLY C 353 17.76 -4.75 43.02
C GLY C 353 17.89 -4.86 44.51
N SER C 354 18.32 -6.01 45.02
CA SER C 354 18.56 -6.17 46.42
C SER C 354 20.03 -6.30 46.71
N GLN C 355 20.60 -5.27 47.35
CA GLN C 355 22.00 -5.29 47.74
C GLN C 355 22.16 -6.19 48.94
N ASN C 356 21.15 -6.16 49.83
CA ASN C 356 21.18 -6.91 51.11
C ASN C 356 19.82 -7.49 51.57
N VAL C 357 19.82 -8.10 52.74
CA VAL C 357 18.64 -8.73 53.29
C VAL C 357 17.51 -7.79 53.69
N GLU C 358 17.82 -6.58 54.15
CA GLU C 358 16.77 -5.58 54.39
C GLU C 358 16.02 -5.12 53.15
N ASP C 359 16.73 -4.97 52.04
CA ASP C 359 16.12 -4.62 50.75
C ASP C 359 15.01 -5.64 50.35
N LEU C 360 15.30 -6.93 50.48
CA LEU C 360 14.31 -7.98 50.19
C LEU C 360 13.00 -7.79 50.94
N LYS C 361 13.10 -7.64 52.27
CA LYS C 361 11.93 -7.36 53.13
C LYS C 361 11.07 -6.20 52.64
N GLY C 362 11.71 -5.22 51.97
CA GLY C 362 11.00 -4.11 51.35
C GLY C 362 10.55 -4.22 49.89
N LEU C 363 10.63 -5.41 49.27
CA LEU C 363 10.27 -5.52 47.84
C LEU C 363 8.76 -5.46 47.56
N ASP C 364 8.40 -4.75 46.50
CA ASP C 364 7.08 -4.86 45.91
C ASP C 364 6.83 -6.29 45.41
N LEU C 365 5.58 -6.74 45.41
CA LEU C 365 5.21 -8.05 44.86
C LEU C 365 4.00 -7.89 43.99
N PHE C 366 4.05 -8.49 42.80
CA PHE C 366 2.96 -8.44 41.85
C PHE C 366 1.98 -9.50 42.24
N ASP C 367 0.75 -9.07 42.50
CA ASP C 367 -0.33 -9.95 42.91
C ASP C 367 -0.87 -10.65 41.69
N ASN C 368 -1.01 -11.98 41.77
CA ASN C 368 -1.53 -12.78 40.64
C ASN C 368 -2.82 -13.54 40.98
N PRO C 369 -3.97 -12.92 40.69
CA PRO C 369 -5.26 -13.49 41.04
C PRO C 369 -5.59 -14.82 40.34
N TYR C 370 -4.94 -15.07 39.20
CA TYR C 370 -5.23 -16.24 38.38
C TYR C 370 -4.67 -17.52 38.97
N GLY C 371 -3.62 -17.41 39.77
CA GLY C 371 -3.06 -18.60 40.41
C GLY C 371 -2.22 -19.46 39.49
N TYR C 372 -2.16 -20.75 39.77
CA TYR C 372 -1.12 -21.60 39.19
C TYR C 372 -1.19 -21.82 37.68
N GLU C 373 -2.42 -22.05 37.22
CA GLU C 373 -2.71 -22.23 35.80
C GLU C 373 -2.79 -20.90 34.98
N TYR C 374 -2.78 -19.76 35.69
CA TYR C 374 -2.58 -18.44 35.09
C TYR C 374 -3.66 -18.06 34.08
N ILE D 6 33.85 -24.76 18.99
CA ILE D 6 33.51 -26.22 18.99
C ILE D 6 32.55 -26.59 17.85
N GLU D 7 32.33 -27.88 17.62
CA GLU D 7 31.51 -28.36 16.48
C GLU D 7 30.06 -27.90 16.61
N TYR D 8 29.54 -27.16 15.63
CA TYR D 8 28.10 -26.91 15.58
C TYR D 8 27.52 -26.97 14.18
N ASN D 9 26.47 -27.78 14.01
CA ASN D 9 25.92 -28.08 12.69
C ASN D 9 24.50 -27.64 12.53
N ALA D 10 24.38 -26.34 12.38
CA ALA D 10 23.11 -25.71 12.08
C ALA D 10 22.68 -26.11 10.67
N PRO D 11 21.34 -26.21 10.43
CA PRO D 11 20.77 -26.48 9.09
C PRO D 11 21.06 -25.33 8.16
N SER D 12 21.20 -25.61 6.86
CA SER D 12 21.74 -24.64 5.91
C SER D 12 20.84 -24.40 4.70
N GLU D 13 19.71 -25.10 4.71
CA GLU D 13 18.77 -25.06 3.61
C GLU D 13 18.00 -23.75 3.64
N ILE D 14 17.79 -23.16 2.47
CA ILE D 14 17.08 -21.93 2.35
C ILE D 14 15.75 -22.18 1.59
N LYS D 15 14.61 -21.95 2.26
CA LYS D 15 13.31 -22.07 1.63
C LYS D 15 12.20 -21.35 2.40
N TYR D 16 11.19 -20.92 1.66
CA TYR D 16 9.92 -20.49 2.21
C TYR D 16 9.17 -21.67 2.84
N ILE D 17 8.36 -21.37 3.86
CA ILE D 17 7.59 -22.39 4.59
C ILE D 17 6.17 -21.91 4.73
N ASP D 18 5.22 -22.83 4.91
CA ASP D 18 3.83 -22.40 5.11
C ASP D 18 3.65 -22.40 6.59
N VAL D 19 3.25 -21.24 7.10
CA VAL D 19 3.04 -21.06 8.50
C VAL D 19 1.54 -21.02 8.75
N VAL D 20 1.06 -21.99 9.51
CA VAL D 20 -0.35 -22.06 9.85
C VAL D 20 -0.54 -21.35 11.16
N ASN D 21 0.41 -21.56 12.07
CA ASN D 21 0.52 -20.84 13.33
C ASN D 21 1.98 -21.00 13.71
N THR D 22 2.49 -20.17 14.62
CA THR D 22 3.92 -20.20 15.00
C THR D 22 4.28 -21.19 16.12
N TYR D 23 3.27 -21.71 16.79
CA TYR D 23 3.49 -22.66 17.88
C TYR D 23 4.06 -23.90 17.29
N ASP D 24 3.48 -24.34 16.17
CA ASP D 24 3.97 -25.53 15.47
C ASP D 24 5.43 -25.46 15.03
N LEU D 25 6.03 -24.27 14.96
CA LEU D 25 7.41 -24.13 14.46
C LEU D 25 8.45 -24.58 15.48
N GLU D 26 8.10 -24.50 16.76
CA GLU D 26 8.99 -24.87 17.83
C GLU D 26 9.44 -26.32 17.60
N GLU D 27 8.46 -27.23 17.48
CA GLU D 27 8.78 -28.65 17.37
C GLU D 27 9.34 -28.99 16.00
N GLU D 28 8.77 -28.42 14.95
CA GLU D 28 9.30 -28.59 13.62
C GLU D 28 10.80 -28.29 13.59
N ALA D 29 11.21 -27.25 14.30
CA ALA D 29 12.59 -26.82 14.30
C ALA D 29 13.48 -27.68 15.20
N SER D 30 12.88 -28.37 16.17
CA SER D 30 13.62 -29.33 17.00
C SER D 30 14.08 -30.55 16.17
N LYS D 31 13.51 -30.75 14.98
CA LYS D 31 13.90 -31.88 14.17
C LYS D 31 15.15 -31.61 13.35
N VAL D 32 15.50 -30.32 13.17
CA VAL D 32 16.65 -29.94 12.33
C VAL D 32 17.68 -29.06 13.01
N VAL D 33 17.51 -28.77 14.30
CA VAL D 33 18.51 -27.98 15.03
C VAL D 33 19.20 -28.91 16.06
N PRO D 34 20.53 -28.78 16.21
CA PRO D 34 21.21 -29.59 17.24
C PRO D 34 20.60 -29.47 18.63
N HIS D 35 20.33 -30.60 19.26
CA HIS D 35 19.63 -30.63 20.53
C HIS D 35 20.03 -29.51 21.45
N GLY D 36 21.34 -29.38 21.72
CA GLY D 36 21.83 -28.40 22.73
C GLY D 36 21.42 -26.97 22.40
N GLY D 37 21.73 -26.58 21.16
CA GLY D 37 21.45 -25.25 20.69
C GLY D 37 19.96 -25.01 20.53
N PHE D 38 19.23 -26.03 20.10
CA PHE D 38 17.79 -25.90 19.96
C PHE D 38 17.16 -25.53 21.30
N ASN D 39 17.58 -26.22 22.36
CA ASN D 39 17.04 -25.99 23.71
C ASN D 39 17.58 -24.74 24.41
N TYR D 40 18.75 -24.27 23.99
CA TYR D 40 19.23 -22.96 24.41
C TYR D 40 18.22 -21.90 23.96
N ILE D 41 17.69 -22.01 22.74
CA ILE D 41 16.78 -21.02 22.17
C ILE D 41 15.35 -21.13 22.69
N ALA D 42 14.87 -22.36 22.82
CA ALA D 42 13.51 -22.62 23.20
C ALA D 42 13.30 -22.55 24.73
N GLY D 43 14.33 -22.87 25.51
CA GLY D 43 14.20 -23.00 26.97
C GLY D 43 14.09 -21.69 27.73
N ALA D 44 13.84 -21.79 29.04
CA ALA D 44 13.64 -20.61 29.89
C ALA D 44 14.04 -20.94 31.30
N SER D 45 13.83 -20.04 32.26
CA SER D 45 14.28 -20.25 33.62
C SER D 45 13.41 -21.17 34.41
N GLY D 46 14.01 -21.74 35.44
CA GLY D 46 13.34 -22.67 36.34
C GLY D 46 12.68 -23.76 35.54
N ASP D 47 11.42 -24.06 35.86
CA ASP D 47 10.59 -25.04 35.15
C ASP D 47 9.70 -24.37 34.10
N GLU D 48 10.08 -23.14 33.74
CA GLU D 48 9.49 -22.39 32.60
C GLU D 48 8.08 -21.87 32.83
N TRP D 49 7.64 -21.91 34.09
CA TRP D 49 6.32 -21.39 34.50
C TRP D 49 6.08 -19.92 34.07
N THR D 50 7.10 -19.08 34.17
CA THR D 50 6.98 -17.70 33.69
C THR D 50 6.95 -17.60 32.16
N LYS D 51 7.57 -18.53 31.44
CA LYS D 51 7.40 -18.57 29.97
C LYS D 51 5.97 -19.00 29.61
N ARG D 52 5.40 -19.89 30.42
CA ARG D 52 4.03 -20.32 30.17
C ARG D 52 3.13 -19.14 30.57
N ALA D 53 3.54 -18.44 31.62
CA ALA D 53 2.86 -17.23 32.01
C ALA D 53 2.81 -16.18 30.91
N ASN D 54 3.89 -16.06 30.13
CA ASN D 54 3.94 -15.10 29.02
C ASN D 54 2.92 -15.41 27.93
N ASP D 55 2.72 -16.71 27.71
CA ASP D 55 1.82 -17.17 26.67
C ASP D 55 0.38 -17.05 27.11
N ARG D 56 0.10 -17.41 28.35
CA ARG D 56 -1.28 -17.42 28.87
C ARG D 56 -1.88 -16.05 29.20
N ALA D 57 -1.03 -15.06 29.42
CA ALA D 57 -1.46 -13.69 29.70
C ALA D 57 -2.37 -13.19 28.58
N TRP D 58 -2.11 -13.57 27.34
CA TRP D 58 -2.95 -13.16 26.24
C TRP D 58 -4.43 -13.55 26.44
N LYS D 59 -4.70 -14.52 27.30
CA LYS D 59 -6.09 -14.90 27.57
C LYS D 59 -6.73 -14.11 28.71
N HIS D 60 -6.02 -13.12 29.23
CA HIS D 60 -6.52 -12.31 30.33
C HIS D 60 -7.33 -11.15 29.78
N LYS D 61 -6.98 -10.74 28.57
CA LYS D 61 -7.69 -9.72 27.86
C LYS D 61 -8.07 -10.25 26.50
N LEU D 62 -9.33 -10.13 26.14
CA LEU D 62 -9.83 -10.80 24.99
C LEU D 62 -10.41 -9.79 24.00
N LEU D 63 -10.22 -10.06 22.71
CA LEU D 63 -10.69 -9.16 21.68
C LEU D 63 -12.19 -9.39 21.46
N TYR D 64 -12.87 -8.30 21.12
CA TYR D 64 -14.25 -8.31 20.64
C TYR D 64 -14.27 -8.23 19.12
N PRO D 65 -15.12 -9.05 18.45
CA PRO D 65 -15.45 -8.72 17.06
C PRO D 65 -16.35 -7.51 17.06
N ARG D 66 -16.20 -6.65 16.05
CA ARG D 66 -17.07 -5.50 15.88
C ARG D 66 -17.68 -5.48 14.49
N LEU D 67 -18.94 -5.07 14.40
CA LEU D 67 -19.74 -5.28 13.22
C LEU D 67 -20.11 -3.93 12.56
N ALA D 68 -20.33 -3.93 11.24
CA ALA D 68 -20.64 -2.70 10.51
C ALA D 68 -19.71 -1.52 10.87
N GLN D 69 -18.41 -1.81 10.89
CA GLN D 69 -17.38 -0.80 11.19
C GLN D 69 -16.90 0.00 10.00
N ASP D 70 -17.55 -0.10 8.84
CA ASP D 70 -17.09 0.56 7.60
C ASP D 70 -15.57 0.41 7.36
N VAL D 71 -15.10 -0.82 7.39
CA VAL D 71 -13.69 -1.12 7.24
C VAL D 71 -13.41 -2.08 6.07
N GLU D 72 -12.24 -1.86 5.46
CA GLU D 72 -11.79 -2.62 4.28
C GLU D 72 -10.25 -2.41 4.10
N ALA D 73 -9.57 -3.44 3.62
CA ALA D 73 -8.13 -3.37 3.31
C ALA D 73 -7.41 -2.63 4.42
N PRO D 74 -7.45 -3.18 5.62
CA PRO D 74 -6.80 -2.48 6.71
C PRO D 74 -5.32 -2.25 6.44
N ASP D 75 -4.77 -1.26 7.11
CA ASP D 75 -3.41 -0.78 6.84
C ASP D 75 -2.50 -0.93 8.08
N THR D 76 -1.50 -1.80 7.98
CA THR D 76 -0.60 -2.21 9.07
C THR D 76 0.67 -1.37 9.16
N SER D 77 0.83 -0.39 8.27
CA SER D 77 2.01 0.47 8.34
C SER D 77 1.95 1.39 9.57
N THR D 78 3.13 1.74 10.07
CA THR D 78 3.26 2.63 11.18
C THR D 78 4.63 3.30 11.11
N GLU D 79 4.93 4.06 12.16
CA GLU D 79 6.14 4.86 12.19
C GLU D 79 6.64 5.05 13.65
N ILE D 80 7.94 4.86 13.85
CA ILE D 80 8.58 4.94 15.19
C ILE D 80 9.98 5.60 15.06
N LEU D 81 10.22 6.65 15.85
CA LEU D 81 11.43 7.46 15.78
C LEU D 81 11.91 7.72 14.36
N GLY D 82 10.98 8.09 13.50
CA GLY D 82 11.31 8.46 12.12
C GLY D 82 11.31 7.32 11.14
N HIS D 83 11.23 6.07 11.60
CA HIS D 83 11.30 4.91 10.69
C HIS D 83 9.95 4.46 10.20
N LYS D 84 9.78 4.34 8.89
CA LYS D 84 8.50 3.86 8.31
C LYS D 84 8.60 2.35 8.11
N ILE D 85 7.72 1.60 8.78
CA ILE D 85 7.79 0.14 8.79
C ILE D 85 6.45 -0.43 8.41
N LYS D 86 6.46 -1.57 7.74
CA LYS D 86 5.25 -2.20 7.19
C LYS D 86 4.30 -2.69 8.23
N ALA D 87 4.82 -3.06 9.41
CA ALA D 87 3.94 -3.56 10.49
C ALA D 87 4.42 -3.07 11.85
N PRO D 88 3.53 -3.06 12.86
CA PRO D 88 3.98 -2.61 14.15
C PRO D 88 4.67 -3.74 14.89
N PHE D 89 5.60 -4.39 14.21
CA PHE D 89 6.53 -5.25 14.88
C PHE D 89 7.90 -5.05 14.26
N ILE D 90 8.92 -5.20 15.10
CA ILE D 90 10.31 -5.16 14.71
C ILE D 90 10.94 -6.42 15.23
N MET D 91 12.20 -6.67 14.88
CA MET D 91 12.87 -7.87 15.34
C MET D 91 13.60 -7.58 16.64
N ALA D 92 13.45 -8.46 17.62
CA ALA D 92 14.12 -8.31 18.93
C ALA D 92 15.60 -8.64 18.83
N PRO D 93 16.40 -8.06 19.73
CA PRO D 93 17.80 -8.42 19.76
C PRO D 93 17.98 -9.82 20.33
N ILE D 94 18.64 -10.67 19.54
CA ILE D 94 18.96 -12.02 19.98
C ILE D 94 20.37 -12.37 19.53
N ALA D 95 21.07 -13.04 20.43
CA ALA D 95 22.42 -13.58 20.22
C ALA D 95 22.39 -14.87 19.38
N ALA D 96 23.57 -15.29 18.92
CA ALA D 96 23.76 -16.63 18.35
C ALA D 96 22.68 -17.13 17.42
N HIS D 97 22.41 -16.40 16.34
CA HIS D 97 21.47 -16.84 15.31
C HIS D 97 22.06 -18.02 14.58
N GLY D 98 23.38 -18.16 14.67
CA GLY D 98 24.07 -19.30 14.13
C GLY D 98 23.52 -20.60 14.69
N LEU D 99 22.98 -20.54 15.91
CA LEU D 99 22.39 -21.71 16.57
C LEU D 99 21.19 -22.26 15.81
N ALA D 100 20.52 -21.39 15.05
CA ALA D 100 19.35 -21.77 14.28
C ALA D 100 19.71 -22.09 12.81
N HIS D 101 20.62 -21.32 12.22
CA HIS D 101 20.90 -21.47 10.81
C HIS D 101 22.33 -21.11 10.50
N ALA D 102 22.86 -21.67 9.43
CA ALA D 102 24.26 -21.44 9.05
C ALA D 102 24.50 -19.97 8.70
N THR D 103 23.54 -19.41 7.95
CA THR D 103 23.59 -18.00 7.55
C THR D 103 23.51 -17.04 8.72
N LYS D 104 23.20 -17.57 9.91
CA LYS D 104 23.27 -16.82 11.19
C LYS D 104 22.56 -15.45 11.12
N GLU D 105 23.11 -14.39 11.73
CA GLU D 105 22.42 -13.08 11.80
C GLU D 105 22.12 -12.45 10.45
N ALA D 106 22.96 -12.72 9.45
CA ALA D 106 22.78 -12.13 8.13
C ALA D 106 21.53 -12.63 7.45
N GLY D 107 21.21 -13.92 7.65
CA GLY D 107 19.95 -14.47 7.17
C GLY D 107 18.75 -13.69 7.73
N THR D 108 18.71 -13.57 9.05
CA THR D 108 17.64 -12.84 9.69
C THR D 108 17.61 -11.39 9.21
N ALA D 109 18.78 -10.80 9.04
CA ALA D 109 18.87 -9.42 8.56
C ALA D 109 18.15 -9.23 7.25
N ARG D 110 18.30 -10.20 6.36
CA ARG D 110 17.78 -10.07 5.00
C ARG D 110 16.26 -10.21 4.96
N ALA D 111 15.73 -11.15 5.73
CA ALA D 111 14.27 -11.28 5.94
C ALA D 111 13.65 -9.99 6.50
N VAL D 112 14.27 -9.46 7.55
CA VAL D 112 13.80 -8.23 8.21
C VAL D 112 13.84 -7.02 7.23
N SER D 113 14.91 -6.93 6.47
CA SER D 113 15.09 -5.90 5.47
C SER D 113 14.08 -5.98 4.34
N GLU D 114 13.96 -7.16 3.71
CA GLU D 114 13.06 -7.26 2.55
C GLU D 114 11.63 -7.13 2.95
N PHE D 115 11.29 -7.55 4.15
CA PHE D 115 9.94 -7.35 4.69
C PHE D 115 9.61 -5.89 4.93
N GLY D 116 10.51 -5.19 5.62
CA GLY D 116 10.42 -3.74 5.78
C GLY D 116 10.16 -3.28 7.21
N THR D 117 11.08 -3.65 8.09
CA THR D 117 11.01 -3.22 9.47
C THR D 117 12.45 -3.25 9.94
N ILE D 118 12.63 -3.12 11.25
CA ILE D 118 13.89 -2.70 11.82
C ILE D 118 14.52 -3.93 12.38
N MET D 119 15.77 -4.14 12.03
CA MET D 119 16.56 -5.24 12.61
C MET D 119 17.19 -4.75 13.89
N SER D 120 17.19 -5.54 14.96
CA SER D 120 17.88 -5.15 16.21
C SER D 120 19.06 -6.07 16.40
N ILE D 121 20.25 -5.47 16.60
CA ILE D 121 21.49 -6.24 16.56
C ILE D 121 22.08 -6.41 17.95
N SER D 122 22.26 -7.66 18.35
CA SER D 122 22.79 -7.97 19.67
C SER D 122 24.29 -7.77 19.70
N ALA D 123 24.79 -7.24 20.82
CA ALA D 123 26.23 -7.13 21.02
C ALA D 123 26.91 -8.50 20.98
N TYR D 124 26.23 -9.52 21.49
CA TYR D 124 26.73 -10.90 21.53
C TYR D 124 26.29 -11.68 20.29
N SER D 125 26.50 -11.10 19.13
CA SER D 125 26.07 -11.69 17.87
C SER D 125 27.19 -12.54 17.27
N GLY D 126 26.86 -13.59 16.53
CA GLY D 126 27.90 -14.44 15.91
C GLY D 126 28.49 -13.95 14.57
N ALA D 127 28.34 -12.65 14.28
CA ALA D 127 28.61 -12.10 12.97
C ALA D 127 29.15 -10.68 13.12
N THR D 128 29.88 -10.19 12.10
CA THR D 128 30.43 -8.81 12.10
C THR D 128 29.35 -7.81 11.66
N PHE D 129 29.56 -6.54 11.96
CA PHE D 129 28.67 -5.51 11.45
C PHE D 129 28.60 -5.60 9.92
N GLU D 130 29.73 -5.95 9.30
CA GLU D 130 29.87 -6.08 7.84
C GLU D 130 29.12 -7.26 7.24
N GLU D 131 29.18 -8.40 7.93
CA GLU D 131 28.40 -9.58 7.52
C GLU D 131 26.90 -9.30 7.61
N ILE D 132 26.49 -8.62 8.69
CA ILE D 132 25.11 -8.24 8.91
C ILE D 132 24.61 -7.16 7.93
N SER D 133 25.46 -6.17 7.66
CA SER D 133 25.13 -5.09 6.72
C SER D 133 24.85 -5.62 5.30
N GLU D 134 25.58 -6.67 4.92
CA GLU D 134 25.33 -7.40 3.67
C GLU D 134 23.87 -7.89 3.52
N GLY D 135 23.43 -8.74 4.44
CA GLY D 135 22.02 -9.13 4.53
C GLY D 135 21.05 -7.96 4.64
N LEU D 136 21.44 -6.91 5.40
CA LEU D 136 20.57 -5.72 5.67
C LEU D 136 20.40 -4.82 4.45
N ASN D 137 21.46 -4.67 3.68
CA ASN D 137 21.30 -4.09 2.35
C ASN D 137 20.75 -2.68 2.39
N GLY D 138 21.24 -1.84 3.30
CA GLY D 138 20.74 -0.48 3.47
C GLY D 138 19.57 -0.30 4.42
N GLY D 139 18.95 -1.40 4.84
CA GLY D 139 17.81 -1.38 5.77
C GLY D 139 18.17 -0.87 7.17
N PRO D 140 17.14 -0.48 7.96
CA PRO D 140 17.42 0.21 9.26
C PRO D 140 17.87 -0.73 10.37
N ARG D 141 18.70 -0.25 11.28
CA ARG D 141 19.13 -1.10 12.39
C ARG D 141 19.35 -0.31 13.67
N TRP D 142 19.04 -0.96 14.79
CA TRP D 142 19.24 -0.47 16.14
C TRP D 142 20.21 -1.42 16.75
N PHE D 143 21.09 -0.92 17.61
CA PHE D 143 22.08 -1.77 18.22
C PHE D 143 21.82 -1.95 19.68
N GLN D 144 21.76 -3.19 20.11
CA GLN D 144 21.55 -3.49 21.50
C GLN D 144 22.85 -3.78 22.22
N ILE D 145 23.10 -3.02 23.27
CA ILE D 145 24.35 -3.16 24.01
C ILE D 145 24.16 -3.94 25.31
N TYR D 146 25.15 -4.78 25.59
CA TYR D 146 25.38 -5.35 26.93
C TYR D 146 26.61 -4.62 27.39
N MET D 147 26.48 -3.88 28.48
CA MET D 147 27.55 -3.01 28.91
C MET D 147 28.71 -3.74 29.59
N ALA D 148 29.90 -3.37 29.16
CA ALA D 148 31.14 -3.77 29.83
C ALA D 148 31.51 -2.88 31.01
N LYS D 149 32.28 -3.42 31.95
CA LYS D 149 32.78 -2.61 33.05
C LYS D 149 33.64 -1.41 32.58
N ASP D 150 34.51 -1.65 31.59
CA ASP D 150 35.42 -0.62 31.07
C ASP D 150 34.76 0.40 30.12
N ASP D 151 34.72 1.66 30.55
CA ASP D 151 34.05 2.70 29.80
C ASP D 151 34.55 2.81 28.37
N GLN D 152 35.85 2.64 28.15
CA GLN D 152 36.38 2.83 26.80
C GLN D 152 35.71 1.84 25.83
N GLN D 153 35.51 0.60 26.26
CA GLN D 153 34.85 -0.41 25.43
C GLN D 153 33.42 -0.07 25.07
N ASN D 154 32.64 0.39 26.03
CA ASN D 154 31.30 0.90 25.72
C ASN D 154 31.36 1.97 24.61
N ARG D 155 32.18 3.00 24.84
CA ARG D 155 32.31 4.11 23.91
C ARG D 155 32.79 3.61 22.56
N ASP D 156 33.69 2.62 22.56
CA ASP D 156 34.22 2.04 21.30
C ASP D 156 33.17 1.21 20.54
N ILE D 157 32.41 0.40 21.27
CA ILE D 157 31.35 -0.43 20.69
C ILE D 157 30.22 0.49 20.16
N LEU D 158 29.85 1.52 20.92
CA LEU D 158 28.82 2.48 20.45
C LEU D 158 29.23 3.30 19.21
N ASP D 159 30.49 3.72 19.14
CA ASP D 159 31.03 4.40 17.96
C ASP D 159 30.87 3.44 16.77
N GLU D 160 31.31 2.20 16.97
CA GLU D 160 31.30 1.20 15.91
C GLU D 160 29.90 1.03 15.35
N ALA D 161 28.92 1.09 16.25
CA ALA D 161 27.50 0.84 15.92
C ALA D 161 26.88 2.01 15.19
N LYS D 162 27.30 3.22 15.56
CA LYS D 162 26.89 4.41 14.82
C LYS D 162 27.56 4.45 13.44
N GLY D 163 28.81 3.97 13.42
CA GLY D 163 29.56 3.71 12.17
C GLY D 163 28.81 2.83 11.18
N ASP D 164 28.27 1.69 11.64
CA ASP D 164 27.49 0.76 10.77
C ASP D 164 26.14 1.35 10.32
N GLY D 165 25.69 2.42 10.99
CA GLY D 165 24.43 3.06 10.69
C GLY D 165 23.34 2.85 11.73
N ALA D 166 23.65 2.30 12.88
CA ALA D 166 22.60 2.17 13.91
C ALA D 166 21.88 3.48 14.17
N THR D 167 20.55 3.53 14.12
CA THR D 167 19.81 4.78 14.47
C THR D 167 19.16 4.84 15.86
N ALA D 168 19.33 3.80 16.67
CA ALA D 168 18.90 3.85 18.06
C ALA D 168 19.85 2.97 18.81
N ILE D 169 19.90 3.10 20.12
CA ILE D 169 20.65 2.17 20.98
C ILE D 169 19.72 1.57 22.02
N ILE D 170 19.76 0.24 22.15
CA ILE D 170 18.95 -0.53 23.09
C ILE D 170 19.86 -1.02 24.21
N LEU D 171 19.61 -0.53 25.43
CA LEU D 171 20.36 -0.97 26.59
C LEU D 171 19.54 -2.05 27.31
N THR D 172 20.11 -3.24 27.43
CA THR D 172 19.44 -4.37 28.06
C THR D 172 19.95 -4.55 29.48
N ALA D 173 19.10 -4.23 30.46
CA ALA D 173 19.52 -4.16 31.86
C ALA D 173 19.00 -5.28 32.79
N ASP D 174 18.25 -6.25 32.24
CA ASP D 174 17.62 -7.36 32.99
C ASP D 174 18.50 -8.63 33.00
N SER D 175 19.68 -8.56 32.38
CA SER D 175 20.64 -9.65 32.41
C SER D 175 21.93 -9.30 33.16
N THR D 176 21.88 -8.52 34.23
CA THR D 176 23.11 -8.25 34.99
C THR D 176 23.81 -9.57 35.44
N VAL D 177 23.01 -10.58 35.74
CA VAL D 177 23.45 -12.00 35.82
C VAL D 177 22.45 -12.90 35.08
N SER D 178 22.90 -14.00 34.49
CA SER D 178 22.02 -14.87 33.73
C SER D 178 20.82 -15.40 34.53
N GLY D 179 19.74 -15.68 33.81
CA GLY D 179 18.66 -16.46 34.38
C GLY D 179 19.20 -17.84 34.77
N ASN D 180 18.41 -18.59 35.55
CA ASN D 180 18.71 -19.97 35.90
C ASN D 180 18.13 -20.86 34.88
N ARG D 181 18.77 -21.02 33.73
CA ARG D 181 18.26 -21.88 32.66
C ARG D 181 18.54 -23.39 32.87
N ASP D 182 17.50 -24.11 33.27
CA ASP D 182 17.64 -25.49 33.69
C ASP D 182 18.13 -26.39 32.54
N ARG D 183 17.57 -26.18 31.36
CA ARG D 183 17.98 -26.97 30.23
C ARG D 183 19.47 -26.84 29.86
N ASP D 184 19.99 -25.62 29.89
CA ASP D 184 21.37 -25.38 29.47
C ASP D 184 22.29 -26.09 30.50
N VAL D 185 21.98 -25.94 31.79
CA VAL D 185 22.77 -26.61 32.81
C VAL D 185 22.73 -28.12 32.60
N LYS D 186 21.52 -28.68 32.47
CA LYS D 186 21.32 -30.11 32.27
C LYS D 186 22.05 -30.66 31.02
N ASN D 187 21.91 -29.96 29.90
CA ASN D 187 22.60 -30.32 28.65
C ASN D 187 24.04 -29.78 28.57
N LYS D 188 24.61 -29.33 29.70
CA LYS D 188 25.95 -28.70 29.77
C LYS D 188 26.24 -27.94 28.51
N PHE D 189 25.33 -27.08 28.12
CA PHE D 189 25.41 -26.40 26.85
C PHE D 189 26.50 -25.35 26.88
N VAL D 190 27.51 -25.52 26.02
CA VAL D 190 28.58 -24.52 25.88
C VAL D 190 28.40 -23.80 24.54
N TYR D 191 28.49 -22.49 24.64
CA TYR D 191 28.36 -21.61 23.53
C TYR D 191 29.38 -21.96 22.42
N PRO D 192 28.90 -22.30 21.22
CA PRO D 192 29.84 -22.89 20.26
C PRO D 192 30.69 -21.91 19.45
N PHE D 193 30.29 -20.64 19.36
CA PHE D 193 31.11 -19.67 18.63
C PHE D 193 31.40 -18.41 19.43
N GLY D 194 32.26 -17.57 18.86
CA GLY D 194 32.69 -16.34 19.52
C GLY D 194 31.87 -15.15 19.09
N MET D 195 32.10 -14.04 19.77
CA MET D 195 31.31 -12.83 19.60
C MET D 195 32.24 -11.72 19.10
N PRO D 196 32.41 -11.62 17.77
CA PRO D 196 33.40 -10.70 17.18
C PRO D 196 33.17 -9.19 17.41
N ILE D 197 31.93 -8.75 17.64
CA ILE D 197 31.67 -7.35 18.02
C ILE D 197 32.12 -7.00 19.45
N VAL D 198 32.41 -7.98 20.29
CA VAL D 198 32.98 -7.68 21.62
C VAL D 198 34.49 -8.07 21.66
N GLN D 199 35.08 -8.29 22.85
CA GLN D 199 36.49 -8.75 23.03
C GLN D 199 37.56 -7.83 22.36
N GLY D 216 30.17 -12.93 31.05
CA GLY D 216 31.53 -12.67 31.48
C GLY D 216 31.63 -11.49 32.45
N ALA D 217 32.76 -10.77 32.42
CA ALA D 217 32.93 -9.50 33.18
C ALA D 217 32.13 -8.37 32.46
N SER D 218 30.82 -8.53 32.57
CA SER D 218 29.86 -7.54 32.15
C SER D 218 29.56 -6.66 33.35
N LYS D 219 28.96 -5.51 33.07
CA LYS D 219 28.76 -4.55 34.12
C LYS D 219 27.56 -4.99 34.93
N GLN D 220 27.85 -5.43 36.14
CA GLN D 220 26.86 -5.72 37.16
C GLN D 220 26.18 -4.45 37.65
N LYS D 221 26.98 -3.46 38.04
CA LYS D 221 26.51 -2.38 38.91
C LYS D 221 25.89 -1.26 38.10
N ILE D 222 25.02 -1.62 37.17
CA ILE D 222 24.41 -0.64 36.31
C ILE D 222 23.57 0.32 37.12
N SER D 223 23.66 1.62 36.82
CA SER D 223 22.89 2.66 37.52
C SER D 223 22.11 3.49 36.50
N PRO D 224 21.28 4.47 36.94
CA PRO D 224 20.76 5.47 35.96
C PRO D 224 21.84 6.27 35.19
N ARG D 225 22.88 6.73 35.90
CA ARG D 225 24.02 7.43 35.28
C ARG D 225 24.46 6.80 33.93
N ASP D 226 24.40 5.47 33.84
CA ASP D 226 24.76 4.75 32.61
C ASP D 226 23.81 5.01 31.45
N ILE D 227 22.57 5.35 31.75
CA ILE D 227 21.60 5.71 30.72
C ILE D 227 22.00 7.08 30.17
N GLU D 228 22.30 8.01 31.09
CA GLU D 228 22.68 9.38 30.76
C GLU D 228 23.86 9.32 29.84
N GLU D 229 24.89 8.64 30.30
CA GLU D 229 26.17 8.50 29.57
C GLU D 229 26.06 7.94 28.12
N ILE D 230 25.17 6.97 27.92
CA ILE D 230 25.01 6.34 26.62
C ILE D 230 24.19 7.21 25.67
N ALA D 231 23.19 7.91 26.21
CA ALA D 231 22.52 8.91 25.42
C ALA D 231 23.56 9.97 25.02
N ALA D 232 24.22 10.57 26.02
CA ALA D 232 25.22 11.65 25.82
C ALA D 232 26.35 11.35 24.86
N HIS D 233 26.93 10.15 24.92
CA HIS D 233 28.03 9.81 24.00
C HIS D 233 27.49 9.47 22.61
N SER D 234 26.62 8.46 22.52
CA SER D 234 26.06 8.02 21.23
C SER D 234 25.34 9.13 20.50
N GLY D 235 24.70 10.00 21.28
CA GLY D 235 23.83 11.02 20.72
C GLY D 235 22.66 10.46 19.92
N LEU D 236 22.29 9.20 20.19
CA LEU D 236 21.14 8.51 19.57
C LEU D 236 20.02 8.31 20.60
N PRO D 237 18.80 7.98 20.12
CA PRO D 237 17.77 7.57 21.04
C PRO D 237 18.09 6.23 21.69
N VAL D 238 17.96 6.22 23.02
CA VAL D 238 18.19 5.06 23.85
C VAL D 238 16.86 4.50 24.38
N PHE D 239 16.75 3.18 24.26
CA PHE D 239 15.65 2.41 24.82
C PHE D 239 16.23 1.69 26.04
N VAL D 240 15.52 1.70 27.16
CA VAL D 240 15.81 0.77 28.22
C VAL D 240 14.93 -0.47 28.09
N LYS D 241 15.54 -1.64 28.17
CA LYS D 241 14.93 -2.91 27.83
C LYS D 241 15.04 -3.88 28.97
N GLY D 242 13.92 -4.58 29.25
CA GLY D 242 13.79 -5.45 30.44
C GLY D 242 12.76 -4.98 31.47
N ILE D 243 12.06 -3.87 31.19
CA ILE D 243 11.24 -3.25 32.20
C ILE D 243 10.00 -4.11 32.46
N GLN D 244 9.69 -4.31 33.74
CA GLN D 244 8.41 -4.90 34.13
C GLN D 244 7.72 -4.11 35.28
N HIS D 245 8.43 -3.15 35.85
CA HIS D 245 7.93 -2.34 36.97
C HIS D 245 7.79 -0.88 36.48
N PRO D 246 6.67 -0.19 36.79
CA PRO D 246 6.52 1.15 36.20
C PRO D 246 7.51 2.22 36.74
N GLU D 247 7.82 2.21 38.03
CA GLU D 247 8.92 3.02 38.57
C GLU D 247 10.17 3.07 37.67
N ASP D 248 10.53 1.91 37.11
CA ASP D 248 11.69 1.83 36.23
C ASP D 248 11.46 2.60 34.95
N ALA D 249 10.22 2.65 34.46
CA ALA D 249 9.93 3.55 33.34
C ALA D 249 10.15 5.01 33.72
N ASP D 250 9.78 5.42 34.94
CA ASP D 250 10.06 6.78 35.38
C ASP D 250 11.57 7.04 35.45
N MET D 251 12.28 6.14 36.11
CA MET D 251 13.74 6.21 36.21
C MET D 251 14.39 6.35 34.82
N ALA D 252 13.89 5.66 33.81
CA ALA D 252 14.52 5.63 32.49
C ALA D 252 14.35 6.92 31.74
N ILE D 253 13.12 7.42 31.74
CA ILE D 253 12.81 8.65 31.02
C ILE D 253 13.57 9.82 31.63
N LYS D 254 13.53 9.90 32.94
CA LYS D 254 14.28 10.86 33.71
C LYS D 254 15.81 10.82 33.46
N ALA D 255 16.40 9.64 33.32
CA ALA D 255 17.82 9.52 32.94
C ALA D 255 18.12 9.81 31.44
N GLY D 256 17.07 10.07 30.66
CA GLY D 256 17.21 10.45 29.25
C GLY D 256 16.89 9.40 28.19
N ALA D 257 16.20 8.33 28.55
CA ALA D 257 15.79 7.34 27.54
C ALA D 257 14.77 7.94 26.56
N SER D 258 14.93 7.66 25.27
CA SER D 258 13.95 8.02 24.24
C SER D 258 12.90 6.92 23.99
N GLY D 259 12.93 5.86 24.78
CA GLY D 259 11.97 4.80 24.57
C GLY D 259 11.98 3.82 25.71
N ILE D 260 10.86 3.09 25.85
CA ILE D 260 10.74 2.08 26.87
C ILE D 260 10.37 0.73 26.26
N TRP D 261 11.14 -0.28 26.66
CA TRP D 261 11.05 -1.58 26.04
C TRP D 261 10.66 -2.57 27.11
N VAL D 262 9.38 -2.89 27.14
CA VAL D 262 8.82 -3.77 28.14
C VAL D 262 9.16 -5.21 27.73
N SER D 263 9.84 -5.93 28.60
CA SER D 263 10.35 -7.27 28.25
C SER D 263 10.67 -7.96 29.53
N ASN D 264 10.48 -9.29 29.61
CA ASN D 264 11.18 -10.13 30.64
C ASN D 264 12.16 -11.12 30.00
N HIS D 265 12.56 -10.83 28.78
CA HIS D 265 13.63 -11.57 28.11
C HIS D 265 13.17 -13.00 27.70
N GLY D 266 11.93 -13.09 27.23
CA GLY D 266 11.35 -14.36 26.88
C GLY D 266 11.39 -15.36 28.02
N ALA D 267 11.42 -14.86 29.25
CA ALA D 267 11.48 -15.68 30.45
C ALA D 267 12.82 -16.36 30.69
N ARG D 268 13.85 -15.94 29.99
CA ARG D 268 15.17 -16.53 30.14
C ARG D 268 15.90 -15.91 31.33
N GLN D 269 15.25 -14.95 31.99
CA GLN D 269 15.88 -14.25 33.13
C GLN D 269 15.18 -14.53 34.44
N LEU D 270 14.56 -13.51 35.07
CA LEU D 270 14.01 -13.73 36.39
C LEU D 270 12.82 -14.70 36.34
N TYR D 271 12.91 -15.73 37.19
CA TYR D 271 11.89 -16.76 37.39
C TYR D 271 10.88 -16.36 38.43
N GLU D 272 9.70 -16.94 38.32
CA GLU D 272 8.59 -16.78 39.27
C GLU D 272 8.15 -15.31 39.31
N ALA D 273 8.14 -14.70 38.11
CA ALA D 273 7.69 -13.33 37.84
C ALA D 273 6.48 -13.42 36.90
N PRO D 274 5.76 -12.30 36.72
CA PRO D 274 4.57 -12.37 35.90
C PRO D 274 4.85 -12.48 34.44
N GLY D 275 3.86 -12.90 33.68
CA GLY D 275 3.92 -12.83 32.22
C GLY D 275 4.03 -11.38 31.76
N SER D 276 4.94 -11.11 30.82
CA SER D 276 5.21 -9.77 30.39
C SER D 276 3.93 -8.91 30.18
N PHE D 277 2.95 -9.47 29.47
CA PHE D 277 1.73 -8.72 29.04
C PHE D 277 0.80 -8.27 30.20
N ASP D 278 0.87 -8.94 31.34
CA ASP D 278 0.13 -8.53 32.52
C ASP D 278 0.69 -7.27 33.12
N THR D 279 1.99 -7.03 32.94
CA THR D 279 2.66 -5.82 33.41
C THR D 279 2.55 -4.61 32.48
N LEU D 280 2.11 -4.80 31.25
CA LEU D 280 2.10 -3.72 30.29
C LEU D 280 1.24 -2.49 30.68
N PRO D 281 -0.07 -2.69 31.01
CA PRO D 281 -0.95 -1.55 31.35
C PRO D 281 -0.41 -0.56 32.37
N ALA D 282 0.07 -1.03 33.52
CA ALA D 282 0.54 -0.14 34.57
C ALA D 282 1.76 0.68 34.12
N ILE D 283 2.56 0.12 33.21
CA ILE D 283 3.71 0.82 32.65
C ILE D 283 3.31 1.91 31.67
N ALA D 284 2.46 1.57 30.72
CA ALA D 284 1.87 2.51 29.77
C ALA D 284 1.24 3.70 30.48
N GLU D 285 0.54 3.40 31.58
CA GLU D 285 -0.10 4.39 32.42
C GLU D 285 0.93 5.36 33.03
N ARG D 286 2.04 4.83 33.54
CA ARG D 286 3.08 5.68 34.12
C ARG D 286 3.85 6.41 33.03
N VAL D 287 4.01 5.81 31.87
CA VAL D 287 4.78 6.47 30.81
C VAL D 287 4.01 7.63 30.20
N ASN D 288 2.72 7.46 30.03
CA ASN D 288 1.86 8.58 29.66
C ASN D 288 2.25 9.11 28.28
N LYS D 289 2.62 8.19 27.39
CA LYS D 289 3.04 8.50 26.01
C LYS D 289 4.16 9.55 25.94
N ARG D 290 4.98 9.65 26.98
CA ARG D 290 6.10 10.56 26.93
C ARG D 290 7.10 10.11 25.89
N VAL D 291 7.47 8.83 25.93
CA VAL D 291 8.28 8.21 24.88
C VAL D 291 7.55 6.98 24.33
N PRO D 292 7.97 6.50 23.15
CA PRO D 292 7.30 5.34 22.58
C PRO D 292 7.60 4.06 23.37
N ILE D 293 6.76 3.06 23.19
CA ILE D 293 6.89 1.80 23.92
C ILE D 293 6.97 0.63 22.97
N VAL D 294 8.09 -0.11 23.09
CA VAL D 294 8.26 -1.41 22.44
C VAL D 294 7.89 -2.46 23.47
N PHE D 295 7.03 -3.42 23.09
CA PHE D 295 6.70 -4.53 23.98
C PHE D 295 7.17 -5.87 23.49
N ASP D 296 7.61 -6.74 24.42
CA ASP D 296 7.94 -8.10 24.05
C ASP D 296 7.87 -9.16 25.17
N SER D 297 8.08 -10.40 24.75
CA SER D 297 8.03 -11.63 25.57
C SER D 297 6.67 -12.32 25.51
N GLY D 298 6.54 -13.23 24.54
CA GLY D 298 5.37 -14.05 24.32
C GLY D 298 4.67 -13.87 22.97
N VAL D 299 5.01 -12.87 22.18
CA VAL D 299 4.19 -12.59 21.00
C VAL D 299 4.22 -13.80 20.02
N ARG D 300 3.04 -14.31 19.66
CA ARG D 300 2.92 -15.49 18.76
C ARG D 300 1.74 -15.38 17.76
N ARG D 301 0.90 -14.36 17.87
CA ARG D 301 -0.27 -14.19 17.00
C ARG D 301 -0.55 -12.73 16.67
N GLY D 302 -1.23 -12.47 15.56
CA GLY D 302 -1.76 -11.15 15.26
C GLY D 302 -2.59 -10.67 16.45
N GLU D 303 -3.37 -11.59 17.03
CA GLU D 303 -4.21 -11.27 18.17
C GLU D 303 -3.42 -10.61 19.29
N HIS D 304 -2.17 -11.05 19.49
CA HIS D 304 -1.25 -10.50 20.52
C HIS D 304 -0.67 -9.14 20.14
N VAL D 305 -0.39 -8.96 18.86
CA VAL D 305 0.11 -7.68 18.40
C VAL D 305 -0.96 -6.62 18.72
N ALA D 306 -2.20 -6.95 18.37
CA ALA D 306 -3.37 -6.14 18.57
C ALA D 306 -3.63 -5.80 20.05
N LYS D 307 -3.44 -6.77 20.94
CA LYS D 307 -3.70 -6.57 22.36
C LYS D 307 -2.57 -5.76 22.99
N ALA D 308 -1.34 -6.01 22.55
CA ALA D 308 -0.22 -5.22 23.02
C ALA D 308 -0.48 -3.78 22.67
N LEU D 309 -0.79 -3.53 21.41
CA LEU D 309 -1.07 -2.18 20.93
C LEU D 309 -2.24 -1.53 21.70
N ALA D 310 -3.28 -2.30 22.01
CA ALA D 310 -4.44 -1.73 22.66
C ALA D 310 -4.20 -1.45 24.14
N SER D 311 -3.10 -1.95 24.65
CA SER D 311 -2.84 -1.96 26.09
C SER D 311 -1.74 -0.97 26.39
N GLY D 312 -1.37 -0.19 25.38
CA GLY D 312 -0.44 0.91 25.54
C GLY D 312 0.89 0.80 24.83
N ALA D 313 1.16 -0.29 24.10
CA ALA D 313 2.40 -0.43 23.32
C ALA D 313 2.31 0.34 22.01
N ASP D 314 3.45 0.75 21.45
CA ASP D 314 3.48 1.32 20.08
C ASP D 314 3.91 0.33 18.99
N VAL D 315 4.77 -0.62 19.36
CA VAL D 315 5.12 -1.76 18.49
C VAL D 315 5.58 -2.91 19.38
N VAL D 316 5.58 -4.13 18.84
CA VAL D 316 6.09 -5.28 19.58
C VAL D 316 7.44 -5.70 19.00
N ALA D 317 8.23 -6.48 19.76
CA ALA D 317 9.37 -7.20 19.19
C ALA D 317 9.08 -8.73 19.11
N LEU D 318 9.43 -9.32 17.97
CA LEU D 318 9.35 -10.77 17.77
C LEU D 318 10.72 -11.43 17.98
N GLY D 319 10.71 -12.64 18.54
CA GLY D 319 11.96 -13.38 18.82
C GLY D 319 11.87 -14.83 18.40
N ARG D 320 11.53 -15.72 19.33
CA ARG D 320 11.65 -17.16 19.10
C ARG D 320 11.07 -17.65 17.78
N PRO D 321 9.85 -17.20 17.41
CA PRO D 321 9.26 -17.64 16.13
C PRO D 321 10.01 -17.25 14.86
N VAL D 322 10.70 -16.12 14.85
CA VAL D 322 11.52 -15.79 13.68
C VAL D 322 12.68 -16.78 13.61
N LEU D 323 13.39 -16.93 14.73
CA LEU D 323 14.46 -17.89 14.85
C LEU D 323 14.07 -19.31 14.43
N PHE D 324 12.87 -19.74 14.81
CA PHE D 324 12.43 -21.06 14.41
C PHE D 324 12.20 -21.08 12.89
N GLY D 325 11.70 -19.98 12.32
CA GLY D 325 11.60 -19.83 10.87
C GLY D 325 12.97 -19.75 10.18
N LEU D 326 13.93 -19.06 10.79
CA LEU D 326 15.30 -19.08 10.29
C LEU D 326 15.77 -20.53 10.24
N ALA D 327 15.59 -21.26 11.34
CA ALA D 327 16.09 -22.63 11.39
C ALA D 327 15.58 -23.50 10.26
N LEU D 328 14.33 -23.28 9.85
CA LEU D 328 13.69 -24.19 8.91
C LEU D 328 13.87 -23.82 7.47
N GLY D 329 14.41 -22.62 7.19
CA GLY D 329 14.45 -22.10 5.82
C GLY D 329 15.22 -20.81 5.57
N GLY D 330 16.25 -20.55 6.40
CA GLY D 330 17.12 -19.37 6.30
C GLY D 330 16.29 -18.09 6.24
N TRP D 331 16.74 -17.13 5.43
CA TRP D 331 16.08 -15.85 5.35
C TRP D 331 14.64 -15.98 4.86
N GLN D 332 14.38 -17.02 4.06
CA GLN D 332 13.06 -17.20 3.44
C GLN D 332 12.05 -17.75 4.42
N GLY D 333 12.53 -18.57 5.36
CA GLY D 333 11.68 -19.03 6.48
C GLY D 333 11.36 -17.90 7.47
N ALA D 334 12.42 -17.23 7.93
CA ALA D 334 12.30 -15.97 8.67
C ALA D 334 11.26 -15.07 8.02
N TYR D 335 11.43 -14.83 6.74
CA TYR D 335 10.54 -13.93 6.04
C TYR D 335 9.09 -14.48 6.05
N SER D 336 8.92 -15.79 5.81
CA SER D 336 7.60 -16.38 5.81
C SER D 336 6.87 -16.08 7.12
N VAL D 337 7.62 -16.09 8.23
CA VAL D 337 7.11 -15.73 9.55
C VAL D 337 6.70 -14.23 9.70
N LEU D 338 7.55 -13.32 9.27
CA LEU D 338 7.22 -11.89 9.32
C LEU D 338 5.97 -11.67 8.46
N ASP D 339 5.98 -12.31 7.29
CA ASP D 339 4.81 -12.29 6.44
C ASP D 339 3.55 -12.83 7.13
N TYR D 340 3.70 -13.94 7.84
CA TYR D 340 2.54 -14.52 8.57
C TYR D 340 1.92 -13.51 9.53
N PHE D 341 2.75 -12.92 10.38
CA PHE D 341 2.29 -11.95 11.37
C PHE D 341 1.51 -10.81 10.73
N GLN D 342 1.98 -10.35 9.59
CA GLN D 342 1.40 -9.17 8.95
C GLN D 342 0.02 -9.54 8.49
N LYS D 343 -0.11 -10.69 7.81
CA LYS D 343 -1.42 -11.17 7.38
C LYS D 343 -2.35 -11.51 8.55
N ASP D 344 -1.77 -12.08 9.59
CA ASP D 344 -2.50 -12.49 10.76
C ASP D 344 -3.06 -11.23 11.42
N LEU D 345 -2.20 -10.21 11.55
CA LEU D 345 -2.62 -8.97 12.14
C LEU D 345 -3.68 -8.27 11.29
N THR D 346 -3.58 -8.45 9.98
CA THR D 346 -4.51 -7.85 9.01
C THR D 346 -5.90 -8.49 9.13
N ARG D 347 -5.94 -9.80 9.36
CA ARG D 347 -7.20 -10.47 9.65
C ARG D 347 -7.85 -9.85 10.89
N VAL D 348 -7.08 -9.75 11.95
CA VAL D 348 -7.60 -9.28 13.22
C VAL D 348 -8.14 -7.87 13.12
N MET D 349 -7.42 -7.01 12.43
CA MET D 349 -7.85 -5.63 12.25
C MET D 349 -9.23 -5.57 11.59
N GLN D 350 -9.39 -6.33 10.50
CA GLN D 350 -10.68 -6.40 9.83
C GLN D 350 -11.79 -6.79 10.81
N LEU D 351 -11.58 -7.87 11.55
CA LEU D 351 -12.66 -8.39 12.39
C LEU D 351 -12.89 -7.54 13.65
N THR D 352 -11.91 -6.73 14.04
CA THR D 352 -12.07 -5.85 15.21
C THR D 352 -12.60 -4.47 14.88
N GLY D 353 -12.58 -4.12 13.60
CA GLY D 353 -12.98 -2.79 13.13
C GLY D 353 -11.83 -1.79 13.20
N SER D 354 -10.60 -2.24 12.93
CA SER D 354 -9.43 -1.39 12.96
C SER D 354 -8.95 -1.13 11.54
N GLN D 355 -9.15 0.10 11.05
CA GLN D 355 -8.74 0.49 9.71
C GLN D 355 -7.23 0.61 9.62
N ASN D 356 -6.60 1.14 10.67
CA ASN D 356 -5.16 1.46 10.69
C ASN D 356 -4.59 1.22 12.07
N VAL D 357 -3.29 1.38 12.24
CA VAL D 357 -2.65 0.99 13.50
C VAL D 357 -3.03 1.87 14.72
N GLU D 358 -3.43 3.13 14.50
CA GLU D 358 -3.86 3.97 15.62
C GLU D 358 -5.15 3.45 16.23
N ASP D 359 -6.09 3.02 15.38
CA ASP D 359 -7.36 2.34 15.77
C ASP D 359 -7.21 1.14 16.72
N LEU D 360 -6.12 0.40 16.56
CA LEU D 360 -5.78 -0.71 17.43
C LEU D 360 -5.49 -0.27 18.85
N LYS D 361 -4.85 0.88 19.01
CA LYS D 361 -4.50 1.39 20.36
C LYS D 361 -5.70 1.88 21.16
N GLY D 362 -6.84 2.10 20.48
CA GLY D 362 -8.10 2.49 21.09
C GLY D 362 -9.07 1.34 21.37
N LEU D 363 -8.71 0.11 21.03
CA LEU D 363 -9.62 -1.02 21.21
C LEU D 363 -9.97 -1.36 22.67
N ASP D 364 -11.26 -1.61 22.90
CA ASP D 364 -11.73 -2.10 24.18
C ASP D 364 -11.36 -3.57 24.28
N LEU D 365 -11.08 -4.03 25.49
CA LEU D 365 -10.73 -5.40 25.74
C LEU D 365 -11.67 -5.94 26.81
N PHE D 366 -12.02 -7.23 26.68
CA PHE D 366 -12.85 -7.97 27.61
C PHE D 366 -11.96 -8.55 28.71
N ASP D 367 -12.34 -8.30 29.96
CA ASP D 367 -11.58 -8.76 31.12
C ASP D 367 -11.94 -10.19 31.46
N ASN D 368 -10.97 -11.08 31.45
CA ASN D 368 -11.28 -12.46 31.78
C ASN D 368 -10.69 -12.81 33.11
N PRO D 369 -11.48 -12.80 34.17
CA PRO D 369 -10.90 -13.17 35.47
C PRO D 369 -10.79 -14.69 35.71
N TYR D 370 -11.27 -15.52 34.79
CA TYR D 370 -11.19 -16.99 34.98
C TYR D 370 -9.85 -17.59 34.61
N GLY D 371 -9.11 -16.93 33.75
CA GLY D 371 -7.77 -17.41 33.43
C GLY D 371 -7.81 -18.31 32.22
N TYR D 372 -6.78 -19.16 32.10
CA TYR D 372 -6.58 -19.94 30.87
C TYR D 372 -7.60 -21.04 30.72
N GLU D 373 -7.97 -21.64 31.86
CA GLU D 373 -8.90 -22.73 31.91
C GLU D 373 -10.38 -22.30 31.79
N TYR D 374 -10.68 -21.05 32.13
CA TYR D 374 -11.97 -20.40 31.83
C TYR D 374 -13.11 -21.05 32.63
N TYR E 8 -13.09 -13.79 -34.74
CA TYR E 8 -12.17 -12.63 -34.45
C TYR E 8 -11.15 -13.08 -33.43
N ASN E 9 -9.88 -13.14 -33.80
CA ASN E 9 -8.88 -13.72 -32.90
C ASN E 9 -8.32 -12.72 -31.87
N ALA E 10 -9.15 -12.30 -30.92
CA ALA E 10 -8.69 -11.41 -29.84
C ALA E 10 -7.71 -12.16 -28.94
N PRO E 11 -6.69 -11.48 -28.40
CA PRO E 11 -5.79 -12.13 -27.45
C PRO E 11 -6.49 -12.40 -26.15
N SER E 12 -5.96 -13.37 -25.41
CA SER E 12 -6.58 -13.86 -24.17
C SER E 12 -5.60 -14.04 -22.96
N GLU E 13 -4.31 -13.87 -23.20
CA GLU E 13 -3.29 -13.98 -22.18
C GLU E 13 -3.49 -12.85 -21.15
N ILE E 14 -3.50 -13.23 -19.87
CA ILE E 14 -3.68 -12.34 -18.74
C ILE E 14 -2.35 -12.23 -18.00
N LYS E 15 -1.77 -11.03 -17.89
CA LYS E 15 -0.51 -10.80 -17.13
C LYS E 15 -0.28 -9.32 -16.86
N TYR E 16 0.47 -9.00 -15.79
CA TYR E 16 0.98 -7.64 -15.54
C TYR E 16 2.03 -7.37 -16.58
N ILE E 17 2.29 -6.12 -16.87
CA ILE E 17 3.31 -5.82 -17.86
C ILE E 17 4.20 -4.66 -17.43
N ASP E 18 5.38 -4.65 -18.01
CA ASP E 18 6.33 -3.59 -17.74
C ASP E 18 5.88 -2.37 -18.55
N VAL E 19 5.81 -1.23 -17.87
CA VAL E 19 5.50 0.04 -18.54
C VAL E 19 6.56 1.06 -18.23
N VAL E 20 7.40 1.27 -19.21
CA VAL E 20 8.43 2.25 -19.19
C VAL E 20 7.81 3.57 -19.64
N ASN E 21 6.92 3.50 -20.64
CA ASN E 21 6.08 4.66 -21.04
C ASN E 21 4.88 4.21 -21.83
N THR E 22 3.80 5.00 -21.87
CA THR E 22 2.59 4.50 -22.53
C THR E 22 2.71 4.43 -24.03
N TYR E 23 3.58 5.26 -24.60
CA TYR E 23 3.74 5.33 -26.07
C TYR E 23 4.08 3.99 -26.70
N ASP E 24 5.00 3.24 -26.07
CA ASP E 24 5.48 1.93 -26.58
C ASP E 24 4.42 0.82 -26.62
N LEU E 25 3.37 0.99 -25.81
CA LEU E 25 2.31 0.03 -25.77
C LEU E 25 1.62 -0.08 -27.15
N GLU E 26 1.40 1.05 -27.79
CA GLU E 26 0.85 1.09 -29.17
C GLU E 26 1.41 0.00 -30.09
N GLU E 27 2.73 0.02 -30.32
CA GLU E 27 3.39 -0.91 -31.23
C GLU E 27 3.43 -2.35 -30.63
N GLU E 28 3.52 -2.47 -29.29
CA GLU E 28 3.47 -3.79 -28.64
C GLU E 28 2.06 -4.44 -28.88
N ALA E 29 0.98 -3.69 -28.68
CA ALA E 29 -0.36 -4.22 -28.97
C ALA E 29 -0.58 -4.65 -30.45
N SER E 30 -0.09 -3.88 -31.41
CA SER E 30 -0.30 -4.15 -32.83
C SER E 30 0.08 -5.58 -33.26
N LYS E 31 1.10 -6.15 -32.59
CA LYS E 31 1.56 -7.50 -32.89
C LYS E 31 0.60 -8.58 -32.42
N VAL E 32 -0.29 -8.27 -31.47
CA VAL E 32 -1.22 -9.29 -31.00
C VAL E 32 -2.69 -9.03 -31.34
N VAL E 33 -3.03 -7.79 -31.68
CA VAL E 33 -4.41 -7.46 -32.04
C VAL E 33 -4.60 -7.59 -33.55
N PRO E 34 -5.72 -8.20 -33.96
CA PRO E 34 -6.04 -8.35 -35.40
C PRO E 34 -6.09 -7.04 -36.13
N HIS E 35 -5.44 -7.01 -37.28
CA HIS E 35 -5.18 -5.77 -38.02
C HIS E 35 -6.42 -4.86 -38.16
N GLY E 36 -7.53 -5.42 -38.58
CA GLY E 36 -8.81 -4.69 -38.59
C GLY E 36 -9.04 -3.98 -37.26
N GLY E 37 -9.24 -4.72 -36.18
CA GLY E 37 -9.60 -4.12 -34.87
C GLY E 37 -8.54 -3.21 -34.23
N PHE E 38 -7.26 -3.50 -34.44
CA PHE E 38 -6.22 -2.66 -33.89
C PHE E 38 -6.27 -1.24 -34.43
N ASN E 39 -6.55 -1.13 -35.71
CA ASN E 39 -6.57 0.18 -36.33
C ASN E 39 -7.85 0.96 -36.04
N TYR E 40 -8.92 0.25 -35.78
CA TYR E 40 -10.12 0.89 -35.25
C TYR E 40 -9.78 1.63 -33.93
N ILE E 41 -8.92 1.02 -33.10
CA ILE E 41 -8.55 1.60 -31.81
C ILE E 41 -7.48 2.68 -31.89
N ALA E 42 -6.43 2.43 -32.66
CA ALA E 42 -5.33 3.39 -32.82
C ALA E 42 -5.70 4.66 -33.59
N GLY E 43 -6.40 4.50 -34.71
CA GLY E 43 -6.50 5.54 -35.74
C GLY E 43 -7.45 6.66 -35.41
N ALA E 44 -7.53 7.61 -36.34
CA ALA E 44 -8.19 8.90 -36.08
C ALA E 44 -8.66 9.55 -37.37
N SER E 45 -9.33 10.68 -37.30
CA SER E 45 -9.95 11.21 -38.50
C SER E 45 -8.89 11.74 -39.48
N GLY E 46 -9.19 11.66 -40.77
CA GLY E 46 -8.29 12.08 -41.84
C GLY E 46 -6.92 11.45 -41.84
N ASP E 47 -5.90 12.27 -42.05
CA ASP E 47 -4.50 11.85 -41.84
C ASP E 47 -4.08 11.98 -40.39
N GLU E 48 -5.04 12.10 -39.45
CA GLU E 48 -4.74 12.01 -38.03
C GLU E 48 -3.85 13.19 -37.59
N TRP E 49 -3.82 14.25 -38.38
CA TRP E 49 -3.12 15.42 -37.97
C TRP E 49 -3.66 15.96 -36.68
N THR E 50 -4.99 15.91 -36.46
CA THR E 50 -5.51 16.37 -35.16
C THR E 50 -5.15 15.39 -34.02
N LYS E 51 -4.93 14.12 -34.32
CA LYS E 51 -4.47 13.22 -33.25
C LYS E 51 -3.07 13.63 -32.76
N ARG E 52 -2.19 13.96 -33.70
CA ARG E 52 -0.86 14.43 -33.39
C ARG E 52 -0.89 15.78 -32.65
N ALA E 53 -1.95 16.56 -32.90
CA ALA E 53 -2.19 17.82 -32.19
C ALA E 53 -2.46 17.56 -30.73
N ASN E 54 -3.27 16.54 -30.49
CA ASN E 54 -3.53 16.13 -29.11
C ASN E 54 -2.23 15.86 -28.31
N ASP E 55 -1.25 15.24 -28.98
CA ASP E 55 0.00 14.88 -28.33
C ASP E 55 0.90 16.09 -28.18
N ARG E 56 0.99 16.90 -29.21
CA ARG E 56 1.95 17.97 -29.21
C ARG E 56 1.47 19.20 -28.45
N ALA E 57 0.17 19.31 -28.20
CA ALA E 57 -0.33 20.37 -27.32
C ALA E 57 0.35 20.43 -25.93
N TRP E 58 0.64 19.28 -25.38
CA TRP E 58 1.32 19.19 -24.10
C TRP E 58 2.63 19.97 -24.04
N LYS E 59 3.28 20.14 -25.17
CA LYS E 59 4.50 20.93 -25.25
C LYS E 59 4.27 22.43 -25.29
N HIS E 60 3.02 22.87 -25.36
CA HIS E 60 2.69 24.31 -25.42
C HIS E 60 2.81 25.05 -24.08
N LYS E 61 2.71 24.26 -23.01
CA LYS E 61 2.72 24.74 -21.65
C LYS E 61 3.56 23.77 -20.88
N LEU E 62 4.63 24.26 -20.23
CA LEU E 62 5.66 23.37 -19.72
C LEU E 62 5.76 23.49 -18.20
N LEU E 63 6.03 22.39 -17.53
CA LEU E 63 6.17 22.38 -16.08
C LEU E 63 7.51 22.95 -15.65
N TYR E 64 7.48 23.75 -14.59
CA TYR E 64 8.64 24.19 -13.85
C TYR E 64 9.01 23.15 -12.76
N PRO E 65 10.32 22.84 -12.60
CA PRO E 65 10.68 22.10 -11.37
C PRO E 65 10.74 23.15 -10.29
N ARG E 66 10.43 22.78 -9.06
CA ARG E 66 10.49 23.67 -7.90
C ARG E 66 11.26 23.04 -6.74
N LEU E 67 12.02 23.89 -6.06
CA LEU E 67 13.02 23.43 -5.07
C LEU E 67 12.70 23.86 -3.64
N ALA E 68 13.25 23.15 -2.66
CA ALA E 68 13.03 23.44 -1.26
C ALA E 68 11.53 23.66 -0.99
N GLN E 69 10.70 22.77 -1.50
CA GLN E 69 9.25 22.98 -1.41
C GLN E 69 8.61 22.35 -0.18
N ASP E 70 9.39 21.67 0.66
CA ASP E 70 8.89 21.05 1.89
C ASP E 70 7.84 20.00 1.54
N VAL E 71 8.19 19.13 0.61
CA VAL E 71 7.27 18.17 0.08
C VAL E 71 7.88 16.77 0.16
N GLU E 72 7.02 15.82 0.50
CA GLU E 72 7.41 14.44 0.70
C GLU E 72 6.20 13.57 0.59
N ALA E 73 6.36 12.43 -0.07
CA ALA E 73 5.29 11.39 -0.21
C ALA E 73 3.96 12.02 -0.64
N PRO E 74 3.92 12.48 -1.89
CA PRO E 74 2.77 13.17 -2.42
C PRO E 74 1.54 12.27 -2.44
N ASP E 75 0.37 12.88 -2.32
CA ASP E 75 -0.90 12.16 -2.23
C ASP E 75 -1.69 12.36 -3.54
N THR E 76 -1.92 11.27 -4.28
CA THR E 76 -2.60 11.38 -5.57
C THR E 76 -4.12 11.31 -5.50
N SER E 77 -4.67 11.07 -4.31
CA SER E 77 -6.12 10.80 -4.20
C SER E 77 -6.93 12.09 -4.28
N THR E 78 -8.12 12.01 -4.83
CA THR E 78 -9.00 13.18 -4.92
C THR E 78 -10.45 12.68 -4.85
N GLU E 79 -11.40 13.59 -5.03
CA GLU E 79 -12.82 13.28 -4.92
C GLU E 79 -13.66 13.98 -6.00
N ILE E 80 -14.51 13.23 -6.66
CA ILE E 80 -15.42 13.83 -7.62
C ILE E 80 -16.86 13.31 -7.43
N LEU E 81 -17.84 14.21 -7.42
CA LEU E 81 -19.27 13.87 -7.17
C LEU E 81 -19.53 12.74 -6.15
N GLY E 82 -18.93 12.91 -4.98
CA GLY E 82 -19.04 11.95 -3.91
C GLY E 82 -18.05 10.82 -3.88
N HIS E 83 -17.39 10.49 -5.01
CA HIS E 83 -16.53 9.28 -5.08
C HIS E 83 -15.11 9.63 -4.75
N LYS E 84 -14.49 8.80 -3.91
CA LYS E 84 -13.10 8.98 -3.50
C LYS E 84 -12.26 8.08 -4.39
N ILE E 85 -11.27 8.68 -5.06
CA ILE E 85 -10.50 7.93 -6.04
C ILE E 85 -9.02 8.14 -5.79
N LYS E 86 -8.27 7.08 -6.05
CA LYS E 86 -6.86 7.00 -5.65
C LYS E 86 -5.99 7.95 -6.43
N ALA E 87 -6.40 8.34 -7.64
CA ALA E 87 -5.65 9.32 -8.43
C ALA E 87 -6.62 10.20 -9.25
N PRO E 88 -6.18 11.38 -9.69
CA PRO E 88 -7.16 12.22 -10.35
C PRO E 88 -7.38 11.79 -11.81
N PHE E 89 -7.66 10.51 -12.02
CA PHE E 89 -8.08 10.04 -13.32
C PHE E 89 -9.10 8.89 -13.31
N ILE E 90 -9.92 8.85 -14.36
CA ILE E 90 -10.95 7.84 -14.51
C ILE E 90 -10.82 7.09 -15.85
N MET E 91 -11.64 6.08 -16.04
CA MET E 91 -11.64 5.39 -17.30
C MET E 91 -12.65 6.06 -18.20
N ALA E 92 -12.23 6.36 -19.44
CA ALA E 92 -13.09 6.94 -20.44
C ALA E 92 -13.97 5.87 -21.07
N PRO E 93 -15.16 6.30 -21.49
CA PRO E 93 -16.06 5.40 -22.14
C PRO E 93 -15.49 4.99 -23.50
N ILE E 94 -15.24 3.68 -23.67
CA ILE E 94 -14.73 3.14 -24.91
C ILE E 94 -15.59 1.95 -25.34
N ALA E 95 -16.05 2.02 -26.59
CA ALA E 95 -16.81 0.96 -27.20
C ALA E 95 -15.96 -0.29 -27.46
N ALA E 96 -16.64 -1.43 -27.56
CA ALA E 96 -16.11 -2.71 -28.08
C ALA E 96 -14.75 -3.15 -27.58
N HIS E 97 -14.59 -3.21 -26.28
CA HIS E 97 -13.32 -3.64 -25.68
C HIS E 97 -12.90 -5.04 -26.18
N GLY E 98 -13.86 -5.82 -26.68
CA GLY E 98 -13.58 -7.11 -27.31
C GLY E 98 -12.58 -7.09 -28.44
N LEU E 99 -12.44 -5.94 -29.10
CA LEU E 99 -11.45 -5.79 -30.17
C LEU E 99 -10.03 -5.90 -29.59
N ALA E 100 -9.89 -5.50 -28.33
CA ALA E 100 -8.64 -5.52 -27.61
C ALA E 100 -8.34 -6.87 -26.98
N HIS E 101 -9.26 -7.41 -26.19
CA HIS E 101 -8.98 -8.63 -25.43
C HIS E 101 -10.26 -9.40 -25.22
N ALA E 102 -10.13 -10.71 -25.09
CA ALA E 102 -11.29 -11.62 -25.02
C ALA E 102 -12.17 -11.42 -23.76
N THR E 103 -11.57 -10.99 -22.65
CA THR E 103 -12.30 -10.65 -21.42
C THR E 103 -13.04 -9.33 -21.54
N LYS E 104 -12.56 -8.50 -22.46
CA LYS E 104 -13.31 -7.35 -22.95
C LYS E 104 -13.71 -6.42 -21.82
N GLU E 105 -14.86 -5.77 -21.93
CA GLU E 105 -15.27 -4.79 -20.92
C GLU E 105 -15.09 -5.28 -19.47
N ALA E 106 -15.36 -6.56 -19.18
CA ALA E 106 -15.19 -7.06 -17.81
C ALA E 106 -13.75 -6.91 -17.34
N GLY E 107 -12.81 -7.19 -18.24
CA GLY E 107 -11.37 -7.06 -17.95
C GLY E 107 -10.98 -5.66 -17.52
N THR E 108 -11.34 -4.68 -18.34
CA THR E 108 -11.09 -3.30 -18.00
C THR E 108 -11.76 -2.99 -16.64
N ALA E 109 -12.99 -3.46 -16.46
CA ALA E 109 -13.74 -3.24 -15.21
C ALA E 109 -13.00 -3.71 -13.96
N ARG E 110 -12.45 -4.90 -14.01
CA ARG E 110 -11.67 -5.40 -12.87
C ARG E 110 -10.50 -4.49 -12.57
N ALA E 111 -9.71 -4.19 -13.61
CA ALA E 111 -8.53 -3.33 -13.45
C ALA E 111 -8.88 -2.00 -12.78
N VAL E 112 -9.90 -1.34 -13.32
CA VAL E 112 -10.30 -0.02 -12.89
C VAL E 112 -10.79 -0.05 -11.46
N SER E 113 -11.56 -1.09 -11.15
CA SER E 113 -12.18 -1.18 -9.85
C SER E 113 -11.13 -1.52 -8.77
N GLU E 114 -10.33 -2.56 -9.01
CA GLU E 114 -9.20 -2.86 -8.14
C GLU E 114 -8.19 -1.71 -8.03
N PHE E 115 -7.92 -0.95 -9.10
CA PHE E 115 -7.00 0.19 -8.95
C PHE E 115 -7.59 1.24 -8.02
N GLY E 116 -8.90 1.45 -8.11
CA GLY E 116 -9.62 2.33 -7.20
C GLY E 116 -10.06 3.64 -7.81
N THR E 117 -10.57 3.59 -9.03
CA THR E 117 -11.19 4.78 -9.63
C THR E 117 -12.50 4.35 -10.30
N ILE E 118 -13.04 5.19 -11.19
CA ILE E 118 -14.39 5.03 -11.72
C ILE E 118 -14.35 4.50 -13.12
N MET E 119 -15.32 3.65 -13.46
CA MET E 119 -15.40 3.06 -14.78
C MET E 119 -16.48 3.79 -15.51
N SER E 120 -16.23 4.23 -16.75
CA SER E 120 -17.28 4.81 -17.57
C SER E 120 -17.72 3.78 -18.61
N ILE E 121 -19.00 3.47 -18.64
CA ILE E 121 -19.53 2.42 -19.51
C ILE E 121 -20.03 2.95 -20.84
N SER E 122 -19.51 2.41 -21.95
CA SER E 122 -19.91 2.86 -23.30
C SER E 122 -21.25 2.22 -23.64
N ALA E 123 -22.19 3.01 -24.18
CA ALA E 123 -23.47 2.40 -24.58
C ALA E 123 -23.29 1.44 -25.73
N TYR E 124 -22.11 1.48 -26.36
CA TYR E 124 -21.78 0.55 -27.43
C TYR E 124 -20.79 -0.47 -26.92
N SER E 125 -20.81 -0.75 -25.62
CA SER E 125 -20.06 -1.85 -25.03
C SER E 125 -20.45 -3.14 -25.70
N GLY E 126 -19.49 -4.01 -25.93
CA GLY E 126 -19.80 -5.34 -26.46
C GLY E 126 -20.26 -6.34 -25.42
N ALA E 127 -20.11 -6.02 -24.13
CA ALA E 127 -20.56 -6.86 -23.02
C ALA E 127 -21.83 -6.29 -22.34
N THR E 128 -22.51 -7.16 -21.61
CA THR E 128 -23.77 -6.81 -20.91
C THR E 128 -23.45 -6.08 -19.62
N PHE E 129 -24.43 -5.33 -19.13
CA PHE E 129 -24.33 -4.70 -17.81
C PHE E 129 -23.96 -5.73 -16.78
N GLU E 130 -24.68 -6.85 -16.80
CA GLU E 130 -24.34 -8.01 -15.99
C GLU E 130 -22.86 -8.43 -16.11
N GLU E 131 -22.33 -8.61 -17.33
CA GLU E 131 -20.93 -9.06 -17.49
C GLU E 131 -19.93 -8.06 -16.91
N ILE E 132 -20.26 -6.78 -17.02
CA ILE E 132 -19.43 -5.72 -16.48
C ILE E 132 -19.49 -5.69 -14.96
N SER E 133 -20.69 -5.82 -14.40
CA SER E 133 -20.88 -5.85 -12.94
C SER E 133 -19.95 -6.88 -12.29
N GLU E 134 -19.93 -8.10 -12.83
CA GLU E 134 -18.99 -9.13 -12.36
C GLU E 134 -17.54 -8.59 -12.21
N GLY E 135 -16.95 -8.19 -13.35
CA GLY E 135 -15.65 -7.50 -13.38
C GLY E 135 -15.51 -6.33 -12.39
N LEU E 136 -16.54 -5.47 -12.32
CA LEU E 136 -16.50 -4.31 -11.42
C LEU E 136 -16.51 -4.70 -9.94
N ASN E 137 -17.34 -5.68 -9.58
CA ASN E 137 -17.35 -6.22 -8.22
C ASN E 137 -17.50 -5.10 -7.18
N GLY E 138 -18.60 -4.38 -7.37
CA GLY E 138 -18.98 -3.24 -6.50
C GLY E 138 -18.34 -1.90 -6.79
N GLY E 139 -17.42 -1.85 -7.75
CA GLY E 139 -16.74 -0.60 -8.08
C GLY E 139 -17.64 0.47 -8.69
N PRO E 140 -17.30 1.74 -8.49
CA PRO E 140 -18.18 2.81 -9.00
C PRO E 140 -18.26 2.87 -10.55
N ARG E 141 -19.39 3.35 -11.08
CA ARG E 141 -19.54 3.46 -12.55
C ARG E 141 -20.43 4.60 -13.00
N TRP E 142 -20.03 5.19 -14.11
CA TRP E 142 -20.80 6.18 -14.80
C TRP E 142 -21.23 5.56 -16.09
N PHE E 143 -22.41 5.92 -16.56
CA PHE E 143 -22.85 5.37 -17.83
C PHE E 143 -22.85 6.38 -18.97
N GLN E 144 -22.32 5.99 -20.12
CA GLN E 144 -22.24 6.89 -21.25
C GLN E 144 -23.22 6.50 -22.32
N ILE E 145 -24.20 7.38 -22.53
CA ILE E 145 -25.28 7.11 -23.47
C ILE E 145 -25.03 7.69 -24.87
N TYR E 146 -25.23 6.84 -25.85
CA TYR E 146 -25.43 7.24 -27.22
C TYR E 146 -26.95 7.11 -27.46
N MET E 147 -27.59 8.27 -27.58
CA MET E 147 -29.04 8.40 -27.63
C MET E 147 -29.69 7.71 -28.82
N ALA E 148 -30.82 7.05 -28.58
CA ALA E 148 -31.75 6.71 -29.66
C ALA E 148 -32.66 7.87 -29.96
N LYS E 149 -33.28 7.79 -31.13
CA LYS E 149 -34.26 8.79 -31.56
C LYS E 149 -35.58 8.67 -30.80
N ASP E 150 -35.94 7.44 -30.45
CA ASP E 150 -37.16 7.12 -29.69
C ASP E 150 -36.93 7.42 -28.21
N ASP E 151 -37.80 8.28 -27.67
CA ASP E 151 -37.73 8.73 -26.29
C ASP E 151 -37.89 7.57 -25.30
N GLN E 152 -38.70 6.59 -25.68
CA GLN E 152 -39.02 5.49 -24.81
C GLN E 152 -37.75 4.68 -24.58
N GLN E 153 -37.11 4.31 -25.66
CA GLN E 153 -35.82 3.64 -25.58
C GLN E 153 -34.72 4.35 -24.78
N ASN E 154 -34.75 5.68 -24.70
CA ASN E 154 -33.75 6.40 -23.87
C ASN E 154 -34.08 6.20 -22.39
N ARG E 155 -35.34 6.43 -22.04
CA ARG E 155 -35.83 6.11 -20.71
C ARG E 155 -35.44 4.68 -20.25
N ASP E 156 -35.55 3.72 -21.18
CA ASP E 156 -35.26 2.28 -20.94
C ASP E 156 -33.80 1.96 -20.61
N ILE E 157 -32.90 2.53 -21.44
CA ILE E 157 -31.47 2.37 -21.30
C ILE E 157 -31.00 3.12 -20.07
N LEU E 158 -31.52 4.33 -19.87
CA LEU E 158 -31.20 5.06 -18.65
C LEU E 158 -31.52 4.26 -17.39
N ASP E 159 -32.70 3.62 -17.42
CA ASP E 159 -33.22 2.90 -16.26
C ASP E 159 -32.38 1.67 -15.96
N GLU E 160 -32.04 0.93 -17.02
CA GLU E 160 -31.17 -0.24 -16.92
C GLU E 160 -29.84 0.21 -16.39
N ALA E 161 -29.36 1.38 -16.83
CA ALA E 161 -28.06 1.91 -16.38
C ALA E 161 -28.08 2.18 -14.88
N LYS E 162 -29.07 2.95 -14.46
CA LYS E 162 -29.23 3.32 -13.05
C LYS E 162 -29.46 2.06 -12.22
N GLY E 163 -30.19 1.10 -12.78
CA GLY E 163 -30.41 -0.19 -12.15
C GLY E 163 -29.13 -0.98 -11.88
N ASP E 164 -28.16 -0.86 -12.78
CA ASP E 164 -26.85 -1.49 -12.58
C ASP E 164 -25.95 -0.79 -11.55
N GLY E 165 -26.30 0.41 -11.09
CA GLY E 165 -25.53 1.11 -10.05
C GLY E 165 -24.92 2.43 -10.50
N ALA E 166 -25.28 2.91 -11.69
CA ALA E 166 -24.62 4.08 -12.26
C ALA E 166 -24.88 5.30 -11.40
N THR E 167 -23.84 6.07 -11.09
CA THR E 167 -24.03 7.27 -10.24
C THR E 167 -23.86 8.61 -10.98
N ALA E 168 -23.74 8.51 -12.33
CA ALA E 168 -23.62 9.64 -13.27
C ALA E 168 -23.89 9.15 -14.67
N ILE E 169 -24.33 10.09 -15.51
CA ILE E 169 -24.55 9.84 -16.92
C ILE E 169 -23.74 10.80 -17.78
N ILE E 170 -23.11 10.25 -18.80
CA ILE E 170 -22.25 10.97 -19.72
C ILE E 170 -22.98 11.03 -21.04
N LEU E 171 -23.51 12.20 -21.40
CA LEU E 171 -24.02 12.43 -22.75
C LEU E 171 -22.86 12.71 -23.72
N THR E 172 -22.59 11.77 -24.63
CA THR E 172 -21.63 12.00 -25.68
C THR E 172 -22.37 12.60 -26.89
N ALA E 173 -22.05 13.87 -27.16
CA ALA E 173 -22.79 14.66 -28.12
C ALA E 173 -22.00 15.04 -29.38
N ASP E 174 -20.72 14.71 -29.44
CA ASP E 174 -19.85 15.09 -30.55
C ASP E 174 -19.76 14.02 -31.63
N SER E 175 -20.72 13.10 -31.67
CA SER E 175 -20.70 11.91 -32.58
C SER E 175 -22.05 11.67 -33.27
N THR E 176 -22.77 12.76 -33.46
CA THR E 176 -24.07 12.75 -34.15
C THR E 176 -23.94 12.13 -35.55
N VAL E 177 -22.76 12.25 -36.16
CA VAL E 177 -22.36 11.37 -37.28
C VAL E 177 -20.89 10.99 -37.09
N SER E 178 -20.46 9.89 -37.71
CA SER E 178 -19.05 9.45 -37.60
C SER E 178 -18.02 10.47 -38.12
N GLY E 179 -16.83 10.43 -37.53
CA GLY E 179 -15.67 11.04 -38.15
C GLY E 179 -15.23 10.31 -39.42
N ASN E 180 -14.30 10.92 -40.14
CA ASN E 180 -13.86 10.42 -41.42
C ASN E 180 -12.60 9.64 -41.12
N ARG E 181 -12.78 8.42 -40.65
CA ARG E 181 -11.66 7.62 -40.19
C ARG E 181 -11.14 6.83 -41.34
N ASP E 182 -10.04 7.29 -41.87
CA ASP E 182 -9.51 6.72 -43.07
C ASP E 182 -9.03 5.30 -42.87
N ARG E 183 -8.42 4.98 -41.73
CA ARG E 183 -8.01 3.60 -41.51
C ARG E 183 -9.21 2.63 -41.60
N ASP E 184 -10.37 3.06 -41.11
CA ASP E 184 -11.48 2.17 -41.00
C ASP E 184 -12.08 1.98 -42.37
N VAL E 185 -12.16 3.04 -43.16
CA VAL E 185 -12.78 2.94 -44.45
C VAL E 185 -11.93 2.01 -45.30
N LYS E 186 -10.62 2.23 -45.29
CA LYS E 186 -9.64 1.43 -46.04
C LYS E 186 -9.64 -0.06 -45.67
N ASN E 187 -9.73 -0.38 -44.38
CA ASN E 187 -9.77 -1.79 -43.92
C ASN E 187 -11.19 -2.36 -43.97
N LYS E 188 -12.17 -1.53 -44.33
CA LYS E 188 -13.60 -1.88 -44.42
C LYS E 188 -14.08 -2.47 -43.10
N PHE E 189 -13.59 -1.86 -42.02
CA PHE E 189 -13.90 -2.29 -40.70
C PHE E 189 -15.39 -2.43 -40.44
N VAL E 190 -15.74 -3.56 -39.82
CA VAL E 190 -17.08 -3.85 -39.26
C VAL E 190 -16.96 -4.61 -37.94
N TYR E 191 -17.88 -4.32 -37.01
CA TYR E 191 -17.81 -4.96 -35.68
C TYR E 191 -17.97 -6.46 -35.82
N PRO E 192 -17.10 -7.25 -35.19
CA PRO E 192 -17.24 -8.71 -35.26
C PRO E 192 -18.19 -9.33 -34.19
N PHE E 193 -18.98 -8.51 -33.51
CA PHE E 193 -19.90 -8.97 -32.46
C PHE E 193 -20.93 -7.87 -32.15
N GLY E 194 -21.94 -8.20 -31.36
CA GLY E 194 -23.06 -7.31 -31.14
C GLY E 194 -22.80 -6.35 -30.01
N MET E 195 -23.71 -5.40 -29.90
CA MET E 195 -23.72 -4.39 -28.86
C MET E 195 -25.05 -4.54 -28.14
N PRO E 196 -25.07 -5.30 -27.04
CA PRO E 196 -26.33 -5.69 -26.40
C PRO E 196 -27.14 -4.56 -25.77
N ILE E 197 -26.47 -3.50 -25.33
CA ILE E 197 -27.18 -2.41 -24.69
C ILE E 197 -27.97 -1.56 -25.71
N VAL E 198 -27.42 -1.39 -26.91
CA VAL E 198 -28.10 -0.53 -27.89
C VAL E 198 -28.80 -1.25 -29.03
N GLN E 199 -28.58 -2.55 -29.25
CA GLN E 199 -29.16 -3.20 -30.43
C GLN E 199 -30.71 -3.13 -30.54
N ARG E 200 -31.38 -2.63 -29.51
CA ARG E 200 -32.79 -2.33 -29.62
C ARG E 200 -33.12 -1.32 -30.74
N TYR E 201 -32.21 -0.40 -31.07
CA TYR E 201 -32.46 0.55 -32.17
C TYR E 201 -31.67 0.28 -33.45
N LEU E 202 -31.00 -0.87 -33.50
CA LEU E 202 -30.34 -1.29 -34.73
C LEU E 202 -31.20 -2.30 -35.53
N ARG E 203 -30.82 -2.48 -36.80
CA ARG E 203 -31.47 -3.43 -37.70
C ARG E 203 -30.63 -4.70 -37.52
N GLY E 204 -31.24 -5.71 -36.92
CA GLY E 204 -30.49 -6.84 -36.42
C GLY E 204 -29.49 -6.31 -35.40
N THR E 205 -28.40 -7.05 -35.21
CA THR E 205 -27.40 -6.70 -34.21
C THR E 205 -26.36 -5.78 -34.84
N ALA E 206 -25.41 -5.34 -34.03
CA ALA E 206 -24.32 -4.49 -34.52
C ALA E 206 -23.23 -5.30 -35.27
N GLU E 207 -23.27 -6.63 -35.21
CA GLU E 207 -22.32 -7.46 -35.95
C GLU E 207 -22.49 -7.29 -37.46
N GLY E 208 -21.40 -6.98 -38.16
CA GLY E 208 -21.44 -6.74 -39.60
C GLY E 208 -21.71 -5.28 -39.99
N MET E 209 -22.16 -4.47 -39.02
CA MET E 209 -22.37 -3.03 -39.22
C MET E 209 -21.09 -2.22 -39.07
N SER E 210 -21.02 -1.15 -39.87
CA SER E 210 -19.99 -0.14 -39.78
C SER E 210 -20.47 0.91 -38.78
N LEU E 211 -19.54 1.42 -37.98
CA LEU E 211 -19.76 2.53 -37.05
C LEU E 211 -20.60 3.70 -37.64
N ASN E 212 -20.48 3.92 -38.94
CA ASN E 212 -21.23 4.97 -39.62
C ASN E 212 -22.71 4.80 -39.50
N ASN E 213 -23.19 3.59 -39.81
CA ASN E 213 -24.64 3.28 -39.73
C ASN E 213 -25.15 3.08 -38.28
N ILE E 214 -24.24 2.71 -37.39
CA ILE E 214 -24.56 2.61 -35.99
C ILE E 214 -24.87 3.99 -35.47
N PHE E 215 -23.90 4.91 -35.55
CA PHE E 215 -24.12 6.34 -35.22
C PHE E 215 -25.32 6.85 -35.99
N GLY E 216 -25.45 6.41 -37.25
CA GLY E 216 -26.55 6.79 -38.13
C GLY E 216 -27.95 6.59 -37.52
N ALA E 217 -28.14 5.47 -36.82
CA ALA E 217 -29.39 5.17 -36.09
C ALA E 217 -29.55 5.91 -34.74
N SER E 218 -28.43 6.36 -34.19
CA SER E 218 -28.48 7.22 -33.01
C SER E 218 -29.11 8.58 -33.30
N LYS E 219 -29.27 9.39 -32.29
CA LYS E 219 -29.94 10.68 -32.46
C LYS E 219 -28.99 11.68 -33.13
N GLN E 220 -29.36 12.17 -34.32
CA GLN E 220 -28.61 13.26 -34.95
C GLN E 220 -28.95 14.61 -34.36
N LYS E 221 -30.21 14.84 -34.04
CA LYS E 221 -30.71 16.19 -33.75
C LYS E 221 -30.61 16.53 -32.26
N ILE E 222 -29.47 16.25 -31.67
CA ILE E 222 -29.34 16.49 -30.23
C ILE E 222 -29.52 17.98 -29.96
N SER E 223 -30.35 18.30 -28.99
CA SER E 223 -30.56 19.71 -28.60
C SER E 223 -30.35 19.88 -27.08
N PRO E 224 -30.32 21.13 -26.60
CA PRO E 224 -30.25 21.34 -25.14
C PRO E 224 -31.38 20.69 -24.35
N ARG E 225 -32.51 20.46 -25.00
CA ARG E 225 -33.63 19.81 -24.33
C ARG E 225 -33.24 18.37 -23.89
N ASP E 226 -32.32 17.72 -24.59
CA ASP E 226 -31.94 16.37 -24.23
C ASP E 226 -31.14 16.29 -22.90
N ILE E 227 -30.32 17.29 -22.65
CA ILE E 227 -29.63 17.41 -21.39
C ILE E 227 -30.62 17.56 -20.24
N GLU E 228 -31.65 18.38 -20.43
CA GLU E 228 -32.65 18.61 -19.40
C GLU E 228 -33.40 17.33 -19.13
N GLU E 229 -33.72 16.63 -20.22
CA GLU E 229 -34.61 15.46 -20.16
C GLU E 229 -33.90 14.24 -19.60
N ILE E 230 -32.59 14.16 -19.80
CA ILE E 230 -31.79 13.12 -19.21
C ILE E 230 -31.64 13.33 -17.72
N ALA E 231 -31.34 14.57 -17.33
CA ALA E 231 -31.19 14.92 -15.93
C ALA E 231 -32.50 14.70 -15.20
N ALA E 232 -33.56 15.27 -15.75
CA ALA E 232 -34.89 15.16 -15.19
C ALA E 232 -35.27 13.71 -14.96
N HIS E 233 -35.15 12.88 -16.01
CA HIS E 233 -35.61 11.48 -15.98
C HIS E 233 -34.77 10.60 -15.08
N SER E 234 -33.45 10.80 -15.11
CA SER E 234 -32.53 9.89 -14.42
C SER E 234 -32.35 10.21 -12.95
N GLY E 235 -32.52 11.48 -12.59
CA GLY E 235 -32.21 11.94 -11.26
C GLY E 235 -30.73 11.84 -10.94
N LEU E 236 -29.88 11.71 -11.96
CA LEU E 236 -28.45 11.60 -11.74
C LEU E 236 -27.72 12.78 -12.34
N PRO E 237 -26.50 13.04 -11.85
CA PRO E 237 -25.61 14.01 -12.44
C PRO E 237 -25.27 13.70 -13.89
N VAL E 238 -25.32 14.73 -14.73
CA VAL E 238 -25.10 14.59 -16.17
C VAL E 238 -23.88 15.39 -16.63
N PHE E 239 -22.98 14.67 -17.28
CA PHE E 239 -21.85 15.25 -17.94
C PHE E 239 -22.20 15.35 -19.37
N VAL E 240 -21.89 16.49 -19.96
CA VAL E 240 -21.90 16.60 -21.42
C VAL E 240 -20.46 16.51 -21.89
N LYS E 241 -20.22 15.55 -22.78
CA LYS E 241 -18.88 15.17 -23.20
C LYS E 241 -18.69 15.43 -24.71
N GLY E 242 -17.51 15.94 -25.08
CA GLY E 242 -17.18 16.28 -26.45
C GLY E 242 -16.94 17.76 -26.66
N ILE E 243 -17.01 18.53 -25.58
CA ILE E 243 -16.87 19.99 -25.60
C ILE E 243 -15.46 20.45 -25.92
N GLN E 244 -15.37 21.33 -26.92
CA GLN E 244 -14.14 22.06 -27.24
C GLN E 244 -14.35 23.58 -27.35
N HIS E 245 -15.61 24.05 -27.35
CA HIS E 245 -15.91 25.46 -27.52
C HIS E 245 -16.58 25.94 -26.24
N PRO E 246 -16.10 27.06 -25.70
CA PRO E 246 -16.57 27.57 -24.39
C PRO E 246 -18.10 27.73 -24.21
N GLU E 247 -18.79 28.31 -25.18
CA GLU E 247 -20.25 28.45 -25.14
C GLU E 247 -21.00 27.16 -24.88
N ASP E 248 -20.59 26.09 -25.53
CA ASP E 248 -21.20 24.82 -25.29
C ASP E 248 -21.14 24.46 -23.81
N ALA E 249 -20.08 24.87 -23.10
CA ALA E 249 -20.03 24.59 -21.68
C ALA E 249 -21.07 25.44 -20.98
N ASP E 250 -21.22 26.71 -21.35
CA ASP E 250 -22.25 27.54 -20.72
C ASP E 250 -23.64 27.01 -21.03
N MET E 251 -23.86 26.62 -22.28
CA MET E 251 -25.12 26.02 -22.69
C MET E 251 -25.42 24.78 -21.84
N ALA E 252 -24.44 23.90 -21.73
CA ALA E 252 -24.62 22.66 -20.99
C ALA E 252 -25.01 22.91 -19.51
N ILE E 253 -24.31 23.83 -18.86
CA ILE E 253 -24.56 24.12 -17.46
C ILE E 253 -25.94 24.76 -17.35
N LYS E 254 -26.29 25.62 -18.30
CA LYS E 254 -27.55 26.35 -18.17
C LYS E 254 -28.73 25.40 -18.41
N ALA E 255 -28.51 24.33 -19.16
CA ALA E 255 -29.52 23.30 -19.34
C ALA E 255 -29.59 22.31 -18.15
N GLY E 256 -28.74 22.48 -17.14
CA GLY E 256 -28.67 21.54 -16.02
C GLY E 256 -27.62 20.41 -16.03
N ALA E 257 -26.63 20.48 -16.91
CA ALA E 257 -25.51 19.57 -16.74
C ALA E 257 -24.83 19.83 -15.37
N SER E 258 -24.34 18.74 -14.75
CA SER E 258 -23.64 18.74 -13.44
C SER E 258 -22.14 18.50 -13.61
N GLY E 259 -21.70 18.38 -14.84
CA GLY E 259 -20.27 18.23 -15.16
C GLY E 259 -20.02 18.46 -16.66
N ILE E 260 -18.84 18.97 -16.95
CA ILE E 260 -18.41 19.31 -18.29
C ILE E 260 -17.21 18.47 -18.59
N TRP E 261 -17.24 17.74 -19.70
CA TRP E 261 -16.18 16.77 -20.07
C TRP E 261 -15.61 17.26 -21.40
N VAL E 262 -14.49 17.96 -21.28
CA VAL E 262 -13.72 18.49 -22.40
C VAL E 262 -13.07 17.32 -23.15
N SER E 263 -13.45 17.12 -24.39
CA SER E 263 -12.95 16.00 -25.20
C SER E 263 -13.09 16.36 -26.68
N ASN E 264 -12.17 15.86 -27.51
CA ASN E 264 -12.40 15.72 -28.96
C ASN E 264 -12.41 14.27 -29.42
N HIS E 265 -12.78 13.39 -28.50
CA HIS E 265 -13.02 12.00 -28.86
C HIS E 265 -11.73 11.35 -29.27
N GLY E 266 -10.62 11.81 -28.69
CA GLY E 266 -9.31 11.36 -29.14
C GLY E 266 -9.10 11.50 -30.64
N ALA E 267 -9.54 12.62 -31.21
CA ALA E 267 -9.35 12.92 -32.61
C ALA E 267 -10.07 11.98 -33.57
N ARG E 268 -11.07 11.26 -33.06
CA ARG E 268 -11.74 10.25 -33.87
C ARG E 268 -13.01 10.84 -34.57
N GLN E 269 -13.25 12.11 -34.35
CA GLN E 269 -14.37 12.80 -34.95
C GLN E 269 -13.89 13.96 -35.86
N LEU E 270 -14.13 15.20 -35.44
CA LEU E 270 -13.97 16.31 -36.36
C LEU E 270 -12.51 16.50 -36.66
N TYR E 271 -12.21 16.61 -37.96
CA TYR E 271 -10.83 16.67 -38.40
C TYR E 271 -10.43 18.16 -38.52
N GLU E 272 -9.13 18.42 -38.47
CA GLU E 272 -8.62 19.78 -38.61
C GLU E 272 -9.22 20.69 -37.55
N ALA E 273 -9.30 20.16 -36.33
CA ALA E 273 -9.69 20.92 -35.16
C ALA E 273 -8.49 21.07 -34.21
N PRO E 274 -8.59 21.93 -33.18
CA PRO E 274 -7.43 22.09 -32.28
C PRO E 274 -7.15 20.86 -31.49
N GLY E 275 -5.90 20.69 -31.03
CA GLY E 275 -5.54 19.66 -30.07
C GLY E 275 -6.23 19.96 -28.75
N SER E 276 -6.78 18.93 -28.10
CA SER E 276 -7.76 19.15 -27.05
C SER E 276 -7.28 20.06 -25.90
N PHE E 277 -6.05 19.82 -25.43
CA PHE E 277 -5.45 20.61 -24.34
C PHE E 277 -5.34 22.13 -24.62
N ASP E 278 -5.25 22.51 -25.90
CA ASP E 278 -5.20 23.91 -26.27
C ASP E 278 -6.54 24.56 -26.01
N THR E 279 -7.62 23.78 -25.99
CA THR E 279 -8.99 24.32 -25.79
C THR E 279 -9.44 24.43 -24.34
N LEU E 280 -8.68 23.89 -23.41
CA LEU E 280 -9.16 23.74 -22.03
C LEU E 280 -9.21 25.03 -21.20
N PRO E 281 -8.20 25.92 -21.29
CA PRO E 281 -8.30 27.10 -20.41
C PRO E 281 -9.52 27.97 -20.65
N ALA E 282 -9.76 28.33 -21.91
CA ALA E 282 -10.94 29.10 -22.28
C ALA E 282 -12.22 28.45 -21.76
N ILE E 283 -12.32 27.13 -21.84
CA ILE E 283 -13.50 26.46 -21.29
C ILE E 283 -13.55 26.57 -19.77
N ALA E 284 -12.38 26.43 -19.12
CA ALA E 284 -12.32 26.46 -17.65
C ALA E 284 -12.75 27.83 -17.18
N GLU E 285 -12.31 28.86 -17.89
CA GLU E 285 -12.63 30.25 -17.51
C GLU E 285 -14.13 30.51 -17.63
N ARG E 286 -14.73 29.97 -18.69
CA ARG E 286 -16.14 30.13 -18.92
C ARG E 286 -16.97 29.36 -17.89
N VAL E 287 -16.55 28.13 -17.57
CA VAL E 287 -17.17 27.30 -16.57
C VAL E 287 -17.12 27.94 -15.21
N ASN E 288 -15.99 28.56 -14.87
CA ASN E 288 -15.84 29.41 -13.67
C ASN E 288 -16.23 28.66 -12.39
N LYS E 289 -15.80 27.39 -12.34
CA LYS E 289 -15.95 26.51 -11.17
C LYS E 289 -17.38 26.08 -10.80
N ARG E 290 -18.36 26.34 -11.67
CA ARG E 290 -19.76 26.02 -11.38
C ARG E 290 -19.99 24.52 -11.30
N VAL E 291 -19.25 23.78 -12.12
CA VAL E 291 -19.34 22.34 -12.12
C VAL E 291 -17.95 21.74 -12.34
N PRO E 292 -17.76 20.49 -11.92
CA PRO E 292 -16.46 19.85 -12.15
C PRO E 292 -16.20 19.60 -13.63
N ILE E 293 -14.93 19.63 -14.02
CA ILE E 293 -14.50 19.44 -15.41
C ILE E 293 -13.63 18.20 -15.51
N VAL E 294 -14.07 17.19 -16.26
CA VAL E 294 -13.21 16.09 -16.66
C VAL E 294 -12.59 16.55 -17.96
N PHE E 295 -11.36 16.08 -18.24
CA PHE E 295 -10.67 16.39 -19.50
C PHE E 295 -10.07 15.14 -20.15
N ASP E 296 -10.24 14.95 -21.45
CA ASP E 296 -9.47 13.95 -22.19
C ASP E 296 -9.01 14.36 -23.60
N SER E 297 -8.34 13.38 -24.22
CA SER E 297 -7.91 13.32 -25.62
C SER E 297 -6.44 13.66 -25.71
N GLY E 298 -5.59 12.65 -25.54
CA GLY E 298 -4.13 12.77 -25.61
C GLY E 298 -3.31 12.38 -24.36
N VAL E 299 -3.96 12.17 -23.23
CA VAL E 299 -3.22 11.88 -22.00
C VAL E 299 -2.42 10.61 -22.13
N ARG E 300 -1.13 10.71 -21.80
CA ARG E 300 -0.09 9.67 -21.94
C ARG E 300 0.91 9.62 -20.77
N ARG E 301 0.95 10.67 -19.95
CA ARG E 301 2.00 10.85 -18.94
C ARG E 301 1.47 11.54 -17.67
N GLY E 302 2.13 11.30 -16.54
CA GLY E 302 1.81 12.04 -15.33
C GLY E 302 1.89 13.54 -15.58
N GLU E 303 2.85 13.96 -16.37
CA GLU E 303 3.04 15.36 -16.67
C GLU E 303 1.79 15.95 -17.33
N HIS E 304 1.11 15.13 -18.12
CA HIS E 304 -0.05 15.57 -18.85
C HIS E 304 -1.20 15.68 -17.86
N VAL E 305 -1.20 14.83 -16.85
CA VAL E 305 -2.20 14.89 -15.78
C VAL E 305 -2.01 16.15 -14.95
N ALA E 306 -0.78 16.50 -14.61
CA ALA E 306 -0.53 17.72 -13.84
C ALA E 306 -0.95 18.95 -14.65
N LYS E 307 -0.68 18.93 -15.96
CA LYS E 307 -0.93 20.09 -16.83
C LYS E 307 -2.43 20.35 -16.98
N ALA E 308 -3.17 19.28 -17.21
CA ALA E 308 -4.61 19.36 -17.34
C ALA E 308 -5.20 19.97 -16.09
N LEU E 309 -4.81 19.44 -14.92
CA LEU E 309 -5.34 19.95 -13.64
C LEU E 309 -4.96 21.40 -13.49
N ALA E 310 -3.72 21.74 -13.83
CA ALA E 310 -3.23 23.11 -13.68
C ALA E 310 -4.00 24.07 -14.56
N SER E 311 -4.59 23.56 -15.63
CA SER E 311 -5.17 24.37 -16.65
C SER E 311 -6.67 24.47 -16.46
N GLY E 312 -7.16 23.75 -15.44
CA GLY E 312 -8.52 23.96 -14.98
C GLY E 312 -9.41 22.76 -14.94
N ALA E 313 -8.92 21.59 -15.35
CA ALA E 313 -9.61 20.31 -15.02
C ALA E 313 -9.56 19.96 -13.52
N ASP E 314 -10.46 19.04 -13.20
CA ASP E 314 -10.53 18.43 -11.89
C ASP E 314 -9.98 17.01 -11.93
N VAL E 315 -10.25 16.28 -13.00
CA VAL E 315 -9.59 15.01 -13.25
C VAL E 315 -9.43 14.78 -14.76
N VAL E 316 -8.71 13.74 -15.12
CA VAL E 316 -8.65 13.38 -16.52
C VAL E 316 -9.25 12.00 -16.78
N ALA E 317 -9.40 11.66 -18.04
CA ALA E 317 -9.96 10.38 -18.38
C ALA E 317 -8.98 9.70 -19.31
N LEU E 318 -8.70 8.43 -19.05
CA LEU E 318 -7.69 7.70 -19.82
C LEU E 318 -8.42 6.81 -20.76
N GLY E 319 -7.76 6.46 -21.86
CA GLY E 319 -8.38 5.74 -22.96
C GLY E 319 -7.48 4.78 -23.73
N ARG E 320 -6.89 5.21 -24.85
CA ARG E 320 -6.13 4.28 -25.72
C ARG E 320 -5.04 3.48 -24.98
N PRO E 321 -4.26 4.14 -24.10
CA PRO E 321 -3.22 3.41 -23.39
C PRO E 321 -3.71 2.21 -22.56
N VAL E 322 -4.80 2.43 -21.82
CA VAL E 322 -5.43 1.40 -20.99
C VAL E 322 -5.88 0.24 -21.84
N LEU E 323 -6.43 0.52 -23.01
CA LEU E 323 -6.83 -0.54 -23.94
C LEU E 323 -5.62 -1.31 -24.45
N PHE E 324 -4.52 -0.60 -24.70
CA PHE E 324 -3.33 -1.25 -25.19
C PHE E 324 -2.84 -2.18 -24.06
N GLY E 325 -2.92 -1.75 -22.80
CA GLY E 325 -2.61 -2.63 -21.66
C GLY E 325 -3.48 -3.89 -21.64
N LEU E 326 -4.79 -3.68 -21.76
CA LEU E 326 -5.76 -4.77 -21.79
C LEU E 326 -5.44 -5.76 -22.91
N ALA E 327 -5.04 -5.25 -24.07
CA ALA E 327 -4.66 -6.14 -25.16
C ALA E 327 -3.46 -6.98 -24.75
N LEU E 328 -2.47 -6.35 -24.12
CA LEU E 328 -1.19 -7.01 -23.85
C LEU E 328 -1.27 -8.00 -22.68
N GLY E 329 -2.22 -7.82 -21.78
CA GLY E 329 -2.31 -8.72 -20.64
C GLY E 329 -3.55 -8.70 -19.84
N GLY E 330 -4.70 -8.65 -20.52
CA GLY E 330 -6.01 -8.62 -19.86
C GLY E 330 -6.12 -7.59 -18.75
N TRP E 331 -6.88 -7.91 -17.72
CA TRP E 331 -7.19 -6.97 -16.65
C TRP E 331 -5.91 -6.52 -15.92
N GLN E 332 -4.96 -7.42 -15.85
CA GLN E 332 -3.72 -7.10 -15.21
C GLN E 332 -2.89 -6.13 -16.05
N GLY E 333 -2.96 -6.33 -17.37
CA GLY E 333 -2.33 -5.40 -18.32
C GLY E 333 -2.84 -3.99 -18.11
N ALA E 334 -4.15 -3.82 -18.06
CA ALA E 334 -4.73 -2.51 -17.86
C ALA E 334 -4.36 -1.96 -16.50
N TYR E 335 -4.30 -2.84 -15.50
CA TYR E 335 -3.96 -2.38 -14.15
C TYR E 335 -2.53 -1.83 -14.12
N SER E 336 -1.62 -2.55 -14.77
CA SER E 336 -0.21 -2.12 -14.89
C SER E 336 -0.14 -0.67 -15.39
N VAL E 337 -0.97 -0.37 -16.40
CA VAL E 337 -1.03 0.96 -17.03
C VAL E 337 -1.59 1.99 -16.06
N LEU E 338 -2.69 1.65 -15.40
CA LEU E 338 -3.27 2.57 -14.38
C LEU E 338 -2.32 2.84 -13.24
N ASP E 339 -1.62 1.80 -12.81
CA ASP E 339 -0.58 1.94 -11.78
C ASP E 339 0.55 2.87 -12.28
N TYR E 340 0.98 2.68 -13.53
CA TYR E 340 2.01 3.53 -14.13
C TYR E 340 1.67 5.02 -14.01
N PHE E 341 0.44 5.36 -14.39
CA PHE E 341 0.02 6.75 -14.37
C PHE E 341 0.07 7.28 -12.96
N GLN E 342 -0.29 6.44 -11.99
CA GLN E 342 -0.24 6.85 -10.58
C GLN E 342 1.19 7.17 -10.13
N LYS E 343 2.15 6.28 -10.43
CA LYS E 343 3.58 6.49 -10.06
C LYS E 343 4.19 7.65 -10.81
N ASP E 344 3.86 7.71 -12.09
CA ASP E 344 4.27 8.82 -12.93
C ASP E 344 3.78 10.16 -12.38
N LEU E 345 2.50 10.28 -12.06
CA LEU E 345 2.01 11.48 -11.41
C LEU E 345 2.73 11.77 -10.08
N THR E 346 2.88 10.74 -9.26
CA THR E 346 3.58 10.83 -7.98
C THR E 346 4.98 11.45 -8.15
N ARG E 347 5.74 10.94 -9.14
CA ARG E 347 7.05 11.54 -9.41
C ARG E 347 6.93 13.01 -9.75
N VAL E 348 6.09 13.32 -10.75
CA VAL E 348 5.92 14.68 -11.25
C VAL E 348 5.53 15.61 -10.12
N MET E 349 4.61 15.17 -9.27
CA MET E 349 4.17 15.96 -8.10
C MET E 349 5.34 16.40 -7.20
N GLN E 350 6.25 15.49 -6.91
CA GLN E 350 7.40 15.77 -6.04
C GLN E 350 8.30 16.85 -6.66
N LEU E 351 8.64 16.67 -7.94
CA LEU E 351 9.58 17.60 -8.60
C LEU E 351 8.98 18.95 -8.87
N THR E 352 7.65 19.03 -8.89
CA THR E 352 6.92 20.31 -9.06
C THR E 352 6.55 21.02 -7.74
N GLY E 353 6.63 20.30 -6.62
CA GLY E 353 6.35 20.90 -5.34
C GLY E 353 4.87 20.85 -5.05
N SER E 354 4.24 19.71 -5.34
CA SER E 354 2.79 19.48 -5.14
C SER E 354 2.58 18.33 -4.14
N GLN E 355 2.04 18.66 -2.97
CA GLN E 355 1.87 17.67 -1.90
C GLN E 355 0.65 16.85 -2.13
N ASN E 356 -0.38 17.53 -2.66
CA ASN E 356 -1.69 16.94 -2.91
C ASN E 356 -2.22 17.42 -4.27
N VAL E 357 -3.37 16.92 -4.68
CA VAL E 357 -3.98 17.27 -5.96
C VAL E 357 -4.42 18.73 -6.11
N GLU E 358 -4.90 19.34 -5.02
CA GLU E 358 -5.25 20.75 -5.04
C GLU E 358 -4.05 21.62 -5.40
N ASP E 359 -2.85 21.21 -4.96
CA ASP E 359 -1.63 21.92 -5.36
C ASP E 359 -1.41 21.90 -6.89
N LEU E 360 -1.73 20.78 -7.52
CA LEU E 360 -1.58 20.66 -8.97
C LEU E 360 -2.40 21.68 -9.73
N LYS E 361 -3.58 22.01 -9.20
CA LYS E 361 -4.48 22.94 -9.90
C LYS E 361 -3.96 24.35 -9.82
N GLY E 362 -2.98 24.59 -8.95
CA GLY E 362 -2.46 25.93 -8.73
C GLY E 362 -1.12 26.19 -9.38
N LEU E 363 -0.58 25.21 -10.11
CA LEU E 363 0.78 25.26 -10.68
C LEU E 363 0.98 26.26 -11.82
N ASP E 364 2.08 27.02 -11.76
CA ASP E 364 2.48 27.92 -12.84
C ASP E 364 2.92 27.08 -14.03
N LEU E 365 2.72 27.62 -15.22
CA LEU E 365 3.11 26.97 -16.46
C LEU E 365 3.89 27.97 -17.35
N PHE E 366 4.84 27.42 -18.09
CA PHE E 366 5.76 28.20 -18.91
C PHE E 366 5.13 28.16 -20.31
N ASP E 367 4.84 29.33 -20.91
CA ASP E 367 4.35 29.39 -22.29
C ASP E 367 5.55 29.11 -23.21
N ASN E 368 5.39 28.10 -24.07
CA ASN E 368 6.33 27.80 -25.14
C ASN E 368 5.67 28.21 -26.45
N PRO E 369 5.87 29.46 -26.85
CA PRO E 369 5.35 29.88 -28.16
C PRO E 369 5.96 29.13 -29.38
N TYR E 370 7.03 28.36 -29.19
CA TYR E 370 7.76 27.74 -30.30
C TYR E 370 7.17 26.41 -30.65
N GLY E 371 6.47 25.80 -29.71
CA GLY E 371 5.89 24.51 -29.95
C GLY E 371 6.91 23.43 -30.22
N TYR E 372 6.45 22.40 -30.92
CA TYR E 372 7.05 21.08 -30.82
C TYR E 372 8.54 21.08 -31.17
N GLU E 373 8.91 21.75 -32.23
CA GLU E 373 10.28 21.71 -32.71
C GLU E 373 11.14 22.68 -31.93
N TYR E 374 10.53 23.65 -31.26
CA TYR E 374 11.22 24.45 -30.25
C TYR E 374 12.28 25.29 -30.90
N TYR F 8 0.16 10.63 -77.68
CA TYR F 8 -0.32 10.94 -76.27
C TYR F 8 -1.44 10.02 -75.78
N ASN F 9 -1.07 9.12 -74.87
CA ASN F 9 -1.96 8.06 -74.39
C ASN F 9 -2.68 8.43 -73.08
N ALA F 10 -3.63 9.33 -73.18
CA ALA F 10 -4.45 9.68 -72.05
C ALA F 10 -5.29 8.46 -71.70
N PRO F 11 -5.65 8.30 -70.41
CA PRO F 11 -6.61 7.26 -70.06
C PRO F 11 -7.92 7.56 -70.73
N SER F 12 -8.74 6.51 -70.84
CA SER F 12 -10.06 6.51 -71.53
C SER F 12 -11.13 5.77 -70.74
N GLU F 13 -10.69 4.75 -70.02
CA GLU F 13 -11.53 4.05 -69.07
C GLU F 13 -12.40 4.98 -68.24
N ILE F 14 -13.66 4.56 -68.07
CA ILE F 14 -14.69 5.33 -67.37
C ILE F 14 -15.35 4.51 -66.23
N LYS F 15 -15.24 5.00 -65.01
CA LYS F 15 -15.78 4.30 -63.83
C LYS F 15 -15.93 5.27 -62.66
N TYR F 16 -16.93 4.99 -61.82
CA TYR F 16 -17.05 5.61 -60.52
C TYR F 16 -15.85 5.16 -59.71
N ILE F 17 -15.51 5.91 -58.67
CA ILE F 17 -14.40 5.55 -57.80
C ILE F 17 -14.70 5.85 -56.35
N ASP F 18 -14.07 5.06 -55.49
CA ASP F 18 -14.10 5.24 -54.05
C ASP F 18 -13.01 6.22 -53.67
N VAL F 19 -13.44 7.31 -53.02
CA VAL F 19 -12.56 8.39 -52.65
C VAL F 19 -12.53 8.42 -51.17
N VAL F 20 -11.35 8.16 -50.60
CA VAL F 20 -11.25 8.15 -49.16
C VAL F 20 -10.82 9.51 -48.65
N ASN F 21 -9.82 10.07 -49.32
CA ASN F 21 -9.49 11.49 -49.25
C ASN F 21 -9.05 11.91 -50.66
N THR F 22 -9.08 13.20 -51.00
CA THR F 22 -8.56 13.64 -52.32
C THR F 22 -7.03 13.60 -52.50
N TYR F 23 -6.29 13.55 -51.39
CA TYR F 23 -4.81 13.43 -51.46
C TYR F 23 -4.26 12.16 -52.13
N ASP F 24 -4.85 10.99 -51.83
CA ASP F 24 -4.43 9.73 -52.45
C ASP F 24 -4.63 9.70 -53.98
N LEU F 25 -5.63 10.44 -54.50
CA LEU F 25 -5.91 10.51 -55.95
C LEU F 25 -4.76 10.97 -56.86
N GLU F 26 -3.88 11.82 -56.34
CA GLU F 26 -2.73 12.32 -57.08
C GLU F 26 -1.77 11.20 -57.46
N GLU F 27 -1.33 10.43 -56.47
CA GLU F 27 -0.48 9.26 -56.67
C GLU F 27 -1.15 8.30 -57.68
N GLU F 28 -2.43 8.06 -57.47
CA GLU F 28 -3.15 7.08 -58.26
C GLU F 28 -3.19 7.52 -59.72
N ALA F 29 -3.51 8.80 -59.94
CA ALA F 29 -3.44 9.41 -61.27
C ALA F 29 -2.07 9.34 -61.95
N SER F 30 -0.98 9.45 -61.18
CA SER F 30 0.39 9.37 -61.72
C SER F 30 0.75 8.01 -62.33
N LYS F 31 -0.18 7.06 -62.27
CA LYS F 31 0.12 5.72 -62.70
C LYS F 31 -0.48 5.46 -64.03
N VAL F 32 -1.41 6.31 -64.42
CA VAL F 32 -2.09 6.14 -65.70
C VAL F 32 -1.99 7.37 -66.59
N VAL F 33 -1.33 8.43 -66.17
CA VAL F 33 -1.24 9.61 -67.00
C VAL F 33 0.19 9.69 -67.47
N PRO F 34 0.39 10.05 -68.74
CA PRO F 34 1.76 10.14 -69.22
C PRO F 34 2.54 11.20 -68.44
N HIS F 35 3.78 10.84 -68.14
CA HIS F 35 4.64 11.59 -67.27
C HIS F 35 4.51 13.11 -67.36
N GLY F 36 4.67 13.65 -68.57
CA GLY F 36 4.79 15.09 -68.82
C GLY F 36 3.53 15.85 -68.50
N GLY F 37 2.40 15.35 -68.98
CA GLY F 37 1.13 16.01 -68.73
C GLY F 37 0.73 15.82 -67.28
N PHE F 38 1.14 14.70 -66.71
CA PHE F 38 0.84 14.50 -65.31
C PHE F 38 1.54 15.59 -64.50
N ASN F 39 2.84 15.76 -64.72
CA ASN F 39 3.60 16.73 -63.94
C ASN F 39 3.21 18.18 -64.27
N TYR F 40 2.54 18.37 -65.40
CA TYR F 40 1.97 19.65 -65.74
C TYR F 40 0.71 19.91 -64.91
N ILE F 41 -0.02 18.86 -64.59
CA ILE F 41 -1.20 18.99 -63.73
C ILE F 41 -0.85 19.15 -62.24
N ALA F 42 0.09 18.34 -61.76
CA ALA F 42 0.47 18.30 -60.34
C ALA F 42 1.52 19.32 -59.92
N GLY F 43 2.33 19.80 -60.84
CA GLY F 43 3.44 20.68 -60.45
C GLY F 43 3.04 22.11 -60.18
N ALA F 44 3.94 22.83 -59.52
CA ALA F 44 3.72 24.24 -59.20
C ALA F 44 5.02 25.00 -59.40
N SER F 45 5.04 26.29 -59.04
CA SER F 45 6.22 27.11 -59.27
C SER F 45 7.34 26.81 -58.27
N GLY F 46 8.59 27.00 -58.70
CA GLY F 46 9.77 26.76 -57.84
C GLY F 46 9.93 25.36 -57.28
N ASP F 47 10.32 25.26 -56.00
CA ASP F 47 10.34 23.99 -55.31
C ASP F 47 8.97 23.62 -54.76
N GLU F 48 7.94 24.36 -55.17
CA GLU F 48 6.56 24.07 -54.80
C GLU F 48 6.26 24.40 -53.36
N TRP F 49 7.14 25.20 -52.76
CA TRP F 49 6.93 25.72 -51.42
C TRP F 49 5.60 26.42 -51.25
N THR F 50 5.14 27.17 -52.23
CA THR F 50 3.89 27.93 -52.04
C THR F 50 2.71 27.02 -52.33
N LYS F 51 2.88 25.94 -53.08
CA LYS F 51 1.83 24.91 -53.16
C LYS F 51 1.68 24.19 -51.81
N ARG F 52 2.81 23.88 -51.19
CA ARG F 52 2.77 23.34 -49.84
C ARG F 52 2.11 24.32 -48.86
N ALA F 53 2.35 25.62 -49.04
CA ALA F 53 1.75 26.61 -48.21
C ALA F 53 0.22 26.69 -48.37
N ASN F 54 -0.27 26.55 -49.61
CA ASN F 54 -1.73 26.56 -49.83
C ASN F 54 -2.38 25.44 -49.01
N ASP F 55 -1.74 24.29 -48.97
CA ASP F 55 -2.27 23.15 -48.24
C ASP F 55 -2.16 23.36 -46.72
N ARG F 56 -0.99 23.74 -46.26
CA ARG F 56 -0.77 23.92 -44.85
C ARG F 56 -1.54 25.10 -44.23
N ALA F 57 -1.96 26.06 -45.04
CA ALA F 57 -2.61 27.24 -44.51
C ALA F 57 -3.92 26.90 -43.82
N TRP F 58 -4.53 25.77 -44.21
CA TRP F 58 -5.75 25.29 -43.57
C TRP F 58 -5.60 24.96 -42.06
N LYS F 59 -4.38 24.71 -41.64
CA LYS F 59 -4.07 24.43 -40.24
C LYS F 59 -3.88 25.70 -39.42
N HIS F 60 -3.90 26.86 -40.07
CA HIS F 60 -3.73 28.14 -39.35
C HIS F 60 -4.97 28.53 -38.61
N LYS F 61 -6.12 28.03 -39.09
CA LYS F 61 -7.42 28.25 -38.46
C LYS F 61 -8.13 26.90 -38.38
N LEU F 62 -8.61 26.55 -37.18
CA LEU F 62 -9.13 25.24 -36.94
C LEU F 62 -10.57 25.34 -36.51
N LEU F 63 -11.34 24.35 -36.97
CA LEU F 63 -12.76 24.24 -36.71
C LEU F 63 -12.97 23.72 -35.31
N TYR F 64 -14.11 24.12 -34.75
CA TYR F 64 -14.62 23.68 -33.46
C TYR F 64 -15.79 22.71 -33.70
N PRO F 65 -15.76 21.53 -33.04
CA PRO F 65 -16.99 20.74 -32.98
C PRO F 65 -17.93 21.42 -32.05
N ARG F 66 -19.21 21.43 -32.37
CA ARG F 66 -20.22 22.04 -31.53
C ARG F 66 -21.32 21.01 -31.16
N LEU F 67 -21.89 21.13 -29.96
CA LEU F 67 -22.80 20.12 -29.42
C LEU F 67 -24.18 20.69 -29.12
N ALA F 68 -25.19 19.84 -29.21
CA ALA F 68 -26.57 20.23 -28.88
C ALA F 68 -26.96 21.50 -29.64
N GLN F 69 -26.69 21.44 -30.95
CA GLN F 69 -27.04 22.49 -31.91
C GLN F 69 -28.42 22.37 -32.58
N ASP F 70 -29.20 21.35 -32.24
CA ASP F 70 -30.52 21.13 -32.87
C ASP F 70 -30.34 21.18 -34.39
N VAL F 71 -29.46 20.30 -34.90
CA VAL F 71 -29.14 20.23 -36.31
C VAL F 71 -29.26 18.80 -36.81
N GLU F 72 -29.81 18.67 -38.01
CA GLU F 72 -30.06 17.36 -38.59
C GLU F 72 -30.13 17.50 -40.10
N ALA F 73 -29.52 16.57 -40.83
CA ALA F 73 -29.64 16.57 -42.30
C ALA F 73 -29.29 17.95 -42.90
N PRO F 74 -28.02 18.34 -42.77
CA PRO F 74 -27.71 19.69 -43.27
C PRO F 74 -27.85 19.83 -44.80
N ASP F 75 -28.17 21.03 -45.23
CA ASP F 75 -28.55 21.34 -46.57
C ASP F 75 -27.42 22.20 -47.16
N THR F 76 -26.72 21.59 -48.11
CA THR F 76 -25.53 22.15 -48.68
C THR F 76 -25.83 23.04 -49.86
N SER F 77 -27.08 23.09 -50.29
CA SER F 77 -27.45 23.85 -51.49
C SER F 77 -27.14 25.31 -51.24
N THR F 78 -26.81 26.04 -52.31
CA THR F 78 -26.64 27.49 -52.22
C THR F 78 -26.91 28.19 -53.57
N GLU F 79 -26.73 29.50 -53.56
CA GLU F 79 -27.04 30.33 -54.71
C GLU F 79 -25.98 31.40 -54.93
N ILE F 80 -25.52 31.49 -56.18
CA ILE F 80 -24.55 32.51 -56.52
C ILE F 80 -24.90 33.21 -57.84
N LEU F 81 -25.14 34.52 -57.76
CA LEU F 81 -25.57 35.26 -58.93
C LEU F 81 -26.73 34.52 -59.61
N GLY F 82 -27.80 34.31 -58.84
CA GLY F 82 -28.98 33.63 -59.35
C GLY F 82 -28.77 32.25 -59.93
N HIS F 83 -27.72 31.56 -59.51
CA HIS F 83 -27.52 30.16 -59.91
C HIS F 83 -27.72 29.27 -58.68
N LYS F 84 -28.55 28.25 -58.82
CA LYS F 84 -28.83 27.35 -57.72
C LYS F 84 -27.98 26.15 -57.90
N ILE F 85 -27.10 25.90 -56.95
CA ILE F 85 -26.16 24.82 -57.05
C ILE F 85 -26.33 23.93 -55.83
N LYS F 86 -25.98 22.64 -55.96
CA LYS F 86 -26.16 21.65 -54.88
C LYS F 86 -25.21 21.87 -53.69
N ALA F 87 -24.04 22.43 -53.96
CA ALA F 87 -23.05 22.71 -52.93
C ALA F 87 -22.39 24.08 -53.17
N PRO F 88 -21.70 24.63 -52.17
CA PRO F 88 -21.09 25.94 -52.33
C PRO F 88 -19.71 25.80 -52.93
N PHE F 89 -19.58 24.98 -53.96
CA PHE F 89 -18.35 24.92 -54.72
C PHE F 89 -18.70 24.82 -56.20
N ILE F 90 -17.81 25.34 -57.04
CA ILE F 90 -17.92 25.26 -58.50
C ILE F 90 -16.64 24.66 -59.08
N MET F 91 -16.65 24.42 -60.39
CA MET F 91 -15.47 23.83 -61.03
C MET F 91 -14.62 25.02 -61.48
N ALA F 92 -13.32 24.96 -61.21
CA ALA F 92 -12.41 26.02 -61.58
C ALA F 92 -12.03 25.88 -63.06
N PRO F 93 -11.79 27.03 -63.74
CA PRO F 93 -11.23 26.99 -65.10
C PRO F 93 -9.91 26.32 -65.09
N ILE F 94 -9.76 25.30 -65.91
CA ILE F 94 -8.47 24.60 -66.03
C ILE F 94 -8.27 24.24 -67.48
N ALA F 95 -7.02 24.31 -67.92
CA ALA F 95 -6.69 24.07 -69.31
C ALA F 95 -6.47 22.60 -69.61
N ALA F 96 -6.60 22.25 -70.88
CA ALA F 96 -6.10 20.97 -71.37
C ALA F 96 -6.49 19.77 -70.55
N HIS F 97 -7.80 19.52 -70.45
CA HIS F 97 -8.31 18.39 -69.67
C HIS F 97 -7.93 17.06 -70.34
N GLY F 98 -7.78 17.09 -71.67
CA GLY F 98 -7.32 15.96 -72.43
C GLY F 98 -5.95 15.47 -72.06
N LEU F 99 -5.22 16.23 -71.25
CA LEU F 99 -3.95 15.72 -70.66
C LEU F 99 -4.20 14.64 -69.61
N ALA F 100 -5.36 14.73 -68.94
CA ALA F 100 -5.81 13.79 -67.92
C ALA F 100 -6.54 12.58 -68.50
N HIS F 101 -7.58 12.86 -69.29
CA HIS F 101 -8.46 11.83 -69.82
C HIS F 101 -8.92 12.17 -71.25
N ALA F 102 -8.81 11.17 -72.14
CA ALA F 102 -9.25 11.28 -73.55
C ALA F 102 -10.63 11.94 -73.83
N THR F 103 -11.59 11.83 -72.94
CA THR F 103 -12.91 12.54 -73.09
C THR F 103 -12.87 14.02 -72.73
N LYS F 104 -11.78 14.43 -72.09
CA LYS F 104 -11.41 15.83 -71.83
C LYS F 104 -12.56 16.73 -71.31
N GLU F 105 -12.58 18.00 -71.72
CA GLU F 105 -13.44 19.00 -71.15
C GLU F 105 -14.94 18.58 -71.16
N ALA F 106 -15.28 17.67 -72.08
CA ALA F 106 -16.64 17.13 -72.21
C ALA F 106 -17.01 16.23 -71.03
N GLY F 107 -16.06 15.39 -70.63
CA GLY F 107 -16.14 14.58 -69.42
C GLY F 107 -16.31 15.42 -68.16
N THR F 108 -15.49 16.46 -68.03
CA THR F 108 -15.64 17.30 -66.87
C THR F 108 -17.02 17.96 -66.87
N ALA F 109 -17.47 18.45 -68.01
CA ALA F 109 -18.82 19.03 -68.11
C ALA F 109 -19.94 18.06 -67.72
N ARG F 110 -19.76 16.79 -68.05
CA ARG F 110 -20.79 15.81 -67.75
C ARG F 110 -20.97 15.75 -66.22
N ALA F 111 -19.87 15.38 -65.54
CA ALA F 111 -19.80 15.30 -64.08
C ALA F 111 -20.40 16.52 -63.40
N VAL F 112 -19.95 17.69 -63.82
CA VAL F 112 -20.33 18.91 -63.15
C VAL F 112 -21.82 19.22 -63.35
N SER F 113 -22.33 18.96 -64.56
CA SER F 113 -23.74 19.22 -64.88
C SER F 113 -24.69 18.26 -64.14
N GLU F 114 -24.35 16.98 -64.19
CA GLU F 114 -25.01 15.93 -63.41
C GLU F 114 -24.97 16.16 -61.88
N PHE F 115 -23.81 16.57 -61.34
CA PHE F 115 -23.74 16.99 -59.94
C PHE F 115 -24.61 18.20 -59.65
N GLY F 116 -24.53 19.20 -60.53
CA GLY F 116 -25.43 20.36 -60.42
C GLY F 116 -24.78 21.52 -59.71
N THR F 117 -23.55 21.81 -60.14
CA THR F 117 -22.94 23.11 -59.90
C THR F 117 -22.56 23.75 -61.26
N ILE F 118 -21.69 24.77 -61.24
CA ILE F 118 -21.35 25.55 -62.43
C ILE F 118 -20.03 25.12 -63.03
N MET F 119 -19.97 25.12 -64.37
CA MET F 119 -18.75 24.72 -65.08
C MET F 119 -18.06 25.98 -65.49
N SER F 120 -16.74 26.01 -65.28
CA SER F 120 -15.88 27.10 -65.74
C SER F 120 -15.04 26.66 -66.94
N ILE F 121 -15.24 27.40 -68.02
CA ILE F 121 -14.58 27.09 -69.28
C ILE F 121 -13.32 27.94 -69.51
N SER F 122 -12.23 27.22 -69.70
CA SER F 122 -10.92 27.79 -69.85
C SER F 122 -10.69 28.16 -71.29
N ALA F 123 -10.48 29.44 -71.54
CA ALA F 123 -10.00 29.88 -72.85
C ALA F 123 -9.00 28.93 -73.45
N TYR F 124 -8.18 28.24 -72.66
CA TYR F 124 -7.23 27.28 -73.25
C TYR F 124 -7.74 25.85 -73.23
N SER F 125 -9.05 25.68 -73.43
CA SER F 125 -9.62 24.36 -73.58
C SER F 125 -9.06 23.65 -74.83
N GLY F 126 -8.85 22.34 -74.71
CA GLY F 126 -8.55 21.46 -75.88
C GLY F 126 -9.80 20.97 -76.63
N ALA F 127 -10.99 21.31 -76.10
CA ALA F 127 -12.30 21.01 -76.70
C ALA F 127 -13.06 22.29 -77.03
N THR F 128 -13.91 22.22 -78.05
CA THR F 128 -14.65 23.38 -78.54
C THR F 128 -15.83 23.64 -77.66
N PHE F 129 -16.39 24.84 -77.79
CA PHE F 129 -17.66 25.22 -77.13
C PHE F 129 -18.81 24.24 -77.28
N GLU F 130 -18.91 23.57 -78.44
CA GLU F 130 -20.00 22.64 -78.69
C GLU F 130 -19.66 21.21 -78.21
N GLU F 131 -18.38 20.78 -78.34
CA GLU F 131 -17.88 19.54 -77.72
C GLU F 131 -18.21 19.48 -76.20
N ILE F 132 -18.00 20.64 -75.54
CA ILE F 132 -18.33 20.88 -74.11
C ILE F 132 -19.83 21.05 -73.83
N SER F 133 -20.49 21.87 -74.62
CA SER F 133 -21.94 22.06 -74.50
C SER F 133 -22.70 20.74 -74.56
N GLU F 134 -22.19 19.79 -75.32
CA GLU F 134 -22.79 18.49 -75.39
C GLU F 134 -22.78 17.88 -73.98
N GLY F 135 -21.59 17.56 -73.48
CA GLY F 135 -21.40 17.18 -72.07
C GLY F 135 -22.24 17.99 -71.07
N LEU F 136 -22.29 19.31 -71.23
CA LEU F 136 -22.98 20.16 -70.27
C LEU F 136 -24.49 20.01 -70.33
N ASN F 137 -24.99 19.35 -71.38
CA ASN F 137 -26.41 19.05 -71.50
C ASN F 137 -27.33 20.19 -71.06
N GLY F 138 -26.93 21.43 -71.27
CA GLY F 138 -27.70 22.57 -70.77
C GLY F 138 -27.38 23.08 -69.36
N GLY F 139 -26.27 22.64 -68.78
CA GLY F 139 -25.90 23.15 -67.45
C GLY F 139 -25.34 24.58 -67.41
N PRO F 140 -25.46 25.28 -66.27
CA PRO F 140 -24.90 26.65 -66.23
C PRO F 140 -23.36 26.67 -66.38
N ARG F 141 -22.85 27.70 -67.03
CA ARG F 141 -21.42 27.76 -67.37
C ARG F 141 -20.95 29.20 -67.32
N TRP F 142 -19.73 29.40 -66.82
CA TRP F 142 -19.08 30.70 -66.89
C TRP F 142 -17.83 30.50 -67.72
N PHE F 143 -17.46 31.57 -68.45
CA PHE F 143 -16.30 31.52 -69.33
C PHE F 143 -15.13 32.30 -68.76
N GLN F 144 -13.95 31.70 -68.86
CA GLN F 144 -12.70 32.30 -68.40
C GLN F 144 -11.78 32.74 -69.58
N ILE F 145 -11.47 34.04 -69.60
CA ILE F 145 -10.71 34.65 -70.67
C ILE F 145 -9.26 34.85 -70.24
N TYR F 146 -8.36 34.41 -71.13
CA TYR F 146 -7.02 34.92 -71.22
C TYR F 146 -7.06 35.87 -72.43
N MET F 147 -6.91 37.16 -72.15
CA MET F 147 -7.09 38.19 -73.13
C MET F 147 -5.96 38.13 -74.11
N ALA F 148 -6.31 38.25 -75.37
CA ALA F 148 -5.33 38.65 -76.39
C ALA F 148 -5.09 40.15 -76.40
N LYS F 149 -3.98 40.50 -77.01
CA LYS F 149 -3.65 41.90 -77.27
C LYS F 149 -4.67 42.60 -78.19
N ASP F 150 -5.11 41.91 -79.24
CA ASP F 150 -6.04 42.51 -80.20
C ASP F 150 -7.44 42.56 -79.62
N ASP F 151 -8.05 43.73 -79.62
CA ASP F 151 -9.39 43.90 -79.07
C ASP F 151 -10.46 43.14 -79.86
N GLN F 152 -10.19 42.82 -81.12
CA GLN F 152 -11.16 42.11 -81.94
C GLN F 152 -11.31 40.70 -81.39
N GLN F 153 -10.18 40.01 -81.34
CA GLN F 153 -10.14 38.65 -80.85
C GLN F 153 -10.81 38.47 -79.47
N ASN F 154 -10.76 39.51 -78.63
CA ASN F 154 -11.42 39.48 -77.33
C ASN F 154 -12.93 39.56 -77.50
N ARG F 155 -13.40 40.45 -78.37
CA ARG F 155 -14.84 40.55 -78.66
C ARG F 155 -15.40 39.29 -79.33
N ASP F 156 -14.64 38.68 -80.23
CA ASP F 156 -15.10 37.50 -80.94
C ASP F 156 -15.14 36.26 -80.05
N ILE F 157 -14.37 36.29 -78.97
CA ILE F 157 -14.43 35.23 -77.97
C ILE F 157 -15.59 35.49 -77.01
N LEU F 158 -15.70 36.70 -76.50
CA LEU F 158 -16.80 37.03 -75.59
C LEU F 158 -18.18 36.91 -76.21
N ASP F 159 -18.25 37.03 -77.55
CA ASP F 159 -19.51 36.86 -78.30
C ASP F 159 -19.83 35.37 -78.49
N GLU F 160 -18.85 34.57 -78.92
CA GLU F 160 -18.96 33.10 -78.91
C GLU F 160 -19.26 32.50 -77.54
N ALA F 161 -18.66 33.02 -76.46
CA ALA F 161 -18.88 32.47 -75.13
C ALA F 161 -20.28 32.81 -74.74
N LYS F 162 -20.67 34.06 -74.96
CA LYS F 162 -22.05 34.45 -74.68
C LYS F 162 -23.04 33.63 -75.49
N GLY F 163 -22.71 33.31 -76.75
CA GLY F 163 -23.60 32.57 -77.62
C GLY F 163 -23.89 31.13 -77.19
N ASP F 164 -22.90 30.51 -76.57
CA ASP F 164 -22.98 29.18 -75.99
C ASP F 164 -23.64 29.15 -74.61
N GLY F 165 -24.02 30.32 -74.06
CA GLY F 165 -24.76 30.41 -72.79
C GLY F 165 -24.00 30.84 -71.53
N ALA F 166 -22.71 31.16 -71.65
CA ALA F 166 -21.98 31.65 -70.50
C ALA F 166 -22.83 32.72 -69.84
N THR F 167 -22.99 32.60 -68.52
CA THR F 167 -23.75 33.56 -67.71
C THR F 167 -22.86 34.51 -66.86
N ALA F 168 -21.54 34.32 -66.91
CA ALA F 168 -20.57 35.22 -66.30
C ALA F 168 -19.21 35.06 -66.98
N ILE F 169 -18.33 36.04 -66.74
CA ILE F 169 -16.96 36.02 -67.33
C ILE F 169 -15.89 36.13 -66.24
N ILE F 170 -14.87 35.30 -66.37
CA ILE F 170 -13.79 35.25 -65.42
C ILE F 170 -12.57 35.79 -66.11
N LEU F 171 -12.08 36.94 -65.64
CA LEU F 171 -10.83 37.48 -66.11
C LEU F 171 -9.73 36.91 -65.27
N THR F 172 -8.91 36.04 -65.84
CA THR F 172 -7.75 35.54 -65.14
C THR F 172 -6.61 36.48 -65.45
N ALA F 173 -6.18 37.23 -64.45
CA ALA F 173 -5.24 38.33 -64.61
C ALA F 173 -3.89 38.17 -63.89
N ASP F 174 -3.61 36.98 -63.32
CA ASP F 174 -2.41 36.70 -62.54
C ASP F 174 -1.36 35.93 -63.35
N SER F 175 -1.59 35.87 -64.66
CA SER F 175 -0.72 35.08 -65.56
C SER F 175 -0.22 35.86 -66.77
N THR F 176 0.11 37.12 -66.57
CA THR F 176 0.64 37.95 -67.65
C THR F 176 1.98 37.37 -68.17
N VAL F 177 2.72 36.70 -67.30
CA VAL F 177 3.78 35.79 -67.73
C VAL F 177 3.59 34.52 -66.89
N SER F 178 4.03 33.41 -67.46
CA SER F 178 4.02 32.12 -66.80
C SER F 178 4.84 32.14 -65.50
N GLY F 179 4.34 31.39 -64.52
CA GLY F 179 5.11 31.08 -63.33
C GLY F 179 6.33 30.27 -63.71
N ASN F 180 7.27 30.15 -62.75
CA ASN F 180 8.48 29.40 -62.94
C ASN F 180 8.31 27.93 -62.64
N ARG F 181 7.60 27.24 -63.53
CA ARG F 181 7.21 25.85 -63.28
C ARG F 181 8.33 24.85 -63.62
N ASP F 182 9.15 24.52 -62.63
CA ASP F 182 10.33 23.69 -62.82
C ASP F 182 10.05 22.33 -63.46
N ARG F 183 8.91 21.73 -63.15
CA ARG F 183 8.62 20.41 -63.66
C ARG F 183 8.50 20.43 -65.16
N ASP F 184 7.78 21.44 -65.67
CA ASP F 184 7.51 21.59 -67.11
C ASP F 184 8.78 21.89 -67.87
N VAL F 185 9.59 22.79 -67.35
CA VAL F 185 10.90 23.06 -67.93
C VAL F 185 11.75 21.78 -68.06
N LYS F 186 12.00 21.08 -66.95
CA LYS F 186 12.93 19.94 -66.93
C LYS F 186 12.47 18.81 -67.87
N ASN F 187 11.14 18.64 -67.98
CA ASN F 187 10.51 17.65 -68.85
C ASN F 187 10.29 18.20 -70.26
N LYS F 188 10.83 19.39 -70.54
CA LYS F 188 10.57 20.14 -71.78
C LYS F 188 9.14 20.00 -72.24
N PHE F 189 8.20 20.29 -71.37
CA PHE F 189 6.79 20.15 -71.70
C PHE F 189 6.28 21.06 -72.84
N VAL F 190 5.33 20.51 -73.60
CA VAL F 190 4.58 21.19 -74.70
C VAL F 190 3.23 20.50 -74.89
N TYR F 191 2.20 21.28 -75.22
CA TYR F 191 0.89 20.69 -75.38
C TYR F 191 0.92 19.85 -76.63
N PRO F 192 0.26 18.69 -76.60
CA PRO F 192 0.29 17.81 -77.75
C PRO F 192 -1.04 17.78 -78.53
N PHE F 193 -1.87 18.80 -78.32
CA PHE F 193 -3.07 18.98 -79.14
C PHE F 193 -3.42 20.47 -79.13
N GLY F 194 -4.34 20.85 -79.98
CA GLY F 194 -4.64 22.25 -80.18
C GLY F 194 -5.67 22.76 -79.21
N MET F 195 -5.85 24.08 -79.23
CA MET F 195 -6.72 24.84 -78.34
C MET F 195 -7.71 25.66 -79.16
N PRO F 196 -8.83 25.04 -79.53
CA PRO F 196 -9.78 25.58 -80.51
C PRO F 196 -10.25 27.00 -80.32
N ILE F 197 -10.44 27.45 -79.10
CA ILE F 197 -11.14 28.73 -78.89
C ILE F 197 -10.22 29.92 -79.14
N VAL F 198 -8.97 29.79 -78.70
CA VAL F 198 -7.96 30.85 -78.82
C VAL F 198 -7.14 30.76 -80.12
N GLN F 199 -7.42 29.76 -80.97
CA GLN F 199 -6.58 29.41 -82.12
C GLN F 199 -6.69 30.43 -83.26
N ARG F 200 -6.09 31.59 -83.00
CA ARG F 200 -6.20 32.78 -83.87
C ARG F 200 -5.14 33.82 -83.48
N TYR F 201 -5.10 34.17 -82.18
CA TYR F 201 -4.17 35.18 -81.63
C TYR F 201 -2.82 34.60 -81.20
N LEU F 202 -2.65 33.30 -81.44
CA LEU F 202 -1.34 32.63 -81.45
C LEU F 202 -1.05 32.40 -82.93
N ARG F 203 0.06 32.95 -83.43
CA ARG F 203 0.34 32.89 -84.86
C ARG F 203 0.63 31.45 -85.25
N GLY F 204 -0.44 30.70 -85.48
CA GLY F 204 -0.35 29.26 -85.64
C GLY F 204 -1.20 28.60 -84.59
N THR F 205 -0.62 27.60 -83.91
CA THR F 205 -1.40 26.62 -83.08
C THR F 205 -0.83 26.45 -81.64
N ALA F 206 -1.60 25.79 -80.76
CA ALA F 206 -1.14 25.49 -79.38
C ALA F 206 -0.37 24.17 -79.32
N GLU F 207 -0.75 23.19 -80.16
CA GLU F 207 0.01 21.94 -80.36
C GLU F 207 1.41 22.28 -80.87
N GLY F 208 2.40 22.13 -79.99
CA GLY F 208 3.79 22.46 -80.32
C GLY F 208 4.39 23.56 -79.44
N MET F 209 3.55 24.46 -78.92
CA MET F 209 4.01 25.55 -78.05
C MET F 209 4.07 25.10 -76.56
N SER F 210 4.98 25.72 -75.82
CA SER F 210 5.07 25.57 -74.38
C SER F 210 4.11 26.58 -73.72
N LEU F 211 3.86 26.40 -72.44
CA LEU F 211 2.96 27.28 -71.70
C LEU F 211 3.30 28.79 -71.83
N ASN F 212 4.59 29.12 -71.93
CA ASN F 212 5.07 30.51 -72.04
C ASN F 212 4.48 31.39 -73.18
N ASN F 213 4.62 30.93 -74.42
CA ASN F 213 4.29 31.71 -75.64
C ASN F 213 2.77 31.86 -75.87
N ILE F 214 2.05 30.84 -75.37
CA ILE F 214 0.62 30.88 -75.27
C ILE F 214 0.22 32.09 -74.38
N PHE F 215 0.62 32.09 -73.09
CA PHE F 215 0.53 33.29 -72.20
C PHE F 215 1.23 34.54 -72.75
N GLY F 216 2.27 34.31 -73.55
CA GLY F 216 3.16 35.35 -74.09
C GLY F 216 2.62 36.24 -75.19
N ALA F 217 1.92 35.66 -76.19
CA ALA F 217 1.14 36.47 -77.15
C ALA F 217 -0.23 36.96 -76.58
N SER F 218 -0.56 36.54 -75.35
CA SER F 218 -1.65 37.09 -74.54
C SER F 218 -1.30 38.46 -73.93
N LYS F 219 -2.27 39.15 -73.36
CA LYS F 219 -2.06 40.53 -73.03
C LYS F 219 -1.30 40.66 -71.73
N GLN F 220 -0.22 41.43 -71.77
CA GLN F 220 0.65 41.60 -70.61
C GLN F 220 0.27 42.84 -69.85
N LYS F 221 -0.03 43.89 -70.60
CA LYS F 221 -0.20 45.21 -70.04
C LYS F 221 -1.65 45.32 -69.61
N ILE F 222 -2.13 44.36 -68.82
CA ILE F 222 -3.53 44.36 -68.38
C ILE F 222 -3.76 45.53 -67.43
N SER F 223 -4.83 46.30 -67.68
CA SER F 223 -5.13 47.53 -66.90
C SER F 223 -6.56 47.53 -66.31
N PRO F 224 -6.81 48.42 -65.35
CA PRO F 224 -8.18 48.45 -64.81
C PRO F 224 -9.25 48.72 -65.86
N ARG F 225 -8.85 49.34 -66.96
CA ARG F 225 -9.79 49.66 -68.02
C ARG F 225 -10.22 48.39 -68.77
N ASP F 226 -9.34 47.37 -68.81
CA ASP F 226 -9.70 46.08 -69.42
C ASP F 226 -10.92 45.40 -68.75
N ILE F 227 -11.12 45.67 -67.46
CA ILE F 227 -12.27 45.16 -66.74
C ILE F 227 -13.53 45.92 -67.14
N GLU F 228 -13.52 47.27 -67.12
CA GLU F 228 -14.69 48.05 -67.62
C GLU F 228 -15.06 47.50 -68.98
N GLU F 229 -14.06 47.37 -69.85
CA GLU F 229 -14.26 47.00 -71.26
C GLU F 229 -14.91 45.64 -71.43
N ILE F 230 -14.46 44.63 -70.68
CA ILE F 230 -15.05 43.31 -70.78
C ILE F 230 -16.49 43.29 -70.28
N ALA F 231 -16.77 44.07 -69.24
CA ALA F 231 -18.15 44.20 -68.73
C ALA F 231 -19.03 44.86 -69.77
N ALA F 232 -18.55 45.97 -70.33
CA ALA F 232 -19.36 46.77 -71.25
C ALA F 232 -19.69 45.99 -72.53
N HIS F 233 -18.70 45.32 -73.12
CA HIS F 233 -18.96 44.51 -74.31
C HIS F 233 -19.99 43.43 -74.03
N SER F 234 -19.68 42.53 -73.10
CA SER F 234 -20.52 41.34 -72.81
C SER F 234 -21.91 41.59 -72.18
N GLY F 235 -22.03 42.61 -71.33
CA GLY F 235 -23.25 42.79 -70.52
C GLY F 235 -23.35 41.84 -69.31
N LEU F 236 -22.37 40.93 -69.21
CA LEU F 236 -22.32 39.89 -68.18
C LEU F 236 -21.46 40.27 -66.98
N PRO F 237 -21.87 39.82 -65.78
CA PRO F 237 -21.03 40.05 -64.60
C PRO F 237 -19.66 39.40 -64.76
N VAL F 238 -18.63 40.17 -64.38
CA VAL F 238 -17.23 39.83 -64.55
C VAL F 238 -16.59 39.55 -63.18
N PHE F 239 -15.84 38.45 -63.11
CA PHE F 239 -15.06 38.10 -61.94
C PHE F 239 -13.64 38.47 -62.25
N VAL F 240 -12.90 39.03 -61.28
CA VAL F 240 -11.47 39.22 -61.47
C VAL F 240 -10.72 38.19 -60.66
N LYS F 241 -9.93 37.36 -61.34
CA LYS F 241 -9.41 36.14 -60.76
C LYS F 241 -7.92 36.20 -60.58
N GLY F 242 -7.49 35.84 -59.35
CA GLY F 242 -6.06 35.86 -58.95
C GLY F 242 -5.73 36.86 -57.84
N ILE F 243 -6.74 37.42 -57.22
CA ILE F 243 -6.54 38.37 -56.15
C ILE F 243 -5.98 37.73 -54.87
N GLN F 244 -4.92 38.34 -54.35
CA GLN F 244 -4.35 38.00 -53.06
C GLN F 244 -4.12 39.26 -52.18
N HIS F 245 -4.29 40.44 -52.79
CA HIS F 245 -4.00 41.70 -52.12
C HIS F 245 -5.31 42.48 -52.11
N PRO F 246 -5.73 42.94 -50.93
CA PRO F 246 -7.02 43.56 -50.81
C PRO F 246 -7.21 44.82 -51.64
N GLU F 247 -6.14 45.54 -51.93
CA GLU F 247 -6.23 46.72 -52.77
C GLU F 247 -6.74 46.38 -54.19
N ASP F 248 -6.34 45.22 -54.71
CA ASP F 248 -6.80 44.79 -56.05
C ASP F 248 -8.34 44.56 -56.05
N ALA F 249 -8.89 44.17 -54.92
CA ALA F 249 -10.34 44.07 -54.77
C ALA F 249 -11.05 45.43 -54.87
N ASP F 250 -10.62 46.41 -54.09
CA ASP F 250 -11.12 47.76 -54.27
C ASP F 250 -11.05 48.13 -55.75
N MET F 251 -9.89 47.91 -56.34
CA MET F 251 -9.61 48.29 -57.74
C MET F 251 -10.60 47.66 -58.70
N ALA F 252 -10.83 46.37 -58.54
CA ALA F 252 -11.68 45.61 -59.45
C ALA F 252 -13.13 46.02 -59.28
N ILE F 253 -13.53 46.35 -58.06
CA ILE F 253 -14.91 46.64 -57.86
C ILE F 253 -15.13 48.01 -58.48
N LYS F 254 -14.24 48.94 -58.18
CA LYS F 254 -14.30 50.26 -58.76
C LYS F 254 -14.37 50.20 -60.29
N ALA F 255 -13.62 49.29 -60.90
CA ALA F 255 -13.62 49.07 -62.34
C ALA F 255 -14.84 48.33 -62.91
N GLY F 256 -15.85 48.03 -62.09
CA GLY F 256 -17.05 47.35 -62.57
C GLY F 256 -17.09 45.82 -62.49
N ALA F 257 -16.15 45.20 -61.77
CA ALA F 257 -16.26 43.75 -61.49
C ALA F 257 -17.51 43.48 -60.63
N SER F 258 -18.15 42.36 -60.94
CA SER F 258 -19.31 41.88 -60.19
C SER F 258 -18.93 40.80 -59.16
N GLY F 259 -17.65 40.47 -59.07
CA GLY F 259 -17.19 39.40 -58.21
C GLY F 259 -15.68 39.40 -58.07
N ILE F 260 -15.20 38.96 -56.90
CA ILE F 260 -13.77 38.80 -56.60
C ILE F 260 -13.44 37.30 -56.48
N TRP F 261 -12.45 36.83 -57.21
CA TRP F 261 -12.09 35.43 -57.15
C TRP F 261 -10.67 35.36 -56.61
N VAL F 262 -10.59 34.99 -55.34
CA VAL F 262 -9.36 35.01 -54.58
C VAL F 262 -8.55 33.79 -54.93
N SER F 263 -7.34 33.94 -55.44
CA SER F 263 -6.63 32.76 -56.00
C SER F 263 -5.18 33.05 -56.23
N ASN F 264 -4.34 32.02 -56.14
CA ASN F 264 -2.93 32.13 -56.59
C ASN F 264 -2.52 31.09 -57.63
N HIS F 265 -3.54 30.60 -58.31
CA HIS F 265 -3.38 29.78 -59.49
C HIS F 265 -2.87 28.44 -59.08
N GLY F 266 -3.35 27.94 -57.94
CA GLY F 266 -2.89 26.67 -57.44
C GLY F 266 -1.36 26.63 -57.28
N ALA F 267 -0.77 27.78 -56.88
CA ALA F 267 0.69 27.93 -56.72
C ALA F 267 1.48 27.77 -58.02
N ARG F 268 0.79 27.87 -59.16
CA ARG F 268 1.41 27.70 -60.49
C ARG F 268 2.03 28.96 -61.06
N GLN F 269 1.87 30.07 -60.39
CA GLN F 269 2.36 31.37 -60.83
C GLN F 269 3.43 31.92 -59.88
N LEU F 270 3.11 32.95 -59.11
CA LEU F 270 4.18 33.62 -58.39
C LEU F 270 4.66 32.76 -57.25
N TYR F 271 5.97 32.55 -57.24
CA TYR F 271 6.62 31.74 -56.23
C TYR F 271 6.89 32.55 -54.97
N GLU F 272 7.01 31.87 -53.84
CA GLU F 272 7.40 32.56 -52.58
C GLU F 272 6.39 33.64 -52.20
N ALA F 273 5.12 33.29 -52.43
CA ALA F 273 3.95 34.05 -51.98
C ALA F 273 3.20 33.29 -50.86
N PRO F 274 2.20 33.91 -50.26
CA PRO F 274 1.54 33.19 -49.22
C PRO F 274 0.60 32.12 -49.74
N GLY F 275 0.30 31.14 -48.89
CA GLY F 275 -0.83 30.24 -49.09
C GLY F 275 -2.12 31.05 -49.29
N SER F 276 -2.88 30.70 -50.30
CA SER F 276 -4.04 31.50 -50.67
C SER F 276 -5.01 31.77 -49.50
N PHE F 277 -5.29 30.72 -48.73
CA PHE F 277 -6.18 30.84 -47.56
C PHE F 277 -5.74 31.91 -46.55
N ASP F 278 -4.45 32.11 -46.33
CA ASP F 278 -4.02 33.17 -45.44
C ASP F 278 -4.40 34.59 -45.94
N THR F 279 -4.65 34.74 -47.26
CA THR F 279 -4.88 36.08 -47.84
C THR F 279 -6.36 36.43 -47.78
N LEU F 280 -7.20 35.45 -47.51
CA LEU F 280 -8.65 35.64 -47.71
C LEU F 280 -9.33 36.64 -46.79
N PRO F 281 -9.12 36.52 -45.45
CA PRO F 281 -9.87 37.40 -44.53
C PRO F 281 -9.67 38.88 -44.83
N ALA F 282 -8.43 39.29 -45.10
CA ALA F 282 -8.16 40.69 -45.39
C ALA F 282 -8.99 41.15 -46.61
N ILE F 283 -8.96 40.38 -47.70
CA ILE F 283 -9.70 40.70 -48.91
C ILE F 283 -11.21 40.76 -48.63
N ALA F 284 -11.77 39.71 -48.04
CA ALA F 284 -13.19 39.70 -47.59
C ALA F 284 -13.59 40.96 -46.78
N GLU F 285 -12.73 41.34 -45.83
CA GLU F 285 -12.94 42.58 -45.04
C GLU F 285 -13.06 43.86 -45.92
N ARG F 286 -12.22 43.95 -46.96
CA ARG F 286 -12.18 45.11 -47.79
C ARG F 286 -13.36 45.14 -48.75
N VAL F 287 -13.67 43.97 -49.31
CA VAL F 287 -14.85 43.77 -50.12
C VAL F 287 -16.12 44.12 -49.36
N ASN F 288 -16.20 43.68 -48.10
CA ASN F 288 -17.28 44.13 -47.23
C ASN F 288 -18.62 43.96 -47.86
N LYS F 289 -18.80 42.79 -48.47
CA LYS F 289 -20.10 42.32 -48.97
C LYS F 289 -20.67 42.95 -50.26
N ARG F 290 -19.99 43.97 -50.78
CA ARG F 290 -20.37 44.60 -52.03
C ARG F 290 -20.55 43.61 -53.22
N VAL F 291 -19.77 42.54 -53.29
CA VAL F 291 -19.91 41.57 -54.37
C VAL F 291 -19.63 40.16 -53.87
N PRO F 292 -20.13 39.15 -54.59
CA PRO F 292 -19.79 37.78 -54.30
C PRO F 292 -18.30 37.55 -54.30
N ILE F 293 -17.88 36.54 -53.55
CA ILE F 293 -16.48 36.13 -53.45
C ILE F 293 -16.28 34.63 -53.67
N VAL F 294 -15.46 34.30 -54.65
CA VAL F 294 -15.09 32.92 -54.97
C VAL F 294 -13.68 32.69 -54.50
N PHE F 295 -13.43 31.62 -53.73
CA PHE F 295 -12.05 31.35 -53.24
C PHE F 295 -11.49 30.09 -53.85
N ASP F 296 -10.23 30.06 -54.25
CA ASP F 296 -9.61 28.82 -54.58
C ASP F 296 -8.13 28.74 -54.24
N SER F 297 -7.56 27.59 -54.54
CA SER F 297 -6.11 27.31 -54.45
C SER F 297 -5.73 26.54 -53.20
N GLY F 298 -5.96 25.22 -53.22
CA GLY F 298 -5.63 24.34 -52.07
C GLY F 298 -6.75 23.52 -51.47
N VAL F 299 -7.98 23.70 -51.96
CA VAL F 299 -9.15 22.98 -51.43
C VAL F 299 -9.09 21.46 -51.73
N ARG F 300 -9.12 20.64 -50.66
CA ARG F 300 -8.90 19.19 -50.71
C ARG F 300 -9.87 18.35 -49.86
N ARG F 301 -10.65 19.02 -48.98
CA ARG F 301 -11.55 18.39 -47.99
C ARG F 301 -12.76 19.28 -47.73
N GLY F 302 -13.81 18.74 -47.12
CA GLY F 302 -14.99 19.54 -46.77
C GLY F 302 -14.78 20.56 -45.64
N GLU F 303 -13.81 20.27 -44.78
CA GLU F 303 -13.38 21.19 -43.75
C GLU F 303 -12.85 22.48 -44.40
N HIS F 304 -12.19 22.31 -45.52
CA HIS F 304 -11.60 23.45 -46.23
C HIS F 304 -12.70 24.37 -46.77
N VAL F 305 -13.72 23.73 -47.32
CA VAL F 305 -14.85 24.45 -47.83
C VAL F 305 -15.46 25.26 -46.68
N ALA F 306 -15.59 24.62 -45.52
CA ALA F 306 -16.17 25.26 -44.33
C ALA F 306 -15.35 26.45 -43.86
N LYS F 307 -14.04 26.23 -43.73
CA LYS F 307 -13.15 27.27 -43.30
C LYS F 307 -13.12 28.42 -44.33
N ALA F 308 -13.21 28.12 -45.62
CA ALA F 308 -13.23 29.20 -46.63
C ALA F 308 -14.46 30.08 -46.48
N LEU F 309 -15.64 29.46 -46.41
CA LEU F 309 -16.89 30.19 -46.23
C LEU F 309 -16.95 30.93 -44.90
N ALA F 310 -16.37 30.39 -43.84
CA ALA F 310 -16.32 31.12 -42.54
C ALA F 310 -15.37 32.34 -42.56
N SER F 311 -14.44 32.34 -43.50
CA SER F 311 -13.43 33.38 -43.57
C SER F 311 -13.81 34.51 -44.56
N GLY F 312 -14.99 34.37 -45.19
CA GLY F 312 -15.55 35.44 -45.99
C GLY F 312 -15.87 35.12 -47.44
N ALA F 313 -15.55 33.90 -47.87
CA ALA F 313 -15.94 33.42 -49.20
C ALA F 313 -17.44 33.11 -49.29
N ASP F 314 -17.98 33.19 -50.49
CA ASP F 314 -19.38 32.76 -50.75
C ASP F 314 -19.40 31.37 -51.37
N VAL F 315 -18.37 31.06 -52.15
CA VAL F 315 -18.14 29.70 -52.65
C VAL F 315 -16.65 29.47 -52.90
N VAL F 316 -16.29 28.22 -53.06
CA VAL F 316 -14.95 27.89 -53.48
C VAL F 316 -14.98 27.33 -54.90
N ALA F 317 -13.81 27.14 -55.48
CA ALA F 317 -13.65 26.44 -56.73
C ALA F 317 -12.60 25.31 -56.59
N LEU F 318 -12.92 24.17 -57.20
CA LEU F 318 -12.11 22.95 -57.18
C LEU F 318 -11.33 22.72 -58.45
N GLY F 319 -10.13 22.19 -58.28
CA GLY F 319 -9.25 22.04 -59.43
C GLY F 319 -8.59 20.70 -59.49
N ARG F 320 -7.34 20.64 -59.06
CA ARG F 320 -6.56 19.46 -59.23
C ARG F 320 -7.35 18.18 -58.92
N PRO F 321 -7.98 18.09 -57.74
CA PRO F 321 -8.61 16.83 -57.39
C PRO F 321 -9.70 16.35 -58.37
N VAL F 322 -10.44 17.27 -58.96
CA VAL F 322 -11.43 16.88 -59.98
C VAL F 322 -10.72 16.37 -61.25
N LEU F 323 -9.57 16.93 -61.56
CA LEU F 323 -8.81 16.41 -62.70
C LEU F 323 -8.15 15.07 -62.45
N PHE F 324 -7.62 14.85 -61.26
CA PHE F 324 -7.10 13.56 -60.92
C PHE F 324 -8.24 12.53 -60.95
N GLY F 325 -9.45 12.94 -60.61
CA GLY F 325 -10.63 12.05 -60.73
C GLY F 325 -10.90 11.66 -62.19
N LEU F 326 -10.92 12.68 -63.05
CA LEU F 326 -11.14 12.51 -64.47
C LEU F 326 -10.16 11.55 -65.05
N ALA F 327 -8.88 11.70 -64.72
CA ALA F 327 -7.85 10.75 -65.21
C ALA F 327 -8.20 9.32 -64.84
N LEU F 328 -8.72 9.11 -63.63
CA LEU F 328 -8.89 7.77 -63.07
C LEU F 328 -10.18 7.06 -63.56
N GLY F 329 -11.21 7.83 -63.92
CA GLY F 329 -12.44 7.28 -64.46
C GLY F 329 -13.34 8.25 -65.24
N GLY F 330 -12.75 9.18 -66.00
CA GLY F 330 -13.53 10.10 -66.81
C GLY F 330 -14.61 10.87 -66.06
N TRP F 331 -15.75 11.11 -66.70
CA TRP F 331 -16.80 11.89 -66.08
C TRP F 331 -17.35 11.25 -64.79
N GLN F 332 -17.31 9.92 -64.72
CA GLN F 332 -17.78 9.20 -63.52
C GLN F 332 -16.80 9.48 -62.41
N GLY F 333 -15.51 9.28 -62.74
CA GLY F 333 -14.37 9.65 -61.89
C GLY F 333 -14.40 11.08 -61.35
N ALA F 334 -14.76 12.05 -62.19
CA ALA F 334 -14.94 13.41 -61.74
C ALA F 334 -16.17 13.58 -60.81
N TYR F 335 -17.29 12.95 -61.16
CA TYR F 335 -18.50 13.01 -60.35
C TYR F 335 -18.25 12.40 -58.96
N SER F 336 -17.55 11.26 -58.92
CA SER F 336 -17.16 10.66 -57.64
C SER F 336 -16.53 11.74 -56.78
N VAL F 337 -15.57 12.50 -57.34
CA VAL F 337 -14.85 13.56 -56.57
C VAL F 337 -15.77 14.68 -56.11
N LEU F 338 -16.72 15.10 -56.94
CA LEU F 338 -17.65 16.13 -56.50
C LEU F 338 -18.52 15.59 -55.42
N ASP F 339 -18.95 14.33 -55.59
CA ASP F 339 -19.86 13.69 -54.66
C ASP F 339 -19.16 13.61 -53.31
N TYR F 340 -17.87 13.27 -53.32
CA TYR F 340 -17.09 13.19 -52.07
C TYR F 340 -17.07 14.53 -51.33
N PHE F 341 -16.85 15.64 -52.05
CA PHE F 341 -16.81 16.99 -51.43
C PHE F 341 -18.15 17.33 -50.79
N GLN F 342 -19.24 16.85 -51.42
CA GLN F 342 -20.58 17.15 -50.93
C GLN F 342 -20.84 16.39 -49.64
N LYS F 343 -20.54 15.09 -49.63
CA LYS F 343 -20.65 14.24 -48.42
C LYS F 343 -19.70 14.65 -47.30
N ASP F 344 -18.48 15.03 -47.70
CA ASP F 344 -17.50 15.52 -46.75
C ASP F 344 -18.02 16.80 -46.10
N LEU F 345 -18.59 17.69 -46.90
CA LEU F 345 -19.02 18.96 -46.38
C LEU F 345 -20.21 18.71 -45.49
N THR F 346 -21.00 17.68 -45.82
CA THR F 346 -22.17 17.29 -45.04
C THR F 346 -21.74 16.85 -43.62
N ARG F 347 -20.74 15.98 -43.53
CA ARG F 347 -20.28 15.60 -42.20
C ARG F 347 -19.94 16.85 -41.38
N VAL F 348 -19.10 17.72 -41.98
CA VAL F 348 -18.51 18.85 -41.29
C VAL F 348 -19.62 19.81 -40.86
N MET F 349 -20.61 20.02 -41.69
CA MET F 349 -21.71 20.89 -41.28
C MET F 349 -22.41 20.33 -40.06
N GLN F 350 -22.83 19.06 -40.13
CA GLN F 350 -23.42 18.37 -38.97
C GLN F 350 -22.59 18.60 -37.70
N LEU F 351 -21.30 18.25 -37.74
CA LEU F 351 -20.45 18.32 -36.53
C LEU F 351 -20.12 19.75 -36.08
N THR F 352 -20.23 20.75 -36.96
CA THR F 352 -19.92 22.14 -36.58
C THR F 352 -21.15 22.89 -36.15
N GLY F 353 -22.31 22.28 -36.40
CA GLY F 353 -23.59 22.86 -36.02
C GLY F 353 -24.09 23.81 -37.07
N SER F 354 -23.93 23.42 -38.32
CA SER F 354 -24.31 24.23 -39.46
C SER F 354 -25.42 23.50 -40.17
N GLN F 355 -26.65 23.99 -40.03
CA GLN F 355 -27.84 23.44 -40.67
C GLN F 355 -27.78 23.74 -42.15
N ASN F 356 -27.42 24.99 -42.48
CA ASN F 356 -27.35 25.43 -43.89
C ASN F 356 -26.12 26.26 -44.21
N VAL F 357 -25.84 26.42 -45.50
CA VAL F 357 -24.65 27.11 -45.99
C VAL F 357 -24.37 28.51 -45.39
N GLU F 358 -25.41 29.32 -45.20
CA GLU F 358 -25.21 30.60 -44.51
C GLU F 358 -24.61 30.42 -43.13
N ASP F 359 -25.00 29.37 -42.40
CA ASP F 359 -24.44 29.09 -41.07
C ASP F 359 -22.90 28.88 -41.09
N LEU F 360 -22.37 28.25 -42.13
CA LEU F 360 -20.93 28.12 -42.29
C LEU F 360 -20.21 29.49 -42.32
N LYS F 361 -20.89 30.52 -42.81
CA LYS F 361 -20.27 31.84 -42.93
C LYS F 361 -20.09 32.56 -41.61
N GLY F 362 -20.86 32.21 -40.58
CA GLY F 362 -20.65 32.76 -39.24
C GLY F 362 -19.86 31.93 -38.21
N LEU F 363 -19.20 30.84 -38.61
CA LEU F 363 -18.48 30.00 -37.63
C LEU F 363 -17.27 30.68 -36.97
N ASP F 364 -17.07 30.38 -35.67
CA ASP F 364 -15.87 30.74 -34.93
C ASP F 364 -14.75 29.80 -35.36
N LEU F 365 -13.51 30.28 -35.34
CA LEU F 365 -12.37 29.52 -35.81
C LEU F 365 -11.26 29.66 -34.81
N PHE F 366 -10.68 28.55 -34.41
CA PHE F 366 -9.66 28.59 -33.42
C PHE F 366 -8.38 28.97 -34.11
N ASP F 367 -7.66 29.94 -33.56
CA ASP F 367 -6.41 30.43 -34.15
C ASP F 367 -5.17 29.59 -33.68
N ASN F 368 -4.44 29.04 -34.64
CA ASN F 368 -3.31 28.17 -34.33
C ASN F 368 -2.03 28.85 -34.69
N PRO F 369 -1.36 29.49 -33.72
CA PRO F 369 -0.13 30.22 -34.06
C PRO F 369 1.04 29.28 -34.25
N TYR F 370 0.91 28.07 -33.75
CA TYR F 370 2.01 27.08 -33.79
C TYR F 370 2.31 26.57 -35.20
N GLY F 371 1.33 26.66 -36.09
CA GLY F 371 1.52 26.24 -37.45
C GLY F 371 1.40 24.75 -37.61
N TYR F 372 2.05 24.23 -38.66
CA TYR F 372 1.77 22.88 -39.13
C TYR F 372 2.33 21.79 -38.24
N GLU F 373 3.55 21.99 -37.73
CA GLU F 373 4.16 21.04 -36.81
C GLU F 373 3.57 21.20 -35.39
N TYR F 374 2.87 22.30 -35.11
CA TYR F 374 2.08 22.44 -33.89
C TYR F 374 2.97 22.41 -32.62
N TYR G 8 33.74 -4.37 -15.21
CA TYR G 8 33.17 -3.15 -15.87
C TYR G 8 34.26 -2.54 -16.69
N ASN G 9 34.12 -2.68 -18.01
CA ASN G 9 35.22 -2.37 -18.90
C ASN G 9 35.35 -0.86 -19.22
N ALA G 10 35.79 -0.09 -18.24
CA ALA G 10 35.97 1.34 -18.43
C ALA G 10 37.24 1.53 -19.24
N PRO G 11 37.24 2.46 -20.20
CA PRO G 11 38.47 2.71 -20.95
C PRO G 11 39.55 3.40 -20.06
N SER G 12 40.82 3.23 -20.46
CA SER G 12 42.00 3.62 -19.64
C SER G 12 43.03 4.47 -20.38
N GLU G 13 42.82 4.65 -21.68
CA GLU G 13 43.74 5.39 -22.53
C GLU G 13 43.76 6.87 -22.19
N ILE G 14 44.96 7.45 -22.19
CA ILE G 14 45.17 8.85 -21.86
C ILE G 14 45.87 9.51 -23.01
N LYS G 15 45.25 10.54 -23.61
CA LYS G 15 45.82 11.31 -24.74
C LYS G 15 44.99 12.55 -25.09
N TYR G 16 45.62 13.48 -25.80
CA TYR G 16 44.94 14.66 -26.31
C TYR G 16 44.11 14.24 -27.53
N ILE G 17 43.04 14.98 -27.79
CA ILE G 17 42.13 14.62 -28.86
C ILE G 17 41.78 15.86 -29.61
N ASP G 18 41.47 15.68 -30.88
CA ASP G 18 41.03 16.79 -31.69
C ASP G 18 39.53 17.00 -31.45
N VAL G 19 39.17 18.24 -31.14
CA VAL G 19 37.79 18.59 -30.94
C VAL G 19 37.40 19.66 -31.93
N VAL G 20 36.57 19.27 -32.88
CA VAL G 20 36.07 20.15 -33.90
C VAL G 20 34.82 20.79 -33.35
N ASN G 21 33.89 19.95 -32.90
CA ASN G 21 32.72 20.38 -32.15
C ASN G 21 32.55 19.37 -31.04
N THR G 22 31.85 19.74 -29.97
CA THR G 22 31.58 18.77 -28.90
C THR G 22 30.49 17.77 -29.26
N TYR G 23 29.66 18.05 -30.27
CA TYR G 23 28.56 17.13 -30.59
C TYR G 23 29.10 15.78 -31.06
N ASP G 24 30.19 15.82 -31.83
CA ASP G 24 30.83 14.61 -32.36
C ASP G 24 31.39 13.65 -31.30
N LEU G 25 31.72 14.18 -30.12
CA LEU G 25 32.26 13.37 -29.03
C LEU G 25 31.30 12.34 -28.42
N GLU G 26 29.99 12.57 -28.53
CA GLU G 26 28.99 11.65 -27.95
C GLU G 26 29.10 10.29 -28.63
N GLU G 27 29.11 10.32 -29.98
CA GLU G 27 29.15 9.13 -30.79
C GLU G 27 30.50 8.43 -30.64
N GLU G 28 31.57 9.22 -30.58
CA GLU G 28 32.91 8.67 -30.41
C GLU G 28 33.01 7.99 -29.07
N ALA G 29 32.56 8.64 -28.03
CA ALA G 29 32.62 8.02 -26.72
C ALA G 29 31.81 6.75 -26.66
N SER G 30 30.75 6.62 -27.47
CA SER G 30 29.81 5.48 -27.39
C SER G 30 30.49 4.18 -27.79
N LYS G 31 31.65 4.31 -28.43
CA LYS G 31 32.40 3.19 -28.92
C LYS G 31 33.48 2.68 -27.96
N VAL G 32 33.87 3.46 -26.97
CA VAL G 32 34.88 3.00 -26.02
C VAL G 32 34.31 2.77 -24.63
N VAL G 33 33.07 3.22 -24.39
CA VAL G 33 32.46 3.21 -23.07
C VAL G 33 31.35 2.13 -23.02
N PRO G 34 31.22 1.40 -21.88
CA PRO G 34 30.22 0.32 -21.87
C PRO G 34 28.81 0.83 -22.02
N HIS G 35 27.94 -0.06 -22.47
CA HIS G 35 26.63 0.31 -22.91
C HIS G 35 25.82 0.95 -21.79
N GLY G 36 25.70 0.28 -20.66
CA GLY G 36 24.87 0.78 -19.58
C GLY G 36 25.38 2.13 -19.10
N GLY G 37 26.70 2.20 -18.89
CA GLY G 37 27.33 3.41 -18.41
C GLY G 37 27.17 4.54 -19.40
N PHE G 38 27.44 4.26 -20.67
CA PHE G 38 27.39 5.32 -21.66
C PHE G 38 26.03 5.96 -21.69
N ASN G 39 25.00 5.13 -21.80
CA ASN G 39 23.61 5.63 -21.91
C ASN G 39 23.14 6.29 -20.64
N TYR G 40 23.61 5.83 -19.48
CA TYR G 40 23.49 6.59 -18.23
C TYR G 40 24.06 8.03 -18.36
N ILE G 41 25.17 8.18 -19.05
CA ILE G 41 25.75 9.51 -19.15
C ILE G 41 25.01 10.34 -20.20
N ALA G 42 24.84 9.78 -21.39
CA ALA G 42 24.24 10.45 -22.53
C ALA G 42 22.76 10.77 -22.42
N GLY G 43 21.98 9.85 -21.87
CA GLY G 43 20.50 9.94 -21.89
C GLY G 43 19.85 10.83 -20.84
N ALA G 44 18.52 10.97 -20.98
CA ALA G 44 17.74 11.96 -20.20
C ALA G 44 16.34 11.47 -19.95
N SER G 45 15.49 12.29 -19.34
CA SER G 45 14.10 11.87 -19.06
C SER G 45 13.20 11.67 -20.30
N GLY G 46 12.29 10.71 -20.19
CA GLY G 46 11.34 10.39 -21.23
C GLY G 46 11.98 10.17 -22.59
N ASP G 47 11.32 10.69 -23.64
CA ASP G 47 11.84 10.60 -25.01
C ASP G 47 12.88 11.70 -25.31
N GLU G 48 13.35 12.37 -24.28
CA GLU G 48 14.47 13.31 -24.37
C GLU G 48 14.18 14.65 -25.08
N TRP G 49 12.89 14.98 -25.20
CA TRP G 49 12.45 16.21 -25.80
C TRP G 49 12.96 17.42 -25.02
N THR G 50 13.07 17.32 -23.69
CA THR G 50 13.55 18.48 -22.93
C THR G 50 15.05 18.63 -23.05
N LYS G 51 15.78 17.52 -23.27
CA LYS G 51 17.21 17.62 -23.65
C LYS G 51 17.42 18.31 -24.99
N ARG G 52 16.60 17.96 -25.97
CA ARG G 52 16.66 18.57 -27.29
C ARG G 52 16.31 20.05 -27.13
N ALA G 53 15.29 20.35 -26.32
CA ALA G 53 14.96 21.75 -25.98
C ALA G 53 16.13 22.52 -25.35
N ASN G 54 16.86 21.89 -24.43
CA ASN G 54 18.07 22.52 -23.87
C ASN G 54 18.99 22.96 -24.98
N ASP G 55 19.15 22.09 -25.97
CA ASP G 55 20.08 22.39 -27.06
C ASP G 55 19.54 23.40 -28.10
N ARG G 56 18.25 23.35 -28.40
CA ARG G 56 17.67 24.22 -29.40
C ARG G 56 17.30 25.61 -28.91
N ALA G 57 17.22 25.78 -27.59
CA ALA G 57 17.00 27.10 -26.99
C ALA G 57 18.04 28.14 -27.41
N TRP G 58 19.23 27.67 -27.77
CA TRP G 58 20.33 28.53 -28.19
C TRP G 58 20.01 29.28 -29.49
N LYS G 59 19.01 28.81 -30.22
CA LYS G 59 18.59 29.47 -31.46
C LYS G 59 17.48 30.47 -31.21
N HIS G 60 17.05 30.61 -29.96
CA HIS G 60 16.00 31.57 -29.65
C HIS G 60 16.57 32.94 -29.58
N LYS G 61 17.87 33.03 -29.28
CA LYS G 61 18.60 34.28 -29.16
C LYS G 61 19.88 34.19 -29.95
N LEU G 62 20.07 35.10 -30.89
CA LEU G 62 21.14 34.96 -31.83
C LEU G 62 22.14 36.07 -31.59
N LEU G 63 23.43 35.77 -31.85
CA LEU G 63 24.50 36.72 -31.66
C LEU G 63 24.61 37.56 -32.91
N TYR G 64 25.13 38.76 -32.72
CA TYR G 64 25.44 39.70 -33.79
C TYR G 64 26.95 39.78 -33.96
N PRO G 65 27.43 39.66 -35.20
CA PRO G 65 28.81 40.12 -35.50
C PRO G 65 28.84 41.63 -35.41
N ARG G 66 29.88 42.15 -34.78
CA ARG G 66 30.05 43.58 -34.65
C ARG G 66 31.41 43.95 -35.20
N LEU G 67 31.43 45.01 -36.01
CA LEU G 67 32.59 45.44 -36.80
C LEU G 67 33.31 46.68 -36.24
N ALA G 68 34.55 46.85 -36.63
CA ALA G 68 35.30 48.02 -36.27
C ALA G 68 35.21 48.26 -34.76
N GLN G 69 35.29 47.17 -34.02
CA GLN G 69 35.08 47.24 -32.60
C GLN G 69 36.36 47.62 -31.82
N ASP G 70 37.53 47.58 -32.46
CA ASP G 70 38.80 47.94 -31.81
C ASP G 70 39.15 46.86 -30.78
N VAL G 71 39.15 45.62 -31.23
CA VAL G 71 39.32 44.48 -30.35
C VAL G 71 40.34 43.56 -30.93
N GLU G 72 41.11 42.97 -30.02
CA GLU G 72 42.29 42.16 -30.33
C GLU G 72 42.57 41.29 -29.12
N ALA G 73 42.93 40.04 -29.33
CA ALA G 73 43.34 39.16 -28.21
C ALA G 73 42.41 39.30 -27.05
N PRO G 74 41.17 38.85 -27.20
CA PRO G 74 40.26 38.93 -26.05
C PRO G 74 40.74 38.17 -24.80
N ASP G 75 40.39 38.70 -23.63
CA ASP G 75 40.78 38.11 -22.36
C ASP G 75 39.57 37.43 -21.73
N THR G 76 39.64 36.11 -21.67
CA THR G 76 38.52 35.29 -21.23
C THR G 76 38.47 35.05 -19.73
N SER G 77 39.34 35.66 -18.95
CA SER G 77 39.39 35.33 -17.53
C SER G 77 38.36 36.18 -16.80
N THR G 78 38.04 35.70 -15.61
CA THR G 78 37.04 36.29 -14.78
C THR G 78 37.32 35.85 -13.34
N GLU G 79 36.48 36.30 -12.44
CA GLU G 79 36.62 36.04 -11.04
C GLU G 79 35.21 35.81 -10.50
N ILE G 80 35.07 34.78 -9.70
CA ILE G 80 33.84 34.50 -9.02
C ILE G 80 34.16 34.03 -7.60
N LEU G 81 33.48 34.61 -6.61
CA LEU G 81 33.69 34.27 -5.22
C LEU G 81 35.18 34.23 -4.85
N GLY G 82 35.92 35.25 -5.27
CA GLY G 82 37.34 35.30 -5.01
C GLY G 82 38.23 34.31 -5.75
N HIS G 83 37.68 33.32 -6.45
CA HIS G 83 38.52 32.47 -7.28
C HIS G 83 38.74 33.12 -8.62
N LYS G 84 39.99 33.10 -9.08
CA LYS G 84 40.41 33.60 -10.39
C LYS G 84 40.57 32.42 -11.35
N ILE G 85 39.88 32.48 -12.49
CA ILE G 85 39.80 31.35 -13.43
C ILE G 85 40.06 31.80 -14.86
N LYS G 86 40.58 30.90 -15.71
CA LYS G 86 40.99 31.25 -17.09
C LYS G 86 39.85 31.59 -18.02
N ALA G 87 38.67 31.03 -17.76
CA ALA G 87 37.53 31.31 -18.59
C ALA G 87 36.29 31.36 -17.74
N PRO G 88 35.21 31.98 -18.24
CA PRO G 88 33.95 31.99 -17.47
C PRO G 88 33.14 30.68 -17.49
N PHE G 89 33.81 29.53 -17.29
CA PHE G 89 33.14 28.25 -17.02
C PHE G 89 33.84 27.46 -15.93
N ILE G 90 33.13 26.50 -15.39
CA ILE G 90 33.65 25.64 -14.34
C ILE G 90 33.13 24.21 -14.55
N MET G 91 33.71 23.23 -13.86
CA MET G 91 33.28 21.87 -14.02
C MET G 91 32.04 21.66 -13.17
N ALA G 92 31.01 21.00 -13.75
CA ALA G 92 29.71 20.80 -13.08
C ALA G 92 29.80 19.54 -12.20
N PRO G 93 29.06 19.51 -11.08
CA PRO G 93 29.12 18.27 -10.32
C PRO G 93 28.53 17.16 -11.15
N ILE G 94 29.35 16.12 -11.40
CA ILE G 94 28.91 14.91 -12.06
C ILE G 94 29.36 13.66 -11.24
N ALA G 95 28.42 12.72 -11.15
CA ALA G 95 28.62 11.50 -10.44
C ALA G 95 29.37 10.46 -11.26
N ALA G 96 30.12 9.63 -10.55
CA ALA G 96 30.64 8.36 -11.06
C ALA G 96 31.41 8.53 -12.36
N HIS G 97 32.46 9.33 -12.32
CA HIS G 97 33.28 9.57 -13.51
C HIS G 97 33.89 8.24 -13.93
N GLY G 98 34.08 7.34 -12.97
CA GLY G 98 34.49 5.95 -13.22
C GLY G 98 33.73 5.25 -14.33
N LEU G 99 32.49 5.66 -14.58
CA LEU G 99 31.69 5.10 -15.67
C LEU G 99 32.32 5.38 -17.00
N ALA G 100 32.99 6.53 -17.08
CA ALA G 100 33.58 7.05 -18.30
C ALA G 100 35.04 6.62 -18.45
N HIS G 101 35.76 6.52 -17.32
CA HIS G 101 37.21 6.26 -17.40
C HIS G 101 37.81 5.72 -16.13
N ALA G 102 38.85 4.90 -16.25
CA ALA G 102 39.41 4.26 -15.06
C ALA G 102 39.92 5.31 -14.06
N THR G 103 40.67 6.30 -14.54
CA THR G 103 41.14 7.40 -13.67
C THR G 103 40.01 8.21 -12.98
N LYS G 104 38.77 8.07 -13.46
CA LYS G 104 37.61 8.62 -12.80
C LYS G 104 37.78 10.11 -12.40
N GLU G 105 37.28 10.51 -11.24
CA GLU G 105 37.26 11.93 -10.84
C GLU G 105 38.64 12.54 -10.72
N ALA G 106 39.66 11.70 -10.50
CA ALA G 106 41.05 12.15 -10.42
C ALA G 106 41.54 12.59 -11.80
N GLY G 107 41.12 11.93 -12.86
CA GLY G 107 41.44 12.43 -14.20
C GLY G 107 40.84 13.80 -14.38
N THR G 108 39.54 13.90 -14.16
CA THR G 108 38.82 15.14 -14.43
C THR G 108 39.34 16.27 -13.54
N ALA G 109 39.65 15.94 -12.28
CA ALA G 109 40.32 16.88 -11.36
C ALA G 109 41.62 17.48 -11.94
N ARG G 110 42.46 16.66 -12.57
CA ARG G 110 43.73 17.16 -13.11
C ARG G 110 43.59 18.08 -14.32
N ALA G 111 42.76 17.67 -15.29
CA ALA G 111 42.34 18.54 -16.39
C ALA G 111 41.83 19.91 -15.95
N VAL G 112 41.00 19.91 -14.92
CA VAL G 112 40.32 21.12 -14.50
C VAL G 112 41.30 22.01 -13.80
N SER G 113 42.10 21.37 -12.95
CA SER G 113 43.14 22.04 -12.15
C SER G 113 44.17 22.71 -13.03
N GLU G 114 44.70 21.93 -13.96
CA GLU G 114 45.70 22.38 -14.92
C GLU G 114 45.21 23.43 -15.94
N PHE G 115 43.92 23.40 -16.29
CA PHE G 115 43.37 24.39 -17.23
C PHE G 115 43.22 25.73 -16.54
N GLY G 116 42.69 25.69 -15.30
CA GLY G 116 42.62 26.86 -14.44
C GLY G 116 41.20 27.28 -14.14
N THR G 117 40.38 26.35 -13.70
CA THR G 117 39.08 26.72 -13.20
C THR G 117 38.78 25.92 -11.93
N ILE G 118 37.50 25.73 -11.60
CA ILE G 118 37.06 25.12 -10.33
C ILE G 118 36.48 23.75 -10.56
N MET G 119 36.87 22.79 -9.74
CA MET G 119 36.24 21.48 -9.80
C MET G 119 35.04 21.47 -8.89
N SER G 120 33.90 21.00 -9.39
CA SER G 120 32.77 20.75 -8.51
C SER G 120 32.74 19.27 -8.18
N ILE G 121 32.78 18.92 -6.91
CA ILE G 121 32.77 17.51 -6.50
C ILE G 121 31.34 17.02 -6.19
N SER G 122 30.90 16.02 -6.93
CA SER G 122 29.58 15.42 -6.66
C SER G 122 29.67 14.58 -5.42
N ALA G 123 28.61 14.63 -4.61
CA ALA G 123 28.43 13.74 -3.48
C ALA G 123 28.51 12.28 -3.92
N TYR G 124 28.09 12.00 -5.14
CA TYR G 124 28.00 10.63 -5.65
C TYR G 124 29.23 10.31 -6.49
N SER G 125 30.37 10.86 -6.13
CA SER G 125 31.64 10.50 -6.77
C SER G 125 32.03 9.05 -6.44
N GLY G 126 32.64 8.36 -7.40
CA GLY G 126 33.26 7.05 -7.14
C GLY G 126 34.64 7.07 -6.48
N ALA G 127 35.26 8.25 -6.40
CA ALA G 127 36.56 8.48 -5.74
C ALA G 127 36.41 9.18 -4.39
N THR G 128 37.37 8.96 -3.49
CA THR G 128 37.41 9.60 -2.14
C THR G 128 37.84 11.07 -2.27
N PHE G 129 37.69 11.86 -1.19
CA PHE G 129 38.27 13.21 -1.19
C PHE G 129 39.77 13.13 -1.45
N GLU G 130 40.47 12.35 -0.62
CA GLU G 130 41.92 12.14 -0.73
C GLU G 130 42.36 11.84 -2.18
N GLU G 131 41.58 11.05 -2.91
CA GLU G 131 41.91 10.65 -4.30
C GLU G 131 41.78 11.78 -5.33
N ILE G 132 40.70 12.55 -5.21
CA ILE G 132 40.49 13.72 -6.06
C ILE G 132 41.55 14.77 -5.75
N SER G 133 41.83 14.98 -4.46
CA SER G 133 42.79 16.02 -4.00
C SER G 133 44.16 15.80 -4.58
N GLU G 134 44.60 14.56 -4.63
CA GLU G 134 45.87 14.27 -5.28
C GLU G 134 45.78 14.77 -6.73
N GLY G 135 44.69 14.45 -7.42
CA GLY G 135 44.51 14.87 -8.80
C GLY G 135 44.37 16.37 -9.01
N LEU G 136 43.81 17.07 -8.02
CA LEU G 136 43.59 18.52 -8.07
C LEU G 136 44.83 19.33 -7.72
N ASN G 137 45.77 18.70 -7.01
CA ASN G 137 47.06 19.31 -6.72
C ASN G 137 46.97 20.75 -6.18
N GLY G 138 46.01 21.00 -5.28
CA GLY G 138 45.79 22.34 -4.69
C GLY G 138 44.83 23.30 -5.43
N GLY G 139 44.25 22.85 -6.54
CA GLY G 139 43.33 23.69 -7.34
C GLY G 139 42.02 23.95 -6.61
N PRO G 140 41.33 25.04 -6.97
CA PRO G 140 40.10 25.32 -6.21
C PRO G 140 38.98 24.29 -6.47
N ARG G 141 38.10 24.10 -5.48
CA ARG G 141 37.00 23.15 -5.60
C ARG G 141 35.81 23.46 -4.72
N TRP G 142 34.64 22.96 -5.16
CA TRP G 142 33.39 23.14 -4.46
C TRP G 142 32.77 21.78 -4.30
N PHE G 143 32.08 21.58 -3.17
CA PHE G 143 31.39 20.33 -2.88
C PHE G 143 29.90 20.43 -3.10
N GLN G 144 29.39 19.48 -3.88
CA GLN G 144 27.98 19.39 -4.18
C GLN G 144 27.41 18.31 -3.29
N ILE G 145 26.35 18.63 -2.59
CA ILE G 145 25.78 17.71 -1.65
C ILE G 145 24.39 17.28 -2.09
N TYR G 146 24.17 15.98 -1.98
CA TYR G 146 22.84 15.37 -1.91
C TYR G 146 22.63 14.98 -0.44
N MET G 147 21.63 15.58 0.20
CA MET G 147 21.52 15.55 1.65
C MET G 147 21.09 14.21 2.16
N ALA G 148 21.58 13.84 3.36
CA ALA G 148 20.99 12.76 4.18
C ALA G 148 19.69 13.21 4.85
N LYS G 149 18.85 12.24 5.21
CA LYS G 149 17.67 12.49 6.04
C LYS G 149 18.10 12.86 7.45
N ASP G 150 19.22 12.27 7.88
CA ASP G 150 19.77 12.51 9.20
C ASP G 150 20.69 13.73 9.27
N ASP G 151 20.29 14.73 10.05
CA ASP G 151 21.04 15.98 10.27
C ASP G 151 22.56 15.90 10.62
N GLN G 152 23.00 14.86 11.33
CA GLN G 152 24.39 14.75 11.82
C GLN G 152 25.32 14.35 10.68
N GLN G 153 24.84 13.36 9.92
CA GLN G 153 25.50 12.90 8.70
C GLN G 153 25.71 14.04 7.69
N ASN G 154 24.80 14.99 7.65
CA ASN G 154 25.03 16.17 6.84
C ASN G 154 26.16 17.02 7.39
N ARG G 155 26.17 17.24 8.70
CA ARG G 155 27.27 17.96 9.34
C ARG G 155 28.60 17.24 9.04
N ASP G 156 28.62 15.91 9.11
CA ASP G 156 29.86 15.16 8.87
C ASP G 156 30.39 15.32 7.44
N ILE G 157 29.48 15.26 6.48
CA ILE G 157 29.81 15.44 5.05
C ILE G 157 30.36 16.84 4.77
N LEU G 158 29.74 17.85 5.34
CA LEU G 158 30.19 19.23 5.18
C LEU G 158 31.54 19.46 5.85
N ASP G 159 31.73 18.88 7.03
CA ASP G 159 33.02 18.94 7.72
C ASP G 159 34.12 18.30 6.85
N GLU G 160 33.83 17.16 6.25
CA GLU G 160 34.85 16.56 5.39
C GLU G 160 35.09 17.31 4.08
N ALA G 161 34.10 18.03 3.57
CA ALA G 161 34.30 18.83 2.36
C ALA G 161 35.19 20.02 2.68
N LYS G 162 34.90 20.61 3.81
CA LYS G 162 35.63 21.78 4.26
C LYS G 162 37.03 21.37 4.65
N GLY G 163 37.19 20.24 5.33
CA GLY G 163 38.53 19.79 5.69
C GLY G 163 39.41 19.64 4.46
N ASP G 164 38.75 19.34 3.32
CA ASP G 164 39.45 19.09 2.08
C ASP G 164 39.77 20.35 1.28
N GLY G 165 39.20 21.50 1.66
CA GLY G 165 39.48 22.78 0.97
C GLY G 165 38.35 23.35 0.09
N ALA G 166 37.17 22.75 0.22
CA ALA G 166 35.98 23.23 -0.47
C ALA G 166 35.70 24.65 -0.04
N THR G 167 35.74 25.59 -0.98
CA THR G 167 35.49 27.00 -0.65
C THR G 167 34.07 27.46 -0.99
N ALA G 168 33.17 26.51 -1.32
CA ALA G 168 31.73 26.76 -1.56
C ALA G 168 30.94 25.46 -1.52
N ILE G 169 29.67 25.53 -1.13
CA ILE G 169 28.82 24.35 -1.06
C ILE G 169 27.67 24.51 -2.04
N ILE G 170 27.31 23.43 -2.69
CA ILE G 170 26.30 23.45 -3.74
C ILE G 170 25.15 22.54 -3.32
N LEU G 171 24.03 23.12 -2.91
CA LEU G 171 22.85 22.28 -2.67
C LEU G 171 22.18 22.01 -4.00
N THR G 172 22.03 20.73 -4.33
CA THR G 172 21.29 20.26 -5.49
C THR G 172 19.99 19.66 -5.00
N ALA G 173 18.88 20.30 -5.39
CA ALA G 173 17.56 20.06 -4.80
C ALA G 173 16.45 19.77 -5.83
N ASP G 174 16.83 19.58 -7.10
CA ASP G 174 15.87 19.24 -8.17
C ASP G 174 15.79 17.72 -8.36
N SER G 175 16.38 17.00 -7.41
CA SER G 175 16.51 15.55 -7.48
C SER G 175 16.04 14.87 -6.20
N THR G 176 14.96 15.38 -5.60
CA THR G 176 14.35 14.73 -4.43
C THR G 176 13.90 13.30 -4.78
N VAL G 177 13.52 13.11 -6.05
CA VAL G 177 13.40 11.77 -6.64
C VAL G 177 13.98 11.76 -8.06
N SER G 178 14.24 10.56 -8.57
CA SER G 178 14.87 10.44 -9.87
C SER G 178 13.93 10.89 -10.97
N GLY G 179 14.55 11.40 -12.04
CA GLY G 179 13.88 11.59 -13.32
C GLY G 179 13.50 10.24 -13.93
N ASN G 180 12.53 10.29 -14.85
CA ASN G 180 12.09 9.12 -15.63
C ASN G 180 13.03 8.90 -16.76
N ARG G 181 14.16 8.27 -16.46
CA ARG G 181 15.23 8.02 -17.43
C ARG G 181 15.01 6.73 -18.17
N ASP G 182 14.24 6.79 -19.24
CA ASP G 182 13.92 5.60 -20.00
C ASP G 182 15.10 4.72 -20.42
N ARG G 183 16.23 5.28 -20.81
CA ARG G 183 17.34 4.43 -21.22
C ARG G 183 17.81 3.53 -20.07
N ASP G 184 17.99 4.16 -18.90
CA ASP G 184 18.51 3.46 -17.72
C ASP G 184 17.52 2.39 -17.29
N VAL G 185 16.23 2.68 -17.33
CA VAL G 185 15.25 1.69 -16.91
C VAL G 185 15.32 0.49 -17.86
N LYS G 186 15.36 0.74 -19.17
CA LYS G 186 15.42 -0.37 -20.15
C LYS G 186 16.73 -1.15 -20.11
N ASN G 187 17.83 -0.49 -19.75
CA ASN G 187 19.13 -1.16 -19.50
C ASN G 187 19.26 -1.69 -18.05
N LYS G 188 18.25 -1.49 -17.19
CA LYS G 188 18.38 -1.75 -15.74
C LYS G 188 19.74 -1.35 -15.19
N PHE G 189 20.12 -0.10 -15.41
CA PHE G 189 21.39 0.36 -14.93
C PHE G 189 21.44 0.33 -13.41
N VAL G 190 22.53 -0.22 -12.89
CA VAL G 190 22.87 -0.14 -11.46
C VAL G 190 24.33 0.27 -11.39
N TYR G 191 24.74 1.06 -10.41
CA TYR G 191 26.13 1.51 -10.40
C TYR G 191 27.08 0.31 -10.21
N PRO G 192 28.22 0.28 -10.94
CA PRO G 192 29.20 -0.84 -10.84
C PRO G 192 30.31 -0.71 -9.76
N PHE G 193 30.18 0.24 -8.84
CA PHE G 193 31.16 0.47 -7.77
C PHE G 193 30.54 1.32 -6.65
N GLY G 194 31.28 1.51 -5.57
CA GLY G 194 30.78 2.31 -4.46
C GLY G 194 30.93 3.80 -4.70
N MET G 195 30.23 4.56 -3.86
CA MET G 195 30.36 6.01 -3.71
C MET G 195 30.76 6.22 -2.24
N PRO G 196 32.08 6.37 -1.98
CA PRO G 196 32.59 6.38 -0.60
C PRO G 196 32.04 7.52 0.27
N ILE G 197 31.85 8.70 -0.34
CA ILE G 197 31.39 9.87 0.42
C ILE G 197 29.98 9.73 1.05
N VAL G 198 29.12 8.89 0.48
CA VAL G 198 27.75 8.77 0.96
C VAL G 198 27.37 7.39 1.51
N GLN G 199 28.35 6.46 1.58
CA GLN G 199 28.15 5.12 2.17
C GLN G 199 27.47 5.19 3.53
N ARG G 200 27.85 6.21 4.30
CA ARG G 200 27.29 6.43 5.63
C ARG G 200 25.78 6.35 5.64
N TYR G 201 25.13 6.93 4.62
CA TYR G 201 23.66 7.01 4.57
C TYR G 201 22.95 6.09 3.60
N LEU G 202 23.69 5.45 2.70
CA LEU G 202 23.17 4.29 2.00
C LEU G 202 23.21 3.09 2.95
N ARG G 203 24.01 3.19 4.02
CA ARG G 203 24.27 2.12 5.02
C ARG G 203 24.65 0.80 4.36
N GLY G 204 25.62 0.90 3.46
CA GLY G 204 25.97 -0.17 2.54
C GLY G 204 26.53 0.49 1.29
N THR G 205 26.91 -0.35 0.33
CA THR G 205 27.58 0.14 -0.89
C THR G 205 26.57 0.52 -1.97
N ALA G 206 26.97 1.47 -2.82
CA ALA G 206 26.18 1.90 -3.98
C ALA G 206 26.34 0.91 -5.16
N GLU G 207 27.40 0.09 -5.11
CA GLU G 207 27.58 -0.99 -6.08
C GLU G 207 26.34 -1.87 -6.03
N GLY G 208 25.72 -2.07 -7.20
CA GLY G 208 24.48 -2.81 -7.33
C GLY G 208 23.16 -2.06 -7.12
N MET G 209 23.21 -0.89 -6.50
CA MET G 209 22.00 -0.07 -6.33
C MET G 209 21.65 0.66 -7.64
N SER G 210 20.41 1.13 -7.72
CA SER G 210 19.95 1.98 -8.80
C SER G 210 19.90 3.41 -8.29
N LEU G 211 19.85 4.36 -9.21
CA LEU G 211 19.77 5.78 -8.83
C LEU G 211 18.48 6.12 -8.08
N ASN G 212 17.36 5.52 -8.47
CA ASN G 212 16.07 5.70 -7.79
C ASN G 212 16.18 5.45 -6.29
N ASN G 213 16.81 4.31 -5.95
CA ASN G 213 17.01 3.88 -4.55
C ASN G 213 17.95 4.79 -3.76
N ILE G 214 18.97 5.31 -4.44
CA ILE G 214 19.97 6.21 -3.84
C ILE G 214 19.39 7.60 -3.60
N PHE G 215 18.78 8.20 -4.63
CA PHE G 215 17.95 9.40 -4.44
C PHE G 215 16.85 9.07 -3.41
N GLY G 216 16.35 7.83 -3.46
CA GLY G 216 15.37 7.31 -2.51
C GLY G 216 15.83 7.52 -1.08
N ALA G 217 17.11 7.26 -0.85
CA ALA G 217 17.72 7.38 0.49
C ALA G 217 18.10 8.80 0.90
N SER G 218 18.42 9.64 -0.08
CA SER G 218 18.59 11.08 0.13
C SER G 218 17.35 11.73 0.72
N LYS G 219 17.50 12.99 1.06
CA LYS G 219 16.42 13.75 1.62
C LYS G 219 15.45 14.25 0.52
N GLN G 220 14.18 13.86 0.70
CA GLN G 220 13.06 14.30 -0.10
C GLN G 220 12.50 15.63 0.37
N LYS G 221 12.40 15.81 1.67
CA LYS G 221 11.61 16.91 2.19
C LYS G 221 12.48 18.15 2.48
N ILE G 222 13.14 18.64 1.43
CA ILE G 222 14.00 19.78 1.53
C ILE G 222 13.09 21.01 1.65
N SER G 223 13.51 21.97 2.48
CA SER G 223 12.72 23.19 2.78
C SER G 223 13.71 24.29 2.84
N PRO G 224 13.26 25.56 2.84
CA PRO G 224 14.23 26.65 2.97
C PRO G 224 15.19 26.47 4.14
N ARG G 225 14.65 26.09 5.30
CA ARG G 225 15.43 25.85 6.53
C ARG G 225 16.74 25.09 6.25
N ASP G 226 16.72 24.16 5.30
CA ASP G 226 17.92 23.41 4.92
C ASP G 226 19.01 24.32 4.31
N ILE G 227 18.62 25.34 3.57
CA ILE G 227 19.60 26.28 3.01
C ILE G 227 20.27 27.05 4.16
N GLU G 228 19.45 27.60 5.05
CA GLU G 228 19.93 28.36 6.22
C GLU G 228 20.89 27.50 7.01
N GLU G 229 20.50 26.23 7.20
CA GLU G 229 21.22 25.31 8.08
C GLU G 229 22.62 24.95 7.56
N ILE G 230 22.71 24.78 6.25
CA ILE G 230 23.97 24.50 5.60
C ILE G 230 24.90 25.72 5.64
N ALA G 231 24.38 26.93 5.42
CA ALA G 231 25.23 28.14 5.47
C ALA G 231 25.80 28.38 6.86
N ALA G 232 24.90 28.44 7.85
CA ALA G 232 25.28 28.70 9.23
C ALA G 232 26.26 27.65 9.80
N HIS G 233 26.08 26.36 9.48
CA HIS G 233 27.00 25.29 9.96
C HIS G 233 28.34 25.25 9.23
N SER G 234 28.31 25.44 7.91
CA SER G 234 29.51 25.28 7.09
C SER G 234 30.28 26.59 7.07
N GLY G 235 29.59 27.71 7.23
CA GLY G 235 30.23 29.01 7.09
C GLY G 235 30.86 29.23 5.73
N LEU G 236 30.46 28.44 4.72
CA LEU G 236 30.87 28.67 3.33
C LEU G 236 29.72 29.25 2.51
N PRO G 237 30.04 30.02 1.46
CA PRO G 237 28.98 30.48 0.56
C PRO G 237 28.23 29.30 -0.07
N VAL G 238 26.91 29.40 -0.16
CA VAL G 238 26.11 28.30 -0.66
C VAL G 238 25.43 28.68 -1.97
N PHE G 239 25.58 27.81 -2.97
CA PHE G 239 24.73 27.86 -4.14
C PHE G 239 23.56 26.93 -3.93
N VAL G 240 22.40 27.35 -4.40
CA VAL G 240 21.26 26.42 -4.64
C VAL G 240 21.19 26.13 -6.17
N LYS G 241 21.14 24.83 -6.50
CA LYS G 241 21.29 24.35 -7.87
C LYS G 241 20.08 23.55 -8.25
N GLY G 242 19.60 23.81 -9.47
CA GLY G 242 18.39 23.20 -10.00
C GLY G 242 17.28 24.20 -10.27
N ILE G 243 17.61 25.50 -10.29
CA ILE G 243 16.56 26.53 -10.34
C ILE G 243 16.11 26.83 -11.76
N GLN G 244 14.79 26.89 -11.96
CA GLN G 244 14.18 27.25 -13.25
C GLN G 244 13.08 28.32 -13.15
N HIS G 245 12.54 28.51 -11.93
CA HIS G 245 11.49 29.46 -11.64
C HIS G 245 12.08 30.55 -10.78
N PRO G 246 11.88 31.83 -11.14
CA PRO G 246 12.47 32.95 -10.37
C PRO G 246 12.10 32.98 -8.88
N GLU G 247 10.90 32.58 -8.54
CA GLU G 247 10.51 32.56 -7.15
C GLU G 247 11.50 31.79 -6.32
N ASP G 248 12.03 30.70 -6.85
CA ASP G 248 13.04 29.92 -6.13
C ASP G 248 14.37 30.67 -5.96
N ALA G 249 14.69 31.61 -6.85
CA ALA G 249 15.82 32.51 -6.63
C ALA G 249 15.62 33.40 -5.43
N ASP G 250 14.44 34.05 -5.34
CA ASP G 250 14.09 34.92 -4.19
C ASP G 250 14.17 34.12 -2.93
N MET G 251 13.58 32.94 -2.96
CA MET G 251 13.43 32.08 -1.79
C MET G 251 14.78 31.60 -1.31
N ALA G 252 15.66 31.32 -2.27
CA ALA G 252 17.04 30.90 -1.96
C ALA G 252 17.86 32.05 -1.32
N ILE G 253 17.83 33.22 -1.96
CA ILE G 253 18.56 34.39 -1.47
C ILE G 253 18.08 34.65 -0.05
N LYS G 254 16.77 34.64 0.13
CA LYS G 254 16.16 34.99 1.39
C LYS G 254 16.47 33.98 2.49
N ALA G 255 16.76 32.74 2.10
CA ALA G 255 17.17 31.72 3.05
C ALA G 255 18.70 31.66 3.29
N GLY G 256 19.48 32.49 2.64
CA GLY G 256 20.91 32.62 2.98
C GLY G 256 21.91 32.25 1.91
N ALA G 257 21.40 31.83 0.74
CA ALA G 257 22.27 31.35 -0.35
C ALA G 257 23.14 32.49 -0.80
N SER G 258 24.30 32.16 -1.34
CA SER G 258 25.24 33.16 -1.85
C SER G 258 25.45 33.03 -3.38
N GLY G 259 24.75 32.09 -4.01
CA GLY G 259 24.64 32.07 -5.46
C GLY G 259 23.41 31.34 -5.96
N ILE G 260 23.09 31.59 -7.23
CA ILE G 260 22.02 30.89 -7.88
C ILE G 260 22.62 30.05 -9.02
N TRP G 261 22.28 28.77 -9.04
CA TRP G 261 22.74 27.81 -10.05
C TRP G 261 21.53 27.35 -10.89
N VAL G 262 21.18 28.17 -11.87
CA VAL G 262 20.16 27.87 -12.86
C VAL G 262 20.52 26.64 -13.66
N SER G 263 19.72 25.59 -13.57
CA SER G 263 20.03 24.33 -14.18
C SER G 263 18.78 23.48 -14.21
N ASN G 264 18.66 22.58 -15.20
CA ASN G 264 17.60 21.54 -15.20
C ASN G 264 18.20 20.13 -15.20
N HIS G 265 19.45 20.06 -14.74
CA HIS G 265 20.13 18.78 -14.48
C HIS G 265 20.38 18.03 -15.78
N GLY G 266 20.71 18.78 -16.83
CA GLY G 266 20.87 18.24 -18.14
C GLY G 266 19.65 17.48 -18.61
N ALA G 267 18.45 17.91 -18.21
CA ALA G 267 17.23 17.28 -18.71
C ALA G 267 17.08 15.89 -18.22
N ARG G 268 17.80 15.55 -17.15
CA ARG G 268 17.76 14.21 -16.54
C ARG G 268 16.74 14.10 -15.38
N GLN G 269 16.06 15.18 -15.08
CA GLN G 269 15.10 15.21 -14.00
C GLN G 269 13.70 15.51 -14.53
N LEU G 270 13.13 16.70 -14.28
CA LEU G 270 11.72 16.94 -14.73
C LEU G 270 11.56 16.94 -16.24
N TYR G 271 10.65 16.08 -16.71
CA TYR G 271 10.35 15.98 -18.14
C TYR G 271 9.35 17.07 -18.62
N GLU G 272 9.23 17.30 -19.92
CA GLU G 272 8.27 18.25 -20.49
C GLU G 272 8.32 19.60 -19.81
N ALA G 273 9.55 20.03 -19.55
CA ALA G 273 9.88 21.29 -18.93
C ALA G 273 10.60 22.15 -19.96
N PRO G 274 10.71 23.47 -19.71
CA PRO G 274 11.46 24.30 -20.65
C PRO G 274 12.93 23.96 -20.74
N GLY G 275 13.52 24.26 -21.89
CA GLY G 275 14.96 24.28 -22.05
C GLY G 275 15.59 25.29 -21.12
N SER G 276 16.62 24.86 -20.38
CA SER G 276 17.23 25.67 -19.34
C SER G 276 17.50 27.11 -19.76
N PHE G 277 18.11 27.35 -20.92
CA PHE G 277 18.48 28.69 -21.33
C PHE G 277 17.26 29.61 -21.45
N ASP G 278 16.11 29.08 -21.85
CA ASP G 278 14.88 29.92 -21.97
C ASP G 278 14.44 30.55 -20.65
N THR G 279 14.83 29.93 -19.52
CA THR G 279 14.41 30.33 -18.16
C THR G 279 15.35 31.30 -17.51
N LEU G 280 16.51 31.50 -18.11
CA LEU G 280 17.59 32.23 -17.44
C LEU G 280 17.31 33.73 -17.33
N PRO G 281 16.88 34.40 -18.43
CA PRO G 281 16.69 35.86 -18.27
C PRO G 281 15.80 36.20 -17.08
N ALA G 282 14.66 35.50 -16.97
CA ALA G 282 13.68 35.79 -15.93
C ALA G 282 14.30 35.63 -14.54
N ILE G 283 15.09 34.57 -14.36
CA ILE G 283 15.78 34.34 -13.11
C ILE G 283 16.81 35.43 -12.81
N ALA G 284 17.64 35.75 -13.79
CA ALA G 284 18.59 36.83 -13.61
C ALA G 284 17.91 38.17 -13.28
N GLU G 285 16.78 38.48 -13.92
CA GLU G 285 16.03 39.72 -13.61
C GLU G 285 15.61 39.74 -12.15
N ARG G 286 15.05 38.64 -11.63
CA ARG G 286 14.64 38.60 -10.24
C ARG G 286 15.82 38.61 -9.25
N VAL G 287 16.94 38.01 -9.60
CA VAL G 287 18.16 38.07 -8.78
C VAL G 287 18.73 39.50 -8.75
N ASN G 288 18.65 40.18 -9.88
CA ASN G 288 19.01 41.56 -9.92
C ASN G 288 20.39 41.78 -9.30
N LYS G 289 21.34 40.93 -9.64
CA LYS G 289 22.76 41.08 -9.21
C LYS G 289 23.04 40.90 -7.73
N ARG G 290 22.06 40.49 -6.92
CA ARG G 290 22.27 40.38 -5.45
C ARG G 290 23.34 39.34 -5.09
N VAL G 291 23.32 38.23 -5.81
CA VAL G 291 24.35 37.21 -5.70
C VAL G 291 24.69 36.72 -7.10
N PRO G 292 25.91 36.24 -7.31
CA PRO G 292 26.27 35.75 -8.63
C PRO G 292 25.51 34.50 -9.06
N ILE G 293 25.57 34.21 -10.36
CA ILE G 293 24.74 33.19 -11.01
C ILE G 293 25.55 32.23 -11.87
N VAL G 294 25.32 30.94 -11.67
CA VAL G 294 25.89 29.88 -12.51
C VAL G 294 24.80 29.37 -13.44
N PHE G 295 25.13 29.16 -14.72
CA PHE G 295 24.18 28.55 -15.64
C PHE G 295 24.65 27.21 -16.18
N ASP G 296 23.76 26.23 -16.25
CA ASP G 296 24.09 25.02 -16.96
C ASP G 296 22.88 24.32 -17.58
N SER G 297 23.21 23.36 -18.44
CA SER G 297 22.29 22.42 -19.08
C SER G 297 22.17 22.74 -20.56
N GLY G 298 23.12 22.19 -21.33
CA GLY G 298 23.10 22.21 -22.80
C GLY G 298 24.22 22.97 -23.51
N VAL G 299 25.18 23.47 -22.73
CA VAL G 299 26.32 24.23 -23.24
C VAL G 299 27.23 23.26 -24.01
N ARG G 300 27.59 23.63 -25.23
CA ARG G 300 28.28 22.76 -26.18
C ARG G 300 29.24 23.55 -27.03
N ARG G 301 29.12 24.87 -26.98
CA ARG G 301 29.81 25.82 -27.87
C ARG G 301 30.17 27.13 -27.12
N GLY G 302 31.20 27.83 -27.57
CA GLY G 302 31.51 29.13 -27.02
C GLY G 302 30.38 30.15 -27.20
N GLU G 303 29.65 30.02 -28.32
CA GLU G 303 28.50 30.89 -28.58
C GLU G 303 27.48 30.76 -27.43
N HIS G 304 27.40 29.56 -26.86
CA HIS G 304 26.51 29.31 -25.74
C HIS G 304 27.03 29.99 -24.47
N VAL G 305 28.34 30.00 -24.30
CA VAL G 305 28.94 30.64 -23.14
C VAL G 305 28.64 32.11 -23.23
N ALA G 306 28.97 32.69 -24.36
CA ALA G 306 28.62 34.08 -24.69
C ALA G 306 27.19 34.43 -24.33
N LYS G 307 26.27 33.61 -24.85
CA LYS G 307 24.86 33.92 -24.81
C LYS G 307 24.40 33.88 -23.42
N ALA G 308 24.84 32.86 -22.69
CA ALA G 308 24.46 32.73 -21.30
C ALA G 308 24.94 33.95 -20.45
N LEU G 309 26.21 34.38 -20.64
CA LEU G 309 26.67 35.58 -19.92
C LEU G 309 25.79 36.79 -20.31
N ALA G 310 25.58 37.03 -21.61
CA ALA G 310 24.77 38.14 -22.12
C ALA G 310 23.34 38.20 -21.56
N SER G 311 22.84 37.04 -21.16
CA SER G 311 21.51 36.90 -20.56
C SER G 311 21.51 36.83 -19.00
N GLY G 312 22.60 37.17 -18.33
CA GLY G 312 22.63 37.37 -16.86
C GLY G 312 23.42 36.36 -16.02
N ALA G 313 24.01 35.38 -16.68
CA ALA G 313 24.80 34.37 -15.99
C ALA G 313 26.14 35.01 -15.75
N ASP G 314 26.82 34.63 -14.71
CA ASP G 314 28.20 35.12 -14.52
C ASP G 314 29.23 34.10 -15.06
N VAL G 315 28.95 32.81 -14.86
CA VAL G 315 29.71 31.72 -15.47
C VAL G 315 28.75 30.59 -15.85
N VAL G 316 29.23 29.65 -16.67
CA VAL G 316 28.46 28.45 -16.97
C VAL G 316 29.13 27.22 -16.35
N ALA G 317 28.44 26.08 -16.25
CA ALA G 317 29.15 24.84 -15.89
C ALA G 317 29.09 23.83 -17.02
N LEU G 318 30.25 23.26 -17.33
CA LEU G 318 30.34 22.25 -18.39
C LEU G 318 30.16 20.87 -17.82
N GLY G 319 29.50 19.99 -18.55
CA GLY G 319 29.14 18.63 -18.02
C GLY G 319 29.47 17.51 -18.99
N ARG G 320 28.46 17.05 -19.73
CA ARG G 320 28.59 15.94 -20.72
C ARG G 320 29.79 16.05 -21.67
N PRO G 321 30.00 17.20 -22.29
CA PRO G 321 31.14 17.26 -23.24
C PRO G 321 32.51 16.85 -22.63
N VAL G 322 32.69 17.27 -21.37
CA VAL G 322 33.93 17.04 -20.66
C VAL G 322 34.03 15.57 -20.28
N LEU G 323 32.91 14.96 -19.91
CA LEU G 323 32.85 13.51 -19.65
C LEU G 323 33.12 12.68 -20.89
N PHE G 324 32.61 13.09 -22.05
CA PHE G 324 32.96 12.40 -23.30
C PHE G 324 34.47 12.55 -23.67
N GLY G 325 35.08 13.64 -23.22
CA GLY G 325 36.51 13.84 -23.41
C GLY G 325 37.34 12.96 -22.49
N LEU G 326 36.89 12.87 -21.23
CA LEU G 326 37.51 11.99 -20.23
C LEU G 326 37.47 10.54 -20.73
N ALA G 327 36.34 10.15 -21.30
CA ALA G 327 36.19 8.81 -21.81
C ALA G 327 37.22 8.53 -22.90
N LEU G 328 37.52 9.51 -23.74
CA LEU G 328 38.33 9.30 -24.94
C LEU G 328 39.84 9.44 -24.74
N GLY G 329 40.26 10.18 -23.71
CA GLY G 329 41.68 10.37 -23.46
C GLY G 329 42.06 10.70 -22.03
N GLY G 330 41.20 10.36 -21.08
CA GLY G 330 41.41 10.71 -19.69
C GLY G 330 41.64 12.19 -19.48
N TRP G 331 42.44 12.52 -18.48
CA TRP G 331 42.66 13.89 -18.10
C TRP G 331 43.11 14.71 -19.31
N GLN G 332 43.83 14.09 -20.24
CA GLN G 332 44.24 14.80 -21.45
C GLN G 332 43.06 15.07 -22.38
N GLY G 333 42.16 14.10 -22.49
CA GLY G 333 40.95 14.27 -23.31
C GLY G 333 39.99 15.31 -22.76
N ALA G 334 39.75 15.24 -21.46
CA ALA G 334 38.98 16.25 -20.74
C ALA G 334 39.56 17.64 -20.95
N TYR G 335 40.88 17.76 -20.80
CA TYR G 335 41.57 19.05 -20.90
C TYR G 335 41.44 19.57 -22.31
N SER G 336 41.53 18.65 -23.27
CA SER G 336 41.37 19.02 -24.68
C SER G 336 40.05 19.69 -24.85
N VAL G 337 39.05 19.22 -24.09
CA VAL G 337 37.72 19.78 -24.18
C VAL G 337 37.66 21.16 -23.57
N LEU G 338 38.22 21.32 -22.38
CA LEU G 338 38.21 22.63 -21.73
C LEU G 338 38.92 23.64 -22.60
N ASP G 339 40.02 23.22 -23.18
CA ASP G 339 40.82 24.07 -24.04
C ASP G 339 39.99 24.51 -25.26
N TYR G 340 39.26 23.57 -25.87
CA TYR G 340 38.38 23.87 -26.99
C TYR G 340 37.40 24.98 -26.61
N PHE G 341 36.70 24.83 -25.50
CA PHE G 341 35.73 25.88 -25.12
C PHE G 341 36.32 27.26 -24.92
N GLN G 342 37.56 27.32 -24.43
CA GLN G 342 38.21 28.61 -24.18
C GLN G 342 38.60 29.22 -25.51
N LYS G 343 38.97 28.36 -26.47
CA LYS G 343 39.25 28.80 -27.83
C LYS G 343 38.00 29.15 -28.60
N ASP G 344 36.96 28.33 -28.43
CA ASP G 344 35.72 28.53 -29.16
C ASP G 344 35.16 29.88 -28.73
N LEU G 345 35.27 30.18 -27.44
CA LEU G 345 34.77 31.43 -26.87
C LEU G 345 35.60 32.66 -27.23
N THR G 346 36.91 32.48 -27.35
CA THR G 346 37.84 33.53 -27.78
C THR G 346 37.49 34.01 -29.19
N ARG G 347 37.13 33.07 -30.06
CA ARG G 347 36.72 33.48 -31.40
C ARG G 347 35.43 34.28 -31.31
N VAL G 348 34.47 33.79 -30.52
CA VAL G 348 33.16 34.43 -30.43
C VAL G 348 33.33 35.85 -29.89
N MET G 349 34.13 35.98 -28.84
CA MET G 349 34.46 37.26 -28.22
C MET G 349 35.00 38.23 -29.23
N GLN G 350 35.91 37.75 -30.08
CA GLN G 350 36.51 38.62 -31.12
C GLN G 350 35.51 39.11 -32.12
N LEU G 351 34.62 38.21 -32.55
CA LEU G 351 33.73 38.52 -33.66
C LEU G 351 32.50 39.29 -33.20
N THR G 352 32.12 39.10 -31.92
CA THR G 352 31.05 39.92 -31.30
C THR G 352 31.50 41.29 -30.81
N GLY G 353 32.81 41.55 -30.90
CA GLY G 353 33.45 42.75 -30.38
C GLY G 353 33.52 42.76 -28.88
N SER G 354 33.79 41.62 -28.27
CA SER G 354 33.99 41.57 -26.83
C SER G 354 35.50 41.48 -26.52
N GLN G 355 35.98 42.44 -25.72
CA GLN G 355 37.39 42.47 -25.30
C GLN G 355 37.60 41.61 -24.07
N ASN G 356 36.56 41.53 -23.25
CA ASN G 356 36.63 40.88 -21.95
C ASN G 356 35.28 40.31 -21.51
N VAL G 357 35.27 39.67 -20.36
CA VAL G 357 34.15 38.95 -19.89
C VAL G 357 32.97 39.87 -19.51
N GLU G 358 33.19 41.00 -18.84
CA GLU G 358 32.09 41.94 -18.57
C GLU G 358 31.45 42.49 -19.85
N ASP G 359 32.19 42.52 -20.95
CA ASP G 359 31.60 42.89 -22.25
C ASP G 359 30.57 41.86 -22.75
N LEU G 360 30.88 40.58 -22.63
CA LEU G 360 29.93 39.54 -23.01
C LEU G 360 28.61 39.77 -22.31
N LYS G 361 28.70 40.04 -21.02
CA LYS G 361 27.53 40.31 -20.23
C LYS G 361 26.65 41.43 -20.72
N GLY G 362 27.21 42.37 -21.48
CA GLY G 362 26.44 43.50 -22.01
C GLY G 362 26.00 43.41 -23.47
N LEU G 363 26.07 42.22 -24.09
CA LEU G 363 25.87 42.06 -25.53
C LEU G 363 24.40 42.14 -25.91
N ASP G 364 24.12 42.76 -27.04
CA ASP G 364 22.78 42.76 -27.59
C ASP G 364 22.54 41.37 -28.18
N LEU G 365 21.32 40.84 -28.06
CA LEU G 365 20.93 39.60 -28.75
C LEU G 365 19.72 39.81 -29.65
N PHE G 366 19.72 39.10 -30.78
CA PHE G 366 18.67 39.18 -31.76
C PHE G 366 17.66 38.12 -31.42
N ASP G 367 16.45 38.58 -31.15
CA ASP G 367 15.36 37.73 -30.79
C ASP G 367 14.80 36.97 -32.00
N ASN G 368 14.64 35.64 -31.89
CA ASN G 368 14.16 34.83 -33.04
C ASN G 368 12.89 34.06 -32.79
N PRO G 369 11.75 34.64 -33.14
CA PRO G 369 10.48 33.96 -32.85
C PRO G 369 10.25 32.64 -33.66
N TYR G 370 10.98 32.45 -34.74
CA TYR G 370 10.69 31.32 -35.61
C TYR G 370 11.23 30.05 -35.06
N GLY G 371 12.20 30.13 -34.17
CA GLY G 371 12.64 28.90 -33.54
C GLY G 371 13.60 28.12 -34.43
N TYR G 372 13.60 26.80 -34.31
CA TYR G 372 14.74 26.02 -34.75
C TYR G 372 14.74 25.81 -36.26
N GLU G 373 13.58 25.46 -36.79
CA GLU G 373 13.39 25.37 -38.22
C GLU G 373 13.33 26.75 -38.94
N TYR G 374 13.36 27.84 -38.18
CA TYR G 374 13.49 29.20 -38.74
C TYR G 374 12.45 29.51 -39.84
N TYR H 8 45.97 20.02 -57.30
CA TYR H 8 44.57 20.50 -57.43
C TYR H 8 44.05 20.48 -58.86
N ASN H 9 42.99 19.72 -59.09
CA ASN H 9 42.53 19.42 -60.44
C ASN H 9 41.19 20.09 -60.80
N ALA H 10 41.25 21.38 -60.99
CA ALA H 10 40.06 22.18 -61.22
C ALA H 10 39.52 21.86 -62.59
N PRO H 11 38.20 22.05 -62.79
CA PRO H 11 37.68 21.85 -64.15
C PRO H 11 38.13 22.97 -65.04
N SER H 12 38.04 22.69 -66.34
CA SER H 12 38.54 23.59 -67.40
C SER H 12 37.53 23.87 -68.51
N GLU H 13 36.49 23.04 -68.62
CA GLU H 13 35.50 23.18 -69.67
C GLU H 13 34.73 24.52 -69.57
N ILE H 14 34.49 25.09 -70.75
CA ILE H 14 33.80 26.35 -70.91
C ILE H 14 32.55 26.05 -71.71
N LYS H 15 31.41 26.57 -71.27
CA LYS H 15 30.10 26.35 -71.94
C LYS H 15 28.94 26.99 -71.18
N TYR H 16 27.94 27.46 -71.92
CA TYR H 16 26.70 27.95 -71.34
C TYR H 16 25.97 26.77 -70.72
N ILE H 17 25.15 27.01 -69.69
CA ILE H 17 24.38 25.93 -69.02
C ILE H 17 22.89 26.23 -68.93
N ASP H 18 22.05 25.21 -69.06
CA ASP H 18 20.62 25.36 -68.82
C ASP H 18 20.31 25.52 -67.31
N VAL H 19 20.10 26.77 -66.87
CA VAL H 19 19.80 27.03 -65.45
C VAL H 19 18.29 27.13 -65.17
N VAL H 20 17.78 26.13 -64.42
CA VAL H 20 16.37 26.04 -63.98
C VAL H 20 16.17 26.71 -62.60
N ASN H 21 17.14 26.47 -61.70
CA ASN H 21 17.22 27.14 -60.42
C ASN H 21 18.66 27.08 -59.92
N THR H 22 19.04 27.96 -59.00
CA THR H 22 20.44 27.95 -58.54
C THR H 22 20.75 26.86 -57.48
N TYR H 23 19.72 26.26 -56.92
CA TYR H 23 19.90 25.29 -55.83
C TYR H 23 20.55 24.02 -56.40
N ASP H 24 20.03 23.57 -57.54
CA ASP H 24 20.57 22.41 -58.31
C ASP H 24 22.03 22.54 -58.67
N LEU H 25 22.51 23.76 -58.91
CA LEU H 25 23.91 23.97 -59.22
C LEU H 25 24.89 23.42 -58.18
N GLU H 26 24.52 23.49 -56.92
CA GLU H 26 25.45 23.09 -55.87
C GLU H 26 25.89 21.62 -56.06
N GLU H 27 24.95 20.70 -56.27
CA GLU H 27 25.31 19.29 -56.41
C GLU H 27 25.90 18.95 -57.79
N GLU H 28 25.41 19.59 -58.85
CA GLU H 28 25.99 19.37 -60.17
C GLU H 28 27.47 19.75 -60.13
N ALA H 29 27.78 20.85 -59.44
CA ALA H 29 29.14 21.33 -59.30
C ALA H 29 30.02 20.46 -58.40
N SER H 30 29.40 19.77 -57.42
CA SER H 30 30.11 18.76 -56.60
C SER H 30 30.68 17.61 -57.45
N LYS H 31 30.06 17.32 -58.59
CA LYS H 31 30.51 16.24 -59.46
C LYS H 31 31.69 16.60 -60.33
N VAL H 32 32.06 17.89 -60.45
CA VAL H 32 33.25 18.24 -61.23
C VAL H 32 34.34 19.00 -60.52
N VAL H 33 34.15 19.37 -59.26
CA VAL H 33 35.17 20.12 -58.52
C VAL H 33 35.74 19.12 -57.53
N PRO H 34 37.04 19.21 -57.25
CA PRO H 34 37.61 18.31 -56.23
C PRO H 34 36.94 18.49 -54.89
N HIS H 35 37.10 17.49 -54.02
CA HIS H 35 36.36 17.45 -52.78
C HIS H 35 36.68 18.56 -51.77
N GLY H 36 37.96 18.88 -51.55
CA GLY H 36 38.34 19.86 -50.55
C GLY H 36 37.88 21.27 -50.91
N GLY H 37 38.33 21.75 -52.07
CA GLY H 37 37.94 23.04 -52.63
C GLY H 37 36.44 23.19 -52.70
N PHE H 38 35.74 22.16 -53.17
CA PHE H 38 34.29 22.24 -53.29
C PHE H 38 33.58 22.56 -51.95
N ASN H 39 34.04 21.88 -50.91
CA ASN H 39 33.45 22.01 -49.61
C ASN H 39 33.91 23.30 -48.91
N TYR H 40 35.02 23.86 -49.39
CA TYR H 40 35.46 25.19 -49.00
C TYR H 40 34.47 26.21 -49.54
N ILE H 41 34.00 26.00 -50.75
CA ILE H 41 33.05 26.92 -51.37
C ILE H 41 31.65 26.78 -50.78
N ALA H 42 31.13 25.55 -50.71
CA ALA H 42 29.76 25.29 -50.31
C ALA H 42 29.45 25.47 -48.81
N GLY H 43 30.47 25.31 -47.96
CA GLY H 43 30.28 25.10 -46.49
C GLY H 43 30.39 26.35 -45.64
N ALA H 44 30.02 26.22 -44.36
CA ALA H 44 29.78 27.38 -43.49
C ALA H 44 30.10 27.07 -42.03
N SER H 45 29.79 27.98 -41.11
CA SER H 45 30.26 27.74 -39.77
C SER H 45 29.43 26.71 -38.96
N GLY H 46 30.08 26.09 -37.99
CA GLY H 46 29.43 25.14 -37.11
C GLY H 46 28.76 24.07 -37.93
N ASP H 47 27.47 23.84 -37.70
CA ASP H 47 26.70 22.81 -38.41
C ASP H 47 25.85 23.43 -39.50
N GLU H 48 26.16 24.66 -39.86
CA GLU H 48 25.60 25.37 -41.03
C GLU H 48 24.16 25.84 -40.82
N TRP H 49 23.71 25.78 -39.57
CA TRP H 49 22.39 26.27 -39.18
C TRP H 49 22.13 27.69 -39.69
N THR H 50 23.12 28.58 -39.60
CA THR H 50 22.94 29.98 -39.99
C THR H 50 23.00 30.17 -41.51
N LYS H 51 23.70 29.28 -42.24
CA LYS H 51 23.49 29.18 -43.71
C LYS H 51 22.03 28.78 -44.03
N ARG H 52 21.50 27.79 -43.31
CA ARG H 52 20.13 27.40 -43.56
C ARG H 52 19.25 28.59 -43.24
N ALA H 53 19.61 29.33 -42.19
CA ALA H 53 18.84 30.47 -41.77
C ALA H 53 18.82 31.54 -42.87
N ASN H 54 19.99 31.77 -43.50
CA ASN H 54 20.10 32.70 -44.64
C ASN H 54 19.13 32.36 -45.76
N ASP H 55 18.96 31.07 -46.01
CA ASP H 55 18.06 30.61 -47.07
C ASP H 55 16.60 30.69 -46.69
N ARG H 56 16.25 30.24 -45.48
CA ARG H 56 14.85 30.19 -45.06
C ARG H 56 14.23 31.53 -44.73
N ALA H 57 15.05 32.50 -44.35
CA ALA H 57 14.58 33.81 -44.02
C ALA H 57 13.74 34.40 -45.13
N TRP H 58 13.98 34.00 -46.37
CA TRP H 58 13.22 34.53 -47.50
C TRP H 58 11.75 34.19 -47.40
N LYS H 59 11.42 33.13 -46.66
CA LYS H 59 10.02 32.77 -46.38
C LYS H 59 9.38 33.56 -45.24
N HIS H 60 10.11 34.44 -44.57
CA HIS H 60 9.52 35.29 -43.50
C HIS H 60 8.70 36.46 -44.05
N LYS H 61 8.96 36.84 -45.30
CA LYS H 61 8.24 37.88 -46.00
C LYS H 61 7.93 37.40 -47.37
N LEU H 62 6.68 37.46 -47.75
CA LEU H 62 6.26 36.85 -49.00
C LEU H 62 5.68 37.86 -49.95
N LEU H 63 5.93 37.63 -51.23
CA LEU H 63 5.53 38.55 -52.26
C LEU H 63 4.04 38.37 -52.57
N TYR H 64 3.38 39.49 -52.86
CA TYR H 64 2.02 39.46 -53.41
C TYR H 64 2.03 39.56 -54.92
N PRO H 65 1.22 38.75 -55.57
CA PRO H 65 0.89 39.04 -56.94
C PRO H 65 -0.07 40.24 -57.01
N ARG H 66 0.08 41.07 -58.04
CA ARG H 66 -0.85 42.20 -58.27
C ARG H 66 -1.42 42.17 -59.68
N LEU H 67 -2.61 42.71 -59.84
CA LEU H 67 -3.42 42.45 -61.02
C LEU H 67 -3.93 43.75 -61.63
N ALA H 68 -3.96 43.82 -62.96
CA ALA H 68 -4.31 45.04 -63.66
C ALA H 68 -3.40 46.20 -63.21
N GLN H 69 -2.10 45.92 -63.16
CA GLN H 69 -1.13 46.90 -62.71
C GLN H 69 -0.66 47.80 -63.82
N ASP H 70 -1.11 47.54 -65.05
CA ASP H 70 -0.69 48.30 -66.23
C ASP H 70 0.82 48.22 -66.43
N VAL H 71 1.35 47.01 -66.41
CA VAL H 71 2.79 46.80 -66.55
C VAL H 71 3.14 45.89 -67.74
N GLU H 72 4.26 46.15 -68.41
CA GLU H 72 4.79 45.32 -69.52
C GLU H 72 6.31 45.50 -69.65
N ALA H 73 6.98 44.48 -70.15
CA ALA H 73 8.44 44.58 -70.39
C ALA H 73 9.16 45.37 -69.28
N PRO H 74 9.18 44.82 -68.07
CA PRO H 74 9.85 45.51 -66.97
C PRO H 74 11.33 45.73 -67.20
N ASP H 75 11.83 46.80 -66.56
CA ASP H 75 13.19 47.31 -66.72
C ASP H 75 14.03 47.06 -65.47
N THR H 76 15.01 46.16 -65.57
CA THR H 76 15.88 45.78 -64.43
C THR H 76 17.11 46.65 -64.19
N SER H 77 17.49 47.46 -65.16
CA SER H 77 18.64 48.36 -64.98
C SER H 77 18.51 49.26 -63.75
N THR H 78 19.63 49.69 -63.24
CA THR H 78 19.65 50.65 -62.17
C THR H 78 21.02 51.35 -62.20
N GLU H 79 21.36 52.03 -61.10
CA GLU H 79 22.56 52.87 -61.03
C GLU H 79 23.01 53.00 -59.57
N ILE H 80 24.30 52.86 -59.34
CA ILE H 80 24.84 52.90 -57.98
C ILE H 80 26.23 53.56 -58.02
N LEU H 81 26.42 54.57 -57.16
CA LEU H 81 27.66 55.34 -57.10
C LEU H 81 28.20 55.64 -58.49
N GLY H 82 27.31 56.09 -59.36
CA GLY H 82 27.72 56.54 -60.68
C GLY H 82 27.69 55.50 -61.77
N HIS H 83 27.76 54.21 -61.42
CA HIS H 83 27.83 53.13 -62.42
C HIS H 83 26.43 52.75 -62.86
N LYS H 84 26.25 52.44 -64.15
CA LYS H 84 24.98 51.93 -64.67
C LYS H 84 25.15 50.44 -64.81
N ILE H 85 24.14 49.68 -64.38
CA ILE H 85 24.22 48.23 -64.41
C ILE H 85 22.91 47.65 -64.86
N LYS H 86 22.98 46.49 -65.50
CA LYS H 86 21.81 45.92 -66.18
C LYS H 86 20.78 45.36 -65.22
N ALA H 87 21.20 45.06 -64.00
CA ALA H 87 20.30 44.53 -62.97
C ALA H 87 20.79 44.95 -61.58
N PRO H 88 19.87 45.00 -60.58
CA PRO H 88 20.25 45.43 -59.25
C PRO H 88 20.96 44.32 -58.50
N PHE H 89 21.95 43.76 -59.18
CA PHE H 89 22.90 42.88 -58.55
C PHE H 89 24.31 43.05 -59.10
N ILE H 90 25.28 42.76 -58.25
CA ILE H 90 26.67 42.84 -58.57
C ILE H 90 27.32 41.57 -58.01
N MET H 91 28.62 41.41 -58.28
CA MET H 91 29.35 40.24 -57.86
C MET H 91 30.10 40.46 -56.53
N ALA H 92 29.84 39.58 -55.56
CA ALA H 92 30.47 39.66 -54.25
C ALA H 92 31.96 39.31 -54.33
N PRO H 93 32.77 39.96 -53.50
CA PRO H 93 34.15 39.53 -53.41
C PRO H 93 34.23 38.10 -52.89
N ILE H 94 34.87 37.23 -53.69
CA ILE H 94 35.19 35.89 -53.25
C ILE H 94 36.64 35.55 -53.56
N ALA H 95 37.30 34.97 -52.57
CA ALA H 95 38.68 34.51 -52.70
C ALA H 95 38.83 33.31 -53.65
N ALA H 96 40.05 33.05 -54.11
CA ALA H 96 40.39 31.77 -54.73
C ALA H 96 39.34 31.15 -55.66
N HIS H 97 38.96 31.88 -56.71
CA HIS H 97 38.04 31.34 -57.72
C HIS H 97 38.72 30.19 -58.43
N GLY H 98 40.04 30.16 -58.38
CA GLY H 98 40.80 29.00 -58.85
C GLY H 98 40.33 27.65 -58.34
N LEU H 99 39.70 27.63 -57.15
CA LEU H 99 39.14 26.38 -56.58
C LEU H 99 37.94 25.89 -57.39
N ALA H 100 37.26 26.81 -58.07
CA ALA H 100 36.11 26.47 -58.90
C ALA H 100 36.48 26.05 -60.32
N HIS H 101 37.51 26.68 -60.87
CA HIS H 101 37.82 26.62 -62.32
C HIS H 101 39.25 27.16 -62.58
N ALA H 102 39.88 26.59 -63.59
CA ALA H 102 41.28 26.90 -63.92
C ALA H 102 41.44 28.35 -64.34
N THR H 103 40.48 28.84 -65.14
CA THR H 103 40.44 30.23 -65.61
C THR H 103 40.23 31.23 -64.46
N LYS H 104 39.88 30.71 -63.29
CA LYS H 104 39.86 31.46 -62.02
C LYS H 104 39.14 32.82 -62.09
N GLU H 105 39.70 33.83 -61.42
CA GLU H 105 39.02 35.11 -61.32
C GLU H 105 38.81 35.77 -62.70
N ALA H 106 39.65 35.44 -63.68
CA ALA H 106 39.50 36.01 -65.02
C ALA H 106 38.26 35.54 -65.78
N GLY H 107 37.85 34.29 -65.53
CA GLY H 107 36.56 33.82 -66.02
C GLY H 107 35.38 34.58 -65.43
N THR H 108 35.37 34.73 -64.11
CA THR H 108 34.27 35.41 -63.45
C THR H 108 34.26 36.85 -63.93
N ALA H 109 35.46 37.42 -64.01
CA ALA H 109 35.65 38.77 -64.57
C ALA H 109 34.98 38.96 -65.92
N ARG H 110 35.29 38.07 -66.88
CA ARG H 110 34.73 38.20 -68.20
C ARG H 110 33.23 38.04 -68.19
N ALA H 111 32.71 37.11 -67.38
CA ALA H 111 31.23 36.95 -67.21
C ALA H 111 30.53 38.20 -66.66
N VAL H 112 31.10 38.77 -65.59
CA VAL H 112 30.53 39.93 -64.92
C VAL H 112 30.50 41.15 -65.83
N SER H 113 31.61 41.35 -66.53
CA SER H 113 31.76 42.44 -67.50
C SER H 113 30.81 42.34 -68.72
N GLU H 114 30.71 41.16 -69.35
CA GLU H 114 29.87 41.01 -70.52
C GLU H 114 28.39 41.15 -70.17
N PHE H 115 28.02 40.68 -68.97
CA PHE H 115 26.67 40.86 -68.49
C PHE H 115 26.25 42.33 -68.34
N GLY H 116 27.14 43.13 -67.77
CA GLY H 116 26.92 44.55 -67.57
C GLY H 116 26.74 44.91 -66.12
N THR H 117 27.61 44.41 -65.25
CA THR H 117 27.59 44.86 -63.87
C THR H 117 29.01 44.93 -63.27
N ILE H 118 29.05 45.26 -61.98
CA ILE H 118 30.28 45.56 -61.27
C ILE H 118 30.89 44.30 -60.67
N MET H 119 32.22 44.23 -60.73
CA MET H 119 32.98 43.08 -60.26
C MET H 119 33.74 43.42 -58.97
N SER H 120 33.50 42.66 -57.90
CA SER H 120 34.21 42.91 -56.64
C SER H 120 35.36 41.92 -56.51
N ILE H 121 36.55 42.47 -56.27
CA ILE H 121 37.81 41.73 -56.28
C ILE H 121 38.31 41.47 -54.90
N SER H 122 38.42 40.19 -54.54
CA SER H 122 39.02 39.83 -53.25
C SER H 122 40.51 40.13 -53.19
N ALA H 123 40.95 40.64 -52.04
CA ALA H 123 42.39 40.74 -51.69
C ALA H 123 43.06 39.38 -51.69
N TYR H 124 42.34 38.37 -51.24
CA TYR H 124 42.79 36.98 -51.28
C TYR H 124 42.43 36.30 -52.63
N SER H 125 42.52 37.05 -53.72
CA SER H 125 42.42 36.47 -55.05
C SER H 125 43.66 35.62 -55.42
N GLY H 126 43.42 34.67 -56.33
CA GLY H 126 44.48 33.82 -56.90
C GLY H 126 45.10 34.40 -58.16
N ALA H 127 44.48 35.45 -58.70
CA ALA H 127 44.95 36.14 -59.90
C ALA H 127 45.47 37.56 -59.58
N THR H 128 46.31 38.10 -60.47
CA THR H 128 46.84 39.47 -60.38
C THR H 128 45.85 40.45 -60.98
N PHE H 129 45.99 41.72 -60.64
CA PHE H 129 45.19 42.75 -61.27
C PHE H 129 45.29 42.64 -62.80
N GLU H 130 46.51 42.43 -63.31
CA GLU H 130 46.74 42.22 -64.73
C GLU H 130 45.82 41.13 -65.31
N GLU H 131 45.82 39.95 -64.68
CA GLU H 131 45.05 38.81 -65.22
C GLU H 131 43.55 39.09 -65.20
N ILE H 132 43.07 39.67 -64.10
CA ILE H 132 41.64 39.99 -63.91
C ILE H 132 41.22 41.10 -64.87
N SER H 133 42.12 42.04 -65.03
CA SER H 133 41.91 43.17 -65.91
C SER H 133 41.71 42.78 -67.40
N GLU H 134 42.44 41.80 -67.92
CA GLU H 134 42.25 41.37 -69.34
C GLU H 134 40.87 40.83 -69.49
N GLY H 135 40.50 39.97 -68.54
CA GLY H 135 39.14 39.44 -68.45
C GLY H 135 38.05 40.49 -68.38
N LEU H 136 38.22 41.46 -67.47
CA LEU H 136 37.23 42.51 -67.28
C LEU H 136 37.05 43.36 -68.51
N ASN H 137 38.17 43.68 -69.16
CA ASN H 137 38.12 44.36 -70.44
C ASN H 137 37.53 45.79 -70.35
N GLY H 138 38.02 46.52 -69.35
CA GLY H 138 37.58 47.87 -69.07
C GLY H 138 36.37 47.95 -68.18
N GLY H 139 35.85 46.81 -67.75
CA GLY H 139 34.62 46.80 -67.01
C GLY H 139 34.87 47.37 -65.63
N PRO H 140 33.80 47.76 -64.91
CA PRO H 140 34.01 48.43 -63.66
C PRO H 140 34.33 47.43 -62.57
N ARG H 141 35.13 47.86 -61.60
CA ARG H 141 35.57 46.98 -60.55
C ARG H 141 35.66 47.75 -59.22
N TRP H 142 35.35 47.07 -58.13
CA TRP H 142 35.57 47.59 -56.80
C TRP H 142 36.57 46.67 -56.19
N PHE H 143 37.40 47.13 -55.28
CA PHE H 143 38.37 46.25 -54.65
C PHE H 143 38.07 46.04 -53.17
N GLN H 144 38.04 44.79 -52.73
CA GLN H 144 37.83 44.48 -51.34
C GLN H 144 39.16 44.22 -50.62
N ILE H 145 39.38 44.95 -49.54
CA ILE H 145 40.61 44.83 -48.75
C ILE H 145 40.42 43.95 -47.51
N TYR H 146 41.45 43.14 -47.20
CA TYR H 146 41.62 42.51 -45.88
C TYR H 146 42.84 43.18 -45.28
N MET H 147 42.60 44.07 -44.34
CA MET H 147 43.66 44.92 -43.86
C MET H 147 44.81 44.18 -43.16
N ALA H 148 46.04 44.46 -43.61
CA ALA H 148 47.30 44.14 -42.90
C ALA H 148 47.50 44.95 -41.66
N LYS H 149 48.36 44.44 -40.79
CA LYS H 149 48.74 45.12 -39.56
C LYS H 149 49.57 46.36 -39.83
N ASP H 150 50.48 46.22 -40.80
CA ASP H 150 51.37 47.28 -41.26
C ASP H 150 50.55 48.27 -42.07
N ASP H 151 50.61 49.54 -41.67
CA ASP H 151 49.92 50.59 -42.38
C ASP H 151 50.49 50.78 -43.77
N GLN H 152 51.78 50.53 -43.94
CA GLN H 152 52.44 50.76 -45.22
C GLN H 152 51.82 49.83 -46.23
N GLN H 153 51.65 48.56 -45.83
CA GLN H 153 51.21 47.51 -46.74
C GLN H 153 49.81 47.75 -47.19
N ASN H 154 49.00 48.43 -46.37
CA ASN H 154 47.65 48.85 -46.79
C ASN H 154 47.72 49.91 -47.91
N ARG H 155 48.48 50.98 -47.66
CA ARG H 155 48.65 52.03 -48.68
C ARG H 155 49.11 51.45 -50.04
N ASP H 156 50.03 50.49 -49.98
CA ASP H 156 50.58 49.89 -51.20
C ASP H 156 49.59 49.04 -51.97
N ILE H 157 48.69 48.40 -51.25
CA ILE H 157 47.63 47.59 -51.84
C ILE H 157 46.51 48.49 -52.32
N LEU H 158 46.22 49.55 -51.56
CA LEU H 158 45.20 50.53 -52.01
C LEU H 158 45.61 51.31 -53.28
N ASP H 159 46.85 51.81 -53.29
CA ASP H 159 47.45 52.44 -54.48
C ASP H 159 47.37 51.58 -55.73
N GLU H 160 47.69 50.30 -55.60
CA GLU H 160 47.75 49.37 -56.74
C GLU H 160 46.37 49.08 -57.27
N ALA H 161 45.42 48.98 -56.32
CA ALA H 161 44.01 48.79 -56.64
C ALA H 161 43.42 50.02 -57.33
N LYS H 162 43.62 51.21 -56.76
CA LYS H 162 43.19 52.44 -57.42
C LYS H 162 43.85 52.50 -58.79
N GLY H 163 45.13 52.12 -58.81
CA GLY H 163 45.93 51.99 -60.02
C GLY H 163 45.30 51.22 -61.16
N ASP H 164 44.80 50.02 -60.87
CA ASP H 164 44.14 49.18 -61.86
C ASP H 164 42.75 49.70 -62.35
N GLY H 165 42.14 50.63 -61.60
CA GLY H 165 40.83 51.18 -61.98
C GLY H 165 39.64 50.93 -61.05
N ALA H 166 39.94 50.59 -59.81
CA ALA H 166 38.93 50.49 -58.76
C ALA H 166 38.22 51.82 -58.48
N THR H 167 36.91 51.79 -58.44
CA THR H 167 36.09 52.99 -58.25
C THR H 167 35.34 52.99 -56.91
N ALA H 168 35.64 52.01 -56.07
CA ALA H 168 35.21 51.97 -54.69
C ALA H 168 36.05 50.93 -53.96
N ILE H 169 36.03 51.02 -52.63
CA ILE H 169 36.79 50.09 -51.79
C ILE H 169 35.81 49.46 -50.81
N ILE H 170 35.94 48.14 -50.61
CA ILE H 170 35.05 47.37 -49.76
C ILE H 170 35.89 46.94 -48.58
N LEU H 171 35.73 47.59 -47.44
CA LEU H 171 36.39 47.08 -46.22
C LEU H 171 35.52 45.97 -45.63
N THR H 172 36.00 44.73 -45.73
CA THR H 172 35.38 43.58 -45.08
C THR H 172 35.95 43.40 -43.66
N ALA H 173 35.09 43.64 -42.67
CA ALA H 173 35.49 43.79 -41.27
C ALA H 173 34.99 42.69 -40.37
N ASP H 174 34.25 41.74 -40.94
CA ASP H 174 33.68 40.60 -40.18
C ASP H 174 34.61 39.36 -40.07
N SER H 175 35.90 39.50 -40.45
CA SER H 175 36.85 38.39 -40.49
C SER H 175 38.12 38.69 -39.70
N THR H 176 37.98 39.39 -38.59
CA THR H 176 39.15 39.60 -37.76
C THR H 176 39.76 38.25 -37.36
N VAL H 177 38.93 37.24 -37.06
CA VAL H 177 39.42 35.86 -37.03
C VAL H 177 38.53 35.06 -37.98
N SER H 178 38.98 33.88 -38.39
CA SER H 178 38.19 33.00 -39.23
C SER H 178 37.00 32.41 -38.47
N GLY H 179 35.96 32.10 -39.20
CA GLY H 179 34.86 31.37 -38.61
C GLY H 179 35.31 29.94 -38.34
N ASN H 180 34.49 29.21 -37.62
CA ASN H 180 34.70 27.81 -37.31
C ASN H 180 34.09 27.00 -38.43
N ARG H 181 34.86 26.72 -39.45
CA ARG H 181 34.38 25.99 -40.58
C ARG H 181 34.66 24.48 -40.51
N ASP H 182 33.69 23.74 -39.99
CA ASP H 182 33.89 22.33 -39.73
C ASP H 182 34.37 21.56 -40.95
N ARG H 183 33.76 21.81 -42.11
CA ARG H 183 34.12 21.09 -43.35
C ARG H 183 35.61 21.24 -43.72
N ASP H 184 36.11 22.48 -43.68
CA ASP H 184 37.51 22.75 -43.95
C ASP H 184 38.42 22.08 -42.90
N VAL H 185 38.01 22.02 -41.62
CA VAL H 185 38.82 21.35 -40.61
C VAL H 185 38.82 19.83 -40.84
N LYS H 186 37.66 19.21 -41.04
CA LYS H 186 37.61 17.77 -41.20
C LYS H 186 38.42 17.35 -42.42
N ASN H 187 38.23 18.08 -43.53
CA ASN H 187 38.94 17.85 -44.81
C ASN H 187 40.42 18.32 -44.89
N LYS H 188 40.98 18.87 -43.80
CA LYS H 188 42.40 19.27 -43.75
C LYS H 188 42.73 20.34 -44.80
N PHE H 189 41.71 21.02 -45.29
CA PHE H 189 41.85 21.86 -46.48
C PHE H 189 42.95 22.93 -46.43
N VAL H 190 43.81 22.93 -47.45
CA VAL H 190 44.82 24.00 -47.66
C VAL H 190 44.68 24.64 -49.04
N TYR H 191 44.97 25.94 -49.10
CA TYR H 191 45.02 26.62 -50.38
C TYR H 191 46.09 26.02 -51.27
N PRO H 192 45.71 25.62 -52.49
CA PRO H 192 46.64 24.97 -53.41
C PRO H 192 47.49 25.96 -54.27
N PHE H 193 47.40 27.25 -53.97
CA PHE H 193 48.17 28.26 -54.68
C PHE H 193 48.22 29.52 -53.84
N GLY H 194 49.07 30.45 -54.23
CA GLY H 194 49.27 31.69 -53.48
C GLY H 194 48.27 32.76 -53.83
N MET H 195 48.36 33.88 -53.11
CA MET H 195 47.54 35.08 -53.32
C MET H 195 48.42 36.29 -53.66
N PRO H 196 48.60 36.57 -54.97
CA PRO H 196 49.59 37.58 -55.45
C PRO H 196 49.43 38.98 -54.84
N ILE H 197 48.19 39.38 -54.57
CA ILE H 197 47.91 40.73 -54.14
C ILE H 197 48.36 41.00 -52.69
N VAL H 198 48.32 39.99 -51.83
CA VAL H 198 48.86 40.13 -50.46
C VAL H 198 50.29 39.53 -50.29
N GLN H 199 51.00 39.32 -51.40
CA GLN H 199 52.35 38.75 -51.37
C GLN H 199 53.15 39.07 -52.66
N ALA H 217 47.75 36.56 -39.99
CA ALA H 217 48.34 37.57 -40.88
C ALA H 217 47.75 39.00 -40.63
N SER H 218 46.43 39.07 -40.71
CA SER H 218 45.71 40.32 -40.90
C SER H 218 45.41 41.09 -39.62
N LYS H 219 45.05 42.35 -39.80
CA LYS H 219 44.69 43.24 -38.72
C LYS H 219 43.47 42.77 -37.97
N GLN H 220 43.65 42.49 -36.68
CA GLN H 220 42.57 42.09 -35.77
C GLN H 220 41.81 43.31 -35.33
N LYS H 221 42.56 44.35 -35.03
CA LYS H 221 42.06 45.44 -34.22
C LYS H 221 41.52 46.54 -35.12
N ILE H 222 40.63 46.20 -36.05
CA ILE H 222 40.05 47.20 -36.95
C ILE H 222 39.18 48.13 -36.11
N SER H 223 39.39 49.43 -36.24
CA SER H 223 38.60 50.43 -35.48
C SER H 223 37.94 51.38 -36.50
N PRO H 224 37.11 52.35 -36.02
CA PRO H 224 36.53 53.31 -36.97
C PRO H 224 37.55 54.24 -37.58
N ARG H 225 38.68 54.45 -36.89
CA ARG H 225 39.81 55.18 -37.47
C ARG H 225 40.24 54.59 -38.83
N ASP H 226 40.21 53.28 -38.96
CA ASP H 226 40.62 52.60 -40.19
C ASP H 226 39.73 52.93 -41.40
N ILE H 227 38.47 53.32 -41.17
CA ILE H 227 37.56 53.71 -42.26
C ILE H 227 37.90 55.11 -42.75
N GLU H 228 38.11 56.03 -41.80
CA GLU H 228 38.50 57.38 -42.15
C GLU H 228 39.74 57.23 -43.00
N GLU H 229 40.73 56.56 -42.40
CA GLU H 229 42.07 56.41 -42.96
C GLU H 229 42.08 55.84 -44.38
N ILE H 230 41.22 54.87 -44.65
CA ILE H 230 41.11 54.32 -46.01
C ILE H 230 40.44 55.31 -46.96
N ALA H 231 39.36 55.93 -46.53
CA ALA H 231 38.72 57.01 -47.29
C ALA H 231 39.76 58.04 -47.72
N ALA H 232 40.44 58.60 -46.70
CA ALA H 232 41.47 59.65 -46.89
C ALA H 232 42.61 59.25 -47.85
N HIS H 233 43.23 58.10 -47.65
CA HIS H 233 44.28 57.65 -48.58
C HIS H 233 43.75 57.43 -50.00
N SER H 234 42.75 56.57 -50.17
CA SER H 234 42.26 56.19 -51.52
C SER H 234 41.61 57.34 -52.29
N GLY H 235 40.87 58.20 -51.59
CA GLY H 235 40.03 59.20 -52.24
C GLY H 235 38.85 58.59 -52.95
N LEU H 236 38.50 57.34 -52.59
CA LEU H 236 37.32 56.63 -53.16
C LEU H 236 36.20 56.36 -52.14
N PRO H 237 34.96 56.16 -52.64
CA PRO H 237 33.85 55.82 -51.73
C PRO H 237 34.05 54.41 -51.10
N VAL H 238 33.93 54.33 -49.78
CA VAL H 238 34.23 53.12 -49.03
C VAL H 238 32.95 52.45 -48.49
N PHE H 239 32.76 51.19 -48.87
CA PHE H 239 31.72 50.34 -48.28
C PHE H 239 32.27 49.67 -47.05
N VAL H 240 31.47 49.54 -46.01
CA VAL H 240 31.84 48.63 -44.91
C VAL H 240 30.96 47.40 -45.06
N LYS H 241 31.58 46.22 -45.01
CA LYS H 241 30.94 44.97 -45.38
C LYS H 241 31.00 43.99 -44.22
N GLY H 242 29.87 43.33 -43.97
CA GLY H 242 29.72 42.39 -42.86
C GLY H 242 28.72 42.83 -41.80
N ILE H 243 28.05 43.97 -42.02
CA ILE H 243 27.16 44.58 -41.05
C ILE H 243 25.87 43.75 -40.90
N GLN H 244 25.51 43.51 -39.62
CA GLN H 244 24.23 42.89 -39.24
C GLN H 244 23.53 43.60 -38.03
N HIS H 245 24.28 44.44 -37.29
CA HIS H 245 23.72 45.34 -36.26
C HIS H 245 23.52 46.77 -36.81
N PRO H 246 22.40 47.44 -36.43
CA PRO H 246 22.17 48.75 -37.03
C PRO H 246 23.12 49.86 -36.52
N GLU H 247 23.49 49.78 -35.24
CA GLU H 247 24.57 50.61 -34.68
C GLU H 247 25.82 50.66 -35.56
N ASP H 248 26.19 49.54 -36.19
CA ASP H 248 27.44 49.53 -36.96
C ASP H 248 27.30 50.34 -38.21
N ALA H 249 26.08 50.52 -38.71
CA ALA H 249 25.85 51.43 -39.84
C ALA H 249 26.03 52.87 -39.44
N ASP H 250 25.54 53.27 -38.26
CA ASP H 250 25.81 54.64 -37.73
C ASP H 250 27.33 54.89 -37.69
N MET H 251 28.02 54.04 -36.94
CA MET H 251 29.49 54.00 -36.85
C MET H 251 30.19 54.15 -38.22
N ALA H 252 29.78 53.42 -39.25
CA ALA H 252 30.51 53.49 -40.52
C ALA H 252 30.29 54.78 -41.32
N ILE H 253 29.08 55.33 -41.26
CA ILE H 253 28.75 56.55 -41.99
C ILE H 253 29.40 57.75 -41.28
N LYS H 254 29.24 57.77 -39.97
CA LYS H 254 29.99 58.65 -39.09
C LYS H 254 31.53 58.64 -39.27
N ALA H 255 32.13 57.50 -39.60
CA ALA H 255 33.54 57.48 -40.04
C ALA H 255 33.80 57.69 -41.57
N GLY H 256 32.83 58.11 -42.37
CA GLY H 256 33.10 58.42 -43.79
C GLY H 256 32.81 57.33 -44.83
N ALA H 257 32.09 56.31 -44.43
CA ALA H 257 31.75 55.28 -45.38
C ALA H 257 30.78 55.92 -46.34
N SER H 258 30.86 55.48 -47.59
CA SER H 258 29.98 55.95 -48.64
C SER H 258 28.94 54.88 -49.03
N GLY H 259 28.90 53.78 -48.30
CA GLY H 259 28.00 52.68 -48.63
C GLY H 259 28.01 51.63 -47.52
N ILE H 260 26.88 50.97 -47.34
CA ILE H 260 26.73 49.95 -46.30
C ILE H 260 26.54 48.60 -46.97
N TRP H 261 27.21 47.57 -46.47
CA TRP H 261 27.09 46.29 -47.13
C TRP H 261 26.64 45.28 -46.09
N VAL H 262 25.35 44.97 -46.14
CA VAL H 262 24.77 44.02 -45.24
C VAL H 262 25.12 42.62 -45.77
N SER H 263 25.79 41.83 -44.92
CA SER H 263 26.29 40.51 -45.25
C SER H 263 26.61 39.82 -43.93
N ASN H 264 26.40 38.50 -43.86
CA ASN H 264 27.06 37.67 -42.83
C ASN H 264 28.09 36.71 -43.42
N HIS H 265 28.58 37.03 -44.61
CA HIS H 265 29.72 36.36 -45.18
C HIS H 265 29.33 34.95 -45.59
N GLY H 266 28.17 34.83 -46.21
CA GLY H 266 27.65 33.51 -46.59
C GLY H 266 27.56 32.47 -45.47
N ALA H 267 27.49 32.98 -44.23
CA ALA H 267 27.49 32.20 -43.01
C ALA H 267 28.83 31.51 -42.70
N ARG H 268 29.92 32.01 -43.27
CA ARG H 268 31.22 31.38 -43.03
C ARG H 268 31.96 32.08 -41.93
N GLN H 269 31.33 33.10 -41.35
CA GLN H 269 31.94 33.77 -40.21
C GLN H 269 31.20 33.38 -38.94
N LEU H 270 30.47 34.29 -38.30
CA LEU H 270 29.90 33.95 -36.99
C LEU H 270 28.71 33.01 -37.04
N TYR H 271 28.77 31.98 -36.18
CA TYR H 271 27.75 30.95 -36.09
C TYR H 271 26.71 31.31 -35.05
N GLU H 272 25.51 30.79 -35.24
CA GLU H 272 24.40 30.93 -34.33
C GLU H 272 23.95 32.35 -34.25
N ALA H 273 23.92 32.95 -35.43
CA ALA H 273 23.60 34.35 -35.64
C ALA H 273 22.44 34.34 -36.61
N PRO H 274 21.77 35.48 -36.80
CA PRO H 274 20.54 35.42 -37.60
C PRO H 274 20.81 35.25 -39.05
N GLY H 275 19.78 34.83 -39.77
CA GLY H 275 19.84 34.81 -41.22
C GLY H 275 19.92 36.24 -41.72
N SER H 276 20.80 36.45 -42.68
CA SER H 276 21.12 37.79 -43.15
C SER H 276 19.90 38.69 -43.48
N PHE H 277 18.92 38.16 -44.20
CA PHE H 277 17.73 38.93 -44.61
C PHE H 277 16.83 39.42 -43.45
N ASP H 278 16.82 38.75 -42.29
CA ASP H 278 16.02 39.22 -41.16
C ASP H 278 16.59 40.51 -40.57
N THR H 279 17.89 40.74 -40.80
CA THR H 279 18.61 41.89 -40.23
C THR H 279 18.44 43.15 -41.07
N LEU H 280 18.02 42.97 -42.32
CA LEU H 280 18.02 44.07 -43.28
C LEU H 280 17.13 45.26 -42.84
N PRO H 281 15.88 44.99 -42.40
CA PRO H 281 14.99 46.14 -42.20
C PRO H 281 15.48 47.12 -41.13
N ALA H 282 15.87 46.61 -39.97
CA ALA H 282 16.31 47.49 -38.90
C ALA H 282 17.52 48.38 -39.34
N ILE H 283 18.31 47.87 -40.30
CA ILE H 283 19.52 48.55 -40.82
C ILE H 283 19.18 49.61 -41.83
N ALA H 284 18.36 49.28 -42.80
CA ALA H 284 17.88 50.30 -43.75
C ALA H 284 17.20 51.46 -43.02
N GLU H 285 16.48 51.12 -41.95
CA GLU H 285 15.74 52.13 -41.21
C GLU H 285 16.67 53.08 -40.45
N ARG H 286 17.73 52.56 -39.85
CA ARG H 286 18.77 53.41 -39.26
C ARG H 286 19.48 54.25 -40.31
N VAL H 287 19.79 53.63 -41.44
CA VAL H 287 20.56 54.29 -42.48
C VAL H 287 19.76 55.42 -43.11
N ASN H 288 18.47 55.22 -43.30
CA ASN H 288 17.56 56.29 -43.71
C ASN H 288 18.04 56.93 -45.00
N LYS H 289 18.48 56.07 -45.91
CA LYS H 289 18.89 56.48 -47.28
C LYS H 289 20.08 57.46 -47.32
N ARG H 290 20.88 57.45 -46.27
CA ARG H 290 22.02 58.34 -46.20
C ARG H 290 23.09 57.91 -47.16
N VAL H 291 23.36 56.62 -47.23
CA VAL H 291 24.18 56.08 -48.32
C VAL H 291 23.51 54.85 -48.89
N PRO H 292 23.98 54.40 -50.06
CA PRO H 292 23.42 53.18 -50.72
C PRO H 292 23.76 51.92 -49.96
N ILE H 293 22.84 50.96 -50.02
CA ILE H 293 22.95 49.71 -49.28
C ILE H 293 23.10 48.57 -50.26
N VAL H 294 24.17 47.81 -50.05
CA VAL H 294 24.36 46.55 -50.76
C VAL H 294 23.98 45.44 -49.82
N PHE H 295 23.14 44.51 -50.27
CA PHE H 295 22.78 43.31 -49.46
C PHE H 295 23.30 42.01 -50.02
N ASP H 296 23.67 41.09 -49.13
CA ASP H 296 24.03 39.73 -49.56
C ASP H 296 23.85 38.67 -48.45
N SER H 297 24.08 37.40 -48.84
CA SER H 297 24.09 36.23 -47.98
C SER H 297 22.77 35.51 -48.07
N GLY H 298 22.70 34.52 -48.98
CA GLY H 298 21.52 33.71 -49.30
C GLY H 298 20.83 33.98 -50.64
N VAL H 299 21.27 34.97 -51.41
CA VAL H 299 20.48 35.32 -52.60
C VAL H 299 20.58 34.20 -53.64
N ARG H 300 19.44 33.67 -54.05
CA ARG H 300 19.37 32.49 -54.92
C ARG H 300 18.26 32.60 -55.99
N ARG H 301 17.26 33.44 -55.77
CA ARG H 301 16.20 33.67 -56.77
C ARG H 301 15.91 35.17 -57.00
N GLY H 302 15.21 35.48 -58.07
CA GLY H 302 14.76 36.86 -58.32
C GLY H 302 13.82 37.33 -57.21
N GLU H 303 12.99 36.41 -56.71
CA GLU H 303 12.13 36.69 -55.57
C GLU H 303 12.95 37.24 -54.41
N HIS H 304 14.19 36.76 -54.26
CA HIS H 304 15.05 37.26 -53.20
C HIS H 304 15.61 38.66 -53.47
N VAL H 305 15.85 38.97 -54.74
CA VAL H 305 16.39 40.24 -55.11
C VAL H 305 15.29 41.29 -54.88
N ALA H 306 14.11 40.98 -55.41
CA ALA H 306 12.91 41.73 -55.13
C ALA H 306 12.68 41.96 -53.64
N LYS H 307 12.89 40.92 -52.82
CA LYS H 307 12.54 41.02 -51.39
C LYS H 307 13.55 41.88 -50.69
N ALA H 308 14.80 41.75 -51.13
CA ALA H 308 15.87 42.57 -50.58
C ALA H 308 15.58 44.05 -50.94
N LEU H 309 15.24 44.28 -52.21
CA LEU H 309 14.98 45.63 -52.65
C LEU H 309 13.80 46.23 -51.86
N ALA H 310 12.67 45.52 -51.79
CA ALA H 310 11.50 46.00 -51.03
C ALA H 310 11.75 46.28 -49.54
N SER H 311 12.88 45.82 -49.01
CA SER H 311 13.18 45.82 -47.56
C SER H 311 14.26 46.83 -47.24
N GLY H 312 14.79 47.48 -48.27
CA GLY H 312 15.67 48.62 -48.11
C GLY H 312 17.06 48.53 -48.74
N ALA H 313 17.38 47.44 -49.41
CA ALA H 313 18.63 47.37 -50.18
C ALA H 313 18.51 48.11 -51.48
N ASP H 314 19.61 48.66 -51.96
CA ASP H 314 19.61 49.25 -53.30
C ASP H 314 20.07 48.29 -54.41
N VAL H 315 20.95 47.36 -54.03
CA VAL H 315 21.31 46.23 -54.85
C VAL H 315 21.67 45.05 -53.94
N VAL H 316 21.77 43.85 -54.53
CA VAL H 316 22.28 42.65 -53.83
C VAL H 316 23.66 42.25 -54.42
N ALA H 317 24.43 41.47 -53.67
CA ALA H 317 25.64 40.87 -54.21
C ALA H 317 25.45 39.36 -54.31
N LEU H 318 25.84 38.77 -55.45
CA LEU H 318 25.80 37.31 -55.66
C LEU H 318 27.14 36.60 -55.34
N GLY H 319 27.10 35.37 -54.85
CA GLY H 319 28.31 34.63 -54.53
C GLY H 319 28.26 33.18 -55.01
N ARG H 320 28.11 32.25 -54.07
CA ARG H 320 28.10 30.83 -54.36
C ARG H 320 27.48 30.44 -55.75
N PRO H 321 26.26 30.90 -56.03
CA PRO H 321 25.66 30.43 -57.29
C PRO H 321 26.46 30.75 -58.50
N VAL H 322 27.18 31.88 -58.47
CA VAL H 322 28.06 32.26 -59.59
C VAL H 322 29.31 31.39 -59.66
N LEU H 323 29.94 31.14 -58.53
CA LEU H 323 31.04 30.20 -58.50
C LEU H 323 30.63 28.81 -58.95
N PHE H 324 29.42 28.38 -58.60
CA PHE H 324 28.97 27.08 -59.05
C PHE H 324 28.86 27.03 -60.57
N GLY H 325 28.23 28.01 -61.21
CA GLY H 325 28.23 28.12 -62.68
C GLY H 325 29.64 28.33 -63.28
N LEU H 326 30.57 28.90 -62.53
CA LEU H 326 31.92 29.05 -63.05
C LEU H 326 32.55 27.67 -63.14
N ALA H 327 32.32 26.84 -62.13
CA ALA H 327 32.80 25.46 -62.13
C ALA H 327 32.26 24.66 -63.32
N LEU H 328 31.02 24.90 -63.69
CA LEU H 328 30.39 24.06 -64.66
C LEU H 328 30.66 24.52 -66.05
N GLY H 329 31.07 25.79 -66.18
CA GLY H 329 31.17 26.40 -67.51
C GLY H 329 32.18 27.52 -67.76
N GLY H 330 33.12 27.74 -66.86
CA GLY H 330 34.01 28.89 -66.95
C GLY H 330 33.14 30.15 -67.01
N TRP H 331 33.62 31.18 -67.70
CA TRP H 331 32.91 32.46 -67.78
C TRP H 331 31.52 32.24 -68.36
N GLN H 332 31.42 31.35 -69.33
CA GLN H 332 30.14 31.13 -70.00
C GLN H 332 29.10 30.53 -69.08
N GLY H 333 29.58 29.67 -68.19
CA GLY H 333 28.71 29.07 -67.19
C GLY H 333 28.26 30.10 -66.18
N ALA H 334 29.25 30.82 -65.62
CA ALA H 334 29.03 31.99 -64.76
C ALA H 334 28.15 33.03 -65.43
N TYR H 335 28.33 33.25 -66.71
CA TYR H 335 27.44 34.14 -67.42
C TYR H 335 26.01 33.66 -67.31
N SER H 336 25.77 32.37 -67.57
CA SER H 336 24.41 31.81 -67.61
C SER H 336 23.64 32.06 -66.30
N VAL H 337 24.37 32.01 -65.18
CA VAL H 337 23.80 32.31 -63.87
C VAL H 337 23.33 33.77 -63.77
N LEU H 338 24.20 34.72 -64.12
CA LEU H 338 23.84 36.15 -64.22
C LEU H 338 22.64 36.38 -65.14
N ASP H 339 22.71 35.92 -66.38
CA ASP H 339 21.55 35.92 -67.22
C ASP H 339 20.32 35.38 -66.46
N TYR H 340 20.43 34.22 -65.81
CA TYR H 340 19.23 33.59 -65.15
C TYR H 340 18.57 34.58 -64.20
N PHE H 341 19.39 35.13 -63.30
CA PHE H 341 18.89 36.05 -62.32
C PHE H 341 18.16 37.22 -62.94
N GLN H 342 18.67 37.77 -64.04
CA GLN H 342 18.04 38.91 -64.70
C GLN H 342 16.65 38.54 -65.12
N LYS H 343 16.50 37.33 -65.68
CA LYS H 343 15.23 36.90 -66.28
C LYS H 343 14.22 36.47 -65.21
N ASP H 344 14.75 35.79 -64.22
CA ASP H 344 14.01 35.42 -63.05
C ASP H 344 13.40 36.65 -62.41
N LEU H 345 14.24 37.68 -62.20
CA LEU H 345 13.79 38.96 -61.63
C LEU H 345 12.74 39.66 -62.49
N THR H 346 12.93 39.61 -63.80
CA THR H 346 12.00 40.20 -64.76
C THR H 346 10.60 39.55 -64.60
N ARG H 347 10.56 38.22 -64.47
CA ARG H 347 9.29 37.52 -64.22
C ARG H 347 8.62 38.06 -62.95
N VAL H 348 9.39 38.08 -61.86
CA VAL H 348 8.89 38.55 -60.57
C VAL H 348 8.32 39.98 -60.65
N MET H 349 8.92 40.84 -61.46
CA MET H 349 8.45 42.23 -61.60
C MET H 349 7.08 42.32 -62.28
N GLN H 350 6.94 41.60 -63.40
CA GLN H 350 5.65 41.49 -64.06
C GLN H 350 4.56 41.01 -63.10
N LEU H 351 4.78 39.90 -62.42
CA LEU H 351 3.71 39.34 -61.57
C LEU H 351 3.43 40.19 -60.33
N THR H 352 4.41 41.01 -59.90
CA THR H 352 4.22 41.92 -58.77
C THR H 352 3.66 43.33 -59.10
N GLY H 353 3.64 43.73 -60.37
CA GLY H 353 3.32 45.13 -60.76
C GLY H 353 4.51 46.12 -60.69
N SER H 354 5.74 45.62 -60.77
CA SER H 354 6.92 46.45 -60.78
C SER H 354 7.39 46.72 -62.22
N GLN H 355 7.19 47.95 -62.71
CA GLN H 355 7.67 48.36 -64.06
C GLN H 355 9.17 48.56 -64.07
N ASN H 356 9.74 48.96 -62.94
CA ASN H 356 11.17 49.31 -62.86
C ASN H 356 11.77 49.05 -61.46
N VAL H 357 13.06 49.28 -61.27
CA VAL H 357 13.72 48.94 -60.02
C VAL H 357 13.21 49.76 -58.81
N GLU H 358 12.84 51.02 -59.03
CA GLU H 358 12.29 51.87 -57.97
C GLU H 358 10.95 51.32 -57.48
N ASP H 359 10.12 50.85 -58.40
CA ASP H 359 8.85 50.18 -58.03
C ASP H 359 9.03 49.01 -57.06
N LEU H 360 10.15 48.30 -57.14
CA LEU H 360 10.43 47.16 -56.26
C LEU H 360 10.76 47.58 -54.82
N LYS H 361 11.50 48.66 -54.67
CA LYS H 361 11.82 49.19 -53.32
C LYS H 361 10.59 49.61 -52.51
N GLY H 362 9.44 49.80 -53.20
CA GLY H 362 8.19 50.16 -52.54
C GLY H 362 7.13 49.08 -52.46
N LEU H 363 7.49 47.81 -52.61
CA LEU H 363 6.51 46.72 -52.54
C LEU H 363 6.11 46.33 -51.11
N ASP H 364 4.81 46.12 -50.89
CA ASP H 364 4.32 45.56 -49.65
C ASP H 364 4.71 44.10 -49.62
N LEU H 365 4.92 43.62 -48.41
CA LEU H 365 5.28 42.26 -48.16
C LEU H 365 4.34 41.74 -47.13
N PHE H 366 4.07 40.43 -47.26
CA PHE H 366 3.19 39.67 -46.38
C PHE H 366 4.04 39.09 -45.25
N ASP H 367 3.57 39.24 -44.02
CA ASP H 367 4.30 38.73 -42.88
C ASP H 367 3.99 37.28 -42.55
N ASN H 368 4.99 36.42 -42.59
CA ASN H 368 4.75 35.02 -42.30
C ASN H 368 5.31 34.71 -40.93
N PRO H 369 4.49 34.81 -39.88
CA PRO H 369 5.00 34.39 -38.58
C PRO H 369 5.14 32.87 -38.44
N TYR H 370 4.60 32.09 -39.36
CA TYR H 370 4.70 30.62 -39.24
C TYR H 370 6.06 30.06 -39.59
N GLY H 371 6.85 30.79 -40.35
CA GLY H 371 8.19 30.31 -40.62
C GLY H 371 8.20 29.31 -41.76
N TYR H 372 9.20 28.47 -41.79
CA TYR H 372 9.46 27.76 -43.01
C TYR H 372 8.45 26.68 -43.27
N GLU H 373 8.04 25.99 -42.21
CA GLU H 373 7.13 24.84 -42.31
C GLU H 373 5.64 25.27 -42.44
N TYR H 374 5.34 26.55 -42.22
CA TYR H 374 4.00 27.12 -42.42
C TYR H 374 2.93 26.55 -41.46
#